data_6J9E
#
_entry.id   6J9E
#
_cell.length_a   1
_cell.length_b   1
_cell.length_c   1
_cell.angle_alpha   90
_cell.angle_beta   90
_cell.angle_gamma   90
#
_symmetry.space_group_name_H-M   'P 1'
#
loop_
_entity.id
_entity.type
_entity.pdbx_description
1 polymer 'DNA-directed RNA polymerase subunit alpha'
2 polymer 'DNA-directed RNA polymerase subunit beta'
3 polymer "DNA-directed RNA polymerase subunit beta'"
4 polymer 'DNA-directed RNA polymerase subunit omega'
5 polymer 'DNA (29-MER)'
6 polymer 'DNA (29-MER)'
7 polymer "RNA (5'-R(*GP*CP*AP*UP*UP*CP*AP*AP*AP*GP*CP*GP*GP*AP*GP*AP*GP*GP*UP*A)-3')"
8 polymer 45L
9 polymer 'Transcription termination/antitermination protein NusA'
10 non-polymer 'MAGNESIUM ION'
11 non-polymer 'ZINC ION'
#
loop_
_entity_poly.entity_id
_entity_poly.type
_entity_poly.pdbx_seq_one_letter_code
_entity_poly.pdbx_strand_id
1 'polypeptide(L)'
;MGSSHHHHHHSQDPMTVTANQVLRPRGPQIERLTDNRAKVVIEPLERGYGHTLGNALRRVLLSSIPGFAITEVEIDGVLH
EYTTVEGLQEDVLDVLLNLKDVAIRMHSGDSATLSLSKQGPGTVTAADIRTDHNVEIINGDHVICHLTKDTALNMRLKIE
RGFGYQPAAARRRPDEETRTIGRLMLDASFSPVRRVAYAVEAARVEQRTDLDKLVIDIETNGTIDAEEAVRTAADILSDQ
LSVFGDFTHRDRGAAKPAASGVDPVLLRPIDDLELTVRSANCLKAESIYYIGDLIQKTEVELLKTPNLGKKSLTEIKEVL
AQRGLALGMKLENWPPAGVAQHGMLG
;
A,B
2 'polypeptide(L)'
;MTSYSFTEKKRIRKDFGKQRSILEVPFLLAIQVDSYREFLQEDVESTKRKDLGLHAALKSVFPISSYSGNAALEYVGYKL
GQPVFDERECRQRGMSYGAPLRVTVRLVIYDRESSTKAIKYVKEQEVYLGEIPLMTGNGTFIVNGTERVIVSQLHRSPGV
FFDHDRGKTHSSGKLLYSARIIPYRGSWLDFEFDPKDALFTRIDRRRKLPVSILLRALGYNNEEMLAEFFEINTFHINPD
EGVQLELVPERLRGETLNFDLADGDKVIVEAGKRITARHVKQLEAAGVAALAVPDDYLVGRILSHDVVDGSTGELLANAN
DEISEDQLTAFRKAGVDAVGTLWVNDLDRGPYLSNTLRIDPTKTQLEALVEIYRMMRPGEPPTKEAAQNLFHNLFFTFER
YDLSTVGRMKFNRRVGRKDVLGESVLYDKKYFAERNDEESKRLVAEHTDTSDILEVIKVLTEIRNGRGVVDDIDHLGNRR
VRSVGEMAENVFRVGLVRVERAVKERLSMAESEGLTPQELINAKPVAAAIKEFFGSSQLSQFMDQNNPLSEVTHKRRVSA
LGPGGLTRERAGFEVRDVHPTHYGRVCTIETPEGPNIGLINSLAVFARTNQYGFLETPYRKVLDGKVSDDVEYLSAIEEN
EYVIAQANALTDAKNMLTEQFVPCRFQGESLLKPPSEVHFMDVSPMQTVSVAAALVPFLEHDDANRALMGANMQRQAVPT
LRSQKPLVGTGIERAVARDSGVTVNALRGGVIEQIDAARIVVKVNEAEIGGGTDAGVDIYNLIKYTRSNQNTCINQRPLV
NVGDVIARGDVLADGPSTDIGELALGQNMLIAFMPWNGYNFEDSILLSERVVEEDRYTTIHIEELTCVARDTKLGPEEIS
ADIPNVSEQALNRLDESGVVYIGAEVRAGDIMVGKVTPKGESQLTPEEKLLRAIFGEKASDVKDSSLRVPPGMDGTVIDV
QVFTRDGIEKDKRARQIEENEIKRVKKDFDDQFRILEAAIYARLRSQIVGKVANGGANLKKGDSVTDAYLDGLKKSDWFQ
LRMKDEDAADAIERAQKQIQAHEKEFEARFADKRGKITQGDDLAPGVLKMVKVFLAVKRRIQPGDKMAGRHGNKGVVSNV
VPVEDMPYMATGESVDIVLNPLGVPSRMNIGQILEVHLGWAAKGLGRKIQRMLEAQAAVSELRKFLDDIYNHDNAINAQR
VDLSQFSDEELLNLGKNLIDGVPMATPVFDGASEAEIKRMLELADLPQSGQTQLYDGRTGEAFDRKTTVGYMHYLKLNHL
VDDKMHARSTGPYSLVTQQPLGGKAQFGGQRFGEMEVWALEAYGAAYTLQEMLTVKSDDVQGRNQMYKNIVDGEHEMVAG
MPESFNVLVKEIRSLAIHMELEE
;
C
3 'polypeptide(L)'
;MKDLLNLFNQQRQTLDFDAIKIALASPDLIRSWSYGEVKKPETINYRTFKPERDGLFCAAIFGPIKDYECLCGKYKRMKH
RGVVCEKCGTEVTLAKVRRERMGHIDLASPVAHIWFLKSLPSRIGLMLDMTLRDIERVLYFEAYVVTEPGLTPLERRQLL
TEEQYLTARQEYNDDFDAAMGAEAVYELLRTIDLQSEMTRLREEIASTGSETKLKRLTKRIKLIEAFLESGNRPEWMVMT
VLPVLPPDLRPLVPLDGGRFATSDLNDLYRRVINRNNRLRRLLELNAPDIIVRNEKRMLQESVDALLDNGRRGRAITGTN
KRPLKSLADMIKGKQGRFRQNLLGKRVDYSGRSVITVGPYLKLHQCGLPKKMALELFKPFVFAKLQRRGLATTIKAAKKL
VEREEAEVWDILEEVIREHPVLLNRAPTLHRLGIQAFEPVLIEGKAIQLHPLVCTAFNADFDGDQMAVHVPLSLEAQLEA
RALMMSTNNILSPANGEPIIVPSQDVVLGLYYMSRALENKKGEGMVFANTSEVKRAYDNRVVELHAKVKVRITQVDVDAV
DGKRTSGTSIVDTTVGRALLSEILPEGLPFQLANTEMTKKNISRLINSSYRLLGLKDTVVFADKLMYTGYAYATRAGVSI
GIDDMLIPDEKKGILTEAEAEVLEIQEQYQSGLVTAGERYNKVVDIWSRTSERIAKAMMDTIGTEKVENAKGETIDQKSM
NSLYIMADSGARGSQAQIRQLAGMRGLMARPDGSIIETPIKANFREGLNVQEYFNSTHGARKGLADTALKTANSGYLTRR
LVDVAQDVVITEIDCGTTEGLIMTPIVEGGDVVEPLKERVLGRVVAEDVYLPGNDEEPIVTRNTLLDEAWVAKLEDASVQ
SVKVRSTISCESSFGVCARCYGRDLARGHQVNIGEAVGVIAAQSIGEPGTQLTMRTFHIGGAASRAAAVDNITVKTTGSV
KFNNLKSVAHASGSLVAVSRSGELSVLDGHGRERERYKLPYGATITAKDGDAVKAGQSVANWDPHNHPIVSEVAGFIRFI
DFVDGVTVIEKTDELTGLASREITDPKRRGAHAKELRPIVRIVDGKGNDLTIPNTDLPAQYLLPPRSIVNLQDGAAVGVG
DVVAKIPQEASKTRDITGGLPRVADLFEARKPKDPAILAERSGIISFGKDTKGKQRLIIKDTDGSEHEELIPKYRQIIVF
EGEHVTKGETVVDGEPSPQDILRLLGVEPLAAYLVKEIQDVYRLQGVKINDKHIEVITRQMLRKVEIVDQGNSKFLNGEQ
VERQRVIEENARLVKRNELPAKYDPVLLGITKASLATESFISAASFQETTRVLTEAAVRGTRDNLRGLKENVIVGRLIPA
GTGLAYHAGRRKASGLTDSEMETLSGKPAGAEPVAALADAGADEE
;
D
4 'polypeptide(L)'
;MARITVEDCLEVVNNRFELVMMASKRARQLANGVQPLIENAAASDKPTVMALREIAARRIDNALIDEVEKAERERAEREA
LEWAAAEVVADEDMSKNDD
;
E
5 'polydeoxyribonucleotide'
;(DG)(DG)(DG)(DT)(DA)(DT)(DT)(DC)(DG)(DC)(DC)(DG)(DT)(DG)(DT)(DA)(DC)(DC)(DT)(DC)
(DT)(DC)(DC)(DT)(DA)(DG)(DC)(DC)(DC)
;
G
6 'polydeoxyribonucleotide'
;(DG)(DG)(DG)(DC)(DT)(DA)(DC)(DC)(DT)(DC)(DT)(DC)(DC)(DA)(DT)(DG)(DA)(DC)(DG)(DG)
(DC)(DG)(DA)(DA)(DT)(DA)(DC)(DC)(DC)
;
H
7 'polyribonucleotide' GCAUUCAAAGCGGAGAGGUA I
8 'polypeptide(L)' GAMAMNEFTQISGYVNAFGSQRGSVLTVKVENDEGWTLVEEDFDRADYGSDPEFVAEVSSYLKRNGGIKDLTKVLTR J
9 'polypeptide(L)'
;GAMDMSKELLLVVDAVANEKGVPREVIFDAIEAALASAAKKRYPDQDVLARVTIDHKDGTYETYRRWEVVADDVVMESPD
RQVRLMDAIDEADGVDVGDYIEEQIENPDFGRIAAQAAKQVIVQRVREAERQQVVDAWKDRVGELITGVVKRAERGNIFV
DLGGNAEAFIPKDKGIPRDVLRPGDRVRGYLAEVRSEPRGPQLFISRAAPEFMIELFKLEVPEVGQGLVEINACARDPGD
RAKIAVIAHDARTDPIGACIGMRGSRVQAVSNELNGERVDIVLWNENPANFVINAMAPAEVQSIIVDEDKHSMDLAVAED
RLAQAIGKGGQNVRLASRLTGWQLNVMTADQVAAKSEAEQAAARQLFMDRLEVDEEISAILVSEGFNTVEEIAYVPVGEL
LAVEGFDEDIVEELRARARDALLNAALAEEEGLEGTQPTEDLLALEGMDEETAVALAEHGVRTSEDLSDLAADEIVDFGI
EGLTQERAAALILAARAEEIARLERGE
;
F
#
# COMPACT_ATOMS: atom_id res chain seq x y z
N PRO A 25 50.04 16.00 -36.52
CA PRO A 25 51.02 16.03 -37.61
C PRO A 25 52.46 15.86 -37.11
N ARG A 26 52.79 16.57 -36.03
CA ARG A 26 54.13 16.48 -35.46
C ARG A 26 54.31 15.26 -34.56
N GLY A 27 53.22 14.64 -34.12
CA GLY A 27 53.30 13.49 -33.25
C GLY A 27 52.92 13.82 -31.83
N PRO A 28 52.51 12.81 -31.06
CA PRO A 28 52.10 13.05 -29.67
C PRO A 28 53.32 13.30 -28.77
N GLN A 29 53.25 14.37 -28.00
CA GLN A 29 54.29 14.72 -27.04
C GLN A 29 53.90 14.19 -25.66
N ILE A 30 54.86 13.58 -24.98
CA ILE A 30 54.62 12.85 -23.74
C ILE A 30 55.26 13.62 -22.59
N GLU A 31 54.45 13.93 -21.58
CA GLU A 31 54.94 14.50 -20.33
C GLU A 31 54.89 13.45 -19.24
N ARG A 32 55.79 13.57 -18.28
CA ARG A 32 55.93 12.58 -17.20
C ARG A 32 55.83 13.30 -15.86
N LEU A 33 54.61 13.46 -15.35
CA LEU A 33 54.39 14.03 -14.04
C LEU A 33 54.44 12.97 -12.95
N THR A 34 53.88 11.79 -13.22
CA THR A 34 53.84 10.70 -12.28
C THR A 34 54.12 9.42 -13.05
N ASP A 35 54.78 8.46 -12.40
CA ASP A 35 55.08 7.17 -13.03
C ASP A 35 53.83 6.34 -13.29
N ASN A 36 52.73 6.63 -12.59
CA ASN A 36 51.46 5.93 -12.80
C ASN A 36 50.50 6.70 -13.68
N ARG A 37 50.60 8.03 -13.72
CA ARG A 37 49.69 8.89 -14.48
C ARG A 37 50.51 9.77 -15.42
N ALA A 38 50.35 9.57 -16.72
CA ALA A 38 51.07 10.32 -17.74
C ALA A 38 50.14 11.32 -18.40
N LYS A 39 50.68 12.06 -19.37
CA LYS A 39 49.92 13.08 -20.09
C LYS A 39 50.44 13.18 -21.51
N VAL A 40 49.53 13.15 -22.49
CA VAL A 40 49.89 13.25 -23.90
C VAL A 40 49.43 14.60 -24.43
N VAL A 41 50.18 15.12 -25.40
CA VAL A 41 49.92 16.42 -26.01
C VAL A 41 49.78 16.22 -27.51
N ILE A 42 48.65 16.61 -28.07
CA ILE A 42 48.39 16.51 -29.50
C ILE A 42 48.22 17.91 -30.06
N GLU A 43 49.05 18.27 -31.04
CA GLU A 43 49.04 19.60 -31.65
C GLU A 43 49.72 19.52 -33.00
N PRO A 44 49.33 20.38 -33.97
CA PRO A 44 48.20 21.31 -33.98
C PRO A 44 46.99 20.80 -34.76
N LEU A 45 45.81 20.83 -34.13
CA LEU A 45 44.58 20.46 -34.81
C LEU A 45 43.88 21.70 -35.36
N GLU A 46 42.97 21.46 -36.30
CA GLU A 46 42.22 22.54 -36.91
C GLU A 46 41.09 23.01 -35.98
N ARG A 47 40.39 24.05 -36.41
CA ARG A 47 39.31 24.60 -35.62
C ARG A 47 38.09 23.68 -35.64
N GLY A 48 37.64 23.28 -34.47
CA GLY A 48 36.51 22.38 -34.35
C GLY A 48 36.86 20.91 -34.34
N TYR A 49 38.12 20.56 -34.08
CA TYR A 49 38.55 19.18 -34.04
C TYR A 49 39.02 18.72 -32.66
N GLY A 50 39.14 19.63 -31.70
CA GLY A 50 39.61 19.26 -30.37
C GLY A 50 38.57 18.57 -29.52
N HIS A 51 37.34 19.09 -29.54
CA HIS A 51 36.30 18.60 -28.63
C HIS A 51 35.82 17.20 -29.02
N THR A 52 35.62 16.96 -30.31
CA THR A 52 35.12 15.66 -30.77
C THR A 52 36.17 14.58 -30.57
N LEU A 53 37.43 14.87 -30.93
CA LEU A 53 38.51 13.91 -30.73
C LEU A 53 38.76 13.65 -29.25
N GLY A 54 38.67 14.70 -28.43
CA GLY A 54 38.85 14.53 -27.00
C GLY A 54 37.76 13.70 -26.35
N ASN A 55 36.50 13.95 -26.73
CA ASN A 55 35.40 13.18 -26.16
C ASN A 55 35.40 11.74 -26.65
N ALA A 56 35.73 11.52 -27.92
CA ALA A 56 35.78 10.17 -28.47
C ALA A 56 36.90 9.35 -27.82
N LEU A 57 38.10 9.94 -27.72
CA LEU A 57 39.19 9.24 -27.06
C LEU A 57 38.95 9.07 -25.56
N ARG A 58 38.23 10.00 -24.92
CA ARG A 58 37.91 9.83 -23.52
C ARG A 58 36.93 8.67 -23.30
N ARG A 59 35.89 8.57 -24.12
CA ARG A 59 34.93 7.48 -23.99
C ARG A 59 35.55 6.12 -24.33
N VAL A 60 36.43 6.09 -25.33
CA VAL A 60 37.07 4.83 -25.70
C VAL A 60 38.13 4.42 -24.68
N LEU A 61 38.90 5.38 -24.16
CA LEU A 61 39.82 5.09 -23.07
C LEU A 61 39.10 4.70 -21.78
N LEU A 62 37.85 5.12 -21.62
CA LEU A 62 37.10 4.72 -20.42
C LEU A 62 36.51 3.31 -20.56
N SER A 63 35.86 3.01 -21.69
CA SER A 63 35.05 1.79 -21.74
C SER A 63 35.31 0.97 -23.01
N SER A 64 36.57 0.86 -23.44
CA SER A 64 36.88 -0.06 -24.54
C SER A 64 38.14 -0.90 -24.35
N ILE A 65 39.07 -0.51 -23.49
CA ILE A 65 40.39 -1.14 -23.47
C ILE A 65 40.30 -2.46 -22.72
N PRO A 66 40.77 -3.56 -23.31
CA PRO A 66 40.78 -4.84 -22.59
C PRO A 66 41.94 -4.94 -21.62
N GLY A 67 41.76 -5.82 -20.63
CA GLY A 67 42.78 -6.03 -19.62
C GLY A 67 42.75 -7.43 -19.03
N PHE A 68 43.49 -7.64 -17.94
CA PHE A 68 43.55 -8.93 -17.27
C PHE A 68 43.07 -8.80 -15.84
N ALA A 69 42.37 -9.83 -15.36
CA ALA A 69 41.85 -9.85 -14.00
C ALA A 69 41.73 -11.29 -13.53
N ILE A 70 41.45 -11.44 -12.24
CA ILE A 70 41.29 -12.76 -11.62
C ILE A 70 39.82 -13.14 -11.65
N THR A 71 39.52 -14.31 -12.23
CA THR A 71 38.15 -14.77 -12.39
C THR A 71 37.73 -15.75 -11.29
N GLU A 72 38.50 -16.82 -11.07
CA GLU A 72 38.16 -17.81 -10.07
C GLU A 72 39.32 -18.01 -9.12
N VAL A 73 39.00 -18.35 -7.87
CA VAL A 73 39.98 -18.60 -6.82
C VAL A 73 39.69 -19.99 -6.24
N GLU A 74 40.69 -20.87 -6.27
CA GLU A 74 40.55 -22.24 -5.79
C GLU A 74 41.44 -22.44 -4.58
N ILE A 75 40.83 -22.52 -3.40
CA ILE A 75 41.54 -22.79 -2.15
C ILE A 75 41.12 -24.17 -1.65
N ASP A 76 42.07 -24.91 -1.11
CA ASP A 76 41.81 -26.28 -0.68
C ASP A 76 41.00 -26.34 0.62
N GLY A 77 41.30 -25.46 1.58
CA GLY A 77 40.59 -25.49 2.84
C GLY A 77 39.27 -24.75 2.83
N VAL A 78 39.10 -23.80 1.91
CA VAL A 78 37.88 -23.00 1.82
C VAL A 78 36.92 -23.67 0.86
N LEU A 79 35.77 -24.11 1.37
CA LEU A 79 34.79 -24.81 0.55
C LEU A 79 33.93 -23.82 -0.23
N HIS A 80 33.22 -22.94 0.48
CA HIS A 80 32.42 -21.89 -0.12
C HIS A 80 32.89 -20.54 0.41
N GLU A 81 32.37 -19.47 -0.18
CA GLU A 81 32.82 -18.12 0.10
C GLU A 81 32.20 -17.51 1.37
N TYR A 82 31.56 -18.31 2.21
CA TYR A 82 30.96 -17.82 3.44
C TYR A 82 31.48 -18.52 4.69
N THR A 83 32.47 -19.39 4.56
CA THR A 83 33.00 -20.09 5.72
C THR A 83 34.14 -19.31 6.36
N THR A 84 34.61 -19.82 7.49
CA THR A 84 35.72 -19.22 8.23
C THR A 84 36.87 -20.21 8.30
N VAL A 85 38.07 -19.75 7.95
CA VAL A 85 39.26 -20.59 7.93
C VAL A 85 40.12 -20.23 9.15
N GLU A 86 40.69 -21.26 9.78
CA GLU A 86 41.49 -21.07 10.98
C GLU A 86 42.83 -20.42 10.62
N GLY A 87 43.23 -19.43 11.42
CA GLY A 87 44.49 -18.74 11.25
C GLY A 87 44.41 -17.44 10.49
N LEU A 88 43.27 -17.12 9.90
CA LEU A 88 43.09 -15.91 9.13
C LEU A 88 42.31 -14.89 9.95
N GLN A 89 42.77 -13.64 9.92
CA GLN A 89 42.08 -12.59 10.66
C GLN A 89 40.82 -12.15 9.93
N GLU A 90 40.93 -11.82 8.66
CA GLU A 90 39.76 -11.41 7.88
C GLU A 90 39.01 -12.63 7.36
N ASP A 91 37.85 -12.37 6.76
CA ASP A 91 37.03 -13.43 6.19
C ASP A 91 37.48 -13.73 4.76
N VAL A 92 36.77 -14.64 4.10
CA VAL A 92 37.12 -15.03 2.74
C VAL A 92 36.72 -13.94 1.76
N LEU A 93 35.63 -13.23 2.03
CA LEU A 93 35.16 -12.16 1.14
C LEU A 93 36.13 -10.99 1.10
N ASP A 94 36.82 -10.70 2.22
CA ASP A 94 37.84 -9.67 2.21
C ASP A 94 39.04 -10.07 1.36
N VAL A 95 39.40 -11.35 1.37
CA VAL A 95 40.48 -11.86 0.52
C VAL A 95 40.06 -11.78 -0.95
N LEU A 96 38.79 -12.07 -1.24
CA LEU A 96 38.30 -12.00 -2.61
C LEU A 96 38.27 -10.56 -3.13
N LEU A 97 37.87 -9.60 -2.27
CA LEU A 97 37.88 -8.20 -2.69
C LEU A 97 39.31 -7.67 -2.82
N ASN A 98 40.24 -8.14 -1.98
CA ASN A 98 41.62 -7.72 -2.12
C ASN A 98 42.29 -8.34 -3.34
N LEU A 99 41.84 -9.53 -3.75
CA LEU A 99 42.33 -10.10 -5.01
C LEU A 99 41.70 -9.42 -6.21
N LYS A 100 40.47 -8.91 -6.06
CA LYS A 100 39.86 -8.11 -7.11
C LYS A 100 40.51 -6.74 -7.21
N ASP A 101 41.12 -6.24 -6.13
CA ASP A 101 41.71 -4.92 -6.14
C ASP A 101 43.02 -4.87 -6.92
N VAL A 102 43.80 -5.96 -6.91
CA VAL A 102 45.12 -5.95 -7.54
C VAL A 102 44.99 -6.04 -9.05
N ALA A 103 46.07 -5.70 -9.74
CA ALA A 103 46.12 -5.71 -11.20
C ALA A 103 47.31 -6.53 -11.66
N ILE A 104 47.11 -7.30 -12.74
CA ILE A 104 48.12 -8.22 -13.25
C ILE A 104 48.33 -7.92 -14.73
N ARG A 105 49.59 -7.68 -15.11
CA ARG A 105 49.96 -7.46 -16.51
C ARG A 105 50.59 -8.72 -17.07
N MET A 106 50.01 -9.25 -18.15
CA MET A 106 50.51 -10.46 -18.79
C MET A 106 51.00 -10.12 -20.20
N HIS A 107 52.18 -10.64 -20.55
CA HIS A 107 52.77 -10.35 -21.84
C HIS A 107 52.07 -11.11 -22.97
N SER A 108 52.06 -12.44 -22.90
CA SER A 108 51.46 -13.26 -23.93
C SER A 108 50.57 -14.31 -23.29
N GLY A 109 49.65 -14.82 -24.09
CA GLY A 109 48.73 -15.85 -23.63
C GLY A 109 47.38 -15.28 -23.23
N ASP A 110 46.35 -16.12 -23.31
CA ASP A 110 45.00 -15.73 -22.95
C ASP A 110 44.55 -16.31 -21.61
N SER A 111 45.37 -17.15 -20.97
CA SER A 111 45.02 -17.75 -19.69
C SER A 111 46.29 -18.04 -18.92
N ALA A 112 46.17 -18.04 -17.59
CA ALA A 112 47.30 -18.32 -16.71
C ALA A 112 46.78 -18.87 -15.39
N THR A 113 47.71 -19.36 -14.58
CA THR A 113 47.37 -19.90 -13.27
C THR A 113 48.52 -19.58 -12.31
N LEU A 114 48.21 -18.84 -11.26
CA LEU A 114 49.21 -18.45 -10.26
C LEU A 114 48.84 -19.04 -8.91
N SER A 115 49.85 -19.54 -8.21
CA SER A 115 49.67 -20.12 -6.89
C SER A 115 50.54 -19.37 -5.88
N LEU A 116 50.06 -19.32 -4.64
CA LEU A 116 50.77 -18.66 -3.55
C LEU A 116 50.89 -19.61 -2.36
N SER A 117 52.01 -19.51 -1.66
CA SER A 117 52.26 -20.33 -0.47
C SER A 117 52.86 -19.43 0.59
N LYS A 118 52.11 -19.20 1.67
CA LYS A 118 52.57 -18.34 2.75
C LYS A 118 52.02 -18.90 4.06
N GLN A 119 52.92 -19.20 4.99
CA GLN A 119 52.54 -19.73 6.30
C GLN A 119 53.22 -18.92 7.39
N GLY A 120 52.71 -19.06 8.61
CA GLY A 120 53.25 -18.35 9.75
C GLY A 120 52.62 -16.98 9.90
N PRO A 121 52.97 -16.28 10.98
CA PRO A 121 52.42 -14.94 11.20
C PRO A 121 53.02 -13.92 10.24
N GLY A 122 52.28 -12.83 10.03
CA GLY A 122 52.71 -11.78 9.13
C GLY A 122 51.69 -11.46 8.06
N THR A 123 51.86 -10.31 7.41
CA THR A 123 50.94 -9.90 6.36
C THR A 123 51.24 -10.64 5.06
N VAL A 124 50.22 -10.72 4.20
CA VAL A 124 50.33 -11.37 2.90
C VAL A 124 50.13 -10.28 1.83
N THR A 125 51.18 -10.00 1.08
CA THR A 125 51.14 -9.00 0.03
C THR A 125 50.97 -9.68 -1.33
N ALA A 126 50.83 -8.86 -2.37
CA ALA A 126 50.68 -9.38 -3.73
C ALA A 126 52.00 -9.87 -4.31
N ALA A 127 53.13 -9.43 -3.76
CA ALA A 127 54.44 -9.85 -4.25
C ALA A 127 54.86 -11.22 -3.74
N ASP A 128 54.12 -11.79 -2.78
CA ASP A 128 54.46 -13.09 -2.22
C ASP A 128 53.98 -14.26 -3.07
N ILE A 129 53.27 -14.00 -4.17
CA ILE A 129 52.79 -15.08 -5.03
C ILE A 129 53.91 -15.54 -5.96
N ARG A 130 53.71 -16.71 -6.55
CA ARG A 130 54.65 -17.28 -7.51
C ARG A 130 54.17 -16.97 -8.92
N THR A 131 54.95 -16.19 -9.65
CA THR A 131 54.59 -15.73 -10.98
C THR A 131 55.46 -16.39 -12.03
N ASP A 132 55.04 -16.27 -13.29
CA ASP A 132 55.74 -16.82 -14.42
C ASP A 132 56.65 -15.73 -15.02
N HIS A 133 57.39 -16.09 -16.07
CA HIS A 133 58.29 -15.13 -16.71
C HIS A 133 57.52 -14.10 -17.52
N ASN A 134 56.39 -14.48 -18.12
CA ASN A 134 55.58 -13.54 -18.88
C ASN A 134 54.56 -12.81 -18.02
N VAL A 135 54.13 -13.42 -16.91
CA VAL A 135 53.15 -12.80 -16.02
C VAL A 135 53.90 -11.85 -15.08
N GLU A 136 53.66 -10.56 -15.24
CA GLU A 136 54.30 -9.53 -14.42
C GLU A 136 53.31 -9.00 -13.39
N ILE A 137 53.74 -8.93 -12.15
CA ILE A 137 52.90 -8.47 -11.04
C ILE A 137 53.43 -7.13 -10.55
N ILE A 138 52.51 -6.22 -10.23
CA ILE A 138 52.87 -4.98 -9.55
C ILE A 138 53.35 -5.32 -8.13
N ASN A 139 54.16 -4.41 -7.56
CA ASN A 139 54.82 -4.64 -6.28
C ASN A 139 53.84 -4.84 -5.13
N GLY A 140 52.67 -4.22 -5.21
CA GLY A 140 51.57 -4.54 -4.32
C GLY A 140 51.74 -4.11 -2.88
N ASP A 141 51.70 -2.80 -2.63
CA ASP A 141 51.72 -2.30 -1.25
C ASP A 141 50.42 -2.62 -0.52
N HIS A 142 49.32 -2.83 -1.24
CA HIS A 142 48.08 -3.25 -0.63
C HIS A 142 48.16 -4.72 -0.21
N VAL A 143 47.78 -5.00 1.04
CA VAL A 143 47.84 -6.36 1.55
C VAL A 143 46.61 -7.14 1.13
N ILE A 144 46.75 -8.46 1.07
CA ILE A 144 45.63 -9.33 0.70
C ILE A 144 44.89 -9.83 1.93
N CYS A 145 45.61 -10.42 2.88
CA CYS A 145 45.02 -10.92 4.11
C CYS A 145 46.05 -10.82 5.23
N HIS A 146 45.64 -11.19 6.43
CA HIS A 146 46.49 -11.14 7.61
C HIS A 146 46.51 -12.51 8.27
N LEU A 147 47.70 -13.08 8.42
CA LEU A 147 47.87 -14.39 9.03
C LEU A 147 48.37 -14.25 10.45
N THR A 148 47.80 -15.04 11.36
CA THR A 148 48.16 -15.00 12.77
C THR A 148 48.79 -16.30 13.25
N LYS A 149 48.14 -17.44 13.02
CA LYS A 149 48.63 -18.71 13.49
C LYS A 149 49.58 -19.32 12.45
N ASP A 150 50.04 -20.55 12.69
CA ASP A 150 50.94 -21.24 11.78
C ASP A 150 50.13 -22.16 10.86
N THR A 151 49.30 -21.53 10.05
CA THR A 151 48.45 -22.22 9.10
C THR A 151 48.92 -21.94 7.68
N ALA A 152 49.13 -22.99 6.90
CA ALA A 152 49.56 -22.84 5.52
C ALA A 152 48.40 -22.38 4.65
N LEU A 153 48.69 -21.46 3.72
CA LEU A 153 47.68 -20.89 2.83
C LEU A 153 48.05 -21.26 1.40
N ASN A 154 47.44 -22.33 0.88
CA ASN A 154 47.64 -22.76 -0.48
C ASN A 154 46.45 -22.29 -1.32
N MET A 155 46.68 -21.29 -2.16
CA MET A 155 45.62 -20.64 -2.92
C MET A 155 46.00 -20.60 -4.39
N ARG A 156 45.10 -21.08 -5.24
CA ARG A 156 45.32 -21.10 -6.68
C ARG A 156 44.44 -20.06 -7.36
N LEU A 157 45.02 -19.28 -8.25
CA LEU A 157 44.32 -18.22 -8.96
C LEU A 157 44.27 -18.54 -10.44
N LYS A 158 43.44 -17.79 -11.17
CA LYS A 158 43.32 -17.94 -12.62
C LYS A 158 43.10 -16.57 -13.24
N ILE A 159 43.88 -16.27 -14.27
CA ILE A 159 43.80 -15.00 -14.99
C ILE A 159 43.24 -15.27 -16.37
N GLU A 160 42.31 -14.44 -16.81
CA GLU A 160 41.72 -14.54 -18.14
C GLU A 160 41.68 -13.16 -18.79
N ARG A 161 41.51 -13.14 -20.10
CA ARG A 161 41.47 -11.91 -20.87
C ARG A 161 40.03 -11.56 -21.22
N GLY A 162 39.77 -10.26 -21.31
CA GLY A 162 38.44 -9.78 -21.64
C GLY A 162 38.43 -8.27 -21.61
N PHE A 163 37.25 -7.72 -21.92
CA PHE A 163 37.06 -6.27 -21.92
C PHE A 163 35.71 -5.95 -21.32
N GLY A 164 35.63 -4.79 -20.67
CA GLY A 164 34.40 -4.35 -20.05
C GLY A 164 34.21 -4.89 -18.64
N TYR A 165 32.97 -5.18 -18.28
CA TYR A 165 32.63 -5.71 -16.96
C TYR A 165 31.79 -6.97 -17.14
N GLN A 166 32.28 -8.09 -16.60
CA GLN A 166 31.58 -9.36 -16.69
C GLN A 166 31.19 -9.84 -15.30
N PRO A 167 29.92 -10.08 -15.04
CA PRO A 167 29.51 -10.56 -13.71
C PRO A 167 29.81 -12.04 -13.54
N ALA A 168 29.67 -12.50 -12.29
CA ALA A 168 29.95 -13.89 -11.96
C ALA A 168 28.85 -14.84 -12.43
N ALA A 169 27.63 -14.34 -12.64
CA ALA A 169 26.54 -15.21 -13.07
C ALA A 169 26.61 -15.52 -14.55
N ALA A 170 26.86 -14.52 -15.39
CA ALA A 170 26.90 -14.69 -16.84
C ALA A 170 28.38 -14.79 -17.26
N ARG A 171 28.83 -16.01 -17.54
CA ARG A 171 30.20 -16.23 -17.97
C ARG A 171 30.24 -17.09 -19.23
N GLY A 182 33.44 -27.03 -4.68
CA GLY A 182 34.40 -26.26 -3.93
C GLY A 182 35.11 -25.21 -4.76
N ARG A 183 34.49 -24.84 -5.88
CA ARG A 183 35.03 -23.83 -6.78
C ARG A 183 34.37 -22.49 -6.54
N LEU A 184 35.17 -21.46 -6.30
CA LEU A 184 34.65 -20.12 -6.06
C LEU A 184 34.63 -19.32 -7.35
N MET A 185 33.84 -18.26 -7.34
CA MET A 185 33.70 -17.37 -8.49
C MET A 185 33.82 -15.92 -8.02
N LEU A 186 34.53 -15.12 -8.81
CA LEU A 186 34.80 -13.72 -8.46
C LEU A 186 34.50 -12.84 -9.66
N ASP A 187 33.95 -11.66 -9.39
CA ASP A 187 33.72 -10.69 -10.45
C ASP A 187 35.04 -10.10 -10.95
N ALA A 188 35.01 -9.60 -12.17
CA ALA A 188 36.21 -9.07 -12.80
C ALA A 188 35.88 -7.78 -13.54
N SER A 189 36.71 -6.76 -13.37
CA SER A 189 36.56 -5.47 -14.04
C SER A 189 37.77 -5.29 -14.95
N PHE A 190 37.62 -5.66 -16.22
CA PHE A 190 38.71 -5.56 -17.20
C PHE A 190 38.80 -4.12 -17.68
N SER A 191 39.42 -3.27 -16.87
CA SER A 191 39.59 -1.86 -17.19
C SER A 191 40.84 -1.35 -16.50
N PRO A 192 41.96 -1.20 -17.21
CA PRO A 192 43.18 -0.67 -16.59
C PRO A 192 43.17 0.84 -16.42
N VAL A 193 42.23 1.56 -17.04
CA VAL A 193 42.18 3.01 -16.98
C VAL A 193 41.18 3.43 -15.90
N ARG A 194 41.58 4.38 -15.06
CA ARG A 194 40.73 4.84 -13.97
C ARG A 194 39.91 6.07 -14.36
N ARG A 195 40.58 7.15 -14.74
CA ARG A 195 39.88 8.38 -15.11
C ARG A 195 40.61 9.07 -16.26
N VAL A 196 39.84 9.65 -17.16
CA VAL A 196 40.36 10.37 -18.32
C VAL A 196 39.77 11.78 -18.32
N ALA A 197 40.63 12.78 -18.35
CA ALA A 197 40.21 14.17 -18.48
C ALA A 197 40.93 14.80 -19.66
N TYR A 198 40.35 15.88 -20.18
CA TYR A 198 40.97 16.60 -21.28
C TYR A 198 40.50 18.05 -21.27
N ALA A 199 41.29 18.91 -21.92
CA ALA A 199 40.97 20.32 -22.03
C ALA A 199 41.59 20.85 -23.32
N VAL A 200 40.89 21.79 -23.95
CA VAL A 200 41.31 22.35 -25.23
C VAL A 200 41.91 23.73 -24.98
N GLU A 201 43.18 23.90 -25.37
CA GLU A 201 43.88 25.16 -25.26
C GLU A 201 44.30 25.63 -26.64
N ALA A 202 44.47 26.96 -26.77
CA ALA A 202 44.84 27.57 -28.03
C ALA A 202 46.36 27.68 -28.12
N ALA A 203 46.89 27.48 -29.33
CA ALA A 203 48.33 27.53 -29.59
C ALA A 203 48.61 28.66 -30.55
N ARG A 204 49.44 29.62 -30.12
CA ARG A 204 49.80 30.76 -30.95
C ARG A 204 50.81 30.30 -32.00
N VAL A 205 50.31 30.05 -33.21
CA VAL A 205 51.15 29.58 -34.32
C VAL A 205 50.73 30.35 -35.57
N GLU A 206 51.73 30.71 -36.39
CA GLU A 206 51.48 31.45 -37.62
C GLU A 206 50.82 30.56 -38.66
N GLN A 207 49.49 30.58 -38.72
CA GLN A 207 48.73 29.76 -39.64
C GLN A 207 47.59 30.60 -40.21
N ARG A 208 46.67 29.95 -40.91
CA ARG A 208 45.56 30.65 -41.53
C ARG A 208 44.46 31.02 -40.54
N THR A 209 44.39 30.34 -39.40
CA THR A 209 43.36 30.61 -38.41
C THR A 209 43.94 30.33 -37.02
N ASP A 210 43.07 30.24 -36.03
CA ASP A 210 43.47 29.97 -34.65
C ASP A 210 43.42 28.46 -34.42
N LEU A 211 44.57 27.81 -34.48
CA LEU A 211 44.65 26.37 -34.27
C LEU A 211 44.75 26.07 -32.78
N ASP A 212 43.92 25.13 -32.32
CA ASP A 212 43.85 24.76 -30.92
C ASP A 212 44.47 23.39 -30.69
N LYS A 213 45.06 23.21 -29.50
CA LYS A 213 45.64 21.95 -29.07
C LYS A 213 44.81 21.36 -27.94
N LEU A 214 45.16 20.15 -27.54
CA LEU A 214 44.49 19.50 -26.42
C LEU A 214 45.47 18.62 -25.69
N VAL A 215 45.26 18.47 -24.39
CA VAL A 215 46.06 17.62 -23.52
C VAL A 215 45.15 16.58 -22.88
N ILE A 216 45.65 15.37 -22.73
CA ILE A 216 44.90 14.27 -22.14
C ILE A 216 45.76 13.62 -21.08
N ASP A 217 45.32 13.67 -19.82
CA ASP A 217 46.01 13.04 -18.72
C ASP A 217 45.33 11.73 -18.35
N ILE A 218 46.02 10.61 -18.60
CA ILE A 218 45.49 9.28 -18.37
C ILE A 218 46.06 8.74 -17.08
N GLU A 219 45.17 8.34 -16.17
CA GLU A 219 45.55 7.75 -14.89
C GLU A 219 45.18 6.27 -14.91
N THR A 220 46.18 5.41 -14.89
CA THR A 220 46.00 3.97 -14.93
C THR A 220 46.45 3.35 -13.61
N ASN A 221 46.42 2.02 -13.56
CA ASN A 221 46.86 1.27 -12.39
C ASN A 221 48.27 0.71 -12.55
N GLY A 222 49.04 1.20 -13.53
CA GLY A 222 50.36 0.70 -13.80
C GLY A 222 50.41 -0.49 -14.75
N THR A 223 49.24 -1.02 -15.14
CA THR A 223 49.21 -2.16 -16.05
C THR A 223 49.54 -1.75 -17.48
N ILE A 224 48.82 -0.78 -18.02
CA ILE A 224 48.97 -0.35 -19.40
C ILE A 224 49.68 1.00 -19.42
N ASP A 225 50.40 1.26 -20.50
CA ASP A 225 51.08 2.53 -20.70
C ASP A 225 50.18 3.49 -21.45
N ALA A 226 50.49 4.79 -21.35
CA ALA A 226 49.68 5.83 -21.98
C ALA A 226 49.86 5.90 -23.49
N GLU A 227 50.85 5.20 -24.05
CA GLU A 227 51.07 5.23 -25.50
C GLU A 227 50.29 4.14 -26.23
N GLU A 228 50.41 2.89 -25.76
CA GLU A 228 49.66 1.81 -26.38
C GLU A 228 48.16 1.89 -26.09
N ALA A 229 47.77 2.60 -25.03
CA ALA A 229 46.36 2.83 -24.76
C ALA A 229 45.71 3.69 -25.84
N VAL A 230 46.31 4.84 -26.15
CA VAL A 230 45.77 5.66 -27.23
C VAL A 230 46.05 5.04 -28.59
N ARG A 231 47.07 4.18 -28.71
CA ARG A 231 47.30 3.46 -29.95
C ARG A 231 46.16 2.47 -30.24
N THR A 232 45.77 1.68 -29.23
CA THR A 232 44.65 0.77 -29.44
C THR A 232 43.31 1.51 -29.45
N ALA A 233 43.25 2.72 -28.89
CA ALA A 233 42.06 3.54 -29.05
C ALA A 233 41.90 4.02 -30.50
N ALA A 234 42.99 4.47 -31.11
CA ALA A 234 42.97 4.83 -32.52
C ALA A 234 42.73 3.61 -33.41
N ASP A 235 43.22 2.43 -32.99
CA ASP A 235 42.95 1.21 -33.73
C ASP A 235 41.47 0.85 -33.66
N ILE A 236 40.85 1.01 -32.49
CA ILE A 236 39.42 0.77 -32.33
C ILE A 236 38.61 1.75 -33.16
N LEU A 237 39.03 3.03 -33.21
CA LEU A 237 38.34 4.02 -34.02
C LEU A 237 38.48 3.73 -35.52
N SER A 238 39.66 3.29 -35.96
CA SER A 238 39.85 2.97 -37.37
C SER A 238 39.13 1.69 -37.76
N ASP A 239 38.95 0.76 -36.83
CA ASP A 239 38.17 -0.44 -37.14
C ASP A 239 36.68 -0.17 -37.08
N GLN A 240 36.24 0.82 -36.29
CA GLN A 240 34.82 1.16 -36.25
C GLN A 240 34.41 2.05 -37.41
N LEU A 241 35.32 2.88 -37.92
CA LEU A 241 35.03 3.75 -39.06
C LEU A 241 35.29 3.07 -40.40
N SER A 242 35.58 1.77 -40.40
CA SER A 242 35.82 1.04 -41.64
C SER A 242 34.53 0.52 -42.27
N VAL A 243 33.38 0.74 -41.65
CA VAL A 243 32.12 0.26 -42.22
C VAL A 243 31.68 1.16 -43.37
N PHE A 244 31.98 2.45 -43.32
CA PHE A 244 31.59 3.38 -44.37
C PHE A 244 32.54 3.24 -45.55
N GLY A 245 31.99 2.94 -46.72
CA GLY A 245 32.79 2.76 -47.92
C GLY A 245 33.41 1.39 -48.04
N LEU B 23 32.64 -5.40 -31.76
CA LEU B 23 31.57 -5.74 -32.70
C LEU B 23 31.61 -4.82 -33.91
N ARG B 24 31.65 -5.41 -35.11
CA ARG B 24 31.69 -4.64 -36.34
C ARG B 24 30.29 -4.55 -36.94
N PRO B 25 29.74 -3.36 -37.15
CA PRO B 25 28.41 -3.25 -37.74
C PRO B 25 28.42 -3.55 -39.23
N ARG B 26 27.28 -4.04 -39.72
CA ARG B 26 27.10 -4.40 -41.12
C ARG B 26 26.15 -3.38 -41.75
N GLY B 27 26.70 -2.52 -42.62
CA GLY B 27 25.91 -1.52 -43.28
C GLY B 27 26.78 -0.57 -44.09
N PRO B 28 26.37 0.71 -44.17
CA PRO B 28 25.15 1.28 -43.60
C PRO B 28 23.97 1.36 -44.57
N GLN B 29 22.81 0.92 -44.11
CA GLN B 29 21.60 1.01 -44.92
C GLN B 29 21.10 2.45 -44.93
N ILE B 30 20.80 2.97 -46.12
CA ILE B 30 20.35 4.34 -46.29
C ILE B 30 18.98 4.32 -46.97
N GLU B 31 18.06 5.14 -46.45
CA GLU B 31 16.72 5.28 -47.00
C GLU B 31 16.56 6.70 -47.51
N ARG B 32 16.22 6.83 -48.79
CA ARG B 32 16.04 8.13 -49.43
C ARG B 32 14.55 8.42 -49.51
N LEU B 33 14.00 8.95 -48.41
CA LEU B 33 12.57 9.26 -48.35
C LEU B 33 12.21 10.49 -49.16
N THR B 34 13.18 11.35 -49.48
CA THR B 34 12.94 12.55 -50.28
C THR B 34 14.04 12.66 -51.34
N ASP B 35 13.96 13.73 -52.14
CA ASP B 35 14.97 13.95 -53.17
C ASP B 35 16.28 14.45 -52.60
N ASN B 36 16.24 15.12 -51.45
CA ASN B 36 17.44 15.65 -50.81
C ASN B 36 17.61 15.23 -49.36
N ARG B 37 16.56 14.75 -48.70
CA ARG B 37 16.64 14.30 -47.31
C ARG B 37 16.73 12.78 -47.28
N ALA B 38 17.71 12.26 -46.53
CA ALA B 38 17.93 10.83 -46.44
C ALA B 38 17.90 10.40 -44.98
N LYS B 39 17.97 9.10 -44.77
CA LYS B 39 17.93 8.51 -43.43
C LYS B 39 18.87 7.31 -43.42
N VAL B 40 19.96 7.42 -42.66
CA VAL B 40 20.99 6.38 -42.61
C VAL B 40 20.69 5.49 -41.41
N VAL B 41 20.46 4.20 -41.65
CA VAL B 41 20.18 3.23 -40.61
C VAL B 41 21.37 2.30 -40.51
N ILE B 42 22.03 2.30 -39.36
CA ILE B 42 23.22 1.51 -39.12
C ILE B 42 22.84 0.30 -38.29
N GLU B 43 23.60 -0.79 -38.45
CA GLU B 43 23.42 -2.01 -37.68
C GLU B 43 23.65 -1.75 -36.18
N PRO B 44 23.03 -2.54 -35.31
CA PRO B 44 23.22 -2.35 -33.86
C PRO B 44 24.66 -2.56 -33.42
N LEU B 45 25.27 -1.49 -32.91
CA LEU B 45 26.66 -1.49 -32.48
C LEU B 45 26.75 -1.95 -31.02
N GLU B 46 27.92 -1.77 -30.41
CA GLU B 46 28.10 -2.10 -29.00
C GLU B 46 27.50 -1.02 -28.12
N ARG B 47 27.50 -1.26 -26.81
CA ARG B 47 26.91 -0.34 -25.86
C ARG B 47 27.86 0.84 -25.64
N GLY B 48 27.51 2.01 -26.18
CA GLY B 48 28.28 3.22 -26.00
C GLY B 48 28.93 3.74 -27.27
N TYR B 49 29.13 2.88 -28.27
CA TYR B 49 29.77 3.32 -29.51
C TYR B 49 28.86 4.16 -30.39
N GLY B 50 27.54 3.93 -30.29
CA GLY B 50 26.62 4.58 -31.20
C GLY B 50 26.51 6.08 -30.99
N HIS B 51 26.48 6.51 -29.73
CA HIS B 51 26.30 7.94 -29.44
C HIS B 51 27.58 8.72 -29.76
N THR B 52 28.75 8.18 -29.43
CA THR B 52 29.99 8.88 -29.75
C THR B 52 30.27 8.87 -31.25
N LEU B 53 29.88 7.80 -31.96
CA LEU B 53 30.01 7.80 -33.41
C LEU B 53 29.04 8.77 -34.05
N GLY B 54 27.82 8.89 -33.51
CA GLY B 54 26.87 9.85 -34.02
C GLY B 54 27.29 11.29 -33.80
N ASN B 55 27.87 11.59 -32.63
CA ASN B 55 28.34 12.95 -32.37
C ASN B 55 29.58 13.29 -33.20
N ALA B 56 30.52 12.35 -33.32
CA ALA B 56 31.72 12.57 -34.10
C ALA B 56 31.44 12.62 -35.60
N LEU B 57 30.35 12.00 -36.06
CA LEU B 57 29.94 12.20 -37.44
C LEU B 57 29.14 13.49 -37.62
N ARG B 58 28.36 13.86 -36.61
CA ARG B 58 27.48 15.02 -36.71
C ARG B 58 28.26 16.33 -36.75
N ARG B 59 29.24 16.49 -35.86
CA ARG B 59 29.99 17.74 -35.86
C ARG B 59 30.93 17.85 -37.05
N VAL B 60 31.42 16.71 -37.56
CA VAL B 60 32.27 16.71 -38.75
C VAL B 60 31.43 17.02 -39.99
N LEU B 61 30.20 16.48 -40.07
CA LEU B 61 29.31 16.84 -41.16
C LEU B 61 28.84 18.29 -41.05
N LEU B 62 28.82 18.84 -39.84
CA LEU B 62 28.28 20.18 -39.63
C LEU B 62 29.32 21.25 -39.96
N SER B 63 30.51 21.16 -39.38
CA SER B 63 31.45 22.29 -39.45
C SER B 63 32.86 21.83 -39.78
N SER B 64 33.01 20.89 -40.71
CA SER B 64 34.34 20.52 -41.18
C SER B 64 34.42 20.43 -42.70
N ILE B 65 33.29 20.14 -43.34
CA ILE B 65 33.27 19.95 -44.79
C ILE B 65 33.26 21.30 -45.49
N PRO B 66 34.23 21.57 -46.37
CA PRO B 66 34.27 22.87 -47.04
C PRO B 66 33.27 22.94 -48.19
N GLY B 67 32.92 24.18 -48.54
CA GLY B 67 32.00 24.43 -49.62
C GLY B 67 32.07 25.88 -50.07
N PHE B 68 31.10 26.25 -50.90
CA PHE B 68 31.02 27.59 -51.45
C PHE B 68 29.66 28.21 -51.12
N ALA B 69 29.65 29.52 -50.89
CA ALA B 69 28.43 30.25 -50.57
C ALA B 69 28.62 31.70 -50.97
N ILE B 70 27.58 32.50 -50.75
CA ILE B 70 27.58 33.92 -51.09
C ILE B 70 27.74 34.71 -49.80
N THR B 71 28.74 35.59 -49.78
CA THR B 71 29.05 36.38 -48.59
C THR B 71 28.64 37.83 -48.68
N GLU B 72 28.55 38.40 -49.87
CA GLU B 72 28.20 39.80 -50.02
C GLU B 72 27.57 40.01 -51.39
N VAL B 73 26.68 41.00 -51.47
CA VAL B 73 25.97 41.33 -52.69
C VAL B 73 26.14 42.81 -52.98
N GLU B 74 26.04 43.17 -54.25
CA GLU B 74 26.16 44.56 -54.70
C GLU B 74 24.97 44.85 -55.61
N ILE B 75 23.90 45.39 -55.05
CA ILE B 75 22.67 45.69 -55.78
C ILE B 75 22.75 47.12 -56.31
N ASP B 76 22.28 47.32 -57.54
CA ASP B 76 22.30 48.65 -58.13
C ASP B 76 21.17 49.51 -57.54
N GLY B 77 21.40 50.81 -57.52
CA GLY B 77 20.43 51.74 -56.97
C GLY B 77 21.02 52.65 -55.92
N VAL B 78 20.24 52.95 -54.89
CA VAL B 78 20.73 53.82 -53.81
C VAL B 78 21.67 53.06 -52.89
N LEU B 79 21.17 51.97 -52.29
CA LEU B 79 21.89 51.09 -51.37
C LEU B 79 22.46 51.85 -50.17
N HIS B 80 21.68 52.80 -49.66
CA HIS B 80 22.12 53.59 -48.50
C HIS B 80 22.00 52.80 -47.19
N GLU B 81 20.98 51.94 -47.09
CA GLU B 81 20.79 51.12 -45.90
C GLU B 81 20.36 49.73 -46.33
N TYR B 82 20.19 48.84 -45.35
CA TYR B 82 19.79 47.48 -45.64
C TYR B 82 18.31 47.35 -45.97
N THR B 83 17.49 48.33 -45.57
CA THR B 83 16.06 48.29 -45.83
C THR B 83 15.52 49.55 -46.51
N THR B 84 16.33 50.59 -46.68
CA THR B 84 15.87 51.84 -47.29
C THR B 84 16.09 51.77 -48.80
N VAL B 85 15.18 51.08 -49.47
CA VAL B 85 15.23 50.92 -50.92
C VAL B 85 13.82 50.66 -51.42
N GLU B 86 13.59 50.91 -52.70
CA GLU B 86 12.29 50.71 -53.31
C GLU B 86 12.49 50.44 -54.81
N GLY B 87 11.38 50.22 -55.51
CA GLY B 87 11.40 50.00 -56.93
C GLY B 87 11.03 48.59 -57.37
N LEU B 88 10.67 47.71 -56.44
CA LEU B 88 10.32 46.33 -56.76
C LEU B 88 9.03 45.97 -56.04
N GLN B 89 8.55 44.74 -56.28
CA GLN B 89 7.34 44.28 -55.61
C GLN B 89 7.61 43.96 -54.14
N GLU B 90 8.72 43.26 -53.87
CA GLU B 90 9.10 42.93 -52.51
C GLU B 90 10.28 43.81 -52.08
N ASP B 91 10.53 43.81 -50.77
CA ASP B 91 11.62 44.59 -50.21
C ASP B 91 12.96 43.92 -50.53
N VAL B 92 14.04 44.71 -50.40
CA VAL B 92 15.36 44.19 -50.68
C VAL B 92 15.86 43.27 -49.59
N LEU B 93 15.27 43.34 -48.39
CA LEU B 93 15.66 42.42 -47.32
C LEU B 93 15.22 41.00 -47.64
N ASP B 94 14.03 40.83 -48.23
CA ASP B 94 13.61 39.51 -48.68
C ASP B 94 14.45 39.02 -49.85
N VAL B 95 14.93 39.93 -50.69
CA VAL B 95 15.83 39.57 -51.78
C VAL B 95 17.16 39.06 -51.22
N LEU B 96 17.68 39.74 -50.19
CA LEU B 96 18.94 39.31 -49.58
C LEU B 96 18.78 37.99 -48.84
N LEU B 97 17.65 37.79 -48.16
CA LEU B 97 17.41 36.52 -47.48
C LEU B 97 17.14 35.37 -48.45
N ASN B 98 16.61 35.67 -49.64
CA ASN B 98 16.41 34.62 -50.63
C ASN B 98 17.71 34.31 -51.38
N LEU B 99 18.58 35.30 -51.55
CA LEU B 99 19.90 35.03 -52.13
C LEU B 99 20.85 34.37 -51.14
N LYS B 100 20.60 34.53 -49.83
CA LYS B 100 21.46 33.90 -48.84
C LYS B 100 21.18 32.40 -48.74
N ASP B 101 19.92 32.00 -48.91
CA ASP B 101 19.52 30.60 -48.72
C ASP B 101 19.83 29.71 -49.92
N VAL B 102 20.30 30.28 -51.03
CA VAL B 102 20.60 29.45 -52.20
C VAL B 102 22.00 28.87 -52.05
N ALA B 103 22.23 27.74 -52.71
CA ALA B 103 23.50 27.03 -52.66
C ALA B 103 24.17 27.04 -54.02
N ILE B 104 25.50 26.98 -54.02
CA ILE B 104 26.29 27.04 -55.24
C ILE B 104 27.61 26.28 -55.01
N ARG B 105 27.98 25.46 -55.98
CA ARG B 105 29.27 24.79 -56.00
C ARG B 105 30.13 25.35 -57.12
N MET B 106 31.42 25.03 -57.07
CA MET B 106 32.37 25.55 -58.05
C MET B 106 33.53 24.56 -58.17
N HIS B 107 34.56 24.97 -58.90
CA HIS B 107 35.77 24.17 -59.10
C HIS B 107 36.74 24.53 -57.96
N SER B 108 37.99 24.08 -58.05
CA SER B 108 38.97 24.27 -56.99
C SER B 108 39.50 25.70 -56.87
N GLY B 109 39.02 26.64 -57.68
CA GLY B 109 39.41 28.03 -57.51
C GLY B 109 38.82 28.63 -56.24
N ASP B 110 39.52 29.62 -55.71
CA ASP B 110 39.14 30.19 -54.42
C ASP B 110 37.96 31.15 -54.55
N SER B 111 38.12 32.22 -55.31
CA SER B 111 37.12 33.26 -55.43
C SER B 111 36.49 33.25 -56.82
N ALA B 112 35.27 33.78 -56.89
CA ALA B 112 34.55 33.88 -58.15
C ALA B 112 33.57 35.05 -58.05
N THR B 113 33.47 35.82 -59.13
CA THR B 113 32.59 36.98 -59.19
C THR B 113 31.54 36.74 -60.26
N LEU B 114 30.27 36.83 -59.87
CA LEU B 114 29.15 36.60 -60.76
C LEU B 114 28.29 37.85 -60.85
N SER B 115 27.56 37.95 -61.96
CA SER B 115 26.69 39.09 -62.23
C SER B 115 25.30 38.59 -62.57
N LEU B 116 24.29 39.12 -61.89
CA LEU B 116 22.90 38.77 -62.12
C LEU B 116 22.15 39.99 -62.66
N SER B 117 21.43 39.80 -63.77
CA SER B 117 20.67 40.87 -64.39
C SER B 117 19.36 40.31 -64.92
N LYS B 118 18.29 41.07 -64.75
CA LYS B 118 16.96 40.66 -65.19
C LYS B 118 16.68 41.22 -66.58
N GLN B 119 15.54 40.84 -67.15
CA GLN B 119 15.16 41.25 -68.50
C GLN B 119 13.96 42.18 -68.54
N GLY B 120 13.08 42.12 -67.54
CA GLY B 120 11.91 42.97 -67.53
C GLY B 120 10.96 42.64 -66.39
N PRO B 121 9.74 43.18 -66.45
CA PRO B 121 8.76 42.93 -65.38
C PRO B 121 8.16 41.54 -65.43
N GLY B 122 8.90 40.55 -64.95
CA GLY B 122 8.45 39.17 -64.91
C GLY B 122 8.77 38.54 -63.56
N THR B 123 9.25 37.30 -63.62
CA THR B 123 9.64 36.55 -62.43
C THR B 123 11.02 35.94 -62.68
N VAL B 124 11.99 36.33 -61.87
CA VAL B 124 13.36 35.83 -62.00
C VAL B 124 13.54 34.63 -61.08
N THR B 125 14.39 33.70 -61.52
CA THR B 125 14.71 32.49 -60.78
C THR B 125 16.20 32.49 -60.45
N ALA B 126 16.67 31.38 -59.88
CA ALA B 126 18.09 31.23 -59.60
C ALA B 126 18.90 30.95 -60.86
N ALA B 127 18.27 30.46 -61.92
CA ALA B 127 18.95 30.17 -63.18
C ALA B 127 18.90 31.36 -64.13
N ASP B 128 19.34 32.52 -63.65
CA ASP B 128 19.41 33.72 -64.46
C ASP B 128 20.78 34.41 -64.35
N ILE B 129 21.68 33.90 -63.52
CA ILE B 129 23.01 34.48 -63.37
C ILE B 129 23.84 34.11 -64.58
N ARG B 130 24.64 35.07 -65.07
CA ARG B 130 25.52 34.84 -66.21
C ARG B 130 26.62 33.88 -65.79
N THR B 131 26.48 32.61 -66.15
CA THR B 131 27.33 31.56 -65.64
C THR B 131 28.70 31.56 -66.31
N ASP B 132 29.70 31.15 -65.55
CA ASP B 132 31.05 30.94 -66.04
C ASP B 132 31.27 29.44 -66.25
N HIS B 133 32.29 29.09 -67.03
CA HIS B 133 32.62 27.69 -67.25
C HIS B 133 33.24 27.02 -66.04
N ASN B 134 33.67 27.80 -65.04
CA ASN B 134 34.29 27.25 -63.84
C ASN B 134 33.29 26.99 -62.71
N VAL B 135 32.19 27.73 -62.69
CA VAL B 135 31.21 27.66 -61.61
C VAL B 135 29.91 27.08 -62.16
N GLU B 136 29.20 26.32 -61.34
CA GLU B 136 27.94 25.70 -61.73
C GLU B 136 26.84 26.09 -60.74
N ILE B 137 25.60 25.96 -61.20
CA ILE B 137 24.41 26.25 -60.39
C ILE B 137 23.69 24.94 -60.10
N ILE B 138 23.30 24.75 -58.86
CA ILE B 138 22.63 23.50 -58.47
C ILE B 138 21.16 23.52 -58.85
N ASN B 139 20.40 24.47 -58.33
CA ASN B 139 18.97 24.54 -58.54
C ASN B 139 18.63 25.57 -59.61
N GLY B 140 17.59 25.27 -60.39
CA GLY B 140 17.15 26.17 -61.44
C GLY B 140 15.81 26.79 -61.14
N ASP B 141 14.95 26.06 -60.44
CA ASP B 141 13.61 26.53 -60.07
C ASP B 141 13.67 27.02 -58.63
N HIS B 142 14.13 28.26 -58.46
CA HIS B 142 14.22 28.87 -57.14
C HIS B 142 14.16 30.39 -57.35
N VAL B 143 12.99 30.98 -57.10
CA VAL B 143 12.82 32.41 -57.31
C VAL B 143 13.38 33.19 -56.12
N ILE B 144 13.74 34.44 -56.36
CA ILE B 144 14.24 35.34 -55.34
C ILE B 144 13.32 36.54 -55.14
N CYS B 145 12.76 37.09 -56.21
CA CYS B 145 11.87 38.24 -56.13
C CYS B 145 10.97 38.25 -57.36
N HIS B 146 9.98 39.13 -57.33
CA HIS B 146 9.05 39.34 -58.43
C HIS B 146 9.20 40.76 -58.95
N LEU B 147 9.26 40.89 -60.27
CA LEU B 147 9.41 42.19 -60.93
C LEU B 147 8.09 42.61 -61.53
N THR B 148 7.64 43.82 -61.19
CA THR B 148 6.38 44.35 -61.69
C THR B 148 6.53 45.61 -62.53
N LYS B 149 7.70 46.25 -62.51
CA LYS B 149 7.94 47.46 -63.28
C LYS B 149 9.13 47.26 -64.21
N ASP B 150 9.33 48.23 -65.09
CA ASP B 150 10.43 48.19 -66.04
C ASP B 150 11.71 48.71 -65.38
N THR B 151 12.78 48.74 -66.19
CA THR B 151 14.14 49.17 -65.79
C THR B 151 14.65 48.40 -64.58
N ALA B 152 14.80 47.10 -64.78
CA ALA B 152 15.29 46.23 -63.71
C ALA B 152 16.79 46.43 -63.50
N LEU B 153 17.20 46.45 -62.24
CA LEU B 153 18.59 46.69 -61.90
C LEU B 153 19.39 45.39 -61.89
N ASN B 154 20.68 45.51 -62.13
CA ASN B 154 21.59 44.37 -62.14
C ASN B 154 22.35 44.28 -60.83
N MET B 155 22.66 43.06 -60.41
CA MET B 155 23.35 42.81 -59.16
C MET B 155 24.67 42.09 -59.41
N ARG B 156 25.65 42.37 -58.56
CA ARG B 156 26.95 41.72 -58.61
C ARG B 156 27.14 40.90 -57.35
N LEU B 157 27.65 39.67 -57.51
CA LEU B 157 27.79 38.74 -56.41
C LEU B 157 29.21 38.21 -56.36
N LYS B 158 29.67 37.89 -55.15
CA LYS B 158 31.01 37.35 -54.92
C LYS B 158 30.91 36.06 -54.14
N ILE B 159 31.78 35.10 -54.46
CA ILE B 159 31.81 33.79 -53.84
C ILE B 159 33.14 33.61 -53.14
N GLU B 160 33.09 33.25 -51.86
CA GLU B 160 34.27 32.94 -51.08
C GLU B 160 34.15 31.53 -50.50
N ARG B 161 35.27 30.81 -50.50
CA ARG B 161 35.29 29.44 -50.02
C ARG B 161 35.52 29.42 -48.51
N GLY B 162 34.66 28.68 -47.80
CA GLY B 162 34.77 28.56 -46.36
C GLY B 162 34.66 27.14 -45.88
N PHE B 163 34.57 26.94 -44.57
CA PHE B 163 34.51 25.61 -43.99
C PHE B 163 33.29 25.38 -43.11
N GLY B 164 32.83 26.39 -42.38
CA GLY B 164 31.69 26.23 -41.51
C GLY B 164 30.65 27.32 -41.66
N TYR B 165 30.29 27.95 -40.55
CA TYR B 165 29.33 29.05 -40.55
C TYR B 165 30.03 30.34 -40.14
N GLN B 166 29.72 31.41 -40.86
CA GLN B 166 30.35 32.70 -40.63
C GLN B 166 29.29 33.77 -40.51
N PRO B 167 29.28 34.56 -39.42
CA PRO B 167 28.31 35.66 -39.31
C PRO B 167 28.70 36.87 -40.13
N ALA B 168 27.94 37.96 -39.99
CA ALA B 168 28.25 39.18 -40.73
C ALA B 168 29.49 39.88 -40.19
N ALA B 169 29.78 39.72 -38.90
CA ALA B 169 30.95 40.32 -38.29
C ALA B 169 32.21 39.54 -38.62
N LEU B 184 24.87 45.51 -47.41
CA LEU B 184 25.47 44.78 -48.52
C LEU B 184 26.18 43.52 -48.04
N MET B 185 26.48 43.47 -46.74
CA MET B 185 27.11 42.31 -46.15
C MET B 185 26.05 41.31 -45.69
N LEU B 186 26.27 40.04 -46.00
CA LEU B 186 25.33 38.98 -45.67
C LEU B 186 26.05 37.86 -44.96
N ASP B 187 25.26 36.98 -44.34
CA ASP B 187 25.79 35.76 -43.74
C ASP B 187 25.94 34.67 -44.81
N ALA B 188 26.74 33.66 -44.48
CA ALA B 188 27.00 32.59 -45.42
C ALA B 188 27.12 31.26 -44.69
N SER B 189 26.50 30.23 -45.24
CA SER B 189 26.57 28.87 -44.71
C SER B 189 27.38 28.05 -45.70
N PHE B 190 28.68 27.89 -45.42
CA PHE B 190 29.57 27.15 -46.31
C PHE B 190 29.40 25.64 -46.21
N SER B 191 28.68 25.15 -45.22
CA SER B 191 28.49 23.71 -45.09
C SER B 191 27.49 23.21 -46.13
N PRO B 192 27.75 22.06 -46.76
CA PRO B 192 26.81 21.54 -47.76
C PRO B 192 25.53 20.95 -47.17
N VAL B 193 25.52 20.64 -45.88
CA VAL B 193 24.31 20.11 -45.25
C VAL B 193 23.53 21.26 -44.61
N ARG B 194 22.25 21.01 -44.36
CA ARG B 194 21.37 22.00 -43.75
C ARG B 194 21.03 21.68 -42.30
N ARG B 195 20.66 20.44 -42.02
CA ARG B 195 20.36 20.02 -40.65
C ARG B 195 20.71 18.55 -40.48
N VAL B 196 21.49 18.25 -39.45
CA VAL B 196 21.92 16.88 -39.15
C VAL B 196 21.41 16.54 -37.75
N ALA B 197 20.54 15.54 -37.68
CA ALA B 197 19.97 15.10 -36.41
C ALA B 197 20.13 13.58 -36.31
N TYR B 198 20.74 13.13 -35.22
CA TYR B 198 20.96 11.71 -34.98
C TYR B 198 20.22 11.29 -33.72
N ALA B 199 19.83 10.02 -33.67
CA ALA B 199 19.13 9.46 -32.54
C ALA B 199 19.61 8.03 -32.31
N VAL B 200 19.60 7.62 -31.05
CA VAL B 200 20.01 6.27 -30.65
C VAL B 200 18.78 5.52 -30.20
N GLU B 201 18.39 4.51 -30.96
CA GLU B 201 17.23 3.70 -30.67
C GLU B 201 17.64 2.42 -29.95
N ALA B 202 16.68 1.53 -29.73
CA ALA B 202 16.91 0.27 -29.02
C ALA B 202 16.68 -0.88 -29.99
N ALA B 203 17.76 -1.58 -30.35
CA ALA B 203 17.68 -2.76 -31.19
C ALA B 203 18.64 -3.80 -30.64
N ARG B 204 18.17 -5.05 -30.58
CA ARG B 204 18.93 -6.12 -29.94
C ARG B 204 18.91 -7.37 -30.80
N VAL B 205 20.03 -8.08 -30.82
CA VAL B 205 20.14 -9.37 -31.48
C VAL B 205 19.59 -10.44 -30.55
N GLU B 206 19.44 -11.67 -31.06
CA GLU B 206 18.91 -12.77 -30.25
C GLU B 206 19.88 -13.23 -29.17
N GLN B 207 21.17 -12.90 -29.30
CA GLN B 207 22.16 -13.32 -28.30
C GLN B 207 22.27 -12.31 -27.15
N ARG B 208 22.62 -11.08 -27.46
CA ARG B 208 22.79 -10.03 -26.46
C ARG B 208 21.70 -8.98 -26.59
N THR B 209 21.37 -8.34 -25.46
CA THR B 209 20.25 -7.42 -25.42
C THR B 209 20.66 -5.95 -25.39
N ASP B 210 21.82 -5.62 -24.82
CA ASP B 210 22.25 -4.23 -24.65
C ASP B 210 23.07 -3.82 -25.87
N LEU B 211 22.38 -3.39 -26.93
CA LEU B 211 23.03 -2.89 -28.14
C LEU B 211 22.35 -1.58 -28.55
N ASP B 212 23.15 -0.68 -29.14
CA ASP B 212 22.68 0.63 -29.54
C ASP B 212 22.58 0.70 -31.06
N LYS B 213 21.48 1.25 -31.55
CA LYS B 213 21.23 1.41 -32.98
C LYS B 213 21.21 2.90 -33.32
N LEU B 214 22.05 3.30 -34.27
CA LEU B 214 22.23 4.70 -34.63
C LEU B 214 21.48 5.02 -35.91
N VAL B 215 20.65 6.06 -35.87
CA VAL B 215 19.90 6.54 -37.03
C VAL B 215 20.24 8.02 -37.23
N ILE B 216 20.84 8.33 -38.37
CA ILE B 216 21.29 9.68 -38.69
C ILE B 216 20.41 10.24 -39.82
N ASP B 217 19.94 11.46 -39.65
CA ASP B 217 19.14 12.16 -40.66
C ASP B 217 19.99 13.24 -41.30
N ILE B 218 20.14 13.17 -42.63
CA ILE B 218 20.96 14.10 -43.39
C ILE B 218 20.05 14.86 -44.36
N GLU B 219 20.15 16.18 -44.35
CA GLU B 219 19.39 17.04 -45.26
C GLU B 219 20.39 17.88 -46.04
N THR B 220 20.87 17.34 -47.16
CA THR B 220 21.80 18.04 -48.01
C THR B 220 21.03 18.99 -48.94
N ASN B 221 21.68 20.10 -49.32
CA ASN B 221 21.04 21.07 -50.21
C ASN B 221 20.88 20.52 -51.63
N GLY B 222 21.70 19.56 -52.04
CA GLY B 222 21.61 18.98 -53.37
C GLY B 222 22.89 19.05 -54.19
N THR B 223 23.96 19.67 -53.69
CA THR B 223 25.20 19.70 -54.43
C THR B 223 25.97 18.39 -54.36
N ILE B 224 25.73 17.57 -53.32
CA ILE B 224 26.34 16.27 -53.17
C ILE B 224 25.29 15.30 -52.62
N ASP B 225 25.59 14.01 -52.74
CA ASP B 225 24.72 13.00 -52.18
C ASP B 225 24.89 12.95 -50.66
N ALA B 226 23.87 12.39 -49.98
CA ALA B 226 23.94 12.27 -48.54
C ALA B 226 24.88 11.14 -48.13
N GLU B 227 24.84 10.01 -48.84
CA GLU B 227 25.77 8.92 -48.58
C GLU B 227 27.19 9.32 -48.93
N GLU B 228 27.36 10.13 -49.97
CA GLU B 228 28.68 10.66 -50.31
C GLU B 228 29.18 11.61 -49.23
N ALA B 229 28.27 12.38 -48.63
CA ALA B 229 28.66 13.28 -47.54
C ALA B 229 29.07 12.51 -46.30
N VAL B 230 28.34 11.42 -45.98
CA VAL B 230 28.69 10.57 -44.85
C VAL B 230 30.03 9.87 -45.11
N ARG B 231 30.28 9.47 -46.36
CA ARG B 231 31.53 8.81 -46.72
C ARG B 231 32.72 9.77 -46.61
N THR B 232 32.56 11.01 -47.09
CA THR B 232 33.64 11.99 -46.95
C THR B 232 33.85 12.41 -45.50
N ALA B 233 32.78 12.45 -44.69
CA ALA B 233 32.94 12.74 -43.27
C ALA B 233 33.69 11.63 -42.55
N ALA B 234 33.37 10.37 -42.86
CA ALA B 234 34.08 9.24 -42.27
C ALA B 234 35.53 9.19 -42.76
N ASP B 235 35.79 9.57 -44.01
CA ASP B 235 37.15 9.60 -44.51
C ASP B 235 37.97 10.71 -43.84
N ILE B 236 37.35 11.88 -43.61
CA ILE B 236 38.02 12.97 -42.92
C ILE B 236 38.33 12.60 -41.47
N LEU B 237 37.38 11.94 -40.79
CA LEU B 237 37.62 11.51 -39.41
C LEU B 237 38.66 10.39 -39.35
N SER B 238 38.68 9.52 -40.36
CA SER B 238 39.67 8.45 -40.39
C SER B 238 41.07 8.98 -40.65
N ASP B 239 41.20 10.00 -41.51
CA ASP B 239 42.49 10.64 -41.72
C ASP B 239 42.95 11.41 -40.48
N GLN B 240 42.01 12.06 -39.79
CA GLN B 240 42.37 12.80 -38.58
C GLN B 240 42.74 11.86 -37.43
N LEU B 241 42.20 10.64 -37.43
CA LEU B 241 42.60 9.65 -36.43
C LEU B 241 43.84 8.88 -36.83
N SER B 242 44.14 8.78 -38.13
CA SER B 242 45.33 8.09 -38.60
C SER B 242 46.57 8.97 -38.63
N VAL B 243 46.41 10.30 -38.64
CA VAL B 243 47.55 11.19 -38.49
C VAL B 243 48.13 11.08 -37.08
N PHE B 244 47.26 11.11 -36.08
CA PHE B 244 47.67 10.92 -34.69
C PHE B 244 48.04 9.46 -34.44
N SER C 3 43.72 9.70 28.68
CA SER C 3 42.56 10.58 28.55
C SER C 3 41.64 10.12 27.43
N TYR C 4 42.22 9.46 26.43
CA TYR C 4 41.48 8.94 25.28
C TYR C 4 41.72 7.44 25.18
N SER C 5 40.66 6.71 24.85
CA SER C 5 40.74 5.26 24.72
C SER C 5 41.34 4.90 23.36
N PHE C 6 41.50 3.59 23.14
CA PHE C 6 42.07 3.10 21.89
C PHE C 6 41.10 3.30 20.72
N THR C 7 39.80 3.18 20.98
CA THR C 7 38.80 3.38 19.94
C THR C 7 38.74 4.84 19.51
N GLU C 8 38.89 5.77 20.45
CA GLU C 8 38.93 7.17 20.10
C GLU C 8 40.27 7.56 19.48
N LYS C 9 41.36 6.88 19.88
CA LYS C 9 42.65 7.15 19.27
C LYS C 9 42.76 6.57 17.87
N LYS C 10 41.89 5.62 17.51
CA LYS C 10 41.90 5.08 16.15
C LYS C 10 41.40 6.11 15.14
N ARG C 11 40.39 6.88 15.49
CA ARG C 11 39.83 7.89 14.59
C ARG C 11 39.17 8.99 15.38
N ILE C 12 39.45 10.24 15.00
CA ILE C 12 38.89 11.43 15.65
C ILE C 12 38.13 12.22 14.59
N ARG C 13 36.84 12.47 14.85
CA ARG C 13 36.01 13.25 13.95
C ARG C 13 35.92 14.70 14.43
N LYS C 14 35.82 15.61 13.46
CA LYS C 14 35.72 17.03 13.79
C LYS C 14 34.33 17.35 14.32
N ASP C 15 34.28 18.06 15.45
CA ASP C 15 33.02 18.39 16.11
C ASP C 15 33.00 19.89 16.35
N PHE C 16 32.01 20.58 15.79
CA PHE C 16 31.79 21.99 16.03
C PHE C 16 30.36 22.21 16.47
N GLY C 17 30.18 23.11 17.44
CA GLY C 17 28.86 23.40 17.95
C GLY C 17 28.88 24.69 18.75
N LYS C 18 27.72 24.99 19.35
CA LYS C 18 27.60 26.20 20.15
C LYS C 18 28.09 25.95 21.58
N GLN C 19 27.55 24.94 22.25
CA GLN C 19 27.91 24.63 23.63
C GLN C 19 28.14 23.14 23.77
N ARG C 20 28.76 22.76 24.88
CA ARG C 20 29.05 21.37 25.17
C ARG C 20 27.86 20.71 25.86
N SER C 21 27.89 19.38 25.91
CA SER C 21 26.83 18.59 26.52
C SER C 21 27.17 18.33 27.98
N ILE C 22 26.23 18.63 28.88
CA ILE C 22 26.45 18.41 30.30
C ILE C 22 26.21 16.96 30.67
N LEU C 23 24.99 16.48 30.42
CA LEU C 23 24.62 15.10 30.74
C LEU C 23 24.85 14.22 29.53
N GLU C 24 25.52 13.09 29.75
CA GLU C 24 25.79 12.16 28.67
C GLU C 24 24.53 11.36 28.33
N VAL C 25 24.61 10.63 27.22
CA VAL C 25 23.49 9.82 26.74
C VAL C 25 23.37 8.58 27.61
N PRO C 26 22.21 8.32 28.22
CA PRO C 26 22.07 7.14 29.08
C PRO C 26 21.87 5.85 28.30
N PHE C 27 21.60 4.76 29.00
CA PHE C 27 21.32 3.48 28.37
C PHE C 27 19.98 3.56 27.64
N LEU C 28 19.99 3.26 26.34
CA LEU C 28 18.81 3.46 25.51
C LEU C 28 17.76 2.38 25.74
N LEU C 29 18.13 1.24 26.31
CA LEU C 29 17.19 0.15 26.57
C LEU C 29 17.03 -0.10 28.07
N ALA C 30 17.06 0.95 28.88
CA ALA C 30 17.17 0.79 30.32
C ALA C 30 15.84 0.46 30.98
N ILE C 31 14.73 0.98 30.45
CA ILE C 31 13.44 0.87 31.14
C ILE C 31 12.93 -0.57 31.14
N GLN C 32 13.15 -1.30 30.03
CA GLN C 32 12.67 -2.67 29.94
C GLN C 32 13.48 -3.60 30.85
N VAL C 33 14.81 -3.44 30.88
CA VAL C 33 15.61 -4.31 31.71
C VAL C 33 15.47 -3.97 33.19
N ASP C 34 15.24 -2.70 33.52
CA ASP C 34 14.98 -2.35 34.93
C ASP C 34 13.62 -2.83 35.39
N SER C 35 12.60 -2.78 34.52
CA SER C 35 11.29 -3.29 34.89
C SER C 35 11.31 -4.81 35.03
N TYR C 36 12.05 -5.50 34.16
CA TYR C 36 12.14 -6.96 34.29
C TYR C 36 12.99 -7.37 35.48
N ARG C 37 14.00 -6.57 35.84
CA ARG C 37 14.77 -6.86 37.05
C ARG C 37 13.97 -6.59 38.31
N GLU C 38 13.07 -5.59 38.27
CA GLU C 38 12.18 -5.37 39.41
C GLU C 38 11.08 -6.42 39.48
N PHE C 39 10.70 -7.00 38.34
CA PHE C 39 9.67 -8.02 38.32
C PHE C 39 10.21 -9.38 38.76
N LEU C 40 11.42 -9.73 38.34
CA LEU C 40 11.96 -11.05 38.64
C LEU C 40 12.40 -11.18 40.09
N GLN C 41 13.08 -10.16 40.61
CA GLN C 41 13.73 -10.15 41.94
C GLN C 41 14.68 -11.34 42.09
N GLU C 42 15.57 -11.49 41.12
CA GLU C 42 16.45 -12.65 41.09
C GLU C 42 17.59 -12.54 42.11
N ASP C 43 17.99 -11.32 42.45
CA ASP C 43 19.07 -11.11 43.42
C ASP C 43 18.59 -11.35 44.84
N ARG C 49 14.01 -9.08 51.41
CA ARG C 49 13.72 -8.13 50.34
C ARG C 49 12.47 -8.57 49.56
N LYS C 50 12.46 -8.21 48.27
CA LYS C 50 11.37 -8.51 47.32
C LYS C 50 10.02 -7.96 47.82
N ASP C 51 9.96 -6.64 47.93
CA ASP C 51 8.76 -5.99 48.44
C ASP C 51 7.66 -5.91 47.39
N LEU C 52 7.97 -5.35 46.22
CA LEU C 52 6.99 -5.15 45.16
C LEU C 52 7.42 -5.90 43.90
N GLY C 53 6.43 -6.39 43.15
CA GLY C 53 6.70 -7.10 41.92
C GLY C 53 5.93 -8.41 41.84
N LEU C 54 6.62 -9.50 41.51
CA LEU C 54 6.00 -10.81 41.50
C LEU C 54 5.71 -11.30 42.92
N HIS C 55 6.57 -10.93 43.87
CA HIS C 55 6.38 -11.32 45.26
C HIS C 55 5.15 -10.67 45.88
N ALA C 56 4.77 -9.48 45.41
CA ALA C 56 3.55 -8.85 45.87
C ALA C 56 2.30 -9.63 45.44
N ALA C 57 2.28 -10.08 44.18
CA ALA C 57 1.17 -10.91 43.72
C ALA C 57 1.14 -12.27 44.38
N LEU C 58 2.33 -12.84 44.65
CA LEU C 58 2.40 -14.12 45.35
C LEU C 58 1.93 -13.99 46.80
N LYS C 59 2.23 -12.87 47.45
CA LYS C 59 1.73 -12.64 48.80
C LYS C 59 0.27 -12.23 48.81
N SER C 60 -0.26 -11.72 47.70
CA SER C 60 -1.66 -11.33 47.66
C SER C 60 -2.58 -12.51 47.35
N VAL C 61 -2.15 -13.44 46.51
CA VAL C 61 -3.06 -14.50 46.08
C VAL C 61 -3.04 -15.68 47.04
N PHE C 62 -1.86 -16.16 47.42
CA PHE C 62 -1.65 -17.43 48.14
C PHE C 62 -2.35 -17.60 49.50
N PRO C 63 -2.64 -16.54 50.30
CA PRO C 63 -3.56 -16.76 51.43
C PRO C 63 -4.96 -17.17 50.97
N ILE C 64 -5.31 -18.42 51.24
CA ILE C 64 -6.57 -19.01 50.77
C ILE C 64 -7.31 -19.56 51.97
N SER C 65 -8.56 -19.13 52.13
CA SER C 65 -9.43 -19.61 53.20
C SER C 65 -10.52 -20.48 52.59
N SER C 66 -10.61 -21.72 53.06
CA SER C 66 -11.61 -22.65 52.55
C SER C 66 -12.96 -22.39 53.22
N TYR C 67 -14.00 -23.01 52.65
CA TYR C 67 -15.35 -22.84 53.18
C TYR C 67 -15.57 -23.66 54.43
N SER C 68 -15.01 -24.87 54.49
CA SER C 68 -15.15 -25.74 55.64
C SER C 68 -14.10 -25.51 56.70
N GLY C 69 -13.18 -24.57 56.48
CA GLY C 69 -12.13 -24.30 57.44
C GLY C 69 -11.02 -25.32 57.37
N ASN C 70 -10.12 -25.24 58.37
CA ASN C 70 -8.93 -26.09 58.60
C ASN C 70 -8.11 -26.33 57.34
N ALA C 71 -8.00 -25.30 56.49
CA ALA C 71 -7.24 -25.40 55.25
C ALA C 71 -6.67 -24.04 54.93
N ALA C 72 -5.36 -23.87 55.11
CA ALA C 72 -4.69 -22.61 54.83
C ALA C 72 -3.39 -22.89 54.11
N LEU C 73 -3.09 -22.07 53.10
CA LEU C 73 -1.90 -22.22 52.28
C LEU C 73 -1.00 -21.01 52.49
N GLU C 74 0.24 -21.27 52.89
CA GLU C 74 1.22 -20.23 53.18
C GLU C 74 2.48 -20.52 52.37
N TYR C 75 3.31 -19.50 52.16
CA TYR C 75 4.56 -19.68 51.47
C TYR C 75 5.61 -18.76 52.09
N VAL C 76 6.87 -19.17 51.98
CA VAL C 76 7.98 -18.40 52.55
C VAL C 76 8.88 -17.79 51.49
N GLY C 77 8.70 -18.15 50.23
CA GLY C 77 9.53 -17.59 49.18
C GLY C 77 9.45 -18.44 47.92
N TYR C 78 10.13 -17.95 46.88
CA TYR C 78 10.18 -18.63 45.60
C TYR C 78 11.60 -18.56 45.05
N LYS C 79 11.98 -19.59 44.29
CA LYS C 79 13.30 -19.68 43.71
C LYS C 79 13.17 -19.90 42.21
N LEU C 80 14.01 -19.21 41.45
CA LEU C 80 14.03 -19.33 39.99
C LEU C 80 15.21 -20.20 39.58
N GLY C 81 14.94 -21.31 38.90
CA GLY C 81 15.98 -22.22 38.49
C GLY C 81 16.74 -21.74 37.28
N GLN C 82 17.89 -22.37 37.06
CA GLN C 82 18.73 -22.06 35.91
C GLN C 82 18.13 -22.66 34.64
N PRO C 83 18.33 -22.01 33.50
CA PRO C 83 17.83 -22.58 32.24
C PRO C 83 18.64 -23.81 31.83
N VAL C 84 17.94 -24.81 31.29
CA VAL C 84 18.59 -26.06 30.92
C VAL C 84 19.33 -25.93 29.58
N PHE C 85 19.03 -24.91 28.78
CA PHE C 85 19.66 -24.72 27.49
C PHE C 85 20.29 -23.34 27.41
N ASP C 86 21.19 -23.16 26.44
CA ASP C 86 21.80 -21.88 26.19
C ASP C 86 20.89 -21.01 25.33
N GLU C 87 21.30 -19.76 25.12
CA GLU C 87 20.53 -18.85 24.28
C GLU C 87 20.57 -19.28 22.82
N ARG C 88 21.75 -19.64 22.33
CA ARG C 88 21.87 -20.18 20.98
C ARG C 88 21.23 -21.55 20.86
N GLU C 89 21.18 -22.31 21.95
CA GLU C 89 20.51 -23.61 21.95
C GLU C 89 19.00 -23.46 21.76
N CYS C 90 18.39 -22.50 22.46
CA CYS C 90 16.97 -22.25 22.25
C CYS C 90 16.71 -21.54 20.92
N ARG C 91 17.70 -20.82 20.39
CA ARG C 91 17.50 -20.18 19.10
C ARG C 91 17.56 -21.19 17.95
N GLN C 92 18.44 -22.19 18.06
CA GLN C 92 18.61 -23.17 17.00
C GLN C 92 17.66 -24.35 17.11
N ARG C 93 17.43 -24.85 18.33
CA ARG C 93 16.59 -26.03 18.51
C ARG C 93 15.10 -25.70 18.39
N GLY C 94 14.71 -24.47 18.70
CA GLY C 94 13.33 -24.06 18.65
C GLY C 94 12.65 -23.96 20.00
N MET C 95 13.36 -24.22 21.08
CA MET C 95 12.80 -24.13 22.42
C MET C 95 12.68 -22.67 22.85
N SER C 96 11.95 -22.45 23.94
CA SER C 96 11.82 -21.13 24.53
C SER C 96 12.86 -20.95 25.63
N TYR C 97 13.48 -19.77 25.66
CA TYR C 97 14.51 -19.45 26.66
C TYR C 97 13.81 -19.04 27.95
N GLY C 98 13.37 -20.04 28.71
CA GLY C 98 12.64 -19.83 29.93
C GLY C 98 13.36 -20.41 31.14
N ALA C 99 12.82 -20.09 32.31
CA ALA C 99 13.35 -20.57 33.58
C ALA C 99 12.22 -21.15 34.42
N PRO C 100 12.47 -22.25 35.14
CA PRO C 100 11.41 -22.82 35.98
C PRO C 100 11.19 -21.99 37.24
N LEU C 101 9.93 -21.86 37.63
CA LEU C 101 9.53 -21.12 38.82
C LEU C 101 9.02 -22.13 39.85
N ARG C 102 9.71 -22.21 40.99
CA ARG C 102 9.37 -23.14 42.05
C ARG C 102 9.05 -22.36 43.33
N VAL C 103 7.90 -22.67 43.93
CA VAL C 103 7.49 -22.07 45.18
C VAL C 103 7.42 -23.16 46.25
N THR C 104 7.44 -22.73 47.50
CA THR C 104 7.37 -23.64 48.65
C THR C 104 6.04 -23.39 49.35
N VAL C 105 5.03 -24.18 48.98
CA VAL C 105 3.71 -24.05 49.56
C VAL C 105 3.68 -24.79 50.89
N ARG C 106 3.27 -24.09 51.95
CA ARG C 106 3.11 -24.67 53.27
C ARG C 106 1.63 -24.86 53.55
N LEU C 107 1.22 -26.10 53.79
CA LEU C 107 -0.17 -26.45 54.05
C LEU C 107 -0.32 -26.86 55.50
N VAL C 108 -1.26 -26.22 56.20
CA VAL C 108 -1.55 -26.55 57.60
C VAL C 108 -2.97 -27.10 57.69
N ILE C 109 -3.22 -27.86 58.75
CA ILE C 109 -4.51 -28.46 59.02
C ILE C 109 -4.88 -28.16 60.47
N TYR C 110 -6.01 -27.48 60.65
CA TYR C 110 -6.49 -27.15 61.99
C TYR C 110 -7.40 -28.25 62.52
N ASP C 111 -7.67 -28.19 63.82
CA ASP C 111 -8.54 -29.15 64.48
C ASP C 111 -9.95 -28.57 64.60
N ARG C 112 -10.94 -29.34 64.14
CA ARG C 112 -12.32 -28.88 64.16
C ARG C 112 -12.92 -29.06 65.56
N GLU C 113 -13.91 -28.20 65.85
CA GLU C 113 -14.68 -28.21 67.11
C GLU C 113 -13.78 -28.05 68.34
N SER C 114 -12.74 -27.23 68.20
CA SER C 114 -11.80 -26.96 69.29
C SER C 114 -11.14 -25.62 69.02
N SER C 115 -10.12 -25.30 69.80
CA SER C 115 -9.36 -24.08 69.59
C SER C 115 -8.43 -24.24 68.38
N THR C 116 -8.09 -23.11 67.77
CA THR C 116 -7.24 -23.12 66.59
C THR C 116 -5.78 -23.40 66.97
N LYS C 117 -5.18 -24.37 66.29
CA LYS C 117 -3.81 -24.78 66.54
C LYS C 117 -3.29 -25.53 65.33
N ALA C 118 -1.96 -25.50 65.15
CA ALA C 118 -1.31 -26.19 64.05
C ALA C 118 -1.18 -27.66 64.41
N ILE C 119 -2.13 -28.48 63.94
CA ILE C 119 -2.11 -29.90 64.26
C ILE C 119 -1.08 -30.63 63.42
N LYS C 120 -1.08 -30.38 62.10
CA LYS C 120 -0.13 -31.02 61.20
C LYS C 120 0.18 -30.06 60.07
N TYR C 121 1.43 -29.67 59.94
CA TYR C 121 1.88 -28.74 58.91
C TYR C 121 2.93 -29.42 58.03
N VAL C 122 2.81 -29.21 56.72
CA VAL C 122 3.76 -29.75 55.76
C VAL C 122 4.32 -28.60 54.93
N LYS C 123 5.42 -28.87 54.24
CA LYS C 123 6.08 -27.87 53.40
C LYS C 123 6.53 -28.57 52.12
N GLU C 124 5.70 -28.48 51.07
CA GLU C 124 6.01 -29.09 49.79
C GLU C 124 6.92 -28.13 49.01
N GLN C 125 8.20 -28.46 48.97
CA GLN C 125 9.16 -27.64 48.25
C GLN C 125 9.15 -27.98 46.77
N GLU C 126 9.61 -27.01 45.96
CA GLU C 126 9.77 -27.13 44.51
C GLU C 126 8.46 -27.45 43.81
N VAL C 127 7.44 -26.66 44.09
CA VAL C 127 6.15 -26.79 43.41
C VAL C 127 6.29 -26.17 42.03
N TYR C 128 6.18 -27.00 40.99
CA TYR C 128 6.40 -26.55 39.63
C TYR C 128 5.14 -25.85 39.09
N LEU C 129 5.31 -24.61 38.64
CA LEU C 129 4.23 -23.90 37.97
C LEU C 129 4.82 -22.91 36.98
N GLY C 130 4.44 -23.07 35.71
CA GLY C 130 4.83 -22.14 34.66
C GLY C 130 6.30 -22.13 34.27
N GLU C 131 6.62 -21.40 33.21
CA GLU C 131 7.99 -21.15 32.80
C GLU C 131 8.11 -19.69 32.42
N ILE C 132 8.98 -18.95 33.10
CA ILE C 132 9.12 -17.51 32.91
C ILE C 132 10.22 -17.29 31.87
N PRO C 133 9.92 -16.70 30.71
CA PRO C 133 10.96 -16.44 29.71
C PRO C 133 11.85 -15.28 30.15
N LEU C 134 13.14 -15.56 30.29
CA LEU C 134 14.09 -14.55 30.74
C LEU C 134 14.53 -13.68 29.57
N MET C 135 14.97 -12.47 29.90
CA MET C 135 15.49 -11.55 28.91
C MET C 135 16.92 -11.95 28.52
N THR C 136 17.31 -11.54 27.31
CA THR C 136 18.64 -11.84 26.79
C THR C 136 19.63 -10.72 27.06
N GLY C 137 19.33 -9.83 28.01
CA GLY C 137 20.21 -8.73 28.34
C GLY C 137 19.98 -7.47 27.54
N ASN C 138 19.20 -7.54 26.45
CA ASN C 138 18.91 -6.38 25.62
C ASN C 138 17.42 -6.11 25.49
N GLY C 139 16.57 -6.87 26.17
CA GLY C 139 15.13 -6.68 26.07
C GLY C 139 14.41 -7.66 25.18
N THR C 140 15.06 -8.74 24.76
CA THR C 140 14.45 -9.74 23.89
C THR C 140 14.40 -11.08 24.61
N PHE C 141 13.49 -11.93 24.15
CA PHE C 141 13.39 -13.30 24.64
C PHE C 141 12.98 -14.20 23.49
N ILE C 142 13.43 -15.45 23.55
CA ILE C 142 13.19 -16.41 22.48
C ILE C 142 11.87 -17.11 22.75
N VAL C 143 10.92 -16.96 21.84
CA VAL C 143 9.63 -17.64 21.90
C VAL C 143 9.51 -18.47 20.64
N ASN C 144 9.66 -19.80 20.79
CA ASN C 144 9.60 -20.78 19.71
C ASN C 144 10.62 -20.49 18.60
N GLY C 145 11.84 -20.13 19.02
CA GLY C 145 12.91 -19.85 18.08
C GLY C 145 12.93 -18.45 17.52
N THR C 146 11.96 -17.60 17.88
CA THR C 146 11.88 -16.24 17.38
C THR C 146 11.99 -15.25 18.53
N GLU C 147 12.61 -14.11 18.25
CA GLU C 147 12.79 -13.06 19.25
C GLU C 147 11.60 -12.12 19.22
N ARG C 148 10.97 -11.93 20.37
CA ARG C 148 9.81 -11.07 20.50
C ARG C 148 10.15 -9.88 21.40
N VAL C 149 9.59 -8.71 21.06
CA VAL C 149 9.80 -7.49 21.83
C VAL C 149 8.43 -7.00 22.29
N ILE C 150 8.25 -6.91 23.60
CA ILE C 150 7.02 -6.38 24.18
C ILE C 150 7.20 -4.89 24.40
N VAL C 151 6.41 -4.08 23.69
CA VAL C 151 6.53 -2.64 23.79
C VAL C 151 5.69 -2.12 24.96
N SER C 152 5.98 -0.88 25.36
CA SER C 152 5.26 -0.26 26.46
C SER C 152 3.88 0.20 26.00
N GLN C 153 2.97 0.32 26.97
CA GLN C 153 1.59 0.73 26.71
C GLN C 153 1.33 2.07 27.39
N LEU C 154 0.72 2.99 26.66
CA LEU C 154 0.37 4.32 27.15
C LEU C 154 -1.14 4.36 27.36
N HIS C 155 -1.57 4.06 28.58
CA HIS C 155 -2.98 3.92 28.91
C HIS C 155 -3.42 5.03 29.87
N ARG C 156 -4.67 4.94 30.31
CA ARG C 156 -5.22 5.91 31.25
C ARG C 156 -4.87 5.50 32.67
N SER C 157 -4.32 6.45 33.43
CA SER C 157 -3.89 6.16 34.79
C SER C 157 -5.10 5.98 35.71
N PRO C 158 -5.00 5.10 36.71
CA PRO C 158 -6.11 4.94 37.65
C PRO C 158 -6.27 6.16 38.56
N GLY C 159 -7.49 6.38 39.00
CA GLY C 159 -7.81 7.52 39.83
C GLY C 159 -9.22 7.99 39.54
N VAL C 160 -9.40 9.32 39.60
CA VAL C 160 -10.67 9.95 39.32
C VAL C 160 -10.44 11.11 38.36
N PHE C 161 -11.32 11.22 37.36
CA PHE C 161 -11.25 12.29 36.37
C PHE C 161 -12.62 12.92 36.19
N PHE C 162 -12.63 14.18 35.77
CA PHE C 162 -13.86 14.94 35.56
C PHE C 162 -13.84 15.48 34.14
N ASP C 163 -14.67 14.90 33.27
CA ASP C 163 -14.76 15.27 31.88
C ASP C 163 -16.13 15.90 31.59
N HIS C 164 -16.33 16.33 30.36
CA HIS C 164 -17.58 16.92 29.95
C HIS C 164 -17.83 16.61 28.48
N ASP C 165 -19.03 16.96 28.01
CA ASP C 165 -19.41 16.78 26.62
C ASP C 165 -19.95 18.10 26.09
N ARG C 166 -19.46 18.51 24.92
CA ARG C 166 -19.82 19.79 24.32
C ARG C 166 -20.84 19.53 23.21
N GLY C 167 -22.12 19.73 23.53
CA GLY C 167 -23.17 19.58 22.53
C GLY C 167 -23.47 18.15 22.13
N LYS C 168 -23.08 17.17 22.95
CA LYS C 168 -23.34 15.77 22.61
C LYS C 168 -24.79 15.38 22.87
N THR C 169 -25.45 16.05 23.81
CA THR C 169 -26.83 15.73 24.15
C THR C 169 -27.63 17.02 24.32
N HIS C 170 -28.95 16.87 24.20
CA HIS C 170 -30.01 17.86 24.42
C HIS C 170 -30.04 19.00 23.39
N SER C 171 -29.08 19.05 22.47
CA SER C 171 -29.01 20.04 21.37
C SER C 171 -29.03 21.49 21.88
N SER C 172 -28.38 21.72 23.02
CA SER C 172 -28.38 23.03 23.66
C SER C 172 -26.95 23.45 23.96
N GLY C 173 -26.80 24.74 24.33
CA GLY C 173 -25.49 25.26 24.67
C GLY C 173 -24.99 24.84 26.03
N LYS C 174 -25.86 24.37 26.90
CA LYS C 174 -25.45 23.91 28.22
C LYS C 174 -24.72 22.58 28.12
N LEU C 175 -23.71 22.41 28.97
CA LEU C 175 -22.87 21.23 28.96
C LEU C 175 -23.08 20.44 30.25
N LEU C 176 -22.91 19.13 30.16
CA LEU C 176 -23.04 18.25 31.31
C LEU C 176 -21.68 17.74 31.74
N TYR C 177 -21.55 17.46 33.03
CA TYR C 177 -20.30 16.99 33.61
C TYR C 177 -20.41 15.53 33.99
N SER C 178 -19.27 14.84 33.98
CA SER C 178 -19.20 13.42 34.29
C SER C 178 -18.02 13.15 35.21
N ALA C 179 -18.24 12.31 36.21
CA ALA C 179 -17.21 11.90 37.16
C ALA C 179 -17.04 10.38 37.07
N ARG C 180 -15.81 9.94 36.83
CA ARG C 180 -15.52 8.52 36.65
C ARG C 180 -14.38 8.12 37.57
N ILE C 181 -14.57 7.02 38.30
CA ILE C 181 -13.55 6.47 39.18
C ILE C 181 -12.99 5.23 38.50
N ILE C 182 -11.74 5.32 38.04
CA ILE C 182 -11.10 4.23 37.31
C ILE C 182 -10.21 3.46 38.29
N PRO C 183 -10.55 2.21 38.63
CA PRO C 183 -9.68 1.43 39.51
C PRO C 183 -8.61 0.67 38.74
N TYR C 184 -7.81 -0.12 39.44
CA TYR C 184 -6.76 -0.89 38.78
C TYR C 184 -7.29 -2.20 38.22
N ARG C 185 -8.02 -2.97 39.03
CA ARG C 185 -8.56 -4.25 38.59
C ARG C 185 -10.00 -4.45 39.06
N GLY C 186 -10.73 -3.36 39.30
CA GLY C 186 -12.09 -3.43 39.77
C GLY C 186 -13.09 -2.93 38.74
N SER C 187 -14.36 -2.92 39.17
CA SER C 187 -15.44 -2.45 38.32
C SER C 187 -15.45 -0.92 38.28
N TRP C 188 -15.74 -0.37 37.11
CA TRP C 188 -15.70 1.07 36.91
C TRP C 188 -16.96 1.73 37.47
N LEU C 189 -16.77 2.87 38.11
CA LEU C 189 -17.87 3.64 38.68
C LEU C 189 -18.00 4.97 37.94
N ASP C 190 -19.25 5.37 37.68
CA ASP C 190 -19.54 6.58 36.92
C ASP C 190 -20.49 7.46 37.70
N PHE C 191 -20.47 8.76 37.38
CA PHE C 191 -21.38 9.74 37.95
C PHE C 191 -21.71 10.75 36.88
N GLU C 192 -22.91 10.66 36.31
CA GLU C 192 -23.32 11.51 35.21
C GLU C 192 -24.44 12.44 35.65
N PHE C 193 -24.48 13.63 35.04
CA PHE C 193 -25.52 14.60 35.33
C PHE C 193 -26.74 14.33 34.47
N ASP C 194 -27.69 15.27 34.46
CA ASP C 194 -28.94 15.14 33.75
C ASP C 194 -29.37 16.56 33.41
N PRO C 195 -29.98 16.78 32.24
CA PRO C 195 -30.43 18.14 31.89
C PRO C 195 -31.56 18.68 32.76
N LYS C 196 -32.28 17.82 33.49
CA LYS C 196 -33.31 18.27 34.44
C LYS C 196 -32.76 18.40 35.86
N ASP C 197 -31.46 18.68 35.99
CA ASP C 197 -30.76 18.91 37.26
C ASP C 197 -30.88 17.71 38.20
N ALA C 198 -30.32 16.58 37.76
CA ALA C 198 -30.32 15.36 38.54
C ALA C 198 -28.99 14.65 38.39
N LEU C 199 -28.69 13.78 39.36
CA LEU C 199 -27.47 12.99 39.36
C LEU C 199 -27.79 11.54 39.04
N PHE C 200 -26.97 10.94 38.17
CA PHE C 200 -27.17 9.55 37.75
C PHE C 200 -25.84 8.81 37.81
N THR C 201 -25.90 7.55 38.23
CA THR C 201 -24.72 6.70 38.32
C THR C 201 -24.98 5.37 37.63
N ARG C 202 -23.88 4.74 37.19
CA ARG C 202 -23.97 3.44 36.54
C ARG C 202 -22.65 2.71 36.72
N ILE C 203 -22.74 1.39 36.83
CA ILE C 203 -21.58 0.52 37.07
C ILE C 203 -21.36 -0.32 35.83
N ASP C 204 -20.16 -0.19 35.24
CA ASP C 204 -19.71 -0.96 34.07
C ASP C 204 -20.63 -0.76 32.86
N ARG C 205 -21.01 0.51 32.63
CA ARG C 205 -21.82 0.95 31.47
C ARG C 205 -23.16 0.24 31.40
N ARG C 206 -23.79 0.03 32.56
CA ARG C 206 -25.09 -0.59 32.64
C ARG C 206 -26.18 0.47 32.50
N ARG C 207 -27.43 0.11 32.84
CA ARG C 207 -28.52 1.07 32.84
C ARG C 207 -28.33 2.08 33.96
N LYS C 208 -28.56 3.35 33.64
CA LYS C 208 -28.28 4.42 34.59
C LYS C 208 -29.33 4.47 35.69
N LEU C 209 -28.88 4.72 36.91
CA LEU C 209 -29.73 4.87 38.08
C LEU C 209 -29.34 6.14 38.83
N PRO C 210 -30.28 6.78 39.50
CA PRO C 210 -29.94 7.92 40.35
C PRO C 210 -29.08 7.50 41.54
N VAL C 211 -28.34 8.48 42.08
CA VAL C 211 -27.41 8.21 43.17
C VAL C 211 -28.08 8.03 44.51
N SER C 212 -29.39 8.28 44.60
CA SER C 212 -30.10 8.09 45.86
C SER C 212 -30.19 6.62 46.24
N ILE C 213 -30.29 5.72 45.24
CA ILE C 213 -30.32 4.28 45.50
C ILE C 213 -28.97 3.82 46.06
N LEU C 214 -27.88 4.32 45.49
CA LEU C 214 -26.55 3.96 45.97
C LEU C 214 -26.29 4.53 47.36
N LEU C 215 -26.75 5.77 47.62
CA LEU C 215 -26.55 6.36 48.93
C LEU C 215 -27.44 5.72 49.99
N ARG C 216 -28.60 5.19 49.59
CA ARG C 216 -29.43 4.45 50.54
C ARG C 216 -28.88 3.06 50.78
N ALA C 217 -28.29 2.43 49.77
CA ALA C 217 -27.65 1.14 49.97
C ALA C 217 -26.35 1.24 50.77
N LEU C 218 -25.70 2.42 50.74
CA LEU C 218 -24.53 2.61 51.60
C LEU C 218 -24.91 2.69 53.07
N GLY C 219 -26.10 3.19 53.38
CA GLY C 219 -26.55 3.28 54.75
C GLY C 219 -26.78 4.70 55.21
N TYR C 220 -26.84 5.64 54.27
CA TYR C 220 -27.05 7.04 54.60
C TYR C 220 -28.53 7.39 54.60
N ASN C 221 -28.91 8.26 55.53
CA ASN C 221 -30.27 8.79 55.57
C ASN C 221 -30.34 10.09 54.77
N ASN C 222 -31.57 10.46 54.40
CA ASN C 222 -31.77 11.68 53.62
C ASN C 222 -31.50 12.93 54.45
N GLU C 223 -31.84 12.90 55.74
CA GLU C 223 -31.59 14.04 56.61
C GLU C 223 -30.09 14.27 56.81
N GLU C 224 -29.33 13.18 56.95
CA GLU C 224 -27.89 13.31 57.15
C GLU C 224 -27.18 13.80 55.88
N MET C 225 -27.61 13.31 54.71
CA MET C 225 -26.98 13.77 53.49
C MET C 225 -27.41 15.19 53.12
N LEU C 226 -28.61 15.60 53.53
CA LEU C 226 -29.01 16.99 53.33
C LEU C 226 -28.32 17.93 54.31
N ALA C 227 -27.98 17.45 55.51
CA ALA C 227 -27.21 18.25 56.45
C ALA C 227 -25.73 18.31 56.07
N GLU C 228 -25.22 17.27 55.41
CA GLU C 228 -23.82 17.24 55.01
C GLU C 228 -23.56 17.97 53.70
N PHE C 229 -24.46 17.87 52.72
CA PHE C 229 -24.25 18.51 51.44
C PHE C 229 -24.61 19.99 51.48
N PHE C 230 -25.88 20.29 51.78
CA PHE C 230 -26.35 21.67 51.78
C PHE C 230 -26.25 22.27 53.18
N GLU C 231 -25.89 23.55 53.24
CA GLU C 231 -25.85 24.28 54.49
C GLU C 231 -27.27 24.69 54.86
N ILE C 232 -27.74 24.24 56.02
CA ILE C 232 -29.11 24.45 56.46
C ILE C 232 -29.15 25.54 57.51
N ASN C 233 -30.11 26.45 57.38
CA ASN C 233 -30.35 27.50 58.36
C ASN C 233 -31.51 27.12 59.27
N THR C 234 -31.70 27.93 60.31
CA THR C 234 -32.74 27.68 61.30
C THR C 234 -33.88 28.69 61.13
N PHE C 235 -35.02 28.34 61.70
CA PHE C 235 -36.23 29.16 61.66
C PHE C 235 -36.61 29.59 63.07
N HIS C 236 -37.74 30.28 63.17
CA HIS C 236 -38.25 30.75 64.46
C HIS C 236 -39.77 30.70 64.44
N ILE C 237 -40.35 30.51 65.61
CA ILE C 237 -41.81 30.45 65.74
C ILE C 237 -42.35 31.79 66.20
N VAL C 243 -44.06 34.25 62.10
CA VAL C 243 -42.87 33.44 61.94
C VAL C 243 -41.65 34.33 61.67
N GLN C 244 -40.47 33.81 61.98
CA GLN C 244 -39.23 34.54 61.79
C GLN C 244 -38.13 33.56 61.43
N LEU C 245 -36.95 34.08 61.14
CA LEU C 245 -35.80 33.27 60.77
C LEU C 245 -34.52 34.00 61.16
N GLU C 246 -33.42 33.25 61.18
CA GLU C 246 -32.13 33.82 61.50
C GLU C 246 -31.57 34.62 60.33
N LEU C 247 -30.79 35.64 60.65
CA LEU C 247 -30.19 36.52 59.66
C LEU C 247 -28.73 36.12 59.44
N VAL C 248 -28.38 35.87 58.19
CA VAL C 248 -27.02 35.51 57.79
C VAL C 248 -26.46 36.65 56.96
N PRO C 249 -25.30 37.22 57.32
CA PRO C 249 -24.76 38.33 56.51
C PRO C 249 -24.19 37.88 55.17
N GLU C 250 -23.79 36.62 55.04
CA GLU C 250 -23.27 36.14 53.76
C GLU C 250 -24.38 35.75 52.79
N ARG C 251 -25.55 35.37 53.31
CA ARG C 251 -26.66 34.97 52.46
C ARG C 251 -27.35 36.16 51.81
N LEU C 252 -27.19 37.35 52.35
CA LEU C 252 -27.82 38.55 51.79
C LEU C 252 -27.03 39.16 50.64
N ARG C 253 -25.85 38.62 50.32
CA ARG C 253 -25.06 39.15 49.21
C ARG C 253 -25.62 38.77 47.86
N GLY C 254 -26.32 37.63 47.78
CA GLY C 254 -26.91 37.22 46.52
C GLY C 254 -28.26 37.81 46.24
N GLU C 255 -29.02 38.11 47.31
CA GLU C 255 -30.37 38.69 47.26
C GLU C 255 -31.36 37.87 46.41
N ALA C 277 -23.22 46.42 46.95
CA ALA C 277 -22.04 46.29 47.79
C ALA C 277 -22.10 47.23 48.99
N ARG C 278 -22.87 48.31 48.84
CA ARG C 278 -23.00 49.28 49.93
C ARG C 278 -23.92 48.75 51.03
N HIS C 279 -24.98 48.04 50.65
CA HIS C 279 -25.92 47.51 51.64
C HIS C 279 -25.30 46.39 52.45
N VAL C 280 -24.50 45.53 51.79
CA VAL C 280 -23.82 44.45 52.50
C VAL C 280 -22.76 45.00 53.43
N LYS C 281 -22.06 46.05 53.01
CA LYS C 281 -21.06 46.69 53.86
C LYS C 281 -21.72 47.40 55.05
N GLN C 282 -22.89 48.00 54.84
CA GLN C 282 -23.62 48.63 55.93
C GLN C 282 -24.16 47.59 56.92
N LEU C 283 -24.61 46.44 56.40
CA LEU C 283 -25.08 45.37 57.28
C LEU C 283 -23.92 44.72 58.03
N GLU C 284 -22.72 44.70 57.44
CA GLU C 284 -21.56 44.15 58.14
C GLU C 284 -21.04 45.12 59.19
N ALA C 285 -21.05 46.43 58.90
CA ALA C 285 -20.56 47.42 59.86
C ALA C 285 -21.57 47.69 60.97
N ALA C 286 -22.86 47.48 60.71
CA ALA C 286 -23.87 47.71 61.74
C ALA C 286 -23.94 46.55 62.72
N GLY C 287 -23.81 45.31 62.23
CA GLY C 287 -23.91 44.15 63.09
C GLY C 287 -25.33 43.89 63.55
N VAL C 288 -26.22 43.59 62.62
CA VAL C 288 -27.62 43.41 62.95
C VAL C 288 -27.86 42.01 63.52
N ALA C 289 -28.96 41.86 64.24
CA ALA C 289 -29.35 40.58 64.82
C ALA C 289 -30.28 39.85 63.83
N ALA C 290 -30.93 38.79 64.31
CA ALA C 290 -31.88 38.04 63.50
C ALA C 290 -33.16 38.85 63.33
N LEU C 291 -33.36 39.41 62.14
CA LEU C 291 -34.52 40.25 61.88
C LEU C 291 -35.75 39.40 61.57
N ALA C 292 -36.92 40.05 61.65
CA ALA C 292 -38.17 39.38 61.35
C ALA C 292 -38.37 39.31 59.84
N VAL C 293 -39.04 38.25 59.40
CA VAL C 293 -39.26 37.99 57.98
C VAL C 293 -40.70 37.50 57.79
N PRO C 294 -41.43 38.02 56.79
CA PRO C 294 -42.80 37.52 56.55
C PRO C 294 -42.82 36.13 55.93
N ASP C 295 -44.02 35.58 55.76
CA ASP C 295 -44.18 34.21 55.27
C ASP C 295 -44.01 34.07 53.77
N ASP C 296 -43.75 35.16 53.04
CA ASP C 296 -43.55 35.07 51.60
C ASP C 296 -42.18 34.49 51.24
N TYR C 297 -41.23 34.53 52.17
CA TYR C 297 -39.91 33.95 51.95
C TYR C 297 -39.83 32.48 52.32
N LEU C 298 -40.83 31.96 53.05
CA LEU C 298 -40.81 30.58 53.51
C LEU C 298 -41.46 29.62 52.52
N VAL C 299 -42.35 30.12 51.65
CA VAL C 299 -43.07 29.24 50.73
C VAL C 299 -42.16 28.77 49.60
N GLY C 300 -41.13 29.54 49.27
CA GLY C 300 -40.21 29.16 48.21
C GLY C 300 -39.06 28.27 48.62
N ARG C 301 -39.03 27.82 49.87
CA ARG C 301 -37.93 27.02 50.38
C ARG C 301 -38.34 25.56 50.54
N ILE C 302 -37.33 24.70 50.69
CA ILE C 302 -37.50 23.27 50.88
C ILE C 302 -37.07 22.92 52.30
N LEU C 303 -37.88 22.11 52.98
CA LEU C 303 -37.58 21.72 54.35
C LEU C 303 -36.42 20.73 54.37
N SER C 304 -35.46 20.98 55.26
CA SER C 304 -34.28 20.11 55.35
C SER C 304 -34.58 18.87 56.17
N HIS C 305 -34.93 19.04 57.44
CA HIS C 305 -35.21 17.94 58.34
C HIS C 305 -36.68 17.93 58.71
N ASP C 306 -37.18 16.74 59.05
CA ASP C 306 -38.56 16.57 59.42
C ASP C 306 -38.83 17.02 60.86
N VAL C 307 -40.09 17.32 61.14
CA VAL C 307 -40.54 17.67 62.48
C VAL C 307 -41.66 16.73 62.89
N VAL C 308 -41.63 16.30 64.16
CA VAL C 308 -42.62 15.38 64.69
C VAL C 308 -43.18 15.95 65.99
N ASP C 309 -44.35 15.45 66.36
CA ASP C 309 -45.02 15.86 67.59
C ASP C 309 -45.50 14.62 68.32
N GLY C 310 -45.03 14.42 69.55
CA GLY C 310 -45.43 13.27 70.33
C GLY C 310 -46.86 13.32 70.84
N SER C 311 -47.41 14.53 70.98
CA SER C 311 -48.79 14.67 71.44
C SER C 311 -49.79 14.32 70.34
N THR C 312 -49.47 14.63 69.08
CA THR C 312 -50.36 14.30 67.98
C THR C 312 -50.22 12.84 67.57
N GLY C 313 -48.98 12.38 67.41
CA GLY C 313 -48.71 11.01 67.02
C GLY C 313 -48.44 10.80 65.54
N GLU C 314 -48.48 11.86 64.73
CA GLU C 314 -48.24 11.76 63.31
C GLU C 314 -47.19 12.78 62.90
N LEU C 315 -46.54 12.50 61.76
CA LEU C 315 -45.51 13.37 61.23
C LEU C 315 -46.16 14.62 60.63
N LEU C 316 -45.82 15.79 61.17
CA LEU C 316 -46.42 17.03 60.69
C LEU C 316 -45.82 17.45 59.36
N ALA C 317 -44.58 17.06 59.07
CA ALA C 317 -43.92 17.42 57.83
C ALA C 317 -42.88 16.37 57.49
N ASN C 318 -42.85 15.97 56.21
CA ASN C 318 -41.87 15.03 55.73
C ASN C 318 -40.55 15.76 55.46
N ALA C 319 -39.47 15.00 55.35
CA ALA C 319 -38.17 15.58 55.02
C ALA C 319 -38.02 15.69 53.50
N ASN C 320 -37.44 16.82 53.07
CA ASN C 320 -37.17 17.15 51.65
C ASN C 320 -38.46 17.13 50.82
N ASP C 321 -39.34 18.07 51.15
CA ASP C 321 -40.61 18.23 50.43
C ASP C 321 -40.89 19.70 50.19
N GLU C 322 -41.77 19.96 49.24
CA GLU C 322 -42.24 21.32 48.99
C GLU C 322 -43.26 21.71 50.05
N ILE C 323 -43.05 22.86 50.67
CA ILE C 323 -43.91 23.31 51.76
C ILE C 323 -45.22 23.85 51.18
N SER C 324 -46.33 23.51 51.83
CA SER C 324 -47.66 23.93 51.42
C SER C 324 -48.31 24.72 52.55
N GLU C 325 -49.57 25.11 52.33
CA GLU C 325 -50.31 25.85 53.36
C GLU C 325 -50.82 24.93 54.45
N ASP C 326 -51.21 23.70 54.10
CA ASP C 326 -51.69 22.75 55.10
C ASP C 326 -50.55 22.27 55.98
N GLN C 327 -49.36 22.07 55.40
CA GLN C 327 -48.20 21.67 56.19
C GLN C 327 -47.74 22.81 57.10
N LEU C 328 -47.85 24.06 56.63
CA LEU C 328 -47.52 25.20 57.46
C LEU C 328 -48.53 25.36 58.60
N THR C 329 -49.81 25.09 58.32
CA THR C 329 -50.83 25.13 59.36
C THR C 329 -50.62 24.03 60.40
N ALA C 330 -50.21 22.84 59.96
CA ALA C 330 -49.92 21.74 60.88
C ALA C 330 -48.67 22.04 61.71
N PHE C 331 -47.68 22.70 61.11
CA PHE C 331 -46.49 23.08 61.86
C PHE C 331 -46.77 24.19 62.86
N ARG C 332 -47.70 25.10 62.53
CA ARG C 332 -48.10 26.12 63.50
C ARG C 332 -48.96 25.54 64.61
N LYS C 333 -49.78 24.53 64.30
CA LYS C 333 -50.58 23.88 65.33
C LYS C 333 -49.74 22.98 66.23
N ALA C 334 -48.65 22.41 65.70
CA ALA C 334 -47.79 21.55 66.49
C ALA C 334 -46.91 22.37 67.45
N GLY C 335 -46.45 23.53 67.01
CA GLY C 335 -45.61 24.37 67.84
C GLY C 335 -44.14 24.13 67.64
N VAL C 336 -43.73 23.90 66.40
CA VAL C 336 -42.34 23.64 66.07
C VAL C 336 -41.55 24.95 66.10
N ASP C 337 -40.27 24.86 66.41
CA ASP C 337 -39.38 26.01 66.47
C ASP C 337 -38.63 26.23 65.17
N ALA C 338 -38.04 25.17 64.61
CA ALA C 338 -37.28 25.27 63.37
C ALA C 338 -37.65 24.11 62.47
N VAL C 339 -38.04 24.43 61.23
CA VAL C 339 -38.38 23.41 60.25
C VAL C 339 -37.22 23.11 59.31
N GLY C 340 -36.19 23.96 59.24
CA GLY C 340 -35.06 23.73 58.37
C GLY C 340 -35.28 24.22 56.96
N THR C 341 -34.23 24.71 56.32
CA THR C 341 -34.29 25.18 54.95
C THR C 341 -33.01 24.80 54.23
N LEU C 342 -33.01 25.00 52.91
CA LEU C 342 -31.88 24.68 52.06
C LEU C 342 -31.45 25.92 51.30
N TRP C 343 -30.14 26.15 51.25
CA TRP C 343 -29.58 27.30 50.52
C TRP C 343 -29.63 27.00 49.04
N VAL C 344 -30.61 27.60 48.34
CA VAL C 344 -30.82 27.37 46.92
C VAL C 344 -30.55 28.68 46.19
N ASN C 345 -29.62 28.64 45.24
CA ASN C 345 -29.27 29.79 44.41
C ASN C 345 -29.47 29.40 42.95
N ASP C 346 -29.07 30.29 42.05
CA ASP C 346 -29.16 30.03 40.61
C ASP C 346 -27.84 29.57 40.00
N LEU C 347 -26.72 30.13 40.45
CA LEU C 347 -25.40 29.74 39.97
C LEU C 347 -24.45 29.30 41.07
N ASP C 348 -24.56 29.86 42.27
CA ASP C 348 -23.65 29.50 43.36
C ASP C 348 -24.06 28.19 44.01
N ARG C 349 -25.35 27.88 44.07
CA ARG C 349 -25.85 26.65 44.67
C ARG C 349 -26.88 26.02 43.75
N GLY C 350 -26.98 24.70 43.83
CA GLY C 350 -27.92 23.96 43.02
C GLY C 350 -28.55 22.81 43.76
N PRO C 351 -29.89 22.75 43.77
CA PRO C 351 -30.59 21.64 44.47
C PRO C 351 -30.68 20.38 43.62
N TYR C 352 -29.55 19.71 43.47
CA TYR C 352 -29.50 18.48 42.67
C TYR C 352 -29.86 17.25 43.48
N LEU C 353 -29.44 17.19 44.75
CA LEU C 353 -29.76 16.05 45.59
C LEU C 353 -31.24 16.02 45.96
N SER C 354 -31.86 17.19 46.08
CA SER C 354 -33.30 17.25 46.34
C SER C 354 -34.09 16.72 45.16
N ASN C 355 -33.70 17.09 43.94
CA ASN C 355 -34.35 16.56 42.75
C ASN C 355 -34.05 15.07 42.57
N THR C 356 -32.86 14.62 42.98
CA THR C 356 -32.53 13.20 42.90
C THR C 356 -33.37 12.39 43.88
N LEU C 357 -33.61 12.92 45.08
CA LEU C 357 -34.50 12.24 46.03
C LEU C 357 -35.95 12.34 45.60
N ARG C 358 -36.32 13.40 44.86
CA ARG C 358 -37.68 13.51 44.36
C ARG C 358 -37.95 12.58 43.19
N ILE C 359 -36.93 12.26 42.39
CA ILE C 359 -37.12 11.35 41.27
C ILE C 359 -37.25 9.91 41.78
N ASP C 360 -36.34 9.49 42.63
CA ASP C 360 -36.37 8.12 43.16
C ASP C 360 -37.45 7.97 44.22
N PRO C 361 -38.37 7.00 44.08
CA PRO C 361 -39.39 6.79 45.12
C PRO C 361 -39.01 5.79 46.20
N THR C 362 -37.88 5.11 46.09
CA THR C 362 -37.50 4.09 47.07
C THR C 362 -37.00 4.74 48.35
N LYS C 363 -37.52 4.26 49.49
CA LYS C 363 -37.12 4.76 50.80
C LYS C 363 -36.70 3.63 51.74
N THR C 364 -36.36 2.47 51.19
CA THR C 364 -35.98 1.29 51.97
C THR C 364 -34.59 0.85 51.53
N GLN C 365 -33.72 0.56 52.50
CA GLN C 365 -32.36 0.12 52.20
C GLN C 365 -32.36 -1.26 51.52
N LEU C 366 -33.24 -2.15 51.95
CA LEU C 366 -33.31 -3.48 51.34
C LEU C 366 -33.89 -3.40 49.93
N GLU C 367 -34.84 -2.50 49.71
CA GLU C 367 -35.39 -2.31 48.36
C GLU C 367 -34.34 -1.69 47.43
N ALA C 368 -33.51 -0.78 47.96
CA ALA C 368 -32.42 -0.22 47.17
C ALA C 368 -31.36 -1.29 46.86
N LEU C 369 -31.10 -2.19 47.81
CA LEU C 369 -30.12 -3.24 47.60
C LEU C 369 -30.60 -4.25 46.55
N VAL C 370 -31.87 -4.65 46.62
CA VAL C 370 -32.38 -5.56 45.59
C VAL C 370 -32.59 -4.86 44.26
N GLU C 371 -32.75 -3.53 44.25
CA GLU C 371 -32.80 -2.80 42.98
C GLU C 371 -31.42 -2.76 42.33
N ILE C 372 -30.37 -2.57 43.14
CA ILE C 372 -29.00 -2.63 42.63
C ILE C 372 -28.66 -4.04 42.14
N TYR C 373 -29.14 -5.06 42.88
CA TYR C 373 -28.92 -6.44 42.46
C TYR C 373 -29.67 -6.79 41.19
N ARG C 374 -30.87 -6.23 40.99
CA ARG C 374 -31.60 -6.46 39.75
C ARG C 374 -30.98 -5.70 38.59
N MET C 375 -30.39 -4.53 38.86
CA MET C 375 -29.70 -3.79 37.81
C MET C 375 -28.40 -4.46 37.41
N MET C 376 -27.72 -5.12 38.36
CA MET C 376 -26.47 -5.82 38.04
C MET C 376 -26.76 -7.13 37.31
N ARG C 377 -27.58 -7.99 37.90
CA ARG C 377 -27.94 -9.27 37.29
C ARG C 377 -29.40 -9.23 36.86
N PRO C 378 -29.71 -9.14 35.56
CA PRO C 378 -31.10 -9.09 35.13
C PRO C 378 -31.73 -10.46 34.95
N GLY C 379 -32.89 -10.68 35.55
CA GLY C 379 -33.60 -11.93 35.44
C GLY C 379 -33.37 -12.92 36.57
N GLU C 380 -33.05 -12.45 37.77
CA GLU C 380 -32.79 -13.31 38.90
C GLU C 380 -33.77 -13.01 40.04
N PRO C 381 -34.16 -14.02 40.82
CA PRO C 381 -35.02 -13.76 41.98
C PRO C 381 -34.25 -13.04 43.06
N PRO C 382 -34.91 -12.18 43.83
CA PRO C 382 -34.20 -11.42 44.87
C PRO C 382 -33.85 -12.27 46.09
N THR C 383 -32.64 -12.05 46.60
CA THR C 383 -32.14 -12.74 47.78
C THR C 383 -31.40 -11.71 48.64
N LYS C 384 -31.61 -11.77 49.95
CA LYS C 384 -31.09 -10.73 50.84
C LYS C 384 -29.58 -10.86 51.02
N GLU C 385 -29.12 -12.00 51.55
CA GLU C 385 -27.70 -12.15 51.85
C GLU C 385 -26.85 -12.33 50.60
N ALA C 386 -27.42 -12.83 49.51
CA ALA C 386 -26.68 -12.92 48.25
C ALA C 386 -26.41 -11.54 47.66
N ALA C 387 -27.42 -10.66 47.68
CA ALA C 387 -27.21 -9.29 47.24
C ALA C 387 -26.32 -8.51 48.19
N GLN C 388 -26.36 -8.84 49.48
CA GLN C 388 -25.47 -8.20 50.44
C GLN C 388 -24.01 -8.60 50.20
N ASN C 389 -23.77 -9.89 49.93
CA ASN C 389 -22.42 -10.34 49.61
C ASN C 389 -21.95 -9.81 48.26
N LEU C 390 -22.88 -9.64 47.30
CA LEU C 390 -22.52 -9.08 46.01
C LEU C 390 -22.14 -7.60 46.13
N PHE C 391 -22.90 -6.84 46.94
CA PHE C 391 -22.55 -5.44 47.16
C PHE C 391 -21.29 -5.29 48.00
N HIS C 392 -20.99 -6.27 48.85
CA HIS C 392 -19.74 -6.23 49.61
C HIS C 392 -18.54 -6.55 48.70
N ASN C 393 -18.70 -7.50 47.79
CA ASN C 393 -17.61 -7.90 46.91
C ASN C 393 -17.49 -7.01 45.67
N LEU C 394 -18.45 -6.13 45.42
CA LEU C 394 -18.36 -5.27 44.24
C LEU C 394 -17.33 -4.16 44.41
N PHE C 395 -17.31 -3.52 45.58
CA PHE C 395 -16.49 -2.33 45.75
C PHE C 395 -15.59 -2.38 46.97
N PHE C 396 -16.01 -3.11 48.01
CA PHE C 396 -15.42 -2.99 49.34
C PHE C 396 -14.64 -4.24 49.74
N THR C 397 -13.89 -4.81 48.81
CA THR C 397 -13.00 -5.93 49.10
C THR C 397 -11.71 -5.76 48.32
N PHE C 398 -10.68 -6.51 48.76
CA PHE C 398 -9.38 -6.47 48.10
C PHE C 398 -9.25 -7.52 47.01
N GLU C 399 -10.01 -8.61 47.08
CA GLU C 399 -9.90 -9.67 46.10
C GLU C 399 -10.53 -9.32 44.76
N ARG C 400 -11.41 -8.32 44.72
CA ARG C 400 -12.10 -7.97 43.48
C ARG C 400 -11.82 -6.54 43.02
N TYR C 401 -11.82 -5.56 43.93
CA TYR C 401 -11.63 -4.18 43.50
C TYR C 401 -10.15 -3.87 43.29
N ASP C 402 -9.36 -3.91 44.37
CA ASP C 402 -7.90 -3.82 44.37
C ASP C 402 -7.38 -2.55 43.72
N LEU C 403 -7.71 -1.41 44.33
CA LEU C 403 -7.22 -0.13 43.84
C LEU C 403 -5.73 0.02 44.16
N SER C 404 -4.95 0.36 43.15
CA SER C 404 -3.50 0.44 43.30
C SER C 404 -3.10 1.71 44.03
N THR C 405 -1.81 1.80 44.38
CA THR C 405 -1.32 2.95 45.12
C THR C 405 -1.14 4.19 44.24
N VAL C 406 -0.92 3.99 42.93
CA VAL C 406 -0.86 5.14 42.03
C VAL C 406 -2.26 5.73 41.83
N GLY C 407 -3.29 4.88 41.84
CA GLY C 407 -4.65 5.39 41.80
C GLY C 407 -5.04 6.11 43.07
N ARG C 408 -4.55 5.63 44.21
CA ARG C 408 -4.79 6.31 45.48
C ARG C 408 -4.07 7.65 45.53
N MET C 409 -2.85 7.72 44.98
CA MET C 409 -2.12 8.98 44.93
C MET C 409 -2.80 9.99 44.00
N LYS C 410 -3.28 9.52 42.84
CA LYS C 410 -4.03 10.40 41.94
C LYS C 410 -5.36 10.83 42.54
N PHE C 411 -6.00 9.95 43.31
CA PHE C 411 -7.25 10.28 43.99
C PHE C 411 -7.03 11.35 45.05
N ASN C 412 -5.96 11.21 45.85
CA ASN C 412 -5.68 12.19 46.89
C ASN C 412 -5.16 13.50 46.31
N ARG C 413 -4.52 13.46 45.14
CA ARG C 413 -4.09 14.70 44.50
C ARG C 413 -5.26 15.41 43.81
N ARG C 414 -6.25 14.67 43.33
CA ARG C 414 -7.39 15.30 42.67
C ARG C 414 -8.39 15.84 43.68
N VAL C 415 -8.62 15.11 44.78
CA VAL C 415 -9.55 15.58 45.80
C VAL C 415 -8.95 16.73 46.59
N GLY C 416 -7.73 16.54 47.09
CA GLY C 416 -7.04 17.62 47.79
C GLY C 416 -6.59 17.25 49.20
N ARG C 417 -6.41 15.96 49.45
CA ARG C 417 -5.94 15.51 50.75
C ARG C 417 -4.43 15.64 50.87
N LYS C 418 -3.96 15.86 52.10
CA LYS C 418 -2.53 16.00 52.33
C LYS C 418 -1.83 14.65 52.25
N ASP C 419 -2.46 13.61 52.77
CA ASP C 419 -1.86 12.28 52.79
C ASP C 419 -1.85 11.70 51.38
N VAL C 420 -0.78 10.98 51.05
CA VAL C 420 -0.59 10.40 49.73
C VAL C 420 -0.90 8.91 49.72
N LEU C 421 -0.21 8.14 50.55
CA LEU C 421 -0.47 6.71 50.65
C LEU C 421 -1.72 6.47 51.49
N GLY C 422 -2.55 5.52 51.06
CA GLY C 422 -3.77 5.21 51.77
C GLY C 422 -4.15 3.75 51.67
N GLU C 423 -5.43 3.44 51.92
CA GLU C 423 -5.91 2.08 51.80
C GLU C 423 -6.08 1.70 50.33
N SER C 424 -5.89 0.41 50.05
CA SER C 424 -6.04 -0.10 48.69
C SER C 424 -7.48 -0.44 48.34
N VAL C 425 -8.42 -0.25 49.26
CA VAL C 425 -9.82 -0.54 49.04
C VAL C 425 -10.60 0.76 49.22
N LEU C 426 -11.72 0.88 48.51
CA LEU C 426 -12.57 2.05 48.63
C LEU C 426 -13.26 2.07 49.98
N TYR C 427 -13.11 3.17 50.72
CA TYR C 427 -13.60 3.28 52.09
C TYR C 427 -14.83 4.17 52.13
N ASP C 428 -15.77 3.81 53.00
CA ASP C 428 -16.93 4.64 53.30
C ASP C 428 -17.08 4.76 54.81
N LYS C 429 -17.62 5.90 55.24
CA LYS C 429 -17.75 6.17 56.67
C LYS C 429 -18.92 5.41 57.29
N LYS C 430 -20.03 5.31 56.57
CA LYS C 430 -21.23 4.65 57.10
C LYS C 430 -21.28 3.17 56.80
N TYR C 431 -20.58 2.69 55.77
CA TYR C 431 -20.66 1.29 55.40
C TYR C 431 -19.80 0.42 56.32
N PHE C 432 -18.59 0.87 56.64
CA PHE C 432 -17.68 0.10 57.47
C PHE C 432 -17.91 0.29 58.96
N ALA C 433 -18.90 1.10 59.35
CA ALA C 433 -19.17 1.30 60.77
C ALA C 433 -19.97 0.16 61.37
N GLU C 434 -20.81 -0.50 60.57
CA GLU C 434 -21.64 -1.61 61.05
C GLU C 434 -21.01 -2.97 60.79
N ARG C 435 -19.81 -3.02 60.23
CA ARG C 435 -19.15 -4.29 59.95
C ARG C 435 -18.60 -4.89 61.23
N ASN C 436 -18.55 -6.22 61.28
CA ASN C 436 -18.06 -6.96 62.43
C ASN C 436 -16.80 -7.76 62.12
N ASP C 437 -16.15 -7.50 61.00
CA ASP C 437 -14.94 -8.22 60.62
C ASP C 437 -13.74 -7.71 61.41
N GLU C 438 -12.63 -8.44 61.31
CA GLU C 438 -11.41 -8.06 62.00
C GLU C 438 -10.65 -6.97 61.27
N GLU C 439 -10.65 -6.99 59.93
CA GLU C 439 -9.97 -5.96 59.16
C GLU C 439 -10.73 -4.64 59.13
N SER C 440 -12.05 -4.68 59.38
CA SER C 440 -12.84 -3.45 59.38
C SER C 440 -12.51 -2.58 60.57
N LYS C 441 -12.19 -3.18 61.72
CA LYS C 441 -11.78 -2.39 62.89
C LYS C 441 -10.42 -1.75 62.68
N ARG C 442 -9.54 -2.39 61.90
CA ARG C 442 -8.27 -1.77 61.56
C ARG C 442 -8.45 -0.67 60.51
N LEU C 443 -9.39 -0.86 59.58
CA LEU C 443 -9.63 0.13 58.54
C LEU C 443 -10.33 1.37 59.08
N VAL C 444 -11.23 1.21 60.06
CA VAL C 444 -11.95 2.35 60.62
C VAL C 444 -11.09 3.16 61.58
N ALA C 445 -9.97 2.62 62.04
CA ALA C 445 -9.09 3.34 62.96
C ALA C 445 -8.04 4.17 62.24
N GLU C 446 -7.72 3.84 61.00
CA GLU C 446 -6.70 4.56 60.23
C GLU C 446 -7.30 5.61 59.30
N HIS C 447 -8.44 5.31 58.67
CA HIS C 447 -9.07 6.26 57.76
C HIS C 447 -9.80 7.36 58.52
N THR C 448 -10.48 7.01 59.61
CA THR C 448 -11.29 7.89 60.47
C THR C 448 -12.30 8.71 59.67
N ASP C 449 -13.24 7.99 59.06
CA ASP C 449 -14.37 8.53 58.29
C ASP C 449 -13.90 9.40 57.12
N THR C 450 -13.22 8.75 56.17
CA THR C 450 -12.77 9.45 54.97
C THR C 450 -13.95 9.77 54.05
N SER C 451 -14.80 8.78 53.78
CA SER C 451 -16.03 8.88 53.00
C SER C 451 -15.75 9.38 51.58
N ASP C 452 -15.05 8.54 50.82
CA ASP C 452 -14.56 8.93 49.50
C ASP C 452 -15.68 9.10 48.49
N ILE C 453 -16.80 8.40 48.65
CA ILE C 453 -17.93 8.51 47.72
C ILE C 453 -18.58 9.89 47.85
N LEU C 454 -18.88 10.29 49.09
CA LEU C 454 -19.41 11.63 49.33
C LEU C 454 -18.38 12.70 49.00
N GLU C 455 -17.09 12.39 49.11
CA GLU C 455 -16.05 13.32 48.69
C GLU C 455 -16.06 13.54 47.19
N VAL C 456 -16.24 12.47 46.41
CA VAL C 456 -16.32 12.60 44.95
C VAL C 456 -17.57 13.35 44.54
N ILE C 457 -18.71 13.05 45.19
CA ILE C 457 -19.96 13.75 44.87
C ILE C 457 -19.88 15.23 45.26
N LYS C 458 -19.21 15.53 46.38
CA LYS C 458 -19.06 16.93 46.80
C LYS C 458 -18.09 17.69 45.91
N VAL C 459 -17.04 17.03 45.42
CA VAL C 459 -16.09 17.68 44.52
C VAL C 459 -16.76 17.94 43.16
N LEU C 460 -17.60 17.00 42.70
CA LEU C 460 -18.37 17.24 41.47
C LEU C 460 -19.41 18.35 41.67
N THR C 461 -19.99 18.44 42.87
CA THR C 461 -20.95 19.50 43.17
C THR C 461 -20.27 20.87 43.19
N GLU C 462 -19.05 20.95 43.74
CA GLU C 462 -18.30 22.20 43.71
C GLU C 462 -17.71 22.49 42.34
N ILE C 463 -17.56 21.48 41.49
CA ILE C 463 -17.21 21.71 40.09
C ILE C 463 -18.38 22.37 39.37
N ARG C 464 -19.60 21.86 39.60
CA ARG C 464 -20.78 22.39 38.92
C ARG C 464 -21.16 23.77 39.46
N ASN C 465 -21.05 23.98 40.77
CA ASN C 465 -21.57 25.17 41.44
C ASN C 465 -20.51 26.20 41.78
N GLY C 466 -19.35 25.79 42.27
CA GLY C 466 -18.28 26.71 42.63
C GLY C 466 -17.39 27.14 41.50
N ARG C 467 -17.77 26.81 40.25
CA ARG C 467 -17.10 27.24 39.02
C ARG C 467 -15.67 26.70 38.95
N GLY C 468 -15.54 25.37 39.07
CA GLY C 468 -14.24 24.74 38.97
C GLY C 468 -13.86 24.37 37.55
N VAL C 469 -12.60 23.97 37.37
CA VAL C 469 -12.07 23.64 36.07
C VAL C 469 -12.01 22.13 35.92
N VAL C 470 -12.12 21.66 34.68
CA VAL C 470 -12.05 20.25 34.36
C VAL C 470 -10.72 19.97 33.65
N ASP C 471 -10.38 18.69 33.55
CA ASP C 471 -9.14 18.26 32.94
C ASP C 471 -9.42 17.23 31.86
N ASP C 472 -8.82 17.43 30.69
CA ASP C 472 -8.92 16.48 29.60
C ASP C 472 -7.74 15.50 29.63
N ILE C 473 -7.94 14.35 29.00
CA ILE C 473 -6.91 13.29 28.99
C ILE C 473 -6.03 13.58 27.78
N ASP C 474 -5.09 14.50 27.96
CA ASP C 474 -4.10 14.81 26.94
C ASP C 474 -2.71 15.04 27.52
N HIS C 475 -2.54 15.01 28.84
CA HIS C 475 -1.27 15.25 29.47
C HIS C 475 -0.53 13.93 29.68
N LEU C 476 0.80 14.04 29.82
CA LEU C 476 1.59 12.87 30.14
C LEU C 476 1.50 12.48 31.61
N GLY C 477 1.03 13.40 32.47
CA GLY C 477 0.75 13.04 33.85
C GLY C 477 -0.59 12.34 34.01
N ASN C 478 -1.54 12.62 33.12
CA ASN C 478 -2.81 11.91 33.13
C ASN C 478 -2.67 10.50 32.57
N ARG C 479 -1.73 10.30 31.66
CA ARG C 479 -1.46 8.98 31.12
C ARG C 479 -0.36 8.29 31.92
N ARG C 480 -0.17 7.00 31.67
CA ARG C 480 0.79 6.19 32.41
C ARG C 480 1.41 5.16 31.47
N VAL C 481 2.63 4.74 31.81
CA VAL C 481 3.40 3.81 30.98
C VAL C 481 3.49 2.48 31.72
N ARG C 482 2.99 1.42 31.08
CA ARG C 482 3.10 0.06 31.59
C ARG C 482 4.17 -0.69 30.80
N SER C 483 5.15 -1.23 31.50
CA SER C 483 6.24 -1.95 30.87
C SER C 483 5.89 -3.44 30.79
N VAL C 484 6.88 -4.27 30.48
CA VAL C 484 6.65 -5.70 30.33
C VAL C 484 6.43 -6.37 31.68
N GLY C 485 7.02 -5.83 32.75
CA GLY C 485 6.93 -6.46 34.05
C GLY C 485 5.54 -6.34 34.67
N GLU C 486 4.88 -5.20 34.46
CA GLU C 486 3.55 -5.00 35.02
C GLU C 486 2.51 -5.89 34.31
N MET C 487 2.61 -5.99 32.99
CA MET C 487 1.70 -6.87 32.26
C MET C 487 1.97 -8.34 32.54
N ALA C 488 3.25 -8.70 32.73
CA ALA C 488 3.58 -10.07 33.11
C ALA C 488 3.06 -10.41 34.50
N GLU C 489 3.16 -9.46 35.44
CA GLU C 489 2.58 -9.65 36.77
C GLU C 489 1.06 -9.72 36.71
N ASN C 490 0.44 -8.98 35.80
CA ASN C 490 -1.02 -9.03 35.67
C ASN C 490 -1.50 -10.38 35.13
N VAL C 491 -0.83 -10.91 34.08
CA VAL C 491 -1.26 -12.21 33.55
C VAL C 491 -0.88 -13.34 34.50
N PHE C 492 0.21 -13.17 35.28
CA PHE C 492 0.52 -14.15 36.31
C PHE C 492 -0.48 -14.11 37.45
N ARG C 493 -1.01 -12.93 37.78
CA ARG C 493 -2.06 -12.85 38.78
C ARG C 493 -3.37 -13.43 38.29
N VAL C 494 -3.65 -13.31 36.99
CA VAL C 494 -4.84 -13.96 36.41
C VAL C 494 -4.71 -15.48 36.49
N GLY C 495 -3.53 -16.01 36.13
CA GLY C 495 -3.28 -17.44 36.26
C GLY C 495 -3.31 -17.91 37.71
N LEU C 496 -2.85 -17.08 38.63
CA LEU C 496 -2.90 -17.42 40.05
C LEU C 496 -4.32 -17.39 40.59
N VAL C 497 -5.17 -16.49 40.06
CA VAL C 497 -6.58 -16.48 40.44
C VAL C 497 -7.28 -17.75 39.94
N ARG C 498 -6.92 -18.20 38.73
CA ARG C 498 -7.48 -19.46 38.23
C ARG C 498 -7.01 -20.67 39.06
N VAL C 499 -5.73 -20.67 39.45
CA VAL C 499 -5.19 -21.75 40.27
C VAL C 499 -5.83 -21.73 41.67
N GLU C 500 -6.09 -20.53 42.20
CA GLU C 500 -6.75 -20.40 43.50
C GLU C 500 -8.20 -20.85 43.42
N ARG C 501 -8.89 -20.56 42.31
CA ARG C 501 -10.26 -21.03 42.13
C ARG C 501 -10.33 -22.54 41.96
N ALA C 502 -9.28 -23.15 41.40
CA ALA C 502 -9.23 -24.61 41.36
C ALA C 502 -8.93 -25.19 42.74
N VAL C 503 -8.00 -24.59 43.48
CA VAL C 503 -7.56 -25.14 44.75
C VAL C 503 -8.57 -24.89 45.87
N LYS C 504 -9.48 -23.93 45.70
CA LYS C 504 -10.54 -23.74 46.68
C LYS C 504 -11.53 -24.89 46.66
N GLU C 505 -11.74 -25.50 45.48
CA GLU C 505 -12.53 -26.71 45.39
C GLU C 505 -11.69 -27.94 45.71
N ARG C 506 -10.40 -27.91 45.38
CA ARG C 506 -9.53 -29.06 45.62
C ARG C 506 -9.20 -29.27 47.09
N LEU C 507 -9.25 -28.21 47.90
CA LEU C 507 -8.96 -28.32 49.32
C LEU C 507 -10.21 -28.41 50.18
N SER C 508 -11.34 -28.79 49.59
CA SER C 508 -12.57 -28.93 50.36
C SER C 508 -12.58 -30.19 51.22
N MET C 509 -11.88 -31.23 50.80
CA MET C 509 -11.79 -32.49 51.54
C MET C 509 -10.31 -32.77 51.78
N ALA C 510 -9.80 -32.33 52.92
CA ALA C 510 -8.40 -32.53 53.27
C ALA C 510 -8.27 -33.22 54.62
N LEU C 515 -2.82 -35.45 52.59
CA LEU C 515 -2.44 -35.38 51.18
C LEU C 515 -1.37 -34.32 50.96
N THR C 516 -0.59 -34.49 49.89
CA THR C 516 0.50 -33.57 49.60
C THR C 516 -0.04 -32.29 48.93
N PRO C 517 0.63 -31.16 49.12
CA PRO C 517 0.23 -29.94 48.41
C PRO C 517 0.62 -29.93 46.94
N GLN C 518 1.44 -30.87 46.48
CA GLN C 518 1.84 -30.91 45.07
C GLN C 518 0.71 -31.40 44.17
N GLU C 519 -0.26 -32.13 44.71
CA GLU C 519 -1.39 -32.61 43.92
C GLU C 519 -2.52 -31.59 43.82
N LEU C 520 -2.42 -30.46 44.52
CA LEU C 520 -3.46 -29.44 44.49
C LEU C 520 -3.16 -28.35 43.48
N ILE C 521 -1.93 -27.84 43.47
CA ILE C 521 -1.55 -26.76 42.58
C ILE C 521 -1.34 -27.33 41.18
N ASN C 522 -2.05 -26.78 40.20
CA ASN C 522 -1.96 -27.22 38.81
C ASN C 522 -1.18 -26.18 37.99
N ALA C 523 -0.17 -26.64 37.27
CA ALA C 523 0.66 -25.77 36.45
C ALA C 523 0.04 -25.47 35.08
N LYS C 524 -1.00 -26.20 34.69
CA LYS C 524 -1.55 -26.07 33.34
C LYS C 524 -2.25 -24.73 33.08
N PRO C 525 -3.14 -24.20 33.95
CA PRO C 525 -3.74 -22.90 33.60
C PRO C 525 -2.77 -21.73 33.64
N VAL C 526 -1.84 -21.71 34.59
CA VAL C 526 -0.87 -20.61 34.65
C VAL C 526 0.12 -20.72 33.49
N ALA C 527 0.47 -21.94 33.08
CA ALA C 527 1.36 -22.11 31.93
C ALA C 527 0.67 -21.73 30.64
N ALA C 528 -0.62 -22.08 30.49
CA ALA C 528 -1.37 -21.67 29.31
C ALA C 528 -1.59 -20.17 29.27
N ALA C 529 -1.78 -19.53 30.44
CA ALA C 529 -1.95 -18.08 30.47
C ALA C 529 -0.66 -17.36 30.10
N ILE C 530 0.47 -17.81 30.63
CA ILE C 530 1.73 -17.14 30.30
C ILE C 530 2.15 -17.44 28.85
N LYS C 531 1.74 -18.60 28.31
CA LYS C 531 2.05 -18.90 26.92
C LYS C 531 1.16 -18.09 25.98
N GLU C 532 -0.11 -17.88 26.35
CA GLU C 532 -0.99 -17.04 25.55
C GLU C 532 -0.62 -15.57 25.66
N PHE C 533 0.02 -15.17 26.77
CA PHE C 533 0.51 -13.80 26.86
C PHE C 533 1.76 -13.58 26.01
N PHE C 534 2.75 -14.46 26.15
CA PHE C 534 4.02 -14.23 25.47
C PHE C 534 4.00 -14.66 24.01
N GLY C 535 3.09 -15.54 23.61
CA GLY C 535 3.07 -16.01 22.23
C GLY C 535 2.26 -15.17 21.28
N SER C 536 0.98 -14.98 21.58
CA SER C 536 0.06 -14.26 20.70
C SER C 536 -0.62 -13.15 21.50
N SER C 537 -0.16 -11.92 21.31
CA SER C 537 -0.75 -10.77 22.00
C SER C 537 -0.56 -9.54 21.12
N GLN C 538 -1.34 -8.50 21.44
CA GLN C 538 -1.23 -7.24 20.71
C GLN C 538 -0.01 -6.44 21.12
N LEU C 539 0.58 -6.74 22.27
CA LEU C 539 1.77 -6.04 22.74
C LEU C 539 3.05 -6.81 22.46
N SER C 540 2.97 -8.12 22.23
CA SER C 540 4.12 -8.95 21.90
C SER C 540 4.09 -9.21 20.39
N GLN C 541 4.93 -8.52 19.65
CA GLN C 541 4.94 -8.64 18.20
C GLN C 541 6.31 -9.06 17.70
N PHE C 542 6.34 -9.45 16.43
CA PHE C 542 7.57 -9.89 15.78
C PHE C 542 8.48 -8.69 15.52
N MET C 543 9.71 -8.77 16.01
CA MET C 543 10.63 -7.66 15.91
C MET C 543 11.36 -7.67 14.56
N ASP C 544 12.14 -6.62 14.34
CA ASP C 544 12.97 -6.48 13.14
C ASP C 544 14.43 -6.32 13.54
N GLN C 545 15.30 -7.06 12.86
CA GLN C 545 16.72 -7.06 13.18
C GLN C 545 17.56 -6.79 11.94
N ASN C 546 17.02 -6.05 10.98
CA ASN C 546 17.79 -5.72 9.78
C ASN C 546 18.81 -4.60 10.06
N ASN C 547 18.50 -3.70 10.98
CA ASN C 547 19.36 -2.57 11.31
C ASN C 547 19.46 -2.43 12.82
N PRO C 548 20.62 -1.97 13.33
CA PRO C 548 20.71 -1.69 14.77
C PRO C 548 19.85 -0.51 15.21
N LEU C 549 19.71 0.50 14.36
CA LEU C 549 18.86 1.65 14.69
C LEU C 549 17.40 1.24 14.77
N SER C 550 16.96 0.35 13.88
CA SER C 550 15.58 -0.15 13.93
C SER C 550 15.35 -0.99 15.18
N GLU C 551 16.36 -1.75 15.59
CA GLU C 551 16.29 -2.54 16.82
C GLU C 551 16.17 -1.64 18.05
N VAL C 552 16.96 -0.56 18.09
CA VAL C 552 16.93 0.36 19.23
C VAL C 552 15.61 1.11 19.28
N THR C 553 15.13 1.61 18.13
CA THR C 553 13.87 2.34 18.14
C THR C 553 12.64 1.44 18.22
N HIS C 554 12.80 0.12 18.05
CA HIS C 554 11.72 -0.81 18.30
C HIS C 554 11.67 -1.27 19.75
N LYS C 555 12.82 -1.40 20.41
CA LYS C 555 12.80 -1.71 21.83
C LYS C 555 12.38 -0.52 22.69
N ARG C 556 12.55 0.70 22.18
CA ARG C 556 12.20 1.91 22.89
C ARG C 556 10.82 2.45 22.51
N ARG C 557 10.10 1.75 21.64
CA ARG C 557 8.84 2.26 21.11
C ARG C 557 7.71 2.09 22.11
N VAL C 558 6.88 3.13 22.24
CA VAL C 558 5.69 3.09 23.08
C VAL C 558 4.48 3.03 22.14
N SER C 559 3.39 2.42 22.62
CA SER C 559 2.22 2.22 21.78
C SER C 559 0.96 2.37 22.61
N ALA C 560 0.04 3.23 22.14
CA ALA C 560 -1.20 3.47 22.86
C ALA C 560 -2.23 2.38 22.64
N LEU C 561 -2.02 1.47 21.70
CA LEU C 561 -2.95 0.38 21.45
C LEU C 561 -2.75 -0.73 22.47
N GLY C 562 -3.76 -1.61 22.55
CA GLY C 562 -3.70 -2.72 23.45
C GLY C 562 -5.08 -3.16 23.93
N PRO C 563 -5.13 -3.95 25.01
CA PRO C 563 -6.44 -4.36 25.53
C PRO C 563 -7.18 -3.26 26.25
N GLY C 564 -6.47 -2.30 26.85
CA GLY C 564 -7.11 -1.19 27.52
C GLY C 564 -6.99 0.10 26.73
N GLY C 565 -6.23 0.06 25.64
CA GLY C 565 -6.03 1.23 24.81
C GLY C 565 -7.14 1.42 23.81
N LEU C 566 -7.01 2.48 23.02
CA LEU C 566 -8.00 2.83 22.02
C LEU C 566 -7.77 2.04 20.73
N THR C 567 -8.78 2.04 19.87
CA THR C 567 -8.76 1.32 18.61
C THR C 567 -8.41 2.28 17.47
N ARG C 568 -7.71 1.76 16.46
CA ARG C 568 -7.34 2.58 15.31
C ARG C 568 -8.55 2.93 14.45
N GLU C 569 -9.58 2.08 14.44
CA GLU C 569 -10.76 2.34 13.64
C GLU C 569 -11.65 3.43 14.23
N ARG C 570 -11.55 3.68 15.54
CA ARG C 570 -12.36 4.69 16.18
C ARG C 570 -11.81 6.09 15.87
N ALA C 571 -12.68 7.09 15.99
CA ALA C 571 -12.32 8.47 15.73
C ALA C 571 -11.44 9.00 16.86
N GLY C 572 -10.15 9.14 16.60
CA GLY C 572 -9.22 9.56 17.62
C GLY C 572 -8.43 10.80 17.26
N PHE C 573 -9.10 11.80 16.67
CA PHE C 573 -8.42 13.02 16.25
C PHE C 573 -7.94 13.85 17.44
N GLU C 574 -8.59 13.71 18.59
CA GLU C 574 -8.19 14.47 19.77
C GLU C 574 -6.89 13.98 20.39
N VAL C 575 -6.49 12.74 20.13
CA VAL C 575 -5.26 12.19 20.69
C VAL C 575 -4.15 12.04 19.66
N ARG C 576 -4.45 12.18 18.38
CA ARG C 576 -3.40 12.10 17.36
C ARG C 576 -2.56 13.36 17.31
N ASP C 577 -3.15 14.51 17.62
CA ASP C 577 -2.40 15.76 17.66
C ASP C 577 -1.51 15.81 18.90
N VAL C 578 -0.40 16.52 18.77
CA VAL C 578 0.58 16.61 19.85
C VAL C 578 0.16 17.70 20.83
N HIS C 579 0.39 17.45 22.13
CA HIS C 579 0.12 18.25 23.31
C HIS C 579 1.43 18.87 23.82
N PRO C 580 1.38 20.06 24.43
CA PRO C 580 2.63 20.68 24.92
C PRO C 580 3.29 19.96 26.10
N THR C 581 2.63 18.97 26.71
CA THR C 581 3.28 18.17 27.74
C THR C 581 4.26 17.15 27.13
N HIS C 582 4.13 16.87 25.82
CA HIS C 582 5.02 15.94 25.14
C HIS C 582 6.44 16.46 24.97
N TYR C 583 6.70 17.74 25.25
CA TYR C 583 8.02 18.33 25.08
C TYR C 583 8.98 17.79 26.12
N GLY C 584 9.91 16.94 25.70
CA GLY C 584 10.93 16.40 26.57
C GLY C 584 10.72 14.95 26.96
N ARG C 585 9.54 14.41 26.77
CA ARG C 585 9.22 13.05 27.16
C ARG C 585 8.87 12.14 26.00
N VAL C 586 8.11 12.64 25.02
CA VAL C 586 7.65 11.86 23.87
C VAL C 586 8.11 12.56 22.61
N CYS C 587 8.77 11.82 21.71
CA CYS C 587 9.22 12.39 20.45
C CYS C 587 8.02 12.71 19.56
N THR C 588 8.12 13.84 18.85
CA THR C 588 7.00 14.37 18.09
C THR C 588 7.09 14.10 16.60
N ILE C 589 8.30 14.02 16.04
CA ILE C 589 8.45 13.87 14.59
C ILE C 589 8.68 12.43 14.17
N GLU C 590 8.90 11.51 15.09
CA GLU C 590 9.03 10.09 14.76
C GLU C 590 7.63 9.46 14.89
N THR C 591 6.94 9.35 13.76
CA THR C 591 5.57 8.88 13.73
C THR C 591 5.36 8.10 12.44
N PRO C 592 4.85 6.87 12.52
CA PRO C 592 4.68 6.05 11.32
C PRO C 592 3.54 6.54 10.43
N GLU C 593 3.60 6.15 9.17
CA GLU C 593 2.59 6.49 8.19
C GLU C 593 1.50 5.42 8.13
N GLY C 594 0.30 5.85 7.76
CA GLY C 594 -0.80 4.93 7.59
C GLY C 594 -1.98 5.27 8.47
N PRO C 595 -2.59 4.25 9.09
CA PRO C 595 -3.72 4.50 9.98
C PRO C 595 -3.30 5.07 11.32
N ASN C 596 -2.15 4.62 11.82
CA ASN C 596 -1.67 5.00 13.16
C ASN C 596 -0.67 6.15 13.04
N ILE C 597 -1.20 7.35 12.86
CA ILE C 597 -0.40 8.56 12.84
C ILE C 597 -0.65 9.26 14.17
N GLY C 598 0.20 8.97 15.15
CA GLY C 598 0.11 9.54 16.48
C GLY C 598 -0.19 8.55 17.57
N LEU C 599 -0.75 7.39 17.23
CA LEU C 599 -1.01 6.37 18.24
C LEU C 599 0.24 5.59 18.61
N ILE C 600 1.21 5.50 17.69
CA ILE C 600 2.45 4.79 17.93
C ILE C 600 3.58 5.80 18.03
N ASN C 601 3.91 6.21 19.26
CA ASN C 601 4.92 7.23 19.51
C ASN C 601 6.27 6.58 19.81
N SER C 602 7.27 7.43 20.00
CA SER C 602 8.61 6.99 20.37
C SER C 602 9.09 7.78 21.57
N LEU C 603 9.84 7.11 22.45
CA LEU C 603 10.37 7.75 23.64
C LEU C 603 11.56 8.63 23.28
N ALA C 604 11.76 9.69 24.08
CA ALA C 604 12.84 10.62 23.85
C ALA C 604 14.16 10.03 24.33
N VAL C 605 15.23 10.81 24.20
CA VAL C 605 16.57 10.33 24.55
C VAL C 605 16.76 10.31 26.07
N PHE C 606 16.59 11.46 26.71
CA PHE C 606 16.80 11.59 28.14
C PHE C 606 15.56 11.25 28.98
N ALA C 607 14.46 10.87 28.34
CA ALA C 607 13.24 10.57 29.06
C ALA C 607 13.31 9.21 29.72
N ARG C 608 12.80 9.13 30.95
CA ARG C 608 12.77 7.88 31.70
C ARG C 608 11.43 7.78 32.44
N THR C 609 11.21 6.62 33.04
CA THR C 609 9.96 6.32 33.73
C THR C 609 10.14 6.57 35.23
N ASN C 610 9.13 7.18 35.85
CA ASN C 610 9.16 7.46 37.28
C ASN C 610 8.80 6.20 38.08
N GLN C 611 8.68 6.37 39.40
CA GLN C 611 8.33 5.24 40.26
C GLN C 611 6.86 4.86 40.16
N TYR C 612 6.00 5.78 39.71
CA TYR C 612 4.58 5.51 39.57
C TYR C 612 4.19 5.15 38.14
N GLY C 613 5.11 5.24 37.19
CA GLY C 613 4.84 4.94 35.79
C GLY C 613 4.81 6.15 34.89
N PHE C 614 4.84 7.36 35.44
CA PHE C 614 4.83 8.56 34.62
C PHE C 614 6.20 8.81 33.99
N LEU C 615 6.20 9.60 32.92
CA LEU C 615 7.43 9.95 32.24
C LEU C 615 8.06 11.19 32.88
N GLU C 616 9.39 11.21 32.90
CA GLU C 616 10.14 12.30 33.50
C GLU C 616 11.29 12.70 32.60
N THR C 617 11.65 13.98 32.65
CA THR C 617 12.73 14.54 31.85
C THR C 617 13.64 15.39 32.73
N PRO C 618 14.95 15.36 32.49
CA PRO C 618 15.87 16.13 33.34
C PRO C 618 15.86 17.61 33.01
N TYR C 619 16.23 18.40 34.02
CA TYR C 619 16.37 19.84 33.88
C TYR C 619 17.60 20.29 34.67
N ARG C 620 17.87 21.59 34.64
CA ARG C 620 19.00 22.18 35.35
C ARG C 620 18.47 23.13 36.41
N LYS C 621 19.04 23.04 37.61
CA LYS C 621 18.64 23.92 38.72
C LYS C 621 19.15 25.33 38.44
N VAL C 622 18.24 26.27 38.25
CA VAL C 622 18.59 27.64 37.89
C VAL C 622 18.37 28.52 39.12
N LEU C 623 19.46 29.00 39.70
CA LEU C 623 19.39 30.00 40.75
C LEU C 623 19.21 31.38 40.15
N ASP C 624 19.00 32.37 41.01
CA ASP C 624 18.89 33.76 40.58
C ASP C 624 20.26 34.25 40.12
N GLY C 625 20.42 34.40 38.81
CA GLY C 625 21.70 34.75 38.25
C GLY C 625 22.41 33.57 37.61
N LYS C 626 23.39 33.01 38.32
CA LYS C 626 24.14 31.87 37.79
C LYS C 626 23.29 30.61 37.79
N VAL C 627 23.62 29.69 36.88
CA VAL C 627 22.89 28.44 36.70
C VAL C 627 23.78 27.30 37.18
N SER C 628 23.29 26.56 38.18
CA SER C 628 24.01 25.41 38.68
C SER C 628 23.75 24.19 37.79
N ASP C 629 24.78 23.35 37.65
CA ASP C 629 24.70 22.19 36.77
C ASP C 629 24.31 20.95 37.58
N ASP C 630 23.10 21.00 38.12
CA ASP C 630 22.52 19.87 38.83
C ASP C 630 21.33 19.33 38.04
N VAL C 631 21.20 18.01 38.04
CA VAL C 631 20.19 17.31 37.25
C VAL C 631 19.07 16.88 38.18
N GLU C 632 17.86 17.37 37.93
CA GLU C 632 16.67 16.99 38.67
C GLU C 632 15.60 16.55 37.69
N TYR C 633 15.17 15.31 37.80
CA TYR C 633 14.15 14.76 36.91
C TYR C 633 12.77 15.16 37.41
N LEU C 634 12.10 16.03 36.65
CA LEU C 634 10.76 16.49 37.00
C LEU C 634 9.70 15.71 36.25
N SER C 635 8.56 15.49 36.90
CA SER C 635 7.46 14.77 36.30
C SER C 635 6.66 15.69 35.38
N ALA C 636 5.62 15.14 34.77
CA ALA C 636 4.80 15.91 33.85
C ALA C 636 3.84 16.84 34.57
N ILE C 637 3.43 16.49 35.80
CA ILE C 637 2.52 17.33 36.56
C ILE C 637 3.24 18.35 37.42
N GLU C 638 4.57 18.33 37.43
CA GLU C 638 5.35 19.28 38.20
C GLU C 638 6.10 20.30 37.35
N GLU C 639 6.11 20.13 36.03
CA GLU C 639 6.81 21.06 35.15
C GLU C 639 6.02 22.32 34.86
N ASN C 640 4.69 22.28 35.01
CA ASN C 640 3.86 23.45 34.73
C ASN C 640 3.88 24.47 35.86
N GLU C 641 4.31 24.08 37.05
CA GLU C 641 4.31 25.01 38.18
C GLU C 641 5.47 25.98 38.14
N TYR C 642 6.63 25.54 37.66
CA TYR C 642 7.83 26.36 37.62
C TYR C 642 8.07 26.88 36.21
N VAL C 643 8.67 28.07 36.13
CA VAL C 643 9.03 28.67 34.85
C VAL C 643 10.29 27.98 34.34
N ILE C 644 10.17 27.31 33.19
CA ILE C 644 11.25 26.53 32.60
C ILE C 644 11.72 27.25 31.35
N ALA C 645 13.00 27.61 31.32
CA ALA C 645 13.58 28.26 30.15
C ALA C 645 14.00 27.23 29.12
N GLN C 646 13.99 27.65 27.85
CA GLN C 646 14.32 26.76 26.76
C GLN C 646 15.85 26.60 26.64
N ALA C 647 16.25 25.65 25.80
CA ALA C 647 17.67 25.40 25.57
C ALA C 647 18.31 26.42 24.65
N ASN C 648 17.51 27.19 23.91
CA ASN C 648 18.04 28.22 23.00
C ASN C 648 18.15 29.54 23.75
N ALA C 649 19.08 29.58 24.70
CA ALA C 649 19.35 30.76 25.51
C ALA C 649 20.84 31.04 25.48
N LEU C 650 21.22 32.23 25.02
CA LEU C 650 22.63 32.58 24.92
C LEU C 650 23.20 32.90 26.30
N THR C 651 24.49 32.63 26.47
CA THR C 651 25.19 32.86 27.72
C THR C 651 26.61 33.31 27.42
N ASP C 652 26.97 34.51 27.89
CA ASP C 652 28.31 35.04 27.63
C ASP C 652 29.35 34.42 28.56
N ALA C 653 29.00 34.23 29.83
CA ALA C 653 29.92 33.67 30.80
C ALA C 653 29.84 32.14 30.78
N LYS C 654 30.42 31.50 31.79
CA LYS C 654 30.34 30.04 31.86
C LYS C 654 28.95 29.58 32.30
N ASN C 655 28.35 30.28 33.27
CA ASN C 655 27.01 29.96 33.74
C ASN C 655 26.37 31.25 34.22
N MET C 656 25.58 31.88 33.36
CA MET C 656 24.88 33.13 33.68
C MET C 656 23.68 33.26 32.76
N LEU C 657 22.99 34.39 32.88
CA LEU C 657 21.85 34.71 32.02
C LEU C 657 21.94 36.19 31.67
N THR C 658 22.40 36.48 30.44
CA THR C 658 22.64 37.84 29.99
C THR C 658 21.48 38.39 29.16
N GLU C 659 20.32 37.75 29.18
CA GLU C 659 19.16 38.19 28.44
C GLU C 659 18.13 38.75 29.40
N GLN C 660 17.54 39.89 29.04
CA GLN C 660 16.51 40.50 29.89
C GLN C 660 15.17 39.79 29.74
N PHE C 661 14.87 39.26 28.56
CA PHE C 661 13.67 38.48 28.32
C PHE C 661 14.08 37.13 27.73
N VAL C 662 13.93 36.07 28.52
CA VAL C 662 14.33 34.73 28.06
C VAL C 662 13.12 34.01 27.48
N PRO C 663 13.30 33.19 26.45
CA PRO C 663 12.15 32.43 25.89
C PRO C 663 11.78 31.21 26.72
N CYS C 664 11.09 31.46 27.82
CA CYS C 664 10.65 30.41 28.73
C CYS C 664 9.19 30.05 28.48
N ARG C 665 8.75 29.00 29.17
CA ARG C 665 7.36 28.55 29.08
C ARG C 665 6.80 28.37 30.48
N PHE C 666 5.48 28.56 30.61
CA PHE C 666 4.79 28.43 31.88
C PHE C 666 3.73 27.33 31.86
N GLN C 667 2.87 27.32 30.84
CA GLN C 667 1.83 26.30 30.69
C GLN C 667 1.91 25.65 29.32
N GLY C 668 3.13 25.47 28.82
CA GLY C 668 3.36 24.88 27.52
C GLY C 668 3.46 25.88 26.38
N GLU C 669 3.01 27.11 26.59
CA GLU C 669 3.07 28.16 25.57
C GLU C 669 4.29 29.05 25.82
N SER C 670 4.68 29.78 24.78
CA SER C 670 5.84 30.66 24.88
C SER C 670 5.51 31.89 25.71
N LEU C 671 6.53 32.41 26.39
CA LEU C 671 6.36 33.56 27.27
C LEU C 671 7.69 34.29 27.38
N LEU C 672 7.61 35.59 27.66
CA LEU C 672 8.78 36.44 27.85
C LEU C 672 8.80 36.88 29.31
N LYS C 673 9.75 36.34 30.07
CA LYS C 673 9.86 36.59 31.49
C LYS C 673 11.28 37.04 31.83
N PRO C 674 11.44 37.85 32.89
CA PRO C 674 12.79 38.21 33.32
C PRO C 674 13.51 37.02 33.91
N PRO C 675 14.85 37.00 33.89
CA PRO C 675 15.59 35.84 34.40
C PRO C 675 15.62 35.73 35.92
N SER C 676 15.05 36.69 36.65
CA SER C 676 14.98 36.61 38.11
C SER C 676 13.81 35.77 38.59
N GLU C 677 12.96 35.28 37.69
CA GLU C 677 11.81 34.46 38.06
C GLU C 677 11.85 33.04 37.53
N VAL C 678 12.84 32.69 36.71
CA VAL C 678 12.93 31.33 36.18
C VAL C 678 13.49 30.40 37.25
N HIS C 679 13.23 29.11 37.07
CA HIS C 679 13.67 28.09 38.01
C HIS C 679 14.35 26.89 37.38
N PHE C 680 14.10 26.60 36.10
CA PHE C 680 14.66 25.42 35.46
C PHE C 680 15.04 25.76 34.03
N MET C 681 15.91 24.92 33.46
CA MET C 681 16.36 25.08 32.08
C MET C 681 16.68 23.70 31.53
N ASP C 682 16.64 23.59 30.20
CA ASP C 682 16.90 22.32 29.54
C ASP C 682 18.40 21.98 29.61
N VAL C 683 18.68 20.69 29.55
CA VAL C 683 20.06 20.22 29.70
C VAL C 683 20.75 20.07 28.35
N SER C 684 20.01 19.77 27.28
CA SER C 684 20.60 19.53 25.98
C SER C 684 19.54 19.81 24.91
N PRO C 685 19.96 20.26 23.72
CA PRO C 685 18.98 20.44 22.63
C PRO C 685 18.50 19.13 22.02
N MET C 686 19.11 17.99 22.37
CA MET C 686 18.66 16.68 21.94
C MET C 686 17.57 16.10 22.83
N GLN C 687 17.01 16.91 23.73
CA GLN C 687 16.02 16.42 24.68
C GLN C 687 14.66 16.19 24.02
N THR C 688 14.37 16.92 22.94
CA THR C 688 13.06 16.79 22.30
C THR C 688 13.01 15.60 21.36
N VAL C 689 14.06 15.40 20.55
CA VAL C 689 14.04 14.36 19.53
C VAL C 689 14.43 13.02 20.16
N SER C 690 14.13 11.94 19.43
CA SER C 690 14.46 10.59 19.86
C SER C 690 15.82 10.18 19.29
N VAL C 691 16.14 8.90 19.40
CA VAL C 691 17.43 8.41 18.90
C VAL C 691 17.41 8.21 17.38
N ALA C 692 16.23 8.06 16.77
CA ALA C 692 16.12 7.93 15.33
C ALA C 692 16.00 9.27 14.63
N ALA C 693 15.61 10.32 15.35
CA ALA C 693 15.50 11.65 14.79
C ALA C 693 16.76 12.49 15.00
N ALA C 694 17.64 12.09 15.93
CA ALA C 694 18.86 12.83 16.18
C ALA C 694 19.98 12.45 15.24
N LEU C 695 19.93 11.27 14.62
CA LEU C 695 21.01 10.81 13.77
C LEU C 695 21.03 11.48 12.40
N VAL C 696 19.92 12.06 11.95
CA VAL C 696 19.88 12.78 10.68
C VAL C 696 20.43 14.19 10.90
N PRO C 697 21.43 14.61 10.12
CA PRO C 697 22.00 15.94 10.31
C PRO C 697 21.12 17.03 9.71
N PHE C 698 21.30 18.25 10.22
CA PHE C 698 20.62 19.47 9.78
C PHE C 698 19.10 19.34 9.89
N LEU C 699 18.64 18.97 11.10
CA LEU C 699 17.21 18.87 11.34
C LEU C 699 16.54 20.24 11.44
N GLU C 700 17.28 21.27 11.81
CA GLU C 700 16.71 22.62 11.95
C GLU C 700 16.47 23.29 10.60
N HIS C 701 17.03 22.75 9.51
CA HIS C 701 16.85 23.32 8.19
C HIS C 701 15.84 22.58 7.34
N ASP C 702 15.34 21.43 7.80
CA ASP C 702 14.41 20.62 7.03
C ASP C 702 12.99 20.81 7.55
N ASP C 703 12.03 20.46 6.68
CA ASP C 703 10.62 20.54 7.05
C ASP C 703 10.26 19.39 7.99
N ALA C 704 9.12 19.52 8.66
CA ALA C 704 8.70 18.51 9.62
C ALA C 704 8.22 17.24 8.94
N ASN C 705 7.57 17.35 7.79
CA ASN C 705 7.07 16.17 7.08
C ASN C 705 8.20 15.36 6.48
N ARG C 706 9.21 16.03 5.91
CA ARG C 706 10.33 15.31 5.34
C ARG C 706 11.24 14.72 6.42
N ALA C 707 11.32 15.38 7.58
CA ALA C 707 12.03 14.78 8.71
C ALA C 707 11.27 13.58 9.26
N LEU C 708 9.93 13.65 9.24
CA LEU C 708 9.12 12.50 9.64
C LEU C 708 9.28 11.33 8.67
N MET C 709 9.46 11.63 7.38
CA MET C 709 9.71 10.56 6.41
C MET C 709 11.11 9.99 6.56
N GLY C 710 12.10 10.85 6.82
CA GLY C 710 13.47 10.40 6.97
C GLY C 710 13.75 9.67 8.27
N ALA C 711 12.98 9.94 9.33
CA ALA C 711 13.14 9.20 10.57
C ALA C 711 12.60 7.78 10.44
N ASN C 712 11.65 7.55 9.54
CA ASN C 712 11.12 6.22 9.30
C ASN C 712 11.85 5.49 8.18
N MET C 713 12.46 6.22 7.25
CA MET C 713 13.20 5.58 6.16
C MET C 713 14.54 5.01 6.62
N GLN C 714 15.07 5.48 7.74
CA GLN C 714 16.34 4.97 8.24
C GLN C 714 16.22 3.63 8.94
N ARG C 715 15.00 3.22 9.31
CA ARG C 715 14.79 1.95 9.98
C ARG C 715 14.69 0.78 9.02
N GLN C 716 14.73 1.03 7.71
CA GLN C 716 14.60 -0.03 6.71
C GLN C 716 15.86 -0.20 5.88
N ALA C 717 17.01 0.21 6.42
CA ALA C 717 18.27 0.07 5.69
C ALA C 717 18.77 -1.37 5.78
N VAL C 718 19.50 -1.78 4.75
CA VAL C 718 20.05 -3.13 4.64
C VAL C 718 21.57 -3.04 4.76
N PRO C 719 22.21 -3.87 5.58
CA PRO C 719 23.68 -3.86 5.65
C PRO C 719 24.30 -4.42 4.37
N THR C 720 25.31 -3.71 3.86
CA THR C 720 25.99 -4.08 2.64
C THR C 720 27.23 -4.91 2.97
N LEU C 721 28.08 -5.15 1.96
CA LEU C 721 29.31 -5.91 2.18
C LEU C 721 30.32 -5.09 2.98
N ARG C 722 30.65 -3.89 2.49
CA ARG C 722 31.59 -3.00 3.16
C ARG C 722 30.86 -1.70 3.51
N SER C 723 30.71 -1.45 4.80
CA SER C 723 30.02 -0.26 5.28
C SER C 723 30.99 0.90 5.46
N GLN C 724 30.58 2.08 5.00
CA GLN C 724 31.39 3.28 5.11
C GLN C 724 30.81 4.23 6.16
N LYS C 725 31.69 4.98 6.79
CA LYS C 725 31.27 5.91 7.83
C LYS C 725 30.52 7.10 7.22
N PRO C 726 29.55 7.66 7.94
CA PRO C 726 28.90 8.89 7.45
C PRO C 726 29.83 10.08 7.60
N LEU C 727 29.99 10.84 6.50
CA LEU C 727 30.84 12.01 6.54
C LEU C 727 30.20 13.13 7.34
N VAL C 728 28.88 13.28 7.26
CA VAL C 728 28.15 14.26 8.04
C VAL C 728 27.30 13.53 9.09
N GLY C 729 27.87 13.36 10.28
CA GLY C 729 27.19 12.68 11.36
C GLY C 729 26.76 13.62 12.47
N THR C 730 26.35 13.02 13.58
CA THR C 730 25.89 13.78 14.75
C THR C 730 26.77 13.55 15.97
N GLY C 731 27.04 12.30 16.32
CA GLY C 731 27.79 12.00 17.52
C GLY C 731 27.02 11.04 18.41
N ILE C 732 25.73 10.89 18.15
CA ILE C 732 24.89 9.93 18.86
C ILE C 732 24.92 8.55 18.20
N GLU C 733 25.72 8.37 17.15
CA GLU C 733 25.84 7.06 16.53
C GLU C 733 26.63 6.10 17.40
N ARG C 734 27.59 6.61 18.18
CA ARG C 734 28.38 5.76 19.06
C ARG C 734 27.54 5.23 20.21
N ALA C 735 26.64 6.05 20.75
CA ALA C 735 25.77 5.59 21.83
C ALA C 735 24.77 4.56 21.32
N VAL C 736 24.27 4.73 20.10
CA VAL C 736 23.34 3.77 19.53
C VAL C 736 24.04 2.46 19.20
N ALA C 737 25.27 2.53 18.71
CA ALA C 737 26.04 1.32 18.43
C ALA C 737 26.48 0.62 19.70
N ARG C 738 26.65 1.37 20.79
CA ARG C 738 27.01 0.76 22.06
C ARG C 738 25.81 0.10 22.72
N ASP C 739 24.67 0.78 22.75
CA ASP C 739 23.47 0.26 23.39
C ASP C 739 22.65 -0.65 22.48
N SER C 740 23.06 -0.85 21.23
CA SER C 740 22.32 -1.76 20.36
C SER C 740 22.55 -3.21 20.72
N GLY C 741 23.78 -3.55 21.12
CA GLY C 741 24.12 -4.91 21.49
C GLY C 741 24.60 -5.80 20.37
N VAL C 742 24.67 -5.27 19.14
CA VAL C 742 25.15 -6.08 18.01
C VAL C 742 26.66 -6.19 17.98
N THR C 743 27.38 -5.39 18.77
CA THR C 743 28.83 -5.45 18.84
C THR C 743 29.25 -5.95 20.22
N VAL C 744 30.42 -6.58 20.27
CA VAL C 744 30.98 -7.06 21.52
C VAL C 744 31.91 -6.00 22.09
N ASN C 745 32.01 -5.98 23.42
CA ASN C 745 32.85 -5.02 24.12
C ASN C 745 33.69 -5.74 25.16
N ALA C 746 34.91 -5.24 25.36
CA ALA C 746 35.81 -5.84 26.33
C ALA C 746 35.43 -5.40 27.74
N LEU C 747 35.11 -6.38 28.60
CA LEU C 747 34.77 -6.06 29.97
C LEU C 747 36.00 -5.67 30.77
N ARG C 748 37.10 -6.43 30.62
CA ARG C 748 38.37 -6.12 31.26
C ARG C 748 39.44 -6.01 30.19
N GLY C 749 40.25 -4.96 30.28
CA GLY C 749 41.27 -4.72 29.28
C GLY C 749 42.49 -5.61 29.47
N GLY C 750 43.21 -5.83 28.37
CA GLY C 750 44.41 -6.64 28.41
C GLY C 750 45.03 -6.92 27.06
N VAL C 751 45.72 -8.05 26.95
CA VAL C 751 46.46 -8.43 25.75
C VAL C 751 45.57 -9.30 24.88
N ILE C 752 45.60 -9.05 23.56
CA ILE C 752 44.72 -9.71 22.60
C ILE C 752 45.61 -10.55 21.70
N GLU C 753 46.64 -11.16 22.29
CA GLU C 753 47.65 -11.89 21.53
C GLU C 753 47.10 -13.12 20.82
N GLN C 754 45.99 -13.68 21.27
CA GLN C 754 45.33 -14.79 20.60
C GLN C 754 44.03 -14.29 19.99
N ILE C 755 44.01 -14.19 18.66
CA ILE C 755 42.86 -13.64 17.94
C ILE C 755 42.59 -14.52 16.71
N ASP C 756 41.31 -14.76 16.44
CA ASP C 756 40.87 -15.50 15.27
C ASP C 756 39.67 -14.77 14.65
N ALA C 757 39.27 -15.22 13.47
CA ALA C 757 38.08 -14.66 12.83
C ALA C 757 36.80 -15.12 13.49
N ALA C 758 36.82 -16.23 14.22
CA ALA C 758 35.64 -16.76 14.89
C ALA C 758 35.64 -16.50 16.39
N ARG C 759 36.80 -16.36 17.02
CA ARG C 759 36.88 -16.13 18.46
C ARG C 759 37.99 -15.14 18.76
N ILE C 760 37.80 -14.39 19.84
CA ILE C 760 38.77 -13.42 20.32
C ILE C 760 39.11 -13.76 21.77
N VAL C 761 40.37 -14.02 22.05
CA VAL C 761 40.83 -14.41 23.38
C VAL C 761 41.64 -13.26 23.96
N VAL C 762 41.19 -12.75 25.10
CA VAL C 762 41.89 -11.68 25.80
C VAL C 762 42.56 -12.26 27.03
N LYS C 763 43.55 -11.52 27.55
CA LYS C 763 44.30 -11.91 28.74
C LYS C 763 44.26 -10.74 29.70
N VAL C 764 43.52 -10.89 30.80
CA VAL C 764 43.35 -9.80 31.75
C VAL C 764 44.61 -9.65 32.61
N ASN C 765 44.73 -8.49 33.25
CA ASN C 765 45.85 -8.20 34.11
C ASN C 765 45.54 -8.60 35.56
N GLU C 766 46.50 -8.37 36.45
CA GLU C 766 46.33 -8.75 37.86
C GLU C 766 45.41 -7.79 38.61
N ALA C 767 45.17 -6.59 38.08
CA ALA C 767 44.32 -5.63 38.77
C ALA C 767 42.84 -5.93 38.57
N GLU C 768 42.46 -6.43 37.40
CA GLU C 768 41.06 -6.71 37.11
C GLU C 768 40.62 -8.08 37.60
N ILE C 769 41.52 -9.05 37.62
CA ILE C 769 41.18 -10.41 38.05
C ILE C 769 41.05 -10.47 39.56
N ALA C 775 39.72 -16.39 37.98
CA ALA C 775 41.10 -16.78 37.75
C ALA C 775 41.36 -16.97 36.26
N GLY C 776 40.37 -17.52 35.55
CA GLY C 776 40.52 -17.74 34.13
C GLY C 776 40.36 -16.47 33.31
N VAL C 777 40.92 -16.51 32.10
CA VAL C 777 40.84 -15.38 31.18
C VAL C 777 39.49 -15.41 30.47
N ASP C 778 39.14 -14.32 29.80
CA ASP C 778 37.87 -14.21 29.09
C ASP C 778 38.06 -14.54 27.62
N ILE C 779 37.00 -15.10 27.03
CA ILE C 779 37.00 -15.47 25.61
C ILE C 779 35.65 -15.06 25.01
N TYR C 780 35.70 -14.41 23.86
CA TYR C 780 34.50 -13.91 23.18
C TYR C 780 34.33 -14.66 21.88
N ASN C 781 33.16 -15.30 21.72
CA ASN C 781 32.82 -16.01 20.49
C ASN C 781 31.97 -15.11 19.61
N LEU C 782 32.38 -14.96 18.35
CA LEU C 782 31.70 -14.09 17.41
C LEU C 782 30.81 -14.90 16.48
N ILE C 783 29.62 -14.39 16.22
CA ILE C 783 28.74 -15.00 15.22
C ILE C 783 29.18 -14.57 13.83
N LYS C 784 29.19 -15.52 12.90
CA LYS C 784 29.68 -15.26 11.55
C LYS C 784 28.55 -15.08 10.54
N TYR C 785 27.71 -16.09 10.37
CA TYR C 785 26.69 -16.05 9.32
C TYR C 785 25.44 -16.75 9.85
N THR C 786 24.46 -15.97 10.28
CA THR C 786 23.17 -16.49 10.70
C THR C 786 22.08 -15.52 10.25
N ARG C 787 20.88 -16.04 10.03
CA ARG C 787 19.79 -15.24 9.52
C ARG C 787 19.14 -14.44 10.65
N SER C 788 18.64 -13.27 10.30
CA SER C 788 17.92 -12.41 11.22
C SER C 788 16.42 -12.63 11.06
N ASN C 789 15.62 -11.78 11.72
CA ASN C 789 14.17 -11.89 11.63
C ASN C 789 13.62 -11.36 10.31
N GLN C 790 14.41 -10.56 9.58
CA GLN C 790 13.97 -10.00 8.31
C GLN C 790 14.71 -10.62 7.12
N ASN C 791 15.20 -11.85 7.29
CA ASN C 791 15.92 -12.63 6.26
C ASN C 791 17.16 -11.90 5.75
N THR C 792 17.85 -11.21 6.65
CA THR C 792 19.11 -10.55 6.34
C THR C 792 20.25 -11.25 7.06
N CYS C 793 21.47 -10.91 6.65
CA CYS C 793 22.68 -11.52 7.19
C CYS C 793 23.33 -10.59 8.20
N ILE C 794 23.68 -11.14 9.36
CA ILE C 794 24.40 -10.40 10.39
C ILE C 794 25.78 -11.02 10.53
N ASN C 795 26.78 -10.17 10.79
CA ASN C 795 28.17 -10.59 10.81
C ASN C 795 28.92 -9.75 11.82
N GLN C 796 29.90 -10.37 12.49
CA GLN C 796 30.75 -9.68 13.46
C GLN C 796 32.20 -9.92 13.07
N ARG C 797 32.80 -8.94 12.41
CA ARG C 797 34.19 -9.00 11.98
C ARG C 797 35.09 -8.27 12.96
N PRO C 798 36.23 -8.85 13.35
CA PRO C 798 37.08 -8.21 14.36
C PRO C 798 37.91 -7.07 13.78
N LEU C 799 38.36 -6.20 14.67
CA LEU C 799 39.10 -5.01 14.29
C LEU C 799 40.37 -4.78 15.08
N VAL C 800 40.57 -5.46 16.20
CA VAL C 800 41.79 -5.31 16.99
C VAL C 800 42.90 -6.16 16.38
N ASN C 801 44.13 -5.94 16.83
CA ASN C 801 45.30 -6.61 16.29
C ASN C 801 45.95 -7.48 17.37
N VAL C 802 47.11 -8.04 17.06
CA VAL C 802 47.82 -8.93 17.96
C VAL C 802 48.73 -8.11 18.87
N GLY C 803 48.53 -8.23 20.17
CA GLY C 803 49.41 -7.60 21.14
C GLY C 803 49.23 -6.10 21.27
N ASP C 804 48.03 -5.68 21.72
CA ASP C 804 47.76 -4.28 21.98
C ASP C 804 46.92 -4.17 23.23
N VAL C 805 47.28 -3.23 24.10
CA VAL C 805 46.56 -3.02 25.36
C VAL C 805 45.28 -2.26 25.09
N ILE C 806 44.25 -2.53 25.90
CA ILE C 806 42.96 -1.88 25.78
C ILE C 806 42.47 -1.52 27.18
N ALA C 807 41.35 -0.82 27.22
CA ALA C 807 40.69 -0.45 28.46
C ALA C 807 39.32 -1.11 28.53
N ARG C 808 38.60 -0.85 29.62
CA ARG C 808 37.26 -1.40 29.80
C ARG C 808 36.26 -0.55 29.02
N GLY C 809 35.66 -1.14 28.00
CA GLY C 809 34.69 -0.45 27.17
C GLY C 809 35.05 -0.36 25.71
N ASP C 810 36.26 -0.75 25.30
CA ASP C 810 36.65 -0.70 23.90
C ASP C 810 36.00 -1.83 23.12
N VAL C 811 35.72 -1.56 21.85
CA VAL C 811 35.09 -2.55 20.99
C VAL C 811 36.14 -3.54 20.50
N LEU C 812 35.71 -4.77 20.25
CA LEU C 812 36.57 -5.83 19.74
C LEU C 812 36.17 -6.34 18.37
N ALA C 813 34.91 -6.25 18.00
CA ALA C 813 34.45 -6.69 16.69
C ALA C 813 33.29 -5.82 16.25
N ASP C 814 33.38 -5.28 15.03
CA ASP C 814 32.31 -4.47 14.49
C ASP C 814 31.15 -5.35 14.05
N GLY C 815 29.94 -4.99 14.46
CA GLY C 815 28.76 -5.77 14.18
C GLY C 815 28.20 -5.53 12.79
N PRO C 816 26.98 -6.00 12.54
CA PRO C 816 26.37 -5.80 11.23
C PRO C 816 25.92 -4.35 11.05
N SER C 817 26.25 -3.79 9.88
CA SER C 817 26.01 -2.37 9.54
C SER C 817 26.64 -1.44 10.58
N THR C 818 27.86 -1.76 10.98
CA THR C 818 28.53 -1.03 12.06
C THR C 818 29.99 -0.81 11.69
N ASP C 819 30.46 0.42 11.87
CA ASP C 819 31.85 0.80 11.70
C ASP C 819 32.62 0.51 12.98
N ILE C 820 33.76 1.17 13.18
CA ILE C 820 34.71 0.90 14.27
C ILE C 820 34.20 1.48 15.60
N GLY C 821 32.95 1.95 15.62
CA GLY C 821 32.41 2.65 16.78
C GLY C 821 31.41 3.72 16.40
N GLU C 822 31.17 3.87 15.10
CA GLU C 822 30.09 4.69 14.58
C GLU C 822 29.09 3.82 13.83
N LEU C 823 27.86 4.32 13.73
CA LEU C 823 26.80 3.61 13.03
C LEU C 823 26.86 3.95 11.55
N ALA C 824 26.83 2.92 10.71
CA ALA C 824 26.96 3.06 9.26
C ALA C 824 25.77 2.42 8.57
N LEU C 825 24.99 3.22 7.86
CA LEU C 825 23.80 2.74 7.15
C LEU C 825 23.99 2.63 5.65
N GLY C 826 24.66 3.60 5.02
CA GLY C 826 24.84 3.58 3.59
C GLY C 826 26.25 3.91 3.15
N GLN C 827 26.41 4.30 1.89
CA GLN C 827 27.70 4.61 1.31
C GLN C 827 27.79 6.10 1.00
N ASN C 828 28.96 6.50 0.48
CA ASN C 828 29.22 7.88 0.09
C ASN C 828 29.51 7.93 -1.39
N MET C 829 28.85 8.84 -2.10
CA MET C 829 28.91 8.86 -3.55
C MET C 829 28.54 10.25 -4.06
N LEU C 830 28.99 10.54 -5.28
CA LEU C 830 28.86 11.88 -5.85
C LEU C 830 27.42 12.16 -6.26
N ILE C 831 26.97 13.38 -5.99
CA ILE C 831 25.60 13.82 -6.26
C ILE C 831 25.65 15.05 -7.14
N ALA C 832 24.82 15.06 -8.19
CA ALA C 832 24.64 16.23 -9.04
C ALA C 832 23.15 16.51 -9.18
N PHE C 833 22.73 17.72 -8.81
CA PHE C 833 21.33 18.11 -8.86
C PHE C 833 21.04 18.76 -10.20
N MET C 834 20.68 17.95 -11.19
CA MET C 834 20.38 18.46 -12.53
C MET C 834 19.48 17.46 -13.24
N PRO C 835 18.55 17.92 -14.08
CA PRO C 835 17.76 16.98 -14.88
C PRO C 835 18.61 16.38 -15.99
N TRP C 836 18.53 15.05 -16.13
CA TRP C 836 19.35 14.31 -17.08
C TRP C 836 18.46 13.45 -17.96
N ASN C 837 17.94 14.04 -19.03
CA ASN C 837 17.22 13.36 -20.12
C ASN C 837 15.96 12.64 -19.64
N GLY C 838 15.35 13.13 -18.56
CA GLY C 838 14.11 12.56 -18.07
C GLY C 838 14.24 11.26 -17.29
N TYR C 839 15.46 10.79 -17.04
CA TYR C 839 15.65 9.57 -16.25
C TYR C 839 15.55 9.82 -14.75
N ASN C 840 15.54 11.09 -14.33
CA ASN C 840 15.35 11.46 -12.93
C ASN C 840 14.10 12.33 -12.82
N PHE C 841 13.02 11.88 -13.45
CA PHE C 841 11.89 12.75 -13.77
C PHE C 841 11.10 13.16 -12.52
N GLU C 842 10.52 12.20 -11.82
CA GLU C 842 9.70 12.48 -10.64
C GLU C 842 10.15 11.57 -9.51
N ASP C 843 11.12 12.07 -8.73
CA ASP C 843 11.75 11.32 -7.63
C ASP C 843 12.34 9.99 -8.10
N SER C 844 13.00 10.03 -9.26
CA SER C 844 13.72 8.88 -9.78
C SER C 844 15.21 9.08 -9.59
N ILE C 845 15.93 7.97 -9.47
CA ILE C 845 17.35 7.97 -9.13
C ILE C 845 18.12 7.43 -10.33
N LEU C 846 19.21 8.10 -10.68
CA LEU C 846 20.10 7.68 -11.75
C LEU C 846 21.37 7.09 -11.14
N LEU C 847 21.78 5.92 -11.62
CA LEU C 847 22.97 5.25 -11.14
C LEU C 847 23.96 5.06 -12.28
N SER C 848 25.25 5.10 -11.94
CA SER C 848 26.32 4.89 -12.90
C SER C 848 26.75 3.43 -12.91
N GLU C 849 27.71 3.11 -13.77
CA GLU C 849 28.28 1.77 -13.80
C GLU C 849 29.32 1.56 -12.70
N ARG C 850 29.95 2.64 -12.21
CA ARG C 850 30.96 2.52 -11.18
C ARG C 850 30.37 2.22 -9.81
N VAL C 851 29.09 2.51 -9.59
CA VAL C 851 28.45 2.16 -8.33
C VAL C 851 27.97 0.72 -8.33
N VAL C 852 27.95 0.07 -9.49
CA VAL C 852 27.54 -1.32 -9.61
C VAL C 852 28.74 -2.25 -9.72
N GLU C 853 29.76 -1.86 -10.49
CA GLU C 853 30.88 -2.75 -10.78
C GLU C 853 31.84 -2.90 -9.60
N GLU C 854 31.75 -2.06 -8.58
CA GLU C 854 32.60 -2.18 -7.40
C GLU C 854 31.91 -2.87 -6.23
N ASP C 855 30.65 -3.30 -6.41
CA ASP C 855 29.85 -4.03 -5.42
C ASP C 855 29.70 -3.23 -4.12
N ARG C 856 29.12 -2.04 -4.25
CA ARG C 856 28.89 -1.18 -3.09
C ARG C 856 27.57 -1.45 -2.41
N TYR C 857 26.53 -1.84 -3.16
CA TYR C 857 25.22 -2.11 -2.60
C TYR C 857 24.85 -3.58 -2.66
N THR C 858 25.84 -4.47 -2.76
CA THR C 858 25.58 -5.89 -2.76
C THR C 858 25.31 -6.36 -1.34
N THR C 859 24.12 -6.90 -1.11
CA THR C 859 23.70 -7.37 0.20
C THR C 859 23.54 -8.87 0.19
N ILE C 860 23.72 -9.48 1.36
CA ILE C 860 23.62 -10.92 1.54
C ILE C 860 22.31 -11.22 2.25
N HIS C 861 21.48 -12.07 1.65
CA HIS C 861 20.22 -12.50 2.23
C HIS C 861 20.25 -14.00 2.45
N ILE C 862 19.85 -14.44 3.64
CA ILE C 862 19.87 -15.84 4.02
C ILE C 862 18.43 -16.31 4.18
N GLU C 863 18.04 -17.31 3.39
CA GLU C 863 16.70 -17.86 3.42
C GLU C 863 16.66 -19.17 4.18
N GLU C 864 15.49 -19.50 4.72
CA GLU C 864 15.27 -20.72 5.48
C GLU C 864 14.31 -21.61 4.68
N LEU C 865 14.82 -22.74 4.19
CA LEU C 865 14.02 -23.70 3.44
C LEU C 865 14.07 -25.04 4.17
N THR C 866 12.91 -25.53 4.59
CA THR C 866 12.82 -26.77 5.34
C THR C 866 12.08 -27.83 4.53
N CYS C 867 12.36 -29.09 4.85
CA CYS C 867 11.69 -30.24 4.26
C CYS C 867 11.20 -31.12 5.39
N VAL C 868 9.88 -31.15 5.58
CA VAL C 868 9.25 -31.86 6.70
C VAL C 868 8.72 -33.19 6.18
N ALA C 869 9.12 -34.28 6.84
CA ALA C 869 8.74 -35.64 6.45
C ALA C 869 7.71 -36.17 7.45
N ARG C 870 6.43 -36.06 7.12
CA ARG C 870 5.36 -36.48 8.01
C ARG C 870 5.19 -38.00 7.95
N ASP C 871 4.35 -38.50 8.85
CA ASP C 871 3.99 -39.92 8.90
C ASP C 871 2.53 -40.05 8.44
N THR C 872 2.32 -40.81 7.38
CA THR C 872 0.99 -41.00 6.83
C THR C 872 0.46 -42.38 7.18
N LYS C 873 -0.82 -42.61 6.85
CA LYS C 873 -1.45 -43.90 7.14
C LYS C 873 -1.01 -44.98 6.16
N LEU C 874 -0.66 -44.61 4.93
CA LEU C 874 -0.20 -45.59 3.95
C LEU C 874 1.26 -45.96 4.15
N GLY C 875 2.06 -45.03 4.67
CA GLY C 875 3.46 -45.28 4.89
C GLY C 875 4.24 -44.02 5.16
N PRO C 876 5.32 -44.12 5.93
CA PRO C 876 6.14 -42.93 6.23
C PRO C 876 6.98 -42.52 5.03
N GLU C 877 7.15 -41.21 4.87
CA GLU C 877 7.94 -40.68 3.77
C GLU C 877 9.42 -40.75 4.09
N GLU C 878 10.21 -41.16 3.09
CA GLU C 878 11.65 -41.32 3.24
C GLU C 878 12.38 -40.15 2.59
N ILE C 879 13.68 -40.10 2.82
CA ILE C 879 14.55 -39.05 2.28
C ILE C 879 15.53 -39.72 1.33
N SER C 880 15.08 -40.79 0.67
CA SER C 880 15.94 -41.52 -0.25
C SER C 880 16.20 -40.71 -1.52
N ALA C 881 17.35 -40.99 -2.13
CA ALA C 881 17.78 -40.24 -3.32
C ALA C 881 17.27 -40.85 -4.62
N ASP C 882 16.93 -42.13 -4.64
CA ASP C 882 16.42 -42.79 -5.84
C ASP C 882 14.99 -42.36 -6.06
N ILE C 883 14.80 -41.37 -6.94
CA ILE C 883 13.50 -40.81 -7.24
C ILE C 883 13.18 -41.10 -8.70
N PRO C 884 12.04 -41.68 -9.02
CA PRO C 884 11.68 -41.89 -10.43
C PRO C 884 11.24 -40.59 -11.09
N ASN C 885 11.31 -40.61 -12.43
CA ASN C 885 10.94 -39.49 -13.32
C ASN C 885 11.75 -38.23 -13.01
N VAL C 886 13.01 -38.40 -12.60
CA VAL C 886 13.91 -37.29 -12.31
C VAL C 886 15.22 -37.56 -13.04
N SER C 887 15.64 -36.61 -13.86
CA SER C 887 16.85 -36.77 -14.65
C SER C 887 18.09 -36.67 -13.77
N GLU C 888 19.23 -37.09 -14.33
CA GLU C 888 20.49 -37.07 -13.61
C GLU C 888 21.04 -35.67 -13.44
N GLN C 889 20.61 -34.72 -14.29
CA GLN C 889 21.08 -33.34 -14.19
C GLN C 889 20.62 -32.64 -12.92
N ALA C 890 19.53 -33.09 -12.32
CA ALA C 890 19.07 -32.59 -11.03
C ALA C 890 19.45 -33.52 -9.88
N LEU C 891 20.21 -34.58 -10.16
CA LEU C 891 20.59 -35.54 -9.13
C LEU C 891 22.10 -35.64 -8.93
N ASN C 892 22.89 -34.83 -9.63
CA ASN C 892 24.34 -34.86 -9.43
C ASN C 892 24.73 -34.15 -8.14
N ARG C 893 24.01 -33.08 -7.78
CA ARG C 893 24.31 -32.36 -6.56
C ARG C 893 23.84 -33.08 -5.31
N LEU C 894 22.96 -34.07 -5.44
CA LEU C 894 22.50 -34.84 -4.30
C LEU C 894 23.55 -35.87 -3.90
N ASP C 895 23.66 -36.10 -2.60
CA ASP C 895 24.59 -37.08 -2.06
C ASP C 895 23.89 -38.43 -1.93
N GLU C 896 24.53 -39.37 -1.25
CA GLU C 896 23.89 -40.66 -0.97
C GLU C 896 22.82 -40.53 0.11
N SER C 897 22.85 -39.46 0.90
CA SER C 897 21.84 -39.21 1.92
C SER C 897 20.52 -38.74 1.34
N GLY C 898 20.53 -38.18 0.13
CA GLY C 898 19.34 -37.63 -0.48
C GLY C 898 19.26 -36.13 -0.45
N VAL C 899 20.12 -35.46 0.31
CA VAL C 899 20.11 -34.02 0.42
C VAL C 899 21.33 -33.45 -0.30
N VAL C 900 21.35 -32.13 -0.45
CA VAL C 900 22.40 -31.47 -1.21
C VAL C 900 23.65 -31.29 -0.34
N TYR C 901 24.80 -31.12 -1.00
CA TYR C 901 26.04 -30.87 -0.30
C TYR C 901 26.09 -29.44 0.25
N ILE C 902 27.08 -29.19 1.10
CA ILE C 902 27.32 -27.86 1.64
C ILE C 902 28.26 -27.12 0.70
N GLY C 903 27.82 -25.97 0.20
CA GLY C 903 28.63 -25.19 -0.71
C GLY C 903 28.44 -25.59 -2.16
N ALA C 904 27.19 -25.82 -2.56
CA ALA C 904 26.86 -26.21 -3.92
C ALA C 904 26.04 -25.11 -4.57
N GLU C 905 26.45 -24.70 -5.77
CA GLU C 905 25.75 -23.65 -6.51
C GLU C 905 24.47 -24.23 -7.10
N VAL C 906 23.32 -23.83 -6.55
CA VAL C 906 22.03 -24.29 -7.02
C VAL C 906 21.38 -23.17 -7.81
N ARG C 907 20.30 -23.52 -8.53
CA ARG C 907 19.54 -22.58 -9.33
C ARG C 907 18.06 -22.70 -8.98
N ALA C 908 17.23 -21.96 -9.70
CA ALA C 908 15.79 -21.99 -9.47
C ALA C 908 15.21 -23.29 -10.02
N GLY C 909 14.54 -24.06 -9.17
CA GLY C 909 13.97 -25.33 -9.55
C GLY C 909 14.83 -26.53 -9.25
N ASP C 910 15.99 -26.34 -8.62
CA ASP C 910 16.88 -27.45 -8.32
C ASP C 910 16.36 -28.21 -7.10
N ILE C 911 16.56 -29.53 -7.11
CA ILE C 911 16.13 -30.39 -6.02
C ILE C 911 17.23 -30.41 -4.99
N MET C 912 16.95 -29.84 -3.81
CA MET C 912 17.94 -29.78 -2.74
C MET C 912 17.82 -30.95 -1.77
N VAL C 913 16.59 -31.32 -1.39
CA VAL C 913 16.34 -32.46 -0.52
C VAL C 913 15.41 -33.41 -1.25
N GLY C 914 15.89 -34.62 -1.54
CA GLY C 914 15.08 -35.60 -2.24
C GLY C 914 14.17 -36.36 -1.31
N LYS C 915 12.87 -36.16 -1.45
CA LYS C 915 11.87 -36.77 -0.58
C LYS C 915 10.82 -37.47 -1.43
N VAL C 916 10.48 -38.70 -1.07
CA VAL C 916 9.47 -39.48 -1.76
C VAL C 916 8.44 -39.96 -0.75
N THR C 917 7.20 -40.17 -1.22
CA THR C 917 6.11 -40.62 -0.37
C THR C 917 5.33 -41.71 -1.09
N PRO C 918 4.91 -42.77 -0.39
CA PRO C 918 4.18 -43.85 -1.06
C PRO C 918 2.69 -43.52 -1.17
N LYS C 919 2.18 -43.52 -2.40
CA LYS C 919 0.78 -43.22 -2.65
C LYS C 919 -0.12 -44.44 -2.56
N GLY C 920 0.46 -45.65 -2.44
CA GLY C 920 -0.33 -46.86 -2.34
C GLY C 920 -0.90 -47.31 -3.67
N THR C 925 -3.28 -56.25 -12.63
CA THR C 925 -2.40 -56.77 -13.68
C THR C 925 -1.31 -57.67 -13.11
N PRO C 926 -0.96 -58.73 -13.83
CA PRO C 926 0.13 -59.61 -13.35
C PRO C 926 1.51 -58.99 -13.49
N GLU C 927 1.67 -57.95 -14.32
CA GLU C 927 2.98 -57.33 -14.49
C GLU C 927 3.38 -56.56 -13.24
N GLU C 928 2.42 -55.90 -12.59
CA GLU C 928 2.71 -55.19 -11.34
C GLU C 928 3.06 -56.16 -10.22
N LYS C 929 2.38 -57.33 -10.19
CA LYS C 929 2.71 -58.34 -9.19
C LYS C 929 4.07 -58.96 -9.46
N LEU C 930 4.43 -59.14 -10.73
CA LEU C 930 5.75 -59.64 -11.08
C LEU C 930 6.85 -58.64 -10.73
N LEU C 931 6.58 -57.35 -10.93
CA LEU C 931 7.55 -56.32 -10.56
C LEU C 931 7.66 -56.17 -9.04
N ARG C 932 6.57 -56.38 -8.31
CA ARG C 932 6.63 -56.30 -6.85
C ARG C 932 7.30 -57.54 -6.26
N ALA C 933 7.20 -58.69 -6.93
CA ALA C 933 7.89 -59.88 -6.44
C ALA C 933 9.35 -59.92 -6.87
N ILE C 934 9.70 -59.24 -7.96
CA ILE C 934 11.09 -59.21 -8.41
C ILE C 934 11.92 -58.29 -7.53
N PHE C 935 11.32 -57.25 -6.96
CA PHE C 935 12.01 -56.29 -6.11
C PHE C 935 11.62 -56.51 -4.65
N GLY C 936 12.24 -55.74 -3.77
CA GLY C 936 11.99 -55.86 -2.34
C GLY C 936 10.91 -54.93 -1.83
N GLU C 937 9.72 -55.02 -2.44
CA GLU C 937 8.52 -54.25 -2.09
C GLU C 937 8.75 -52.73 -2.18
N LYS C 938 9.63 -52.31 -3.08
CA LYS C 938 9.90 -50.90 -3.32
C LYS C 938 10.00 -50.64 -4.83
N ALA C 939 9.10 -51.22 -5.59
CA ALA C 939 9.17 -51.15 -7.05
C ALA C 939 8.39 -49.97 -7.62
N SER C 940 7.17 -49.74 -7.16
CA SER C 940 6.33 -48.69 -7.72
C SER C 940 5.42 -48.16 -6.61
N ASP C 941 4.36 -47.45 -7.02
CA ASP C 941 3.37 -46.83 -6.12
C ASP C 941 4.02 -45.83 -5.18
N VAL C 942 4.73 -44.87 -5.76
CA VAL C 942 5.40 -43.81 -5.00
C VAL C 942 5.06 -42.47 -5.66
N LYS C 943 5.14 -41.40 -4.87
CA LYS C 943 4.82 -40.06 -5.33
C LYS C 943 6.00 -39.15 -5.08
N ASP C 944 6.34 -38.33 -6.07
CA ASP C 944 7.47 -37.42 -5.99
C ASP C 944 7.01 -36.11 -5.35
N SER C 945 7.55 -35.79 -4.17
CA SER C 945 7.28 -34.52 -3.50
C SER C 945 8.54 -34.14 -2.74
N SER C 946 9.39 -33.35 -3.38
CA SER C 946 10.69 -32.97 -2.85
C SER C 946 10.78 -31.46 -2.68
N LEU C 947 11.82 -31.03 -1.97
CA LEU C 947 12.04 -29.61 -1.74
C LEU C 947 12.78 -29.00 -2.93
N ARG C 948 12.24 -27.92 -3.47
CA ARG C 948 12.81 -27.23 -4.61
C ARG C 948 13.06 -25.76 -4.27
N VAL C 949 13.99 -25.16 -5.01
CA VAL C 949 14.32 -23.75 -4.81
C VAL C 949 13.28 -22.90 -5.54
N PRO C 950 12.67 -21.91 -4.86
CA PRO C 950 11.69 -21.02 -5.50
C PRO C 950 12.31 -20.09 -6.52
N MET C 953 16.21 -16.85 -7.26
CA MET C 953 16.82 -16.93 -5.94
C MET C 953 17.87 -18.03 -5.90
N ASP C 954 18.95 -17.85 -6.66
CA ASP C 954 20.03 -18.82 -6.73
C ASP C 954 21.18 -18.40 -5.81
N GLY C 955 21.79 -19.38 -5.16
CA GLY C 955 22.89 -19.09 -4.25
C GLY C 955 23.52 -20.38 -3.77
N THR C 956 24.46 -20.22 -2.85
CA THR C 956 25.17 -21.35 -2.28
C THR C 956 24.53 -21.80 -0.97
N VAL C 957 24.69 -23.09 -0.66
CA VAL C 957 24.18 -23.66 0.57
C VAL C 957 25.27 -23.57 1.63
N ILE C 958 24.99 -22.83 2.70
CA ILE C 958 26.00 -22.58 3.73
C ILE C 958 25.91 -23.53 4.92
N ASP C 959 24.74 -24.08 5.21
CA ASP C 959 24.57 -24.97 6.36
C ASP C 959 23.37 -25.87 6.13
N VAL C 960 23.54 -27.15 6.46
CA VAL C 960 22.47 -28.14 6.36
C VAL C 960 22.24 -28.69 7.77
N GLN C 961 21.08 -28.38 8.33
CA GLN C 961 20.71 -28.82 9.67
C GLN C 961 19.70 -29.95 9.57
N VAL C 962 20.00 -31.07 10.23
CA VAL C 962 19.17 -32.26 10.18
C VAL C 962 18.65 -32.55 11.58
N PHE C 963 17.33 -32.58 11.73
CA PHE C 963 16.67 -32.89 12.99
C PHE C 963 16.00 -34.26 12.88
N THR C 964 16.25 -35.12 13.87
CA THR C 964 15.68 -36.45 13.89
C THR C 964 15.02 -36.72 15.22
N ARG C 965 14.12 -37.69 15.23
CA ARG C 965 13.38 -38.08 16.43
C ARG C 965 13.97 -39.36 17.02
N ASP C 966 13.59 -39.63 18.26
CA ASP C 966 14.05 -40.83 18.93
C ASP C 966 13.35 -42.07 18.37
N GLY C 967 14.08 -43.19 18.37
CA GLY C 967 13.58 -44.42 17.82
C GLY C 967 13.77 -44.60 16.34
N ILE C 968 14.32 -43.60 15.64
CA ILE C 968 14.55 -43.65 14.21
C ILE C 968 16.05 -43.80 13.98
N GLU C 969 16.43 -44.70 13.07
CA GLU C 969 17.84 -44.92 12.78
C GLU C 969 18.42 -43.72 12.04
N LYS C 970 19.55 -43.24 12.52
CA LYS C 970 20.18 -42.06 11.93
C LYS C 970 20.84 -42.40 10.60
N ASP C 971 20.93 -41.40 9.74
CA ASP C 971 21.53 -41.53 8.43
C ASP C 971 23.05 -41.40 8.56
N LYS C 972 23.78 -41.87 7.55
CA LYS C 972 25.24 -41.78 7.54
C LYS C 972 25.72 -40.33 7.49
N ARG C 973 24.98 -39.45 6.82
CA ARG C 973 25.33 -38.04 6.83
C ARG C 973 25.03 -37.39 8.18
N ALA C 974 23.94 -37.82 8.84
CA ALA C 974 23.65 -37.36 10.19
C ALA C 974 24.72 -37.84 11.17
N ARG C 975 25.19 -39.08 10.99
CA ARG C 975 26.30 -39.57 11.80
C ARG C 975 27.59 -38.80 11.51
N GLN C 976 27.81 -38.43 10.25
CA GLN C 976 29.02 -37.70 9.88
C GLN C 976 29.02 -36.29 10.46
N ILE C 977 27.87 -35.60 10.40
CA ILE C 977 27.81 -34.27 11.00
C ILE C 977 27.80 -34.35 12.52
N GLU C 978 27.34 -35.48 13.10
CA GLU C 978 27.47 -35.65 14.55
C GLU C 978 28.94 -35.83 14.95
N GLU C 979 29.70 -36.60 14.17
CA GLU C 979 31.14 -36.70 14.40
C GLU C 979 31.82 -35.35 14.21
N ASN C 980 31.35 -34.55 13.26
CA ASN C 980 31.92 -33.22 13.04
C ASN C 980 31.64 -32.29 14.22
N GLU C 981 30.42 -32.34 14.78
CA GLU C 981 30.10 -31.49 15.94
C GLU C 981 30.85 -31.93 17.18
N ILE C 982 30.99 -33.24 17.40
CA ILE C 982 31.72 -33.66 18.61
C ILE C 982 33.21 -33.41 18.45
N LYS C 983 33.75 -33.48 17.22
CA LYS C 983 35.15 -33.12 17.01
C LYS C 983 35.37 -31.62 17.19
N ARG C 984 34.40 -30.81 16.79
CA ARG C 984 34.50 -29.36 16.96
C ARG C 984 34.44 -28.97 18.44
N VAL C 985 33.53 -29.59 19.21
CA VAL C 985 33.44 -29.22 20.62
C VAL C 985 34.62 -29.79 21.41
N LYS C 986 35.16 -30.95 20.99
CA LYS C 986 36.37 -31.46 21.63
C LYS C 986 37.57 -30.57 21.32
N LYS C 987 37.65 -30.05 20.09
CA LYS C 987 38.77 -29.20 19.70
C LYS C 987 38.72 -27.86 20.44
N ASP C 988 37.55 -27.21 20.48
CA ASP C 988 37.54 -25.90 21.14
C ASP C 988 37.55 -26.03 22.66
N PHE C 989 37.06 -27.15 23.22
CA PHE C 989 37.22 -27.38 24.65
C PHE C 989 38.68 -27.63 25.02
N ASP C 990 39.40 -28.38 24.17
CA ASP C 990 40.83 -28.60 24.41
C ASP C 990 41.62 -27.31 24.26
N ASP C 991 41.24 -26.45 23.30
CA ASP C 991 41.93 -25.17 23.14
C ASP C 991 41.66 -24.24 24.32
N GLN C 992 40.42 -24.22 24.81
CA GLN C 992 40.10 -23.38 25.97
C GLN C 992 40.79 -23.90 27.23
N PHE C 993 40.88 -25.22 27.40
CA PHE C 993 41.58 -25.78 28.54
C PHE C 993 43.09 -25.53 28.45
N ARG C 994 43.65 -25.55 27.23
CA ARG C 994 45.07 -25.26 27.06
C ARG C 994 45.37 -23.79 27.34
N ILE C 995 44.45 -22.90 26.94
CA ILE C 995 44.64 -21.47 27.22
C ILE C 995 44.51 -21.18 28.71
N LEU C 996 43.57 -21.85 29.38
CA LEU C 996 43.42 -21.67 30.82
C LEU C 996 44.60 -22.24 31.59
N GLU C 997 45.14 -23.38 31.15
CA GLU C 997 46.32 -23.96 31.77
C GLU C 997 47.56 -23.10 31.52
N ALA C 998 47.66 -22.47 30.35
CA ALA C 998 48.78 -21.57 30.08
C ALA C 998 48.68 -20.31 30.93
N ALA C 999 47.47 -19.79 31.14
CA ALA C 999 47.30 -18.63 32.01
C ALA C 999 47.61 -18.97 33.47
N ILE C 1000 47.19 -20.16 33.91
CA ILE C 1000 47.47 -20.58 35.29
C ILE C 1000 48.96 -20.83 35.49
N TYR C 1001 49.64 -21.38 34.47
CA TYR C 1001 51.08 -21.58 34.58
C TYR C 1001 51.84 -20.26 34.51
N ALA C 1002 51.33 -19.28 33.77
CA ALA C 1002 51.95 -17.96 33.76
C ALA C 1002 51.79 -17.26 35.10
N ARG C 1003 50.62 -17.40 35.73
CA ARG C 1003 50.42 -16.84 37.06
C ARG C 1003 51.28 -17.56 38.11
N LEU C 1004 51.46 -18.87 37.95
CA LEU C 1004 52.33 -19.62 38.86
C LEU C 1004 53.78 -19.23 38.68
N ARG C 1005 54.22 -19.01 37.43
CA ARG C 1005 55.59 -18.57 37.19
C ARG C 1005 55.82 -17.14 37.67
N SER C 1006 54.78 -16.31 37.64
CA SER C 1006 54.89 -14.97 38.22
C SER C 1006 54.80 -14.98 39.74
N GLN C 1007 54.27 -16.06 40.32
CA GLN C 1007 54.16 -16.15 41.77
C GLN C 1007 55.39 -16.74 42.45
N ILE C 1008 56.22 -17.49 41.73
CA ILE C 1008 57.37 -18.16 42.32
C ILE C 1008 58.65 -17.36 42.10
N VAL C 1009 58.54 -16.06 41.80
CA VAL C 1009 59.73 -15.25 41.60
C VAL C 1009 60.43 -14.96 42.93
N GLY C 1010 59.65 -14.59 43.94
CA GLY C 1010 60.21 -14.28 45.25
C GLY C 1010 60.61 -15.52 46.04
N ILE C 1052 50.78 -20.70 45.93
CA ILE C 1052 51.59 -21.82 45.45
C ILE C 1052 50.75 -23.09 45.40
N GLU C 1053 49.54 -23.02 45.94
CA GLU C 1053 48.66 -24.19 45.97
C GLU C 1053 47.29 -23.85 45.41
N ARG C 1054 46.88 -22.58 45.48
CA ARG C 1054 45.55 -22.19 45.04
C ARG C 1054 45.40 -22.23 43.53
N ALA C 1055 46.50 -22.06 42.80
CA ALA C 1055 46.46 -22.14 41.35
C ALA C 1055 46.18 -23.56 40.88
N GLN C 1056 46.72 -24.56 41.60
CA GLN C 1056 46.45 -25.95 41.25
C GLN C 1056 45.00 -26.33 41.53
N LYS C 1057 44.43 -25.82 42.62
CA LYS C 1057 43.03 -26.09 42.93
C LYS C 1057 42.11 -25.37 41.94
N GLN C 1058 42.50 -24.17 41.51
CA GLN C 1058 41.73 -23.46 40.49
C GLN C 1058 41.80 -24.18 39.15
N ILE C 1059 42.96 -24.75 38.82
CA ILE C 1059 43.10 -25.51 37.58
C ILE C 1059 42.29 -26.80 37.63
N GLN C 1060 42.24 -27.44 38.80
CA GLN C 1060 41.42 -28.64 38.96
C GLN C 1060 39.93 -28.32 38.87
N ALA C 1061 39.51 -27.18 39.45
CA ALA C 1061 38.12 -26.77 39.35
C ALA C 1061 37.75 -26.39 37.92
N HIS C 1062 38.67 -25.75 37.20
CA HIS C 1062 38.41 -25.41 35.80
C HIS C 1062 38.36 -26.66 34.93
N GLU C 1063 39.18 -27.67 35.24
CA GLU C 1063 39.13 -28.94 34.51
C GLU C 1063 37.83 -29.69 34.78
N LYS C 1064 37.37 -29.65 36.03
CA LYS C 1064 36.09 -30.30 36.36
C LYS C 1064 34.92 -29.57 35.71
N GLU C 1065 34.99 -28.23 35.65
CA GLU C 1065 33.94 -27.46 34.98
C GLU C 1065 33.94 -27.71 33.48
N PHE C 1066 35.12 -27.84 32.87
CA PHE C 1066 35.21 -28.13 31.45
C PHE C 1066 34.72 -29.54 31.13
N GLU C 1067 35.02 -30.49 32.02
CA GLU C 1067 34.52 -31.86 31.84
C GLU C 1067 33.01 -31.92 31.99
N ALA C 1068 32.44 -31.17 32.93
CA ALA C 1068 30.99 -31.14 33.10
C ALA C 1068 30.31 -30.45 31.92
N ARG C 1069 30.93 -29.39 31.39
CA ARG C 1069 30.36 -28.71 30.22
C ARG C 1069 30.45 -29.58 28.97
N PHE C 1070 31.54 -30.34 28.82
CA PHE C 1070 31.66 -31.25 27.69
C PHE C 1070 30.68 -32.40 27.79
N ALA C 1071 30.45 -32.91 29.01
CA ALA C 1071 29.46 -33.96 29.21
C ALA C 1071 28.05 -33.46 28.95
N ASP C 1072 27.76 -32.21 29.34
CA ASP C 1072 26.45 -31.61 29.08
C ASP C 1072 26.24 -31.41 27.57
N LYS C 1073 27.26 -30.93 26.87
CA LYS C 1073 27.14 -30.73 25.43
C LYS C 1073 27.01 -32.06 24.68
N ARG C 1074 27.75 -33.08 25.11
CA ARG C 1074 27.67 -34.39 24.46
C ARG C 1074 26.34 -35.05 24.73
N GLY C 1075 25.80 -34.92 25.94
CA GLY C 1075 24.47 -35.42 26.22
C GLY C 1075 23.36 -34.62 25.55
N LYS C 1076 23.62 -33.36 25.22
CA LYS C 1076 22.62 -32.55 24.53
C LYS C 1076 22.56 -32.84 23.05
N ILE C 1077 23.72 -33.02 22.39
CA ILE C 1077 23.73 -33.15 20.93
C ILE C 1077 23.64 -34.59 20.46
N THR C 1078 23.50 -35.56 21.36
CA THR C 1078 23.36 -36.95 20.95
C THR C 1078 21.92 -37.46 21.04
N GLN C 1079 21.02 -36.69 21.63
CA GLN C 1079 19.63 -37.11 21.78
C GLN C 1079 18.76 -36.47 20.71
N GLY C 1080 17.59 -37.07 20.50
CA GLY C 1080 16.67 -36.55 19.51
C GLY C 1080 15.99 -35.28 20.00
N ASP C 1081 15.85 -34.31 19.11
CA ASP C 1081 15.24 -33.04 19.43
C ASP C 1081 13.73 -33.18 19.54
N ASP C 1082 13.08 -32.09 19.96
CA ASP C 1082 11.62 -32.07 20.04
C ASP C 1082 11.02 -31.86 18.66
N LEU C 1083 9.98 -32.62 18.36
CA LEU C 1083 9.27 -32.54 17.10
C LEU C 1083 7.78 -32.57 17.34
N ALA C 1084 7.02 -32.29 16.30
CA ALA C 1084 5.56 -32.36 16.37
C ALA C 1084 5.13 -33.83 16.40
N PRO C 1085 3.93 -34.11 16.96
CA PRO C 1085 3.40 -35.48 16.84
C PRO C 1085 2.95 -35.79 15.43
N GLY C 1086 3.72 -36.60 14.72
CA GLY C 1086 3.39 -36.97 13.36
C GLY C 1086 4.54 -36.83 12.38
N VAL C 1087 5.64 -36.23 12.81
CA VAL C 1087 6.81 -36.03 11.96
C VAL C 1087 7.97 -36.84 12.53
N LEU C 1088 8.67 -37.56 11.65
CA LEU C 1088 9.80 -38.40 12.05
C LEU C 1088 11.15 -37.75 11.81
N LYS C 1089 11.25 -36.84 10.84
CA LYS C 1089 12.53 -36.24 10.48
C LYS C 1089 12.30 -34.86 9.90
N MET C 1090 13.20 -33.93 10.20
CA MET C 1090 13.14 -32.57 9.68
C MET C 1090 14.52 -32.17 9.17
N VAL C 1091 14.58 -31.65 7.95
CA VAL C 1091 15.82 -31.21 7.33
C VAL C 1091 15.68 -29.73 6.99
N LYS C 1092 16.50 -28.89 7.61
CA LYS C 1092 16.51 -27.46 7.36
C LYS C 1092 17.75 -27.09 6.57
N VAL C 1093 17.56 -26.41 5.44
CA VAL C 1093 18.63 -26.04 4.54
C VAL C 1093 18.75 -24.52 4.52
N PHE C 1094 19.95 -24.03 4.82
CA PHE C 1094 20.23 -22.59 4.79
C PHE C 1094 20.75 -22.22 3.40
N LEU C 1095 20.08 -21.28 2.75
CA LEU C 1095 20.45 -20.83 1.42
C LEU C 1095 20.79 -19.35 1.47
N ALA C 1096 22.03 -19.02 1.11
CA ALA C 1096 22.52 -17.64 1.16
C ALA C 1096 22.60 -17.10 -0.27
N VAL C 1097 21.82 -16.06 -0.55
CA VAL C 1097 21.81 -15.40 -1.86
C VAL C 1097 22.39 -14.00 -1.71
N LYS C 1098 23.31 -13.65 -2.60
CA LYS C 1098 23.94 -12.32 -2.63
C LYS C 1098 23.41 -11.60 -3.87
N ARG C 1099 22.46 -10.69 -3.66
CA ARG C 1099 21.80 -9.99 -4.75
C ARG C 1099 22.49 -8.65 -5.01
N ARG C 1100 22.60 -8.30 -6.29
CA ARG C 1100 23.19 -7.03 -6.70
C ARG C 1100 22.10 -5.97 -6.77
N ILE C 1101 22.43 -4.81 -7.34
CA ILE C 1101 21.48 -3.71 -7.50
C ILE C 1101 20.86 -3.80 -8.89
N GLN C 1102 19.55 -3.60 -8.96
CA GLN C 1102 18.79 -3.72 -10.19
C GLN C 1102 18.01 -2.44 -10.46
N PRO C 1103 17.75 -2.13 -11.73
CA PRO C 1103 16.88 -0.98 -12.04
C PRO C 1103 15.45 -1.26 -11.63
N GLY C 1104 14.92 -0.40 -10.75
CA GLY C 1104 13.60 -0.59 -10.16
C GLY C 1104 13.61 -0.75 -8.65
N ASP C 1105 14.78 -0.82 -8.03
CA ASP C 1105 14.86 -1.01 -6.59
C ASP C 1105 14.68 0.32 -5.88
N LYS C 1106 13.97 0.28 -4.75
CA LYS C 1106 13.70 1.49 -3.99
C LYS C 1106 14.90 1.86 -3.11
N MET C 1107 15.38 3.09 -3.26
CA MET C 1107 16.53 3.57 -2.51
C MET C 1107 16.25 4.99 -2.04
N ALA C 1108 16.26 5.19 -0.73
CA ALA C 1108 15.99 6.49 -0.13
C ALA C 1108 17.28 7.10 0.40
N GLY C 1109 17.24 8.41 0.59
CA GLY C 1109 18.36 9.15 1.14
C GLY C 1109 18.33 9.21 2.64
N ARG C 1110 18.82 10.33 3.17
CA ARG C 1110 18.89 10.52 4.62
C ARG C 1110 17.86 11.51 5.15
N HIS C 1111 17.36 12.42 4.32
CA HIS C 1111 16.42 13.43 4.74
C HIS C 1111 14.99 13.16 4.29
N GLY C 1112 14.72 11.96 3.79
CA GLY C 1112 13.38 11.58 3.40
C GLY C 1112 13.07 11.68 1.91
N ASN C 1113 14.08 11.71 1.05
CA ASN C 1113 13.88 11.79 -0.40
C ASN C 1113 14.02 10.38 -0.98
N LYS C 1114 12.92 9.64 -0.96
CA LYS C 1114 12.89 8.28 -1.49
C LYS C 1114 12.92 8.32 -3.02
N GLY C 1115 13.31 7.18 -3.61
CA GLY C 1115 13.39 7.09 -5.05
C GLY C 1115 13.50 5.67 -5.53
N VAL C 1116 13.33 5.52 -6.84
CA VAL C 1116 13.39 4.23 -7.52
C VAL C 1116 14.39 4.35 -8.66
N VAL C 1117 15.31 3.37 -8.75
CA VAL C 1117 16.34 3.38 -9.80
C VAL C 1117 15.69 3.20 -11.16
N SER C 1118 15.98 4.13 -12.07
CA SER C 1118 15.41 4.06 -13.42
C SER C 1118 16.19 3.08 -14.29
N ASN C 1119 17.48 3.35 -14.50
CA ASN C 1119 18.32 2.49 -15.33
C ASN C 1119 19.76 2.63 -14.88
N VAL C 1120 20.61 1.77 -15.42
CA VAL C 1120 22.05 1.77 -15.13
C VAL C 1120 22.77 2.33 -16.36
N VAL C 1121 23.53 3.40 -16.14
CA VAL C 1121 24.18 4.14 -17.23
C VAL C 1121 25.69 3.86 -17.14
N PRO C 1122 26.38 3.67 -18.27
CA PRO C 1122 27.84 3.51 -18.22
C PRO C 1122 28.54 4.79 -17.79
N VAL C 1123 29.83 4.64 -17.48
CA VAL C 1123 30.63 5.73 -16.93
C VAL C 1123 30.90 6.79 -18.00
N GLU C 1124 30.98 6.38 -19.26
CA GLU C 1124 31.31 7.31 -20.34
C GLU C 1124 30.19 8.30 -20.63
N ASP C 1125 28.95 8.00 -20.24
CA ASP C 1125 27.84 8.91 -20.44
C ASP C 1125 27.58 9.82 -19.25
N MET C 1126 28.17 9.52 -18.09
CA MET C 1126 27.95 10.34 -16.91
C MET C 1126 28.68 11.67 -17.03
N PRO C 1127 28.14 12.75 -16.46
CA PRO C 1127 28.83 14.03 -16.51
C PRO C 1127 30.07 14.04 -15.62
N TYR C 1128 31.14 14.65 -16.13
CA TYR C 1128 32.44 14.65 -15.48
C TYR C 1128 32.85 16.08 -15.13
N MET C 1129 33.69 16.21 -14.11
CA MET C 1129 34.17 17.50 -13.67
C MET C 1129 35.41 17.90 -14.48
N ALA C 1130 36.09 18.96 -14.06
CA ALA C 1130 37.27 19.42 -14.79
C ALA C 1130 38.47 18.51 -14.56
N THR C 1131 38.50 17.80 -13.44
CA THR C 1131 39.60 16.90 -13.13
C THR C 1131 39.41 15.49 -13.69
N GLY C 1132 38.20 15.15 -14.11
CA GLY C 1132 37.92 13.83 -14.68
C GLY C 1132 37.13 12.91 -13.78
N GLU C 1133 36.68 13.38 -12.62
CA GLU C 1133 35.89 12.54 -11.71
C GLU C 1133 34.45 12.48 -12.18
N SER C 1134 33.96 11.28 -12.45
CA SER C 1134 32.59 11.09 -12.94
C SER C 1134 31.62 11.04 -11.77
N VAL C 1135 30.49 11.72 -11.93
CA VAL C 1135 29.45 11.75 -10.92
C VAL C 1135 28.67 10.43 -10.97
N ASP C 1136 28.45 9.83 -9.80
CA ASP C 1136 27.77 8.54 -9.75
C ASP C 1136 26.26 8.69 -9.84
N ILE C 1137 25.69 9.56 -9.01
CA ILE C 1137 24.24 9.74 -8.91
C ILE C 1137 23.88 11.13 -9.39
N VAL C 1138 22.88 11.22 -10.27
CA VAL C 1138 22.38 12.49 -10.77
C VAL C 1138 20.97 12.63 -10.25
N LEU C 1139 20.78 13.50 -9.26
CA LEU C 1139 19.47 13.70 -8.65
C LEU C 1139 18.71 14.82 -9.35
N ASN C 1140 17.46 15.01 -8.92
CA ASN C 1140 16.60 16.02 -9.50
C ASN C 1140 16.46 17.18 -8.52
N PRO C 1141 16.77 18.41 -8.91
CA PRO C 1141 16.64 19.55 -8.00
C PRO C 1141 15.22 20.12 -7.90
N LEU C 1142 14.26 19.54 -8.61
CA LEU C 1142 12.89 20.06 -8.59
C LEU C 1142 12.16 19.71 -7.30
N GLY C 1143 12.61 18.70 -6.57
CA GLY C 1143 11.96 18.34 -5.31
C GLY C 1143 12.29 19.25 -4.15
N VAL C 1144 13.34 20.05 -4.27
CA VAL C 1144 13.81 20.94 -3.20
C VAL C 1144 12.81 22.08 -2.91
N PRO C 1145 12.29 22.86 -3.89
CA PRO C 1145 11.29 23.87 -3.49
C PRO C 1145 9.91 23.30 -3.22
N SER C 1146 9.62 22.08 -3.67
CA SER C 1146 8.30 21.50 -3.44
C SER C 1146 8.20 20.86 -2.06
N ARG C 1147 9.20 20.05 -1.69
CA ARG C 1147 9.19 19.38 -0.39
C ARG C 1147 9.74 20.25 0.73
N MET C 1148 10.41 21.36 0.39
CA MET C 1148 10.85 22.40 1.32
C MET C 1148 11.82 21.87 2.38
N ASN C 1149 12.85 21.17 1.93
CA ASN C 1149 13.97 20.78 2.78
C ASN C 1149 15.27 21.16 2.08
N ILE C 1150 16.17 21.79 2.83
CA ILE C 1150 17.44 22.24 2.27
C ILE C 1150 18.59 21.80 3.15
N GLY C 1151 18.33 20.83 4.03
CA GLY C 1151 19.41 20.25 4.81
C GLY C 1151 20.30 19.34 3.98
N GLN C 1152 19.74 18.76 2.91
CA GLN C 1152 20.52 17.89 2.04
C GLN C 1152 21.55 18.66 1.23
N ILE C 1153 21.28 19.94 0.93
CA ILE C 1153 22.25 20.77 0.23
C ILE C 1153 23.45 21.06 1.12
N LEU C 1154 23.19 21.36 2.40
CA LEU C 1154 24.28 21.57 3.35
C LEU C 1154 25.04 20.29 3.63
N GLU C 1155 24.34 19.14 3.62
CA GLU C 1155 25.01 17.86 3.77
C GLU C 1155 25.90 17.56 2.56
N VAL C 1156 25.44 17.92 1.36
CA VAL C 1156 26.23 17.76 0.15
C VAL C 1156 27.48 18.66 0.19
N HIS C 1157 27.33 19.89 0.66
CA HIS C 1157 28.47 20.80 0.75
C HIS C 1157 29.48 20.34 1.80
N LEU C 1158 29.00 19.85 2.94
CA LEU C 1158 29.90 19.33 3.97
C LEU C 1158 30.59 18.04 3.53
N GLY C 1159 29.89 17.19 2.78
CA GLY C 1159 30.53 15.99 2.25
C GLY C 1159 31.56 16.32 1.18
N TRP C 1160 31.32 17.37 0.40
CA TRP C 1160 32.29 17.84 -0.58
C TRP C 1160 33.54 18.39 0.10
N ALA C 1161 33.35 19.15 1.18
CA ALA C 1161 34.48 19.65 1.95
C ALA C 1161 35.25 18.52 2.63
N ALA C 1162 34.53 17.50 3.11
CA ALA C 1162 35.18 16.36 3.75
C ALA C 1162 35.98 15.53 2.75
N LYS C 1163 35.44 15.34 1.54
CA LYS C 1163 36.18 14.63 0.50
C LYS C 1163 37.38 15.43 0.02
N GLY C 1164 37.26 16.76 -0.02
CA GLY C 1164 38.41 17.59 -0.36
C GLY C 1164 39.50 17.52 0.70
N LEU C 1165 39.12 17.49 1.97
CA LEU C 1165 40.10 17.35 3.05
C LEU C 1165 40.75 15.98 3.02
N GLY C 1166 39.98 14.93 2.71
CA GLY C 1166 40.57 13.60 2.58
C GLY C 1166 41.52 13.47 1.42
N ARG C 1167 41.18 14.10 0.28
CA ARG C 1167 42.08 14.12 -0.86
C ARG C 1167 43.34 14.92 -0.57
N LYS C 1168 43.22 16.02 0.19
CA LYS C 1168 44.40 16.79 0.56
C LYS C 1168 45.30 16.02 1.52
N ILE C 1169 44.70 15.26 2.44
CA ILE C 1169 45.47 14.43 3.36
C ILE C 1169 46.17 13.30 2.60
N GLN C 1170 45.49 12.71 1.62
CA GLN C 1170 46.10 11.67 0.80
C GLN C 1170 47.23 12.22 -0.07
N ARG C 1171 47.07 13.44 -0.59
CA ARG C 1171 48.13 14.06 -1.37
C ARG C 1171 49.32 14.47 -0.49
N MET C 1172 49.05 14.81 0.77
CA MET C 1172 50.15 15.13 1.69
C MET C 1172 50.91 13.88 2.09
N LEU C 1173 50.20 12.78 2.36
CA LEU C 1173 50.83 11.54 2.79
C LEU C 1173 51.35 10.69 1.63
N GLU C 1174 51.04 11.07 0.39
CA GLU C 1174 51.58 10.31 -0.75
C GLU C 1174 53.06 10.55 -0.93
N ALA C 1175 53.50 11.80 -0.84
CA ALA C 1175 54.91 12.13 -0.96
C ALA C 1175 55.58 12.07 0.41
N GLN C 1176 56.90 12.23 0.40
CA GLN C 1176 57.69 12.20 1.63
C GLN C 1176 57.48 13.52 2.37
N ALA C 1177 56.56 13.53 3.32
CA ALA C 1177 56.24 14.72 4.09
C ALA C 1177 56.68 14.53 5.55
N ALA C 1178 56.76 15.64 6.25
CA ALA C 1178 57.19 15.63 7.65
C ALA C 1178 55.99 15.48 8.58
N VAL C 1179 56.28 15.26 9.86
CA VAL C 1179 55.23 15.08 10.85
C VAL C 1179 54.65 16.43 11.26
N SER C 1180 55.46 17.50 11.20
CA SER C 1180 55.00 18.82 11.62
C SER C 1180 53.96 19.40 10.67
N GLU C 1181 54.08 19.10 9.37
CA GLU C 1181 53.09 19.58 8.40
C GLU C 1181 51.74 18.90 8.62
N LEU C 1182 51.75 17.59 8.88
CA LEU C 1182 50.51 16.88 9.18
C LEU C 1182 49.92 17.33 10.51
N ARG C 1183 50.80 17.65 11.49
CA ARG C 1183 50.33 18.12 12.79
C ARG C 1183 49.66 19.48 12.68
N LYS C 1184 50.27 20.41 11.93
CA LYS C 1184 49.66 21.73 11.79
C LYS C 1184 48.43 21.68 10.88
N PHE C 1185 48.37 20.73 9.94
CA PHE C 1185 47.17 20.58 9.12
C PHE C 1185 46.01 20.02 9.94
N LEU C 1186 46.28 19.04 10.80
CA LEU C 1186 45.23 18.52 11.70
C LEU C 1186 44.81 19.56 12.73
N ASP C 1187 45.75 20.40 13.19
CA ASP C 1187 45.40 21.47 14.11
C ASP C 1187 44.61 22.57 13.41
N ASP C 1188 44.79 22.75 12.10
CA ASP C 1188 44.00 23.71 11.36
C ASP C 1188 42.60 23.18 11.06
N ILE C 1189 42.47 21.89 10.76
CA ILE C 1189 41.16 21.36 10.39
C ILE C 1189 40.34 20.87 11.59
N TYR C 1190 40.94 20.72 12.76
CA TYR C 1190 40.17 20.26 13.92
C TYR C 1190 39.52 21.40 14.69
N ASN C 1191 40.30 22.40 15.08
CA ASN C 1191 39.78 23.52 15.85
C ASN C 1191 40.26 24.85 15.26
N HIS C 1192 39.40 25.86 15.35
CA HIS C 1192 39.71 27.20 14.87
C HIS C 1192 39.26 28.20 15.92
N ASP C 1193 40.19 29.02 16.39
CA ASP C 1193 39.90 30.02 17.42
C ASP C 1193 40.86 31.19 17.34
N GLN C 1199 35.50 20.31 19.77
CA GLN C 1199 35.80 21.63 20.32
C GLN C 1199 37.31 21.86 20.35
N ARG C 1200 38.00 21.16 21.24
CA ARG C 1200 39.45 21.25 21.37
C ARG C 1200 40.03 19.85 21.41
N VAL C 1201 40.81 19.50 20.40
CA VAL C 1201 41.46 18.19 20.31
C VAL C 1201 42.97 18.42 20.24
N ASP C 1202 43.69 17.89 21.22
CA ASP C 1202 45.14 18.04 21.25
C ASP C 1202 45.80 17.00 20.35
N LEU C 1203 46.81 17.43 19.61
CA LEU C 1203 47.49 16.57 18.65
C LEU C 1203 48.85 16.07 19.14
N SER C 1204 49.39 16.67 20.19
CA SER C 1204 50.70 16.30 20.72
C SER C 1204 50.59 15.35 21.91
N GLN C 1205 49.60 14.47 21.90
CA GLN C 1205 49.31 13.60 23.03
C GLN C 1205 49.58 12.12 22.78
N PHE C 1206 49.19 11.59 21.61
CA PHE C 1206 49.17 10.13 21.47
C PHE C 1206 50.56 9.58 21.16
N SER C 1207 51.06 9.87 19.94
CA SER C 1207 52.29 9.29 19.39
C SER C 1207 52.57 9.88 18.01
N ASP C 1208 53.69 9.48 17.41
CA ASP C 1208 53.90 9.74 15.99
C ASP C 1208 53.31 8.62 15.15
N GLU C 1209 53.44 7.36 15.61
CA GLU C 1209 52.87 6.23 14.90
C GLU C 1209 51.35 6.24 14.99
N GLU C 1210 50.80 6.69 16.12
CA GLU C 1210 49.35 6.84 16.23
C GLU C 1210 48.84 7.97 15.33
N LEU C 1211 49.67 9.01 15.13
CA LEU C 1211 49.30 10.07 14.19
C LEU C 1211 49.33 9.57 12.76
N LEU C 1212 50.29 8.70 12.44
CA LEU C 1212 50.33 8.10 11.10
C LEU C 1212 49.16 7.15 10.89
N ASN C 1213 48.74 6.44 11.95
CA ASN C 1213 47.57 5.57 11.86
C ASN C 1213 46.29 6.39 11.70
N LEU C 1214 46.22 7.55 12.37
CA LEU C 1214 45.08 8.44 12.19
C LEU C 1214 45.03 9.02 10.79
N GLY C 1215 46.21 9.36 10.23
CA GLY C 1215 46.26 9.85 8.87
C GLY C 1215 45.93 8.78 7.84
N LYS C 1216 46.26 7.52 8.15
CA LYS C 1216 45.85 6.43 7.26
C LYS C 1216 44.37 6.12 7.39
N ASN C 1217 43.79 6.35 8.57
CA ASN C 1217 42.34 6.16 8.75
C ASN C 1217 41.54 7.29 8.13
N LEU C 1218 42.12 8.49 8.02
CA LEU C 1218 41.45 9.63 7.42
C LEU C 1218 41.74 9.77 5.93
N ILE C 1219 42.22 8.70 5.28
CA ILE C 1219 42.52 8.77 3.85
C ILE C 1219 41.26 8.66 3.00
N ASP C 1220 40.15 8.18 3.57
CA ASP C 1220 38.89 8.09 2.86
C ASP C 1220 38.00 9.31 3.04
N GLY C 1221 38.27 10.11 4.06
CA GLY C 1221 37.48 11.30 4.33
C GLY C 1221 37.51 11.67 5.80
N VAL C 1222 37.39 12.96 6.11
CA VAL C 1222 37.39 13.45 7.47
C VAL C 1222 35.93 13.59 7.91
N PRO C 1223 35.44 12.75 8.82
CA PRO C 1223 34.03 12.84 9.21
C PRO C 1223 33.78 14.05 10.11
N MET C 1224 32.63 14.69 9.88
CA MET C 1224 32.23 15.87 10.63
C MET C 1224 31.05 15.53 11.52
N ALA C 1225 31.00 16.16 12.69
CA ALA C 1225 29.93 15.96 13.66
C ALA C 1225 29.07 17.21 13.71
N THR C 1226 27.79 17.07 13.36
CA THR C 1226 26.85 18.18 13.37
C THR C 1226 25.75 17.89 14.38
N PRO C 1227 25.62 18.69 15.43
CA PRO C 1227 24.53 18.45 16.41
C PRO C 1227 23.17 18.74 15.81
N VAL C 1228 22.14 18.22 16.47
CA VAL C 1228 20.81 18.19 15.88
C VAL C 1228 20.11 19.55 15.95
N PHE C 1229 20.50 20.43 16.87
CA PHE C 1229 19.85 21.74 16.94
C PHE C 1229 20.82 22.87 17.23
N ASP C 1230 22.13 22.67 17.04
CA ASP C 1230 23.10 23.73 17.25
C ASP C 1230 24.30 23.49 16.35
N GLY C 1231 25.08 24.54 16.14
CA GLY C 1231 26.29 24.46 15.35
C GLY C 1231 26.03 24.36 13.87
N ALA C 1232 27.13 24.23 13.12
CA ALA C 1232 27.17 24.08 11.66
C ALA C 1232 26.49 25.25 10.96
N SER C 1233 27.06 26.44 11.15
CA SER C 1233 26.58 27.64 10.49
C SER C 1233 27.12 27.70 9.06
N GLU C 1234 26.74 28.75 8.33
CA GLU C 1234 27.20 28.90 6.95
C GLU C 1234 28.67 29.30 6.90
N ALA C 1235 29.14 30.07 7.89
CA ALA C 1235 30.53 30.52 7.89
C ALA C 1235 31.49 29.37 8.15
N GLU C 1236 31.09 28.41 8.99
CA GLU C 1236 31.95 27.26 9.26
C GLU C 1236 32.05 26.34 8.04
N ILE C 1237 30.94 26.13 7.33
CA ILE C 1237 30.95 25.32 6.12
C ILE C 1237 31.75 26.02 5.02
N LYS C 1238 31.63 27.35 4.92
CA LYS C 1238 32.43 28.10 3.95
C LYS C 1238 33.91 28.08 4.30
N ARG C 1239 34.26 28.07 5.59
CA ARG C 1239 35.66 27.99 5.99
C ARG C 1239 36.24 26.61 5.70
N MET C 1240 35.47 25.55 5.96
CA MET C 1240 35.94 24.20 5.64
C MET C 1240 36.01 23.96 4.13
N LEU C 1241 35.19 24.68 3.35
CA LEU C 1241 35.31 24.62 1.90
C LEU C 1241 36.53 25.39 1.42
N GLU C 1242 36.80 26.55 2.02
CA GLU C 1242 37.91 27.40 1.61
C GLU C 1242 39.25 26.92 2.13
N LEU C 1243 39.28 25.95 3.05
CA LEU C 1243 40.54 25.45 3.56
C LEU C 1243 41.28 24.63 2.51
N ALA C 1244 40.55 23.89 1.67
CA ALA C 1244 41.12 23.10 0.60
C ALA C 1244 41.07 23.88 -0.70
N ASP C 1245 41.40 23.22 -1.81
CA ASP C 1245 41.36 23.84 -3.13
C ASP C 1245 39.97 23.64 -3.76
N LEU C 1246 38.97 24.16 -3.06
CA LEU C 1246 37.56 24.00 -3.38
C LEU C 1246 36.89 25.36 -3.50
N PRO C 1247 35.86 25.50 -4.34
CA PRO C 1247 35.19 26.80 -4.47
C PRO C 1247 34.38 27.15 -3.23
N GLN C 1248 34.07 28.45 -3.11
CA GLN C 1248 33.38 28.96 -1.93
C GLN C 1248 31.90 28.61 -1.94
N SER C 1249 31.23 28.80 -3.07
CA SER C 1249 29.80 28.58 -3.17
C SER C 1249 29.43 27.10 -3.25
N GLY C 1250 30.40 26.22 -3.46
CA GLY C 1250 30.11 24.81 -3.59
C GLY C 1250 29.58 24.39 -4.94
N GLN C 1251 29.57 25.28 -5.92
CA GLN C 1251 29.07 25.00 -7.25
C GLN C 1251 30.22 25.12 -8.24
N THR C 1252 30.57 24.01 -8.87
CA THR C 1252 31.60 23.99 -9.91
C THR C 1252 30.97 23.61 -11.24
N GLN C 1253 31.65 23.99 -12.31
CA GLN C 1253 31.17 23.73 -13.67
C GLN C 1253 31.66 22.38 -14.14
N LEU C 1254 30.72 21.48 -14.42
CA LEU C 1254 31.03 20.16 -14.92
C LEU C 1254 30.57 20.02 -16.38
N TYR C 1255 31.30 19.19 -17.13
CA TYR C 1255 31.03 18.97 -18.54
C TYR C 1255 30.19 17.71 -18.73
N ASP C 1256 29.43 17.69 -19.83
CA ASP C 1256 28.63 16.52 -20.15
C ASP C 1256 29.50 15.45 -20.76
N GLY C 1257 29.25 14.20 -20.35
CA GLY C 1257 30.02 13.08 -20.88
C GLY C 1257 29.54 12.56 -22.20
N ARG C 1258 28.34 12.95 -22.63
CA ARG C 1258 27.79 12.42 -23.88
C ARG C 1258 28.30 13.17 -25.10
N THR C 1259 28.33 14.51 -25.04
CA THR C 1259 28.78 15.31 -26.17
C THR C 1259 30.08 16.05 -25.93
N GLY C 1260 30.57 16.11 -24.70
CA GLY C 1260 31.80 16.79 -24.40
C GLY C 1260 31.67 18.30 -24.22
N GLU C 1261 30.47 18.85 -24.34
CA GLU C 1261 30.27 20.28 -24.20
C GLU C 1261 30.09 20.66 -22.73
N ALA C 1262 30.09 21.95 -22.47
CA ALA C 1262 29.94 22.48 -21.12
C ALA C 1262 28.52 22.95 -20.88
N PHE C 1263 28.05 22.78 -19.65
CA PHE C 1263 26.72 23.23 -19.28
C PHE C 1263 26.72 24.74 -19.07
N ASP C 1264 25.52 25.32 -19.03
CA ASP C 1264 25.40 26.77 -18.92
C ASP C 1264 25.68 27.27 -17.50
N ARG C 1265 25.24 26.52 -16.50
CA ARG C 1265 25.39 26.92 -15.11
C ARG C 1265 26.25 25.90 -14.36
N LYS C 1266 26.63 26.26 -13.14
CA LYS C 1266 27.38 25.39 -12.26
C LYS C 1266 26.42 24.67 -11.31
N THR C 1267 26.64 23.37 -11.12
CA THR C 1267 25.79 22.55 -10.29
C THR C 1267 26.47 22.23 -8.97
N THR C 1268 25.66 21.83 -7.99
CA THR C 1268 26.17 21.46 -6.68
C THR C 1268 26.66 20.02 -6.70
N VAL C 1269 27.95 19.83 -6.44
CA VAL C 1269 28.58 18.51 -6.44
C VAL C 1269 29.05 18.22 -5.02
N GLY C 1270 28.81 17.01 -4.55
CA GLY C 1270 29.27 16.64 -3.22
C GLY C 1270 28.91 15.21 -2.89
N TYR C 1271 29.34 14.79 -1.71
CA TYR C 1271 29.12 13.44 -1.22
C TYR C 1271 27.98 13.44 -0.22
N MET C 1272 26.96 12.63 -0.48
CA MET C 1272 25.80 12.50 0.40
C MET C 1272 25.71 11.05 0.87
N HIS C 1273 25.41 10.88 2.15
CA HIS C 1273 25.27 9.55 2.74
C HIS C 1273 23.98 8.93 2.26
N TYR C 1274 24.07 8.11 1.21
CA TYR C 1274 22.91 7.50 0.57
C TYR C 1274 22.86 6.03 0.93
N LEU C 1275 21.68 5.55 1.27
CA LEU C 1275 21.48 4.18 1.72
C LEU C 1275 20.48 3.47 0.82
N LYS C 1276 20.29 2.17 1.06
CA LYS C 1276 19.42 1.32 0.27
C LYS C 1276 18.34 0.72 1.17
N LEU C 1277 17.10 0.80 0.73
CA LEU C 1277 15.98 0.29 1.52
C LEU C 1277 15.83 -1.21 1.32
N ASN C 1278 14.85 -1.79 2.02
CA ASN C 1278 14.60 -3.23 1.97
C ASN C 1278 13.55 -3.62 0.94
N HIS C 1279 12.83 -2.65 0.37
CA HIS C 1279 11.80 -2.93 -0.63
C HIS C 1279 12.48 -3.27 -1.94
N LEU C 1280 12.68 -4.56 -2.19
CA LEU C 1280 13.38 -5.03 -3.38
C LEU C 1280 12.40 -5.16 -4.55
N VAL C 1281 12.97 -5.33 -5.75
CA VAL C 1281 12.16 -5.50 -6.94
C VAL C 1281 11.76 -6.96 -7.16
N ASP C 1282 12.49 -7.91 -6.55
CA ASP C 1282 12.14 -9.32 -6.70
C ASP C 1282 10.95 -9.70 -5.82
N ASP C 1283 10.76 -9.02 -4.70
CA ASP C 1283 9.66 -9.33 -3.81
C ASP C 1283 8.32 -8.83 -4.34
N LYS C 1284 8.34 -7.77 -5.16
CA LYS C 1284 7.11 -7.14 -5.62
C LYS C 1284 6.71 -7.54 -7.03
N MET C 1285 7.64 -8.03 -7.85
CA MET C 1285 7.33 -8.41 -9.23
C MET C 1285 6.89 -9.86 -9.25
N HIS C 1286 5.63 -10.09 -9.62
CA HIS C 1286 5.11 -11.44 -9.78
C HIS C 1286 3.94 -11.40 -10.76
N ALA C 1287 3.71 -12.53 -11.45
CA ALA C 1287 2.62 -12.65 -12.40
C ALA C 1287 2.21 -14.11 -12.49
N ARG C 1288 1.04 -14.34 -13.07
CA ARG C 1288 0.53 -15.69 -13.22
C ARG C 1288 -0.42 -15.74 -14.41
N SER C 1289 -0.55 -16.94 -14.99
CA SER C 1289 -1.52 -17.20 -16.04
C SER C 1289 -2.69 -18.04 -15.55
N THR C 1290 -2.42 -19.20 -14.94
CA THR C 1290 -3.45 -20.03 -14.35
C THR C 1290 -2.83 -20.79 -13.19
N GLY C 1291 -3.38 -20.62 -11.99
CA GLY C 1291 -2.89 -21.30 -10.82
C GLY C 1291 -3.99 -22.06 -10.10
N PRO C 1292 -3.87 -22.21 -8.79
CA PRO C 1292 -4.90 -22.92 -8.02
C PRO C 1292 -6.11 -22.03 -7.76
N TYR C 1293 -7.22 -22.69 -7.43
CA TYR C 1293 -8.48 -22.01 -7.17
C TYR C 1293 -9.03 -22.47 -5.83
N SER C 1294 -9.82 -21.60 -5.20
CA SER C 1294 -10.44 -21.94 -3.94
C SER C 1294 -11.64 -22.87 -4.15
N LEU C 1295 -12.04 -23.54 -3.06
CA LEU C 1295 -13.15 -24.48 -3.12
C LEU C 1295 -14.44 -23.93 -2.54
N VAL C 1296 -14.38 -22.89 -1.70
CA VAL C 1296 -15.59 -22.24 -1.24
C VAL C 1296 -16.25 -21.47 -2.38
N THR C 1297 -15.46 -20.69 -3.11
CA THR C 1297 -15.89 -20.07 -4.35
C THR C 1297 -14.81 -20.31 -5.41
N GLN C 1298 -15.26 -20.46 -6.66
CA GLN C 1298 -14.34 -20.76 -7.76
C GLN C 1298 -13.67 -19.47 -8.21
N GLN C 1299 -12.64 -19.08 -7.47
CA GLN C 1299 -11.87 -17.88 -7.72
C GLN C 1299 -10.40 -18.16 -7.42
N PRO C 1300 -9.48 -17.48 -8.09
CA PRO C 1300 -8.06 -17.64 -7.77
C PRO C 1300 -7.71 -17.10 -6.38
N LEU C 1301 -6.54 -17.49 -5.90
CA LEU C 1301 -6.09 -17.12 -4.57
C LEU C 1301 -5.46 -15.72 -4.61
N GLY C 1302 -4.85 -15.32 -3.49
CA GLY C 1302 -4.22 -14.03 -3.41
C GLY C 1302 -2.85 -14.12 -2.77
N GLY C 1303 -2.04 -13.11 -3.04
CA GLY C 1303 -0.69 -13.03 -2.51
C GLY C 1303 0.36 -13.49 -3.51
N LYS C 1304 1.60 -13.10 -3.23
CA LYS C 1304 2.72 -13.55 -4.07
C LYS C 1304 2.97 -15.05 -3.91
N ALA C 1305 2.76 -15.57 -2.70
CA ALA C 1305 2.83 -17.00 -2.49
C ALA C 1305 1.61 -17.69 -3.11
N GLN C 1306 1.76 -19.01 -3.33
CA GLN C 1306 0.76 -19.95 -3.88
C GLN C 1306 0.13 -19.49 -5.20
N PHE C 1307 0.82 -18.62 -5.94
CA PHE C 1307 0.41 -18.09 -7.26
C PHE C 1307 -0.97 -17.44 -7.19
N GLY C 1308 -1.07 -16.37 -6.42
CA GLY C 1308 -2.31 -15.65 -6.29
C GLY C 1308 -2.50 -14.60 -7.36
N GLY C 1309 -3.76 -14.39 -7.75
CA GLY C 1309 -4.09 -13.40 -8.75
C GLY C 1309 -4.39 -12.05 -8.14
N GLN C 1310 -4.30 -11.01 -8.98
CA GLN C 1310 -4.58 -9.65 -8.53
C GLN C 1310 -6.08 -9.43 -8.42
N ARG C 1311 -6.49 -8.80 -7.32
CA ARG C 1311 -7.90 -8.55 -7.08
C ARG C 1311 -8.39 -7.41 -7.95
N PHE C 1312 -9.31 -7.71 -8.86
CA PHE C 1312 -9.94 -6.70 -9.69
C PHE C 1312 -11.01 -6.01 -8.83
N GLY C 1313 -10.68 -4.83 -8.31
CA GLY C 1313 -11.52 -4.16 -7.34
C GLY C 1313 -12.78 -3.58 -7.93
N GLU C 1314 -13.58 -2.96 -7.05
CA GLU C 1314 -14.85 -2.39 -7.46
C GLU C 1314 -14.67 -1.07 -8.21
N MET C 1315 -13.64 -0.29 -7.87
CA MET C 1315 -13.40 0.96 -8.56
C MET C 1315 -12.90 0.73 -9.99
N GLU C 1316 -12.16 -0.34 -10.22
CA GLU C 1316 -11.77 -0.70 -11.58
C GLU C 1316 -12.98 -1.14 -12.41
N VAL C 1317 -13.94 -1.81 -11.78
CA VAL C 1317 -15.18 -2.17 -12.47
C VAL C 1317 -16.00 -0.92 -12.77
N TRP C 1318 -15.96 0.06 -11.86
CA TRP C 1318 -16.63 1.35 -12.11
C TRP C 1318 -15.98 2.08 -13.27
N ALA C 1319 -14.65 2.02 -13.37
CA ALA C 1319 -13.95 2.67 -14.47
C ALA C 1319 -14.24 1.97 -15.80
N LEU C 1320 -14.31 0.64 -15.80
CA LEU C 1320 -14.64 -0.05 -17.04
C LEU C 1320 -16.10 0.13 -17.44
N GLU C 1321 -16.99 0.30 -16.47
CA GLU C 1321 -18.37 0.66 -16.80
C GLU C 1321 -18.47 2.10 -17.29
N ALA C 1322 -17.58 2.97 -16.82
CA ALA C 1322 -17.50 4.33 -17.35
C ALA C 1322 -16.96 4.34 -18.77
N TYR C 1323 -16.11 3.38 -19.11
CA TYR C 1323 -15.65 3.23 -20.49
C TYR C 1323 -16.73 2.67 -21.42
N GLY C 1324 -17.79 2.10 -20.86
CA GLY C 1324 -18.70 1.27 -21.64
C GLY C 1324 -18.30 -0.18 -21.41
N ALA C 1325 -17.67 -0.78 -22.43
CA ALA C 1325 -16.86 -2.00 -22.31
C ALA C 1325 -17.67 -3.19 -21.76
N ALA C 1326 -18.68 -3.60 -22.51
CA ALA C 1326 -19.50 -4.72 -22.09
C ALA C 1326 -18.76 -6.03 -22.25
N TYR C 1327 -18.14 -6.25 -23.41
CA TYR C 1327 -17.43 -7.50 -23.67
C TYR C 1327 -16.12 -7.60 -22.89
N THR C 1328 -15.51 -6.48 -22.52
CA THR C 1328 -14.32 -6.53 -21.69
C THR C 1328 -14.66 -6.85 -20.24
N LEU C 1329 -15.77 -6.31 -19.73
CA LEU C 1329 -16.18 -6.58 -18.36
C LEU C 1329 -16.82 -7.96 -18.21
N GLN C 1330 -17.42 -8.48 -19.28
CA GLN C 1330 -18.02 -9.81 -19.22
C GLN C 1330 -16.95 -10.90 -19.17
N GLU C 1331 -15.88 -10.72 -19.94
CA GLU C 1331 -14.79 -11.69 -19.98
C GLU C 1331 -13.80 -11.53 -18.83
N MET C 1332 -14.02 -10.57 -17.94
CA MET C 1332 -13.11 -10.32 -16.83
C MET C 1332 -13.55 -10.99 -15.54
N LEU C 1333 -14.84 -10.97 -15.22
CA LEU C 1333 -15.33 -11.48 -13.96
C LEU C 1333 -16.16 -12.74 -14.10
N THR C 1334 -16.42 -13.21 -15.32
CA THR C 1334 -17.12 -14.47 -15.54
C THR C 1334 -16.22 -15.52 -16.17
N VAL C 1335 -15.60 -15.21 -17.31
CA VAL C 1335 -14.86 -16.22 -18.07
C VAL C 1335 -13.53 -16.53 -17.42
N LYS C 1336 -12.75 -15.49 -17.07
CA LYS C 1336 -11.40 -15.70 -16.58
C LYS C 1336 -11.38 -16.18 -15.13
N SER C 1337 -12.32 -15.74 -14.31
CA SER C 1337 -12.24 -15.96 -12.87
C SER C 1337 -13.26 -16.95 -12.35
N ASP C 1338 -14.56 -16.74 -12.61
CA ASP C 1338 -15.61 -17.40 -11.85
C ASP C 1338 -16.05 -18.73 -12.46
N ASP C 1339 -16.28 -18.78 -13.76
CA ASP C 1339 -16.86 -19.96 -14.38
C ASP C 1339 -15.86 -21.10 -14.47
N VAL C 1340 -16.31 -22.31 -14.14
CA VAL C 1340 -15.43 -23.46 -14.15
C VAL C 1340 -15.20 -23.95 -15.58
N GLN C 1341 -16.28 -24.21 -16.31
CA GLN C 1341 -16.16 -24.65 -17.69
C GLN C 1341 -15.78 -23.53 -18.65
N GLY C 1342 -16.07 -22.29 -18.28
CA GLY C 1342 -15.80 -21.17 -19.18
C GLY C 1342 -14.32 -20.90 -19.36
N ARG C 1343 -13.54 -21.01 -18.27
CA ARG C 1343 -12.09 -20.81 -18.39
C ARG C 1343 -11.42 -21.94 -19.15
N ASN C 1344 -11.93 -23.17 -19.02
CA ASN C 1344 -11.39 -24.28 -19.79
C ASN C 1344 -11.72 -24.14 -21.28
N GLN C 1345 -12.94 -23.71 -21.59
CA GLN C 1345 -13.33 -23.49 -22.97
C GLN C 1345 -12.55 -22.34 -23.59
N MET C 1346 -12.31 -21.27 -22.82
CA MET C 1346 -11.52 -20.15 -23.33
C MET C 1346 -10.06 -20.54 -23.52
N TYR C 1347 -9.52 -21.37 -22.63
CA TYR C 1347 -8.13 -21.79 -22.75
C TYR C 1347 -7.94 -22.69 -23.96
N LYS C 1348 -8.86 -23.63 -24.18
CA LYS C 1348 -8.73 -24.50 -25.35
C LYS C 1348 -9.06 -23.77 -26.65
N ASN C 1349 -9.89 -22.72 -26.59
CA ASN C 1349 -10.10 -21.91 -27.78
C ASN C 1349 -8.90 -21.02 -28.08
N ILE C 1350 -8.13 -20.64 -27.05
CA ILE C 1350 -6.89 -19.91 -27.28
C ILE C 1350 -5.84 -20.83 -27.90
N VAL C 1351 -5.67 -22.03 -27.34
CA VAL C 1351 -4.64 -22.93 -27.87
C VAL C 1351 -5.06 -23.65 -29.14
N ASP C 1352 -6.33 -23.58 -29.54
CA ASP C 1352 -6.75 -24.20 -30.78
C ASP C 1352 -6.82 -23.24 -31.96
N GLY C 1353 -7.06 -21.96 -31.71
CA GLY C 1353 -7.10 -20.95 -32.75
C GLY C 1353 -8.49 -20.45 -33.08
N GLU C 1354 -9.53 -21.25 -32.83
CA GLU C 1354 -10.89 -20.84 -33.11
C GLU C 1354 -11.36 -19.83 -32.06
N HIS C 1355 -12.41 -19.09 -32.41
CA HIS C 1355 -12.95 -18.03 -31.56
C HIS C 1355 -14.44 -18.28 -31.36
N GLU C 1356 -14.79 -18.87 -30.21
CA GLU C 1356 -16.20 -19.12 -29.86
C GLU C 1356 -16.32 -18.98 -28.34
N MET C 1357 -16.70 -17.78 -27.91
CA MET C 1357 -16.79 -17.46 -26.49
C MET C 1357 -18.21 -17.70 -26.01
N VAL C 1358 -18.37 -18.58 -25.04
CA VAL C 1358 -19.66 -18.89 -24.43
C VAL C 1358 -19.55 -18.54 -22.94
N ALA C 1359 -20.31 -17.53 -22.52
CA ALA C 1359 -20.29 -17.10 -21.13
C ALA C 1359 -21.31 -17.88 -20.31
N GLY C 1360 -21.21 -17.76 -18.99
CA GLY C 1360 -22.10 -18.44 -18.08
C GLY C 1360 -22.23 -17.67 -16.78
N MET C 1361 -23.05 -18.20 -15.89
CA MET C 1361 -23.26 -17.56 -14.60
C MET C 1361 -22.07 -17.84 -13.67
N PRO C 1362 -21.70 -16.87 -12.84
CA PRO C 1362 -20.64 -17.12 -11.85
C PRO C 1362 -21.09 -18.09 -10.79
N GLU C 1363 -20.13 -18.87 -10.27
CA GLU C 1363 -20.44 -19.83 -9.22
C GLU C 1363 -20.67 -19.17 -7.88
N SER C 1364 -20.12 -17.97 -7.67
CA SER C 1364 -20.36 -17.23 -6.44
C SER C 1364 -21.81 -16.75 -6.35
N PHE C 1365 -22.46 -16.54 -7.49
CA PHE C 1365 -23.89 -16.23 -7.47
C PHE C 1365 -24.69 -17.44 -7.00
N ASN C 1366 -24.28 -18.65 -7.38
CA ASN C 1366 -24.92 -19.85 -6.86
C ASN C 1366 -24.63 -20.06 -5.39
N VAL C 1367 -23.44 -19.65 -4.93
CA VAL C 1367 -23.11 -19.69 -3.51
C VAL C 1367 -24.00 -18.73 -2.73
N LEU C 1368 -24.23 -17.53 -3.28
CA LEU C 1368 -25.11 -16.56 -2.64
C LEU C 1368 -26.56 -17.04 -2.63
N VAL C 1369 -26.99 -17.73 -3.69
CA VAL C 1369 -28.35 -18.28 -3.75
C VAL C 1369 -28.51 -19.38 -2.71
N LYS C 1370 -27.52 -20.26 -2.57
CA LYS C 1370 -27.58 -21.33 -1.57
C LYS C 1370 -27.46 -20.78 -0.14
N GLU C 1371 -26.82 -19.63 0.03
CA GLU C 1371 -26.74 -19.01 1.35
C GLU C 1371 -28.02 -18.26 1.71
N ILE C 1372 -28.71 -17.70 0.70
CA ILE C 1372 -29.99 -17.05 0.95
C ILE C 1372 -31.06 -18.10 1.23
N ARG C 1373 -31.01 -19.23 0.51
CA ARG C 1373 -31.98 -20.31 0.71
C ARG C 1373 -31.83 -21.00 2.06
N SER C 1374 -30.68 -20.87 2.71
CA SER C 1374 -30.49 -21.40 4.06
C SER C 1374 -31.14 -20.53 5.13
N LEU C 1375 -31.62 -19.34 4.77
CA LEU C 1375 -32.30 -18.43 5.69
C LEU C 1375 -33.81 -18.55 5.60
N ALA C 1376 -34.31 -19.68 5.07
CA ALA C 1376 -35.74 -19.96 4.84
C ALA C 1376 -36.38 -18.89 3.95
N ILE C 1377 -35.64 -18.43 2.95
CA ILE C 1377 -36.12 -17.44 1.99
C ILE C 1377 -35.94 -18.01 0.60
N HIS C 1378 -37.05 -18.17 -0.13
CA HIS C 1378 -37.01 -18.78 -1.45
C HIS C 1378 -36.59 -17.74 -2.49
N MET C 1379 -35.50 -18.04 -3.20
CA MET C 1379 -34.99 -17.18 -4.27
C MET C 1379 -34.87 -18.03 -5.53
N GLU C 1380 -35.72 -17.74 -6.51
CA GLU C 1380 -35.81 -18.52 -7.73
C GLU C 1380 -35.36 -17.70 -8.93
N LEU C 1381 -34.71 -18.37 -9.88
CA LEU C 1381 -34.26 -17.74 -11.12
C LEU C 1381 -35.31 -18.00 -12.19
N GLU C 1382 -36.23 -17.06 -12.34
CA GLU C 1382 -37.31 -17.18 -13.32
C GLU C 1382 -36.80 -16.90 -14.73
N MET D 1 -12.25 -37.51 -5.53
CA MET D 1 -11.03 -36.74 -5.42
C MET D 1 -10.55 -36.25 -6.79
N LYS D 2 -10.16 -37.19 -7.65
CA LYS D 2 -9.66 -36.89 -8.98
C LYS D 2 -10.56 -37.54 -10.02
N ASP D 3 -11.02 -36.74 -10.98
CA ASP D 3 -11.82 -37.26 -12.09
C ASP D 3 -11.51 -36.45 -13.33
N LEU D 4 -11.31 -37.15 -14.46
CA LEU D 4 -10.91 -36.53 -15.70
C LEU D 4 -11.84 -36.80 -16.87
N LEU D 5 -12.72 -37.80 -16.78
CA LEU D 5 -13.63 -38.09 -17.87
C LEU D 5 -14.85 -37.19 -17.85
N ASN D 6 -15.40 -36.93 -16.65
CA ASN D 6 -16.53 -36.02 -16.54
C ASN D 6 -16.12 -34.56 -16.73
N LEU D 7 -14.84 -34.25 -16.53
CA LEU D 7 -14.36 -32.87 -16.57
C LEU D 7 -14.33 -32.30 -17.98
N PHE D 8 -14.32 -33.15 -19.01
CA PHE D 8 -14.14 -32.65 -20.37
C PHE D 8 -15.44 -32.12 -20.98
N ASN D 9 -16.58 -32.66 -20.58
CA ASN D 9 -17.85 -32.24 -21.19
C ASN D 9 -18.27 -30.88 -20.66
N GLN D 10 -18.78 -30.04 -21.55
CA GLN D 10 -19.20 -28.69 -21.19
C GLN D 10 -20.56 -28.38 -21.79
N GLN D 11 -20.98 -27.11 -21.66
CA GLN D 11 -22.28 -26.60 -22.14
C GLN D 11 -23.45 -27.37 -21.55
N ARG D 12 -23.33 -27.74 -20.27
CA ARG D 12 -24.39 -28.48 -19.61
C ARG D 12 -25.47 -27.57 -19.06
N GLN D 13 -25.11 -26.36 -18.64
CA GLN D 13 -26.05 -25.38 -18.11
C GLN D 13 -26.20 -24.25 -19.10
N THR D 14 -27.45 -23.87 -19.39
CA THR D 14 -27.70 -22.79 -20.33
C THR D 14 -27.60 -21.42 -19.65
N LEU D 15 -28.16 -21.32 -18.44
CA LEU D 15 -28.18 -20.10 -17.62
C LEU D 15 -28.85 -18.93 -18.36
N ASP D 16 -30.05 -19.18 -18.86
CA ASP D 16 -30.82 -18.18 -19.61
C ASP D 16 -32.15 -17.97 -18.88
N PHE D 17 -32.32 -16.78 -18.30
CA PHE D 17 -33.56 -16.42 -17.62
C PHE D 17 -33.81 -14.94 -17.83
N ASP D 18 -34.97 -14.48 -17.35
CA ASP D 18 -35.40 -13.10 -17.54
C ASP D 18 -35.41 -12.31 -16.24
N ALA D 19 -35.96 -12.87 -15.16
CA ALA D 19 -36.16 -12.14 -13.93
C ALA D 19 -35.76 -13.02 -12.74
N ILE D 20 -35.70 -12.38 -11.57
CA ILE D 20 -35.38 -13.04 -10.31
C ILE D 20 -36.51 -12.74 -9.33
N LYS D 21 -37.15 -13.79 -8.83
CA LYS D 21 -38.25 -13.66 -7.88
C LYS D 21 -37.81 -14.16 -6.51
N ILE D 22 -38.06 -13.36 -5.49
CA ILE D 22 -37.74 -13.69 -4.11
C ILE D 22 -39.03 -13.62 -3.29
N ALA D 23 -39.25 -14.65 -2.47
CA ALA D 23 -40.46 -14.73 -1.66
C ALA D 23 -40.16 -15.57 -0.42
N LEU D 24 -41.21 -15.87 0.35
CA LEU D 24 -41.07 -16.69 1.55
C LEU D 24 -41.08 -18.17 1.16
N ALA D 25 -40.77 -19.01 2.15
CA ALA D 25 -40.67 -20.45 1.95
C ALA D 25 -41.58 -21.17 2.93
N SER D 26 -42.52 -21.96 2.40
CA SER D 26 -43.37 -22.80 3.22
C SER D 26 -42.56 -23.98 3.77
N PRO D 27 -42.96 -24.53 4.92
CA PRO D 27 -42.24 -25.70 5.46
C PRO D 27 -42.33 -26.94 4.58
N ASP D 28 -43.41 -27.10 3.81
CA ASP D 28 -43.48 -28.19 2.85
C ASP D 28 -42.50 -27.97 1.71
N LEU D 29 -42.28 -26.71 1.32
CA LEU D 29 -41.31 -26.41 0.26
C LEU D 29 -39.88 -26.58 0.76
N ILE D 30 -39.62 -26.28 2.04
CA ILE D 30 -38.30 -26.54 2.62
C ILE D 30 -38.07 -28.04 2.75
N ARG D 31 -39.14 -28.80 3.06
CA ARG D 31 -39.03 -30.25 3.11
C ARG D 31 -38.81 -30.85 1.72
N SER D 32 -39.37 -30.21 0.68
CA SER D 32 -39.11 -30.64 -0.69
C SER D 32 -37.76 -30.16 -1.21
N TRP D 33 -37.15 -29.17 -0.57
CA TRP D 33 -35.80 -28.75 -0.93
C TRP D 33 -34.77 -29.82 -0.61
N SER D 34 -34.80 -30.32 0.62
CA SER D 34 -33.72 -31.14 1.14
C SER D 34 -33.84 -32.59 0.66
N TYR D 35 -32.80 -33.37 0.96
CA TYR D 35 -32.75 -34.78 0.62
C TYR D 35 -32.68 -35.70 1.83
N GLY D 36 -32.43 -35.17 3.03
CA GLY D 36 -32.33 -36.00 4.20
C GLY D 36 -32.43 -35.15 5.45
N GLU D 37 -32.56 -35.85 6.58
CA GLU D 37 -32.70 -35.22 7.90
C GLU D 37 -31.49 -35.54 8.74
N VAL D 38 -30.90 -34.53 9.37
CA VAL D 38 -29.77 -34.72 10.27
C VAL D 38 -30.30 -34.90 11.69
N LYS D 39 -29.60 -35.73 12.47
CA LYS D 39 -30.02 -36.03 13.84
C LYS D 39 -28.90 -35.97 14.87
N LYS D 40 -27.63 -36.10 14.46
CA LYS D 40 -26.54 -36.12 15.42
C LYS D 40 -25.56 -34.98 15.15
N PRO D 41 -25.07 -34.29 16.19
CA PRO D 41 -24.11 -33.20 16.00
C PRO D 41 -22.66 -33.68 15.97
N GLU D 42 -22.37 -34.64 15.10
CA GLU D 42 -21.03 -35.20 14.94
C GLU D 42 -20.61 -35.04 13.48
N THR D 43 -19.49 -34.34 13.27
CA THR D 43 -19.03 -34.07 11.90
C THR D 43 -18.03 -35.11 11.42
N ILE D 44 -16.90 -35.24 12.12
CA ILE D 44 -15.83 -36.16 11.75
C ILE D 44 -15.46 -36.97 12.99
N ASN D 45 -15.48 -38.30 12.87
CA ASN D 45 -15.10 -39.17 13.97
C ASN D 45 -13.60 -39.07 14.24
N TYR D 46 -13.22 -39.35 15.48
CA TYR D 46 -11.83 -39.27 15.88
C TYR D 46 -11.08 -40.53 15.48
N ARG D 47 -9.77 -40.38 15.27
CA ARG D 47 -8.80 -41.42 14.92
C ARG D 47 -9.09 -42.11 13.59
N THR D 48 -9.93 -41.51 12.75
CA THR D 48 -10.22 -42.02 11.42
C THR D 48 -10.69 -40.87 10.54
N PHE D 49 -10.34 -40.91 9.27
CA PHE D 49 -10.73 -39.87 8.31
C PHE D 49 -11.93 -40.38 7.52
N LYS D 50 -13.10 -40.36 8.17
CA LYS D 50 -14.35 -40.81 7.57
C LYS D 50 -15.48 -39.94 8.11
N PRO D 51 -16.44 -39.57 7.27
CA PRO D 51 -17.55 -38.75 7.76
C PRO D 51 -18.53 -39.56 8.59
N GLU D 52 -19.25 -38.86 9.47
CA GLU D 52 -20.21 -39.49 10.36
C GLU D 52 -21.58 -39.56 9.70
N ARG D 53 -22.24 -40.72 9.82
CA ARG D 53 -23.57 -40.90 9.29
C ARG D 53 -24.58 -40.09 10.10
N ASP D 54 -25.51 -39.44 9.39
CA ASP D 54 -26.56 -38.58 9.95
C ASP D 54 -25.97 -37.44 10.79
N GLY D 55 -24.89 -36.85 10.28
CA GLY D 55 -24.27 -35.71 10.93
C GLY D 55 -24.23 -34.50 10.03
N LEU D 56 -23.45 -33.49 10.42
CA LEU D 56 -23.32 -32.28 9.59
C LEU D 56 -22.52 -32.57 8.32
N PHE D 57 -21.53 -33.46 8.41
CA PHE D 57 -20.76 -33.93 7.26
C PHE D 57 -21.11 -35.41 7.08
N CYS D 58 -22.08 -35.68 6.22
CA CYS D 58 -22.57 -37.03 6.01
C CYS D 58 -22.68 -37.32 4.51
N ALA D 59 -22.60 -38.60 4.16
CA ALA D 59 -22.72 -39.02 2.77
C ALA D 59 -24.14 -39.42 2.38
N ALA D 60 -24.97 -39.79 3.35
CA ALA D 60 -26.34 -40.19 3.05
C ALA D 60 -27.26 -39.01 2.83
N ILE D 61 -26.85 -37.81 3.24
CA ILE D 61 -27.71 -36.63 3.17
C ILE D 61 -27.30 -35.72 2.02
N PHE D 62 -26.00 -35.47 1.86
CA PHE D 62 -25.50 -34.49 0.90
C PHE D 62 -24.82 -35.11 -0.30
N GLY D 63 -23.82 -35.97 -0.08
CA GLY D 63 -23.10 -36.58 -1.18
C GLY D 63 -21.85 -37.29 -0.73
N PRO D 64 -21.26 -38.09 -1.61
CA PRO D 64 -20.05 -38.84 -1.24
C PRO D 64 -18.82 -37.94 -1.19
N ILE D 65 -17.82 -38.41 -0.45
CA ILE D 65 -16.57 -37.66 -0.33
C ILE D 65 -15.74 -37.81 -1.60
N LYS D 66 -15.38 -39.04 -1.93
CA LYS D 66 -14.63 -39.29 -3.16
C LYS D 66 -15.58 -39.40 -4.35
N ASP D 67 -15.04 -39.17 -5.54
CA ASP D 67 -15.85 -39.17 -6.75
C ASP D 67 -16.05 -40.58 -7.25
N TYR D 68 -17.32 -40.94 -7.50
CA TYR D 68 -17.76 -42.28 -7.90
C TYR D 68 -17.29 -43.33 -6.90
N GLU D 69 -17.65 -43.13 -5.63
CA GLU D 69 -17.20 -43.98 -4.55
C GLU D 69 -18.20 -43.94 -3.41
N CYS D 70 -18.26 -45.02 -2.65
CA CYS D 70 -19.09 -45.09 -1.45
C CYS D 70 -18.19 -45.06 -0.21
N LEU D 71 -18.83 -45.11 0.96
CA LEU D 71 -18.07 -45.10 2.20
C LEU D 71 -17.43 -46.45 2.48
N CYS D 72 -18.13 -47.54 2.18
CA CYS D 72 -17.57 -48.87 2.39
C CYS D 72 -16.64 -49.26 1.24
N GLY D 73 -17.09 -49.11 0.00
CA GLY D 73 -16.29 -49.43 -1.15
C GLY D 73 -16.82 -50.58 -1.97
N LYS D 74 -18.14 -50.77 -1.95
CA LYS D 74 -18.75 -51.84 -2.73
C LYS D 74 -18.84 -51.48 -4.20
N TYR D 75 -18.95 -50.20 -4.53
CA TYR D 75 -19.06 -49.74 -5.91
C TYR D 75 -17.88 -48.83 -6.20
N LYS D 76 -16.99 -49.27 -7.08
CA LYS D 76 -15.77 -48.55 -7.43
C LYS D 76 -15.63 -48.45 -8.94
N ARG D 77 -16.73 -48.09 -9.61
CA ARG D 77 -16.74 -47.99 -11.07
C ARG D 77 -17.55 -46.78 -11.49
N MET D 78 -17.19 -46.22 -12.64
CA MET D 78 -17.91 -45.08 -13.19
C MET D 78 -19.19 -45.48 -13.91
N LYS D 79 -19.36 -46.76 -14.23
CA LYS D 79 -20.57 -47.22 -14.91
C LYS D 79 -21.78 -47.27 -14.00
N HIS D 80 -21.58 -47.38 -12.69
CA HIS D 80 -22.68 -47.44 -11.74
C HIS D 80 -23.15 -46.01 -11.43
N ARG D 81 -24.38 -45.70 -11.82
CA ARG D 81 -24.96 -44.39 -11.57
C ARG D 81 -26.42 -44.55 -11.19
N GLY D 82 -26.85 -43.75 -10.22
CA GLY D 82 -28.23 -43.84 -9.75
C GLY D 82 -28.55 -45.06 -8.93
N VAL D 83 -27.53 -45.69 -8.33
CA VAL D 83 -27.72 -46.88 -7.51
C VAL D 83 -27.28 -46.54 -6.09
N VAL D 84 -28.11 -46.92 -5.11
CA VAL D 84 -27.85 -46.65 -3.71
C VAL D 84 -27.27 -47.91 -3.08
N CYS D 85 -26.15 -47.76 -2.36
CA CYS D 85 -25.52 -48.89 -1.70
C CYS D 85 -26.37 -49.36 -0.51
N GLU D 86 -26.15 -50.61 -0.11
CA GLU D 86 -27.01 -51.26 0.87
C GLU D 86 -26.54 -51.05 2.30
N LYS D 87 -25.23 -51.11 2.55
CA LYS D 87 -24.72 -50.94 3.91
C LYS D 87 -24.78 -49.48 4.33
N CYS D 88 -24.07 -48.62 3.61
CA CYS D 88 -24.14 -47.17 3.79
C CYS D 88 -24.88 -46.59 2.60
N GLY D 89 -26.05 -46.00 2.85
CA GLY D 89 -26.92 -45.62 1.76
C GLY D 89 -26.56 -44.29 1.12
N THR D 90 -25.88 -44.35 -0.02
CA THR D 90 -25.52 -43.14 -0.75
C THR D 90 -25.52 -43.47 -2.25
N GLU D 91 -25.72 -42.42 -3.04
CA GLU D 91 -25.80 -42.57 -4.49
C GLU D 91 -24.41 -42.51 -5.11
N VAL D 92 -24.15 -43.43 -6.04
CA VAL D 92 -22.88 -43.44 -6.76
C VAL D 92 -22.99 -42.43 -7.90
N THR D 93 -22.64 -41.18 -7.60
CA THR D 93 -22.80 -40.08 -8.54
C THR D 93 -21.58 -39.18 -8.44
N LEU D 94 -21.66 -38.00 -9.06
CA LEU D 94 -20.56 -37.04 -9.03
C LEU D 94 -20.35 -36.49 -7.62
N ALA D 95 -19.12 -36.07 -7.35
CA ALA D 95 -18.79 -35.47 -6.07
C ALA D 95 -19.09 -33.98 -6.02
N LYS D 96 -19.63 -33.41 -7.09
CA LYS D 96 -19.99 -32.00 -7.13
C LYS D 96 -21.40 -31.74 -6.61
N VAL D 97 -22.18 -32.81 -6.33
CA VAL D 97 -23.51 -32.63 -5.75
C VAL D 97 -23.46 -32.34 -4.27
N ARG D 98 -22.31 -32.48 -3.62
CA ARG D 98 -22.16 -32.07 -2.23
C ARG D 98 -22.21 -30.56 -2.09
N ARG D 99 -21.87 -29.83 -3.15
CA ARG D 99 -21.94 -28.38 -3.16
C ARG D 99 -23.35 -27.87 -3.47
N GLU D 100 -24.23 -28.72 -3.97
CA GLU D 100 -25.57 -28.32 -4.39
C GLU D 100 -26.67 -28.82 -3.45
N ARG D 101 -26.61 -30.07 -3.03
CA ARG D 101 -27.64 -30.64 -2.16
C ARG D 101 -27.50 -30.11 -0.74
N MET D 102 -28.64 -30.01 -0.06
CA MET D 102 -28.68 -29.51 1.31
C MET D 102 -29.62 -30.39 2.14
N GLY D 103 -29.58 -30.18 3.45
CA GLY D 103 -30.41 -30.93 4.37
C GLY D 103 -31.37 -30.07 5.14
N HIS D 104 -32.01 -30.63 6.17
CA HIS D 104 -33.00 -29.90 6.95
C HIS D 104 -33.07 -30.48 8.35
N ILE D 105 -33.58 -29.68 9.28
CA ILE D 105 -33.69 -30.05 10.69
C ILE D 105 -35.17 -29.99 11.07
N ASP D 106 -35.69 -31.10 11.62
CA ASP D 106 -37.03 -31.13 12.18
C ASP D 106 -36.96 -30.65 13.62
N LEU D 107 -37.49 -29.46 13.87
CA LEU D 107 -37.50 -28.90 15.22
C LEU D 107 -38.68 -29.45 16.00
N ALA D 108 -38.44 -29.74 17.28
CA ALA D 108 -39.49 -30.27 18.14
C ALA D 108 -40.52 -29.20 18.49
N SER D 109 -40.09 -27.93 18.56
CA SER D 109 -40.98 -26.81 18.82
C SER D 109 -40.73 -25.74 17.77
N PRO D 110 -41.77 -25.05 17.32
CA PRO D 110 -41.58 -23.97 16.34
C PRO D 110 -40.91 -22.76 16.97
N VAL D 111 -40.06 -22.10 16.19
CA VAL D 111 -39.37 -20.91 16.62
C VAL D 111 -39.71 -19.76 15.68
N ALA D 112 -39.41 -18.54 16.13
CA ALA D 112 -39.70 -17.34 15.37
C ALA D 112 -38.46 -16.85 14.64
N HIS D 113 -38.65 -16.37 13.42
CA HIS D 113 -37.55 -15.81 12.65
C HIS D 113 -37.17 -14.45 13.20
N ILE D 114 -35.87 -14.24 13.44
CA ILE D 114 -35.41 -13.00 14.03
C ILE D 114 -35.38 -11.85 13.03
N TRP D 115 -35.45 -12.14 11.72
CA TRP D 115 -35.46 -11.08 10.73
C TRP D 115 -36.83 -10.44 10.58
N PHE D 116 -37.89 -11.10 11.04
CA PHE D 116 -39.23 -10.53 11.02
C PHE D 116 -39.63 -9.92 12.35
N LEU D 117 -38.82 -10.08 13.39
CA LEU D 117 -39.15 -9.60 14.72
C LEU D 117 -38.21 -8.50 15.21
N LYS D 118 -36.90 -8.74 15.16
CA LYS D 118 -35.93 -7.82 15.73
C LYS D 118 -35.69 -6.57 14.89
N SER D 119 -36.20 -6.52 13.66
CA SER D 119 -36.08 -5.33 12.84
C SER D 119 -36.99 -4.23 13.38
N LEU D 120 -36.57 -2.98 13.19
CA LEU D 120 -37.33 -1.83 13.68
C LEU D 120 -38.62 -1.63 12.89
N PRO D 121 -38.67 -1.84 11.54
CA PRO D 121 -40.03 -2.04 10.97
C PRO D 121 -40.50 -3.48 11.16
N SER D 122 -41.04 -3.75 12.35
CA SER D 122 -41.44 -5.11 12.71
C SER D 122 -42.71 -5.49 11.97
N ARG D 123 -42.68 -6.66 11.31
CA ARG D 123 -43.83 -7.13 10.54
C ARG D 123 -44.83 -7.89 11.39
N ILE D 124 -44.35 -8.69 12.34
CA ILE D 124 -45.25 -9.42 13.23
C ILE D 124 -45.93 -8.46 14.21
N GLY D 125 -45.25 -7.37 14.57
CA GLY D 125 -45.88 -6.37 15.42
C GLY D 125 -46.95 -5.57 14.70
N LEU D 126 -46.80 -5.39 13.39
CA LEU D 126 -47.82 -4.68 12.61
C LEU D 126 -48.96 -5.59 12.21
N MET D 127 -48.69 -6.88 11.99
CA MET D 127 -49.75 -7.80 11.58
C MET D 127 -50.65 -8.19 12.76
N LEU D 128 -50.07 -8.36 13.94
CA LEU D 128 -50.84 -8.70 15.13
C LEU D 128 -51.28 -7.49 15.93
N ASP D 129 -50.91 -6.28 15.48
CA ASP D 129 -51.23 -5.00 16.13
C ASP D 129 -50.73 -4.96 17.57
N MET D 130 -49.52 -5.46 17.79
CA MET D 130 -48.91 -5.52 19.11
C MET D 130 -47.58 -4.79 19.11
N THR D 131 -47.17 -4.34 20.29
CA THR D 131 -45.88 -3.68 20.42
C THR D 131 -44.75 -4.70 20.41
N LEU D 132 -43.52 -4.19 20.32
CA LEU D 132 -42.35 -5.07 20.23
C LEU D 132 -42.02 -5.72 21.57
N ARG D 133 -42.25 -5.00 22.68
CA ARG D 133 -41.89 -5.53 24.00
C ARG D 133 -42.81 -6.68 24.41
N ASP D 134 -44.07 -6.64 24.00
CA ASP D 134 -45.01 -7.71 24.34
C ASP D 134 -44.64 -9.02 23.64
N ILE D 135 -44.33 -8.94 22.34
CA ILE D 135 -43.91 -10.14 21.61
C ILE D 135 -42.52 -10.59 22.04
N GLU D 136 -41.67 -9.65 22.49
CA GLU D 136 -40.36 -10.04 23.01
C GLU D 136 -40.49 -10.76 24.34
N ARG D 137 -41.46 -10.36 25.18
CA ARG D 137 -41.69 -11.07 26.42
C ARG D 137 -42.39 -12.40 26.21
N VAL D 138 -43.26 -12.50 25.19
CA VAL D 138 -43.98 -13.75 24.94
C VAL D 138 -43.05 -14.78 24.32
N LEU D 139 -42.27 -14.37 23.32
CA LEU D 139 -41.39 -15.32 22.62
C LEU D 139 -40.22 -15.79 23.46
N TYR D 140 -39.86 -15.05 24.51
CA TYR D 140 -38.79 -15.45 25.42
C TYR D 140 -39.33 -16.10 26.69
N PHE D 141 -40.59 -16.53 26.68
CA PHE D 141 -41.25 -17.31 27.73
C PHE D 141 -41.26 -16.55 29.07
N GLU D 142 -41.91 -15.39 29.06
CA GLU D 142 -42.11 -14.60 30.27
C GLU D 142 -43.57 -14.31 30.59
N ALA D 143 -44.50 -14.54 29.66
CA ALA D 143 -45.89 -14.20 29.88
C ALA D 143 -46.75 -15.17 29.07
N TYR D 144 -48.05 -14.88 28.99
CA TYR D 144 -49.02 -15.73 28.33
C TYR D 144 -49.82 -14.93 27.30
N VAL D 145 -50.51 -15.65 26.43
CA VAL D 145 -51.33 -15.07 25.37
C VAL D 145 -52.70 -15.72 25.42
N VAL D 146 -53.74 -14.90 25.54
CA VAL D 146 -55.12 -15.40 25.48
C VAL D 146 -55.52 -15.58 24.03
N THR D 147 -56.47 -16.50 23.81
CA THR D 147 -56.96 -16.77 22.46
C THR D 147 -58.45 -17.10 22.49
N ARG D 156 -58.74 -10.21 23.80
CA ARG D 156 -58.33 -11.30 22.91
C ARG D 156 -56.82 -11.27 22.69
N ARG D 157 -56.24 -10.07 22.73
CA ARG D 157 -54.80 -9.86 22.55
C ARG D 157 -54.33 -8.99 23.71
N GLN D 158 -54.00 -9.62 24.83
CA GLN D 158 -53.52 -8.89 26.01
C GLN D 158 -52.46 -9.71 26.71
N LEU D 159 -51.65 -9.02 27.51
CA LEU D 159 -50.55 -9.64 28.22
C LEU D 159 -51.05 -10.27 29.52
N LEU D 160 -50.38 -11.32 29.98
CA LEU D 160 -50.76 -12.01 31.20
C LEU D 160 -49.54 -12.48 31.97
N THR D 161 -49.38 -11.97 33.18
CA THR D 161 -48.37 -12.49 34.10
C THR D 161 -48.80 -13.88 34.56
N GLU D 162 -47.81 -14.74 34.88
CA GLU D 162 -48.08 -16.12 35.29
C GLU D 162 -48.93 -16.19 36.56
N GLU D 163 -48.75 -15.24 37.48
CA GLU D 163 -49.64 -15.16 38.63
C GLU D 163 -51.03 -14.70 38.21
N GLN D 164 -51.10 -13.72 37.29
CA GLN D 164 -52.38 -13.30 36.74
C GLN D 164 -53.01 -14.41 35.90
N TYR D 165 -52.19 -15.21 35.22
CA TYR D 165 -52.70 -16.37 34.50
C TYR D 165 -53.25 -17.43 35.46
N LEU D 166 -52.61 -17.59 36.63
CA LEU D 166 -53.11 -18.52 37.63
C LEU D 166 -54.43 -18.05 38.22
N THR D 167 -54.57 -16.75 38.50
CA THR D 167 -55.84 -16.23 38.96
C THR D 167 -56.92 -16.30 37.88
N ALA D 168 -56.55 -16.12 36.61
CA ALA D 168 -57.53 -16.25 35.53
C ALA D 168 -57.97 -17.69 35.35
N ARG D 169 -57.05 -18.64 35.54
CA ARG D 169 -57.41 -20.06 35.46
C ARG D 169 -58.24 -20.49 36.67
N GLN D 170 -58.03 -19.86 37.83
CA GLN D 170 -58.87 -20.16 38.98
C GLN D 170 -60.25 -19.53 38.85
N GLU D 171 -60.36 -18.36 38.22
CA GLU D 171 -61.65 -17.72 38.05
C GLU D 171 -62.45 -18.32 36.89
N TYR D 172 -61.78 -18.83 35.87
CA TYR D 172 -62.45 -19.42 34.72
C TYR D 172 -62.58 -20.93 34.79
N ASN D 173 -61.97 -21.56 35.81
CA ASN D 173 -61.98 -23.02 36.04
C ASN D 173 -61.44 -23.79 34.83
N ASP D 174 -60.35 -23.26 34.24
CA ASP D 174 -59.61 -23.87 33.12
C ASP D 174 -60.51 -24.08 31.90
N ASP D 175 -61.33 -23.07 31.59
CA ASP D 175 -62.21 -23.11 30.42
C ASP D 175 -61.68 -22.32 29.24
N PHE D 176 -61.16 -21.12 29.48
CA PHE D 176 -60.61 -20.30 28.41
C PHE D 176 -59.15 -20.70 28.16
N ASP D 177 -58.83 -20.99 26.90
CA ASP D 177 -57.50 -21.47 26.54
C ASP D 177 -56.51 -20.30 26.51
N ALA D 178 -55.29 -20.58 26.96
CA ALA D 178 -54.22 -19.58 26.96
C ALA D 178 -52.89 -20.31 26.85
N ALA D 179 -52.10 -19.94 25.86
CA ALA D 179 -50.82 -20.58 25.60
C ALA D 179 -49.69 -19.56 25.69
N MET D 180 -48.47 -20.07 25.87
CA MET D 180 -47.28 -19.25 25.96
C MET D 180 -46.22 -19.76 25.00
N GLY D 181 -45.38 -18.85 24.54
CA GLY D 181 -44.30 -19.20 23.63
C GLY D 181 -44.62 -18.89 22.19
N ALA D 182 -43.85 -19.51 21.30
CA ALA D 182 -44.02 -19.29 19.86
C ALA D 182 -45.20 -20.04 19.29
N GLU D 183 -45.72 -21.04 20.00
CA GLU D 183 -46.90 -21.77 19.52
C GLU D 183 -48.16 -20.90 19.57
N ALA D 184 -48.25 -20.04 20.59
CA ALA D 184 -49.38 -19.11 20.67
C ALA D 184 -49.31 -18.07 19.57
N VAL D 185 -48.09 -17.61 19.23
CA VAL D 185 -47.91 -16.67 18.13
C VAL D 185 -48.22 -17.33 16.80
N TYR D 186 -47.86 -18.61 16.65
CA TYR D 186 -48.18 -19.35 15.43
C TYR D 186 -49.69 -19.57 15.29
N GLU D 187 -50.38 -19.83 16.41
CA GLU D 187 -51.83 -19.97 16.37
C GLU D 187 -52.51 -18.64 16.07
N LEU D 188 -51.97 -17.54 16.61
CA LEU D 188 -52.52 -16.22 16.32
C LEU D 188 -52.31 -15.83 14.85
N LEU D 189 -51.16 -16.20 14.27
CA LEU D 189 -50.94 -15.97 12.86
C LEU D 189 -51.74 -16.93 11.98
N ARG D 190 -52.15 -18.07 12.52
CA ARG D 190 -52.93 -19.02 11.72
C ARG D 190 -54.42 -18.65 11.69
N THR D 191 -55.00 -18.27 12.82
CA THR D 191 -56.43 -18.02 12.89
C THR D 191 -56.84 -16.60 12.49
N ILE D 192 -55.97 -15.83 11.86
CA ILE D 192 -56.36 -14.52 11.33
C ILE D 192 -56.64 -14.63 9.85
N ASP D 193 -57.51 -13.77 9.35
CA ASP D 193 -57.87 -13.72 7.94
C ASP D 193 -57.25 -12.48 7.31
N LEU D 194 -57.06 -12.53 6.00
CA LEU D 194 -56.46 -11.43 5.27
C LEU D 194 -57.46 -10.60 4.48
N GLN D 195 -58.65 -11.11 4.21
CA GLN D 195 -59.65 -10.38 3.44
C GLN D 195 -60.60 -9.60 4.35
N SER D 196 -61.23 -10.29 5.31
CA SER D 196 -62.19 -9.64 6.20
C SER D 196 -61.52 -8.63 7.12
N GLU D 197 -60.28 -8.91 7.55
CA GLU D 197 -59.52 -7.92 8.31
C GLU D 197 -59.17 -6.71 7.46
N MET D 198 -58.94 -6.91 6.16
CA MET D 198 -58.67 -5.79 5.26
C MET D 198 -59.91 -4.92 5.08
N THR D 199 -61.09 -5.54 4.91
CA THR D 199 -62.33 -4.76 4.83
C THR D 199 -62.66 -4.08 6.14
N ARG D 200 -62.33 -4.71 7.28
CA ARG D 200 -62.56 -4.07 8.58
C ARG D 200 -61.63 -2.88 8.77
N LEU D 201 -60.37 -3.00 8.34
CA LEU D 201 -59.45 -1.87 8.45
C LEU D 201 -59.80 -0.75 7.48
N ARG D 202 -60.35 -1.09 6.30
CA ARG D 202 -60.84 -0.06 5.40
C ARG D 202 -62.11 0.60 5.93
N GLU D 203 -62.89 -0.13 6.73
CA GLU D 203 -64.04 0.49 7.38
C GLU D 203 -63.61 1.43 8.49
N GLU D 204 -62.59 1.04 9.27
CA GLU D 204 -62.06 1.93 10.31
C GLU D 204 -61.27 3.09 9.74
N ILE D 205 -60.75 2.98 8.51
CA ILE D 205 -59.96 4.06 7.94
C ILE D 205 -60.84 5.22 7.50
N ALA D 206 -62.12 4.97 7.23
CA ALA D 206 -63.02 6.03 6.80
C ALA D 206 -63.65 6.78 7.98
N SER D 207 -63.42 6.33 9.21
CA SER D 207 -64.00 6.96 10.39
C SER D 207 -62.98 7.58 11.33
N THR D 208 -61.68 7.34 11.10
CA THR D 208 -60.66 7.89 11.98
C THR D 208 -60.43 9.37 11.68
N GLY D 209 -59.78 10.05 12.63
CA GLY D 209 -59.51 11.46 12.50
C GLY D 209 -58.16 11.86 13.06
N SER D 210 -57.34 10.89 13.44
CA SER D 210 -56.03 11.15 14.00
C SER D 210 -54.97 11.19 12.90
N GLU D 211 -53.77 11.61 13.28
CA GLU D 211 -52.67 11.73 12.33
C GLU D 211 -51.78 10.48 12.32
N THR D 212 -51.20 10.13 13.47
CA THR D 212 -50.30 8.98 13.53
C THR D 212 -51.08 7.66 13.47
N LYS D 213 -52.31 7.66 13.97
CA LYS D 213 -53.15 6.46 13.85
C LYS D 213 -53.52 6.19 12.40
N LEU D 214 -53.69 7.24 11.59
CA LEU D 214 -53.90 7.04 10.17
C LEU D 214 -52.66 6.47 9.48
N LYS D 215 -51.47 6.87 9.93
CA LYS D 215 -50.24 6.30 9.40
C LYS D 215 -50.10 4.82 9.78
N ARG D 216 -50.47 4.48 11.02
CA ARG D 216 -50.47 3.07 11.43
C ARG D 216 -51.48 2.25 10.65
N LEU D 217 -52.66 2.84 10.37
CA LEU D 217 -53.69 2.15 9.60
C LEU D 217 -53.27 1.93 8.16
N THR D 218 -52.66 2.93 7.52
CA THR D 218 -52.23 2.72 6.14
C THR D 218 -50.99 1.84 6.05
N LYS D 219 -50.16 1.77 7.10
CA LYS D 219 -49.06 0.81 7.13
C LYS D 219 -49.60 -0.62 7.25
N ARG D 220 -50.62 -0.81 8.09
CA ARG D 220 -51.25 -2.12 8.20
C ARG D 220 -51.97 -2.50 6.91
N ILE D 221 -52.58 -1.53 6.23
CA ILE D 221 -53.23 -1.77 4.95
C ILE D 221 -52.20 -2.16 3.89
N LYS D 222 -51.05 -1.49 3.89
CA LYS D 222 -49.98 -1.83 2.94
C LYS D 222 -49.40 -3.22 3.22
N LEU D 223 -49.27 -3.59 4.50
CA LEU D 223 -48.76 -4.91 4.84
C LEU D 223 -49.75 -6.01 4.46
N ILE D 224 -51.05 -5.79 4.69
CA ILE D 224 -52.06 -6.77 4.32
C ILE D 224 -52.19 -6.88 2.80
N GLU D 225 -52.04 -5.75 2.10
CA GLU D 225 -52.08 -5.76 0.64
C GLU D 225 -50.87 -6.50 0.06
N ALA D 226 -49.69 -6.34 0.67
CA ALA D 226 -48.51 -7.07 0.23
C ALA D 226 -48.66 -8.56 0.51
N PHE D 227 -49.23 -8.92 1.67
CA PHE D 227 -49.44 -10.33 2.00
C PHE D 227 -50.50 -10.97 1.12
N LEU D 228 -51.46 -10.18 0.63
CA LEU D 228 -52.49 -10.72 -0.25
C LEU D 228 -51.99 -10.87 -1.68
N GLU D 229 -51.36 -9.83 -2.23
CA GLU D 229 -50.89 -9.86 -3.60
C GLU D 229 -49.53 -10.53 -3.77
N SER D 230 -48.90 -10.98 -2.69
CA SER D 230 -47.66 -11.72 -2.81
C SER D 230 -47.87 -13.22 -2.93
N GLY D 231 -49.01 -13.73 -2.49
CA GLY D 231 -49.27 -15.15 -2.50
C GLY D 231 -48.70 -15.91 -1.33
N ASN D 232 -48.12 -15.23 -0.35
CA ASN D 232 -47.53 -15.87 0.81
C ASN D 232 -48.59 -16.07 1.88
N ARG D 233 -48.16 -16.51 3.07
CA ARG D 233 -49.03 -16.75 4.20
C ARG D 233 -48.45 -16.11 5.45
N PRO D 234 -49.32 -15.62 6.35
CA PRO D 234 -48.80 -15.04 7.61
C PRO D 234 -48.18 -16.07 8.55
N GLU D 235 -48.57 -17.34 8.46
CA GLU D 235 -48.02 -18.37 9.33
C GLU D 235 -46.69 -18.92 8.83
N TRP D 236 -46.19 -18.44 7.70
CA TRP D 236 -44.91 -18.89 7.17
C TRP D 236 -43.72 -18.17 7.79
N MET D 237 -43.96 -17.20 8.68
CA MET D 237 -42.87 -16.44 9.27
C MET D 237 -42.14 -17.26 10.33
N VAL D 238 -42.86 -18.06 11.11
CA VAL D 238 -42.24 -18.96 12.06
C VAL D 238 -41.65 -20.15 11.33
N MET D 239 -40.52 -20.63 11.81
CA MET D 239 -39.77 -21.70 11.16
C MET D 239 -40.00 -23.01 11.88
N THR D 240 -40.75 -23.92 11.26
CA THR D 240 -40.91 -25.27 11.76
C THR D 240 -39.79 -26.18 11.30
N VAL D 241 -39.39 -26.07 10.03
CA VAL D 241 -38.30 -26.84 9.45
C VAL D 241 -37.16 -25.87 9.14
N LEU D 242 -35.97 -26.18 9.64
CA LEU D 242 -34.82 -25.31 9.45
C LEU D 242 -33.86 -25.93 8.45
N PRO D 243 -33.65 -25.32 7.28
CA PRO D 243 -32.69 -25.87 6.33
C PRO D 243 -31.26 -25.50 6.71
N VAL D 244 -30.32 -26.33 6.23
CA VAL D 244 -28.91 -26.14 6.52
C VAL D 244 -28.15 -25.89 5.22
N LEU D 245 -26.94 -25.36 5.37
CA LEU D 245 -26.03 -25.11 4.27
C LEU D 245 -25.42 -26.42 3.78
N PRO D 246 -25.06 -26.51 2.51
CA PRO D 246 -24.27 -27.66 2.04
C PRO D 246 -22.89 -27.66 2.68
N PRO D 247 -22.32 -28.84 2.94
CA PRO D 247 -21.04 -28.89 3.66
C PRO D 247 -19.85 -28.48 2.82
N ASP D 248 -19.97 -28.45 1.49
CA ASP D 248 -18.89 -27.94 0.66
C ASP D 248 -18.81 -26.42 0.68
N LEU D 249 -19.90 -25.74 1.04
CA LEU D 249 -19.87 -24.30 1.20
C LEU D 249 -19.26 -23.87 2.53
N ARG D 250 -19.26 -24.76 3.53
CA ARG D 250 -18.63 -24.51 4.83
C ARG D 250 -17.65 -25.64 5.11
N PRO D 251 -16.47 -25.61 4.50
CA PRO D 251 -15.51 -26.71 4.68
C PRO D 251 -14.62 -26.53 5.90
N LEU D 252 -13.98 -27.63 6.29
CA LEU D 252 -13.04 -27.63 7.40
C LEU D 252 -11.62 -27.50 6.86
N VAL D 253 -10.82 -26.68 7.53
CA VAL D 253 -9.45 -26.40 7.13
C VAL D 253 -8.52 -27.16 8.08
N PRO D 254 -7.61 -28.00 7.58
CA PRO D 254 -6.70 -28.72 8.46
C PRO D 254 -5.42 -27.95 8.73
N LEU D 255 -4.80 -28.29 9.85
CA LEU D 255 -3.54 -27.70 10.28
C LEU D 255 -2.48 -28.79 10.35
N ASP D 256 -1.25 -28.38 10.67
CA ASP D 256 -0.14 -29.30 10.77
C ASP D 256 -0.26 -30.12 12.05
N GLY D 257 -0.14 -31.43 11.92
CA GLY D 257 -0.27 -32.34 13.05
C GLY D 257 -1.61 -33.01 13.19
N GLY D 258 -2.50 -32.89 12.21
CA GLY D 258 -3.79 -33.52 12.26
C GLY D 258 -4.90 -32.68 12.85
N ARG D 259 -4.60 -31.47 13.31
CA ARG D 259 -5.62 -30.61 13.90
C ARG D 259 -6.44 -29.92 12.82
N PHE D 260 -7.64 -29.50 13.19
CA PHE D 260 -8.54 -28.80 12.29
C PHE D 260 -8.83 -27.40 12.83
N ALA D 261 -9.02 -26.46 11.91
CA ALA D 261 -9.36 -25.10 12.29
C ALA D 261 -10.80 -25.02 12.74
N THR D 262 -11.07 -24.09 13.66
CA THR D 262 -12.42 -23.93 14.19
C THR D 262 -13.31 -23.23 13.17
N SER D 263 -14.61 -23.54 13.25
CA SER D 263 -15.59 -22.98 12.34
C SER D 263 -16.65 -22.21 13.13
N ASP D 264 -17.42 -21.41 12.40
CA ASP D 264 -18.46 -20.57 13.00
C ASP D 264 -19.86 -21.15 12.82
N LEU D 265 -20.20 -21.58 11.60
CA LEU D 265 -21.52 -22.12 11.34
C LEU D 265 -21.69 -23.53 11.88
N ASN D 266 -20.60 -24.31 11.92
CA ASN D 266 -20.68 -25.69 12.37
C ASN D 266 -20.95 -25.78 13.87
N ASP D 267 -20.38 -24.85 14.65
CA ASP D 267 -20.63 -24.83 16.08
C ASP D 267 -22.07 -24.42 16.39
N LEU D 268 -22.61 -23.46 15.62
CA LEU D 268 -24.00 -23.07 15.79
C LEU D 268 -24.96 -24.18 15.39
N TYR D 269 -24.63 -24.91 14.31
CA TYR D 269 -25.45 -26.04 13.89
C TYR D 269 -25.41 -27.17 14.91
N ARG D 270 -24.23 -27.44 15.48
CA ARG D 270 -24.12 -28.45 16.52
C ARG D 270 -24.87 -28.05 17.79
N ARG D 271 -24.85 -26.76 18.14
CA ARG D 271 -25.60 -26.29 19.29
C ARG D 271 -27.10 -26.40 19.08
N VAL D 272 -27.57 -26.06 17.87
CA VAL D 272 -29.00 -26.15 17.56
C VAL D 272 -29.45 -27.62 17.56
N ILE D 273 -28.66 -28.51 16.97
CA ILE D 273 -29.01 -29.93 16.92
C ILE D 273 -28.98 -30.54 18.32
N ASN D 274 -28.01 -30.16 19.15
CA ASN D 274 -27.90 -30.68 20.51
C ASN D 274 -29.06 -30.19 21.38
N ARG D 275 -29.44 -28.92 21.26
CA ARG D 275 -30.56 -28.42 22.05
C ARG D 275 -31.89 -28.98 21.56
N ASN D 276 -32.02 -29.25 20.26
CA ASN D 276 -33.23 -29.89 19.74
C ASN D 276 -33.34 -31.34 20.22
N ASN D 277 -32.20 -32.05 20.26
CA ASN D 277 -32.22 -33.43 20.77
C ASN D 277 -32.49 -33.45 22.27
N ARG D 278 -31.99 -32.45 23.01
CA ARG D 278 -32.29 -32.36 24.44
C ARG D 278 -33.76 -32.05 24.67
N LEU D 279 -34.35 -31.21 23.81
CA LEU D 279 -35.78 -30.91 23.91
C LEU D 279 -36.62 -32.15 23.58
N ARG D 280 -36.19 -32.94 22.60
CA ARG D 280 -36.89 -34.18 22.27
C ARG D 280 -36.79 -35.20 23.41
N ARG D 281 -35.62 -35.27 24.05
CA ARG D 281 -35.45 -36.19 25.18
C ARG D 281 -36.25 -35.73 26.39
N LEU D 282 -36.37 -34.42 26.61
CA LEU D 282 -37.20 -33.93 27.72
C LEU D 282 -38.68 -34.07 27.42
N LEU D 283 -39.07 -34.02 26.14
CA LEU D 283 -40.47 -34.22 25.79
C LEU D 283 -40.87 -35.69 25.87
N GLU D 284 -39.94 -36.60 25.54
CA GLU D 284 -40.24 -38.03 25.68
C GLU D 284 -40.26 -38.46 27.14
N LEU D 285 -39.54 -37.75 28.00
CA LEU D 285 -39.50 -38.05 29.43
C LEU D 285 -40.73 -37.54 30.17
N ASN D 286 -41.56 -36.71 29.51
CA ASN D 286 -42.70 -35.99 30.11
C ASN D 286 -42.24 -35.14 31.31
N ALA D 287 -41.36 -34.19 31.00
CA ALA D 287 -40.81 -33.30 32.00
C ALA D 287 -41.86 -32.26 32.42
N PRO D 288 -41.70 -31.65 33.60
CA PRO D 288 -42.59 -30.55 33.98
C PRO D 288 -42.36 -29.31 33.11
N ASP D 289 -43.22 -28.31 33.34
CA ASP D 289 -43.32 -27.17 32.43
C ASP D 289 -42.10 -26.24 32.52
N ILE D 290 -41.44 -26.19 33.68
CA ILE D 290 -40.32 -25.28 33.87
C ILE D 290 -39.10 -25.74 33.06
N ILE D 291 -38.84 -27.05 33.05
CA ILE D 291 -37.67 -27.58 32.37
C ILE D 291 -37.83 -27.48 30.85
N VAL D 292 -39.02 -27.82 30.34
CA VAL D 292 -39.24 -27.70 28.89
C VAL D 292 -39.38 -26.24 28.49
N ARG D 293 -39.80 -25.37 29.40
CA ARG D 293 -39.83 -23.93 29.12
C ARG D 293 -38.42 -23.37 28.98
N ASN D 294 -37.52 -23.76 29.89
CA ASN D 294 -36.12 -23.34 29.79
C ASN D 294 -35.44 -23.95 28.58
N GLU D 295 -35.82 -25.18 28.19
CA GLU D 295 -35.24 -25.80 27.01
C GLU D 295 -35.72 -25.13 25.73
N LYS D 296 -36.99 -24.72 25.68
CA LYS D 296 -37.49 -23.97 24.53
C LYS D 296 -36.89 -22.58 24.46
N ARG D 297 -36.62 -21.96 25.62
CA ARG D 297 -35.93 -20.67 25.64
C ARG D 297 -34.50 -20.80 25.12
N MET D 298 -33.80 -21.87 25.53
CA MET D 298 -32.46 -22.12 25.00
C MET D 298 -32.47 -22.44 23.52
N LEU D 299 -33.52 -23.13 23.04
CA LEU D 299 -33.65 -23.40 21.61
C LEU D 299 -33.87 -22.12 20.81
N GLN D 300 -34.71 -21.22 21.35
CA GLN D 300 -34.94 -19.94 20.70
C GLN D 300 -33.68 -19.08 20.68
N GLU D 301 -32.90 -19.12 21.77
CA GLU D 301 -31.65 -18.37 21.82
C GLU D 301 -30.60 -18.95 20.87
N SER D 302 -30.56 -20.27 20.71
CA SER D 302 -29.61 -20.87 19.77
C SER D 302 -30.01 -20.61 18.33
N VAL D 303 -31.32 -20.59 18.03
CA VAL D 303 -31.78 -20.23 16.69
C VAL D 303 -31.48 -18.77 16.40
N ASP D 304 -31.62 -17.90 17.42
CA ASP D 304 -31.28 -16.49 17.26
C ASP D 304 -29.78 -16.28 17.05
N ALA D 305 -28.96 -17.11 17.70
CA ALA D 305 -27.52 -17.02 17.48
C ALA D 305 -27.11 -17.61 16.14
N LEU D 306 -27.88 -18.58 15.63
CA LEU D 306 -27.57 -19.15 14.33
C LEU D 306 -27.94 -18.20 13.20
N LEU D 307 -29.10 -17.55 13.30
CA LEU D 307 -29.56 -16.70 12.20
C LEU D 307 -28.79 -15.38 12.17
N ASP D 308 -28.84 -14.61 13.26
CA ASP D 308 -28.18 -13.30 13.33
C ASP D 308 -27.50 -13.18 14.69
N ASN D 309 -26.22 -13.55 14.75
CA ASN D 309 -25.46 -13.47 15.98
C ASN D 309 -24.95 -12.05 16.19
N GLY D 310 -24.98 -11.61 17.44
CA GLY D 310 -24.50 -10.29 17.81
C GLY D 310 -25.57 -9.23 17.93
N ARG D 311 -26.84 -9.58 17.71
CA ARG D 311 -27.92 -8.62 17.80
C ARG D 311 -28.51 -8.55 19.22
N ARG D 312 -28.93 -9.70 19.75
CA ARG D 312 -29.50 -9.77 21.08
C ARG D 312 -28.70 -10.64 22.03
N GLY D 313 -28.30 -11.83 21.60
CA GLY D 313 -27.58 -12.74 22.46
C GLY D 313 -26.07 -12.53 22.47
N ARG D 314 -25.50 -12.37 21.28
CA ARG D 314 -24.05 -12.19 21.05
C ARG D 314 -23.25 -13.35 21.62
N ALA D 315 -23.50 -14.54 21.06
CA ALA D 315 -22.83 -15.75 21.53
C ALA D 315 -21.38 -15.77 21.09
N ILE D 316 -20.51 -16.25 21.99
CA ILE D 316 -19.08 -16.32 21.71
C ILE D 316 -18.63 -17.77 21.62
N LYS D 321 -13.63 -14.75 23.44
CA LYS D 321 -13.04 -13.42 23.39
C LYS D 321 -13.49 -12.66 22.15
N ARG D 322 -13.94 -13.39 21.13
CA ARG D 322 -14.37 -12.80 19.88
C ARG D 322 -15.67 -13.44 19.41
N PRO D 323 -16.64 -12.64 18.97
CA PRO D 323 -17.89 -13.22 18.48
C PRO D 323 -17.70 -13.86 17.11
N LEU D 324 -18.23 -15.08 16.97
CA LEU D 324 -18.12 -15.81 15.72
C LEU D 324 -19.18 -15.34 14.73
N LYS D 325 -18.91 -15.60 13.45
CA LYS D 325 -19.78 -15.17 12.37
C LYS D 325 -21.03 -16.05 12.30
N SER D 326 -22.04 -15.55 11.59
CA SER D 326 -23.32 -16.23 11.44
C SER D 326 -23.76 -16.12 9.99
N LEU D 327 -25.01 -16.48 9.73
CA LEU D 327 -25.55 -16.39 8.37
C LEU D 327 -25.87 -14.96 7.97
N ALA D 328 -26.16 -14.09 8.94
CA ALA D 328 -26.46 -12.70 8.62
C ALA D 328 -25.20 -11.89 8.36
N ASP D 329 -24.13 -12.14 9.13
CA ASP D 329 -22.88 -11.42 8.93
C ASP D 329 -22.12 -11.90 7.71
N MET D 330 -22.46 -13.08 7.18
CA MET D 330 -21.80 -13.62 6.00
C MET D 330 -22.31 -12.98 4.71
N ILE D 331 -23.45 -12.31 4.75
CA ILE D 331 -24.00 -11.63 3.59
C ILE D 331 -23.66 -10.13 3.60
N LYS D 332 -23.98 -9.45 4.70
CA LYS D 332 -23.75 -8.02 4.81
C LYS D 332 -22.30 -7.73 5.20
N GLY D 333 -21.95 -6.45 5.22
CA GLY D 333 -20.62 -6.03 5.60
C GLY D 333 -19.66 -5.97 4.43
N LYS D 334 -18.45 -5.51 4.74
CA LYS D 334 -17.40 -5.42 3.72
C LYS D 334 -16.76 -6.77 3.43
N GLN D 335 -16.61 -7.62 4.46
CA GLN D 335 -15.98 -8.91 4.32
C GLN D 335 -16.97 -10.04 4.02
N GLY D 336 -18.18 -9.70 3.61
CA GLY D 336 -19.20 -10.69 3.31
C GLY D 336 -18.99 -11.32 1.95
N ARG D 337 -19.97 -12.15 1.57
CA ARG D 337 -19.94 -12.84 0.29
C ARG D 337 -20.44 -11.97 -0.86
N PHE D 338 -20.82 -10.72 -0.59
CA PHE D 338 -21.36 -9.84 -1.63
C PHE D 338 -20.35 -8.83 -2.13
N ARG D 339 -19.43 -8.37 -1.28
CA ARG D 339 -18.44 -7.36 -1.67
C ARG D 339 -17.07 -7.95 -1.98
N GLN D 340 -16.76 -9.14 -1.46
CA GLN D 340 -15.45 -9.74 -1.67
C GLN D 340 -15.43 -10.77 -2.79
N ASN D 341 -16.58 -11.20 -3.29
CA ASN D 341 -16.64 -12.25 -4.29
C ASN D 341 -17.56 -11.97 -5.47
N LEU D 342 -18.37 -10.91 -5.43
CA LEU D 342 -19.30 -10.60 -6.51
C LEU D 342 -18.96 -9.31 -7.23
N LEU D 343 -18.80 -8.20 -6.49
CA LEU D 343 -18.40 -6.95 -7.13
C LEU D 343 -16.92 -6.97 -7.47
N GLY D 344 -16.08 -7.31 -6.50
CA GLY D 344 -14.65 -7.41 -6.73
C GLY D 344 -14.15 -8.83 -6.67
N LYS D 345 -13.59 -9.33 -7.77
CA LYS D 345 -13.13 -10.70 -7.87
C LYS D 345 -11.65 -10.74 -8.17
N ARG D 346 -10.99 -11.79 -7.68
CA ARG D 346 -9.60 -12.06 -8.05
C ARG D 346 -9.57 -12.62 -9.47
N VAL D 347 -8.70 -12.07 -10.31
CA VAL D 347 -8.61 -12.48 -11.70
C VAL D 347 -7.22 -13.03 -11.98
N ASP D 348 -7.15 -13.91 -12.97
CA ASP D 348 -5.89 -14.45 -13.45
C ASP D 348 -5.45 -13.66 -14.68
N TYR D 349 -4.38 -14.14 -15.34
CA TYR D 349 -3.70 -13.45 -16.44
C TYR D 349 -3.30 -12.03 -16.04
N SER D 350 -2.77 -11.89 -14.84
CA SER D 350 -2.53 -10.58 -14.26
C SER D 350 -1.35 -10.64 -13.30
N GLY D 351 -0.71 -9.49 -13.12
CA GLY D 351 0.41 -9.38 -12.20
C GLY D 351 0.68 -7.92 -11.90
N ARG D 352 1.64 -7.69 -11.01
CA ARG D 352 2.01 -6.33 -10.64
C ARG D 352 3.53 -6.24 -10.48
N SER D 353 4.03 -5.03 -10.60
CA SER D 353 5.44 -4.73 -10.43
C SER D 353 5.60 -3.24 -10.16
N VAL D 354 6.81 -2.84 -9.77
CA VAL D 354 7.08 -1.42 -9.58
C VAL D 354 7.21 -0.74 -10.93
N ILE D 355 7.10 0.59 -10.92
CA ILE D 355 7.15 1.39 -12.14
C ILE D 355 8.34 2.35 -12.07
N THR D 356 9.02 2.51 -13.19
CA THR D 356 10.04 3.53 -13.39
C THR D 356 9.59 4.46 -14.53
N VAL D 357 10.47 5.38 -14.89
CA VAL D 357 10.19 6.36 -15.93
C VAL D 357 10.96 5.99 -17.20
N GLY D 358 10.28 6.03 -18.34
CA GLY D 358 10.91 5.80 -19.61
C GLY D 358 10.72 6.96 -20.56
N PRO D 359 11.80 7.68 -20.86
CA PRO D 359 11.69 8.83 -21.77
C PRO D 359 11.74 8.46 -23.24
N TYR D 360 12.25 7.29 -23.59
CA TYR D 360 12.37 6.88 -24.98
C TYR D 360 11.09 6.29 -25.54
N LEU D 361 10.10 6.00 -24.69
CA LEU D 361 8.86 5.40 -25.14
C LEU D 361 7.96 6.44 -25.80
N LYS D 362 6.92 5.98 -26.47
CA LYS D 362 5.91 6.82 -27.07
C LYS D 362 4.71 6.92 -26.12
N LEU D 363 3.66 7.58 -26.59
CA LEU D 363 2.48 7.76 -25.74
C LEU D 363 1.61 6.50 -25.70
N HIS D 364 1.51 5.79 -26.83
CA HIS D 364 0.65 4.62 -26.91
C HIS D 364 1.33 3.33 -26.47
N GLN D 365 2.64 3.34 -26.26
CA GLN D 365 3.37 2.13 -25.88
C GLN D 365 3.97 2.31 -24.48
N CYS D 366 4.26 1.18 -23.85
CA CYS D 366 4.86 1.14 -22.52
C CYS D 366 5.84 -0.03 -22.46
N GLY D 367 6.55 -0.12 -21.34
CA GLY D 367 7.49 -1.20 -21.15
C GLY D 367 6.88 -2.37 -20.37
N LEU D 368 7.53 -3.52 -20.49
CA LEU D 368 7.08 -4.73 -19.81
C LEU D 368 8.27 -5.64 -19.63
N PRO D 369 8.44 -6.27 -18.47
CA PRO D 369 9.58 -7.18 -18.28
C PRO D 369 9.45 -8.44 -19.10
N LYS D 370 10.59 -9.12 -19.28
CA LYS D 370 10.62 -10.29 -20.14
C LYS D 370 9.96 -11.50 -19.49
N LYS D 371 10.33 -11.79 -18.23
CA LYS D 371 9.73 -12.93 -17.54
C LYS D 371 8.27 -12.68 -17.19
N MET D 372 7.91 -11.43 -16.93
CA MET D 372 6.52 -11.09 -16.66
C MET D 372 5.64 -11.27 -17.89
N ALA D 373 6.12 -10.84 -19.06
CA ALA D 373 5.37 -11.04 -20.29
C ALA D 373 5.39 -12.50 -20.72
N LEU D 374 6.43 -13.25 -20.36
CA LEU D 374 6.44 -14.68 -20.64
C LEU D 374 5.44 -15.42 -19.76
N GLU D 375 5.24 -14.96 -18.52
CA GLU D 375 4.25 -15.57 -17.66
C GLU D 375 2.83 -15.18 -18.04
N LEU D 376 2.64 -13.94 -18.51
CA LEU D 376 1.30 -13.49 -18.88
C LEU D 376 0.85 -14.06 -20.22
N PHE D 377 1.74 -14.04 -21.23
CA PHE D 377 1.40 -14.48 -22.58
C PHE D 377 1.77 -15.94 -22.83
N LYS D 378 1.78 -16.75 -21.78
CA LYS D 378 2.06 -18.19 -21.87
C LYS D 378 1.08 -19.02 -22.71
N PRO D 379 -0.26 -18.80 -22.70
CA PRO D 379 -1.10 -19.61 -23.61
C PRO D 379 -0.89 -19.28 -25.08
N PHE D 380 -0.65 -18.00 -25.42
CA PHE D 380 -0.38 -17.65 -26.81
C PHE D 380 0.97 -18.19 -27.25
N VAL D 381 1.94 -18.21 -26.34
CA VAL D 381 3.25 -18.81 -26.63
C VAL D 381 3.11 -20.31 -26.85
N PHE D 382 2.27 -20.98 -26.04
CA PHE D 382 2.03 -22.42 -26.22
C PHE D 382 1.33 -22.70 -27.55
N ALA D 383 0.35 -21.86 -27.92
CA ALA D 383 -0.35 -22.04 -29.18
C ALA D 383 0.56 -21.80 -30.38
N LYS D 384 1.43 -20.79 -30.30
CA LYS D 384 2.36 -20.52 -31.40
C LYS D 384 3.44 -21.58 -31.49
N LEU D 385 3.85 -22.17 -30.36
CA LEU D 385 4.81 -23.26 -30.39
C LEU D 385 4.19 -24.53 -30.94
N GLN D 386 2.89 -24.74 -30.69
CA GLN D 386 2.20 -25.87 -31.31
C GLN D 386 1.98 -25.65 -32.80
N ARG D 387 1.78 -24.40 -33.22
CA ARG D 387 1.58 -24.12 -34.63
C ARG D 387 2.88 -24.16 -35.42
N ARG D 388 4.00 -23.75 -34.81
CA ARG D 388 5.28 -23.74 -35.51
C ARG D 388 5.87 -25.13 -35.68
N GLY D 389 5.49 -26.08 -34.84
CA GLY D 389 5.99 -27.44 -34.92
C GLY D 389 7.24 -27.71 -34.13
N LEU D 390 7.63 -26.82 -33.22
CA LEU D 390 8.82 -27.06 -32.40
C LEU D 390 8.59 -28.08 -31.30
N ALA D 391 7.32 -28.35 -30.96
CA ALA D 391 6.99 -29.33 -29.94
C ALA D 391 5.69 -30.01 -30.32
N THR D 392 5.67 -31.35 -30.22
CA THR D 392 4.47 -32.09 -30.58
C THR D 392 3.39 -31.99 -29.51
N THR D 393 3.78 -32.02 -28.24
CA THR D 393 2.85 -31.92 -27.13
C THR D 393 3.13 -30.65 -26.33
N ILE D 394 2.21 -30.34 -25.42
CA ILE D 394 2.38 -29.14 -24.59
C ILE D 394 3.36 -29.36 -23.46
N LYS D 395 3.70 -30.61 -23.14
CA LYS D 395 4.70 -30.87 -22.12
C LYS D 395 6.09 -30.52 -22.61
N ALA D 396 6.43 -30.91 -23.85
CA ALA D 396 7.69 -30.52 -24.44
C ALA D 396 7.75 -29.02 -24.70
N ALA D 397 6.61 -28.41 -25.03
CA ALA D 397 6.58 -26.96 -25.20
C ALA D 397 6.78 -26.24 -23.87
N LYS D 398 6.23 -26.77 -22.78
CA LYS D 398 6.44 -26.18 -21.46
C LYS D 398 7.89 -26.36 -21.01
N LYS D 399 8.49 -27.51 -21.31
CA LYS D 399 9.90 -27.71 -20.98
C LYS D 399 10.81 -26.82 -21.84
N LEU D 400 10.40 -26.52 -23.07
CA LEU D 400 11.16 -25.60 -23.90
C LEU D 400 11.00 -24.15 -23.44
N VAL D 401 9.84 -23.82 -22.85
CA VAL D 401 9.66 -22.50 -22.26
C VAL D 401 10.53 -22.35 -21.01
N GLU D 402 10.51 -23.36 -20.14
CA GLU D 402 11.34 -23.29 -18.93
C GLU D 402 12.84 -23.46 -19.23
N ARG D 403 13.19 -24.01 -20.39
CA ARG D 403 14.59 -24.09 -20.78
C ARG D 403 15.14 -22.73 -21.19
N GLU D 404 14.26 -21.85 -21.70
CA GLU D 404 14.55 -20.46 -22.06
C GLU D 404 15.65 -20.35 -23.13
N GLU D 405 15.35 -20.87 -24.31
CA GLU D 405 16.22 -20.71 -25.46
C GLU D 405 15.82 -19.43 -26.21
N ALA D 406 16.37 -19.23 -27.41
CA ALA D 406 16.09 -18.03 -28.18
C ALA D 406 14.78 -18.11 -28.96
N GLU D 407 14.31 -19.33 -29.26
CA GLU D 407 13.08 -19.46 -30.04
C GLU D 407 11.86 -19.05 -29.24
N VAL D 408 11.86 -19.26 -27.92
CA VAL D 408 10.75 -18.79 -27.10
C VAL D 408 10.78 -17.27 -26.99
N TRP D 409 11.96 -16.65 -27.09
CA TRP D 409 12.02 -15.19 -27.14
C TRP D 409 11.50 -14.67 -28.48
N ASP D 410 11.78 -15.39 -29.57
CA ASP D 410 11.23 -15.02 -30.87
C ASP D 410 9.71 -15.14 -30.88
N ILE D 411 9.18 -16.20 -30.26
CA ILE D 411 7.73 -16.39 -30.18
C ILE D 411 7.09 -15.31 -29.30
N LEU D 412 7.72 -14.98 -28.17
CA LEU D 412 7.20 -13.94 -27.29
C LEU D 412 7.27 -12.56 -27.93
N GLU D 413 8.28 -12.32 -28.76
CA GLU D 413 8.35 -11.04 -29.47
C GLU D 413 7.33 -10.97 -30.59
N GLU D 414 7.04 -12.10 -31.25
CA GLU D 414 6.05 -12.09 -32.32
C GLU D 414 4.62 -12.03 -31.80
N VAL D 415 4.39 -12.52 -30.58
CA VAL D 415 3.04 -12.51 -30.02
C VAL D 415 2.68 -11.12 -29.49
N ILE D 416 3.60 -10.48 -28.78
CA ILE D 416 3.31 -9.24 -28.05
C ILE D 416 3.27 -8.01 -28.94
N ARG D 417 3.44 -8.17 -30.27
CA ARG D 417 3.63 -7.03 -31.17
C ARG D 417 2.35 -6.20 -31.29
N GLU D 418 1.21 -6.86 -31.53
CA GLU D 418 -0.05 -6.15 -31.72
C GLU D 418 -1.10 -6.57 -30.68
N HIS D 419 -0.67 -6.82 -29.45
CA HIS D 419 -1.57 -7.23 -28.39
C HIS D 419 -1.52 -6.21 -27.25
N PRO D 420 -2.59 -5.47 -27.00
CA PRO D 420 -2.56 -4.46 -25.93
C PRO D 420 -2.78 -5.09 -24.56
N VAL D 421 -2.29 -4.40 -23.54
CA VAL D 421 -2.48 -4.79 -22.15
C VAL D 421 -3.09 -3.63 -21.39
N LEU D 422 -3.80 -3.94 -20.31
CA LEU D 422 -4.51 -2.96 -19.51
C LEU D 422 -3.69 -2.66 -18.26
N LEU D 423 -3.14 -1.44 -18.19
CA LEU D 423 -2.38 -1.00 -17.03
C LEU D 423 -3.31 -0.27 -16.07
N ASN D 424 -3.26 -0.66 -14.79
CA ASN D 424 -4.22 -0.18 -13.80
C ASN D 424 -3.49 0.30 -12.55
N ARG D 425 -3.92 1.46 -12.05
CA ARG D 425 -3.45 1.97 -10.77
C ARG D 425 -4.24 1.32 -9.63
N ALA D 426 -3.56 1.08 -8.50
CA ALA D 426 -4.16 0.35 -7.39
C ALA D 426 -5.27 1.13 -6.69
N PRO D 427 -5.21 2.46 -6.55
CA PRO D 427 -6.47 3.20 -6.41
C PRO D 427 -7.00 3.66 -7.76
N THR D 428 -8.30 3.50 -7.96
CA THR D 428 -8.94 3.78 -9.24
C THR D 428 -10.10 4.77 -9.02
N LEU D 429 -9.80 5.86 -8.31
CA LEU D 429 -10.78 6.93 -8.14
C LEU D 429 -10.96 7.75 -9.40
N HIS D 430 -9.96 7.76 -10.29
CA HIS D 430 -10.04 8.45 -11.55
C HIS D 430 -10.80 7.61 -12.58
N ARG D 431 -11.33 8.30 -13.60
CA ARG D 431 -11.92 7.59 -14.73
C ARG D 431 -10.84 6.96 -15.58
N LEU D 432 -9.68 7.61 -15.67
CA LEU D 432 -8.55 7.16 -16.48
C LEU D 432 -7.54 6.37 -15.68
N GLY D 433 -7.99 5.65 -14.64
CA GLY D 433 -7.08 4.78 -13.91
C GLY D 433 -6.70 3.52 -14.65
N ILE D 434 -7.46 3.15 -15.68
CA ILE D 434 -7.18 1.99 -16.51
C ILE D 434 -6.92 2.48 -17.93
N GLN D 435 -5.74 2.20 -18.46
CA GLN D 435 -5.40 2.61 -19.82
C GLN D 435 -4.74 1.45 -20.54
N ALA D 436 -4.88 1.44 -21.86
CA ALA D 436 -4.33 0.37 -22.69
C ALA D 436 -3.06 0.83 -23.38
N PHE D 437 -2.06 -0.04 -23.39
CA PHE D 437 -0.76 0.25 -24.00
C PHE D 437 -0.31 -0.96 -24.79
N GLU D 438 0.53 -0.72 -25.80
CA GLU D 438 1.16 -1.79 -26.54
C GLU D 438 2.53 -2.07 -25.94
N PRO D 439 2.72 -3.17 -25.20
CA PRO D 439 3.96 -3.35 -24.45
C PRO D 439 5.11 -3.81 -25.31
N VAL D 440 6.31 -3.43 -24.89
CA VAL D 440 7.55 -3.89 -25.50
C VAL D 440 8.35 -4.66 -24.45
N LEU D 441 9.30 -5.46 -24.93
CA LEU D 441 10.12 -6.29 -24.06
C LEU D 441 11.38 -5.53 -23.67
N ILE D 442 11.57 -5.32 -22.37
CA ILE D 442 12.76 -4.66 -21.86
C ILE D 442 13.54 -5.65 -20.99
N GLU D 443 14.83 -5.36 -20.81
CA GLU D 443 15.71 -6.20 -20.01
C GLU D 443 15.79 -5.62 -18.60
N GLY D 444 14.73 -5.88 -17.84
CA GLY D 444 14.66 -5.39 -16.48
C GLY D 444 13.62 -6.15 -15.69
N LYS D 445 13.31 -5.60 -14.50
CA LYS D 445 12.31 -6.20 -13.62
C LYS D 445 11.21 -5.21 -13.24
N ALA D 446 11.09 -4.09 -13.94
CA ALA D 446 10.09 -3.09 -13.64
C ALA D 446 9.31 -2.75 -14.91
N ILE D 447 8.25 -1.98 -14.74
CA ILE D 447 7.35 -1.59 -15.83
C ILE D 447 7.63 -0.14 -16.16
N GLN D 448 8.27 0.10 -17.30
CA GLN D 448 8.57 1.45 -17.72
C GLN D 448 7.31 2.15 -18.23
N LEU D 449 7.17 3.43 -17.91
CA LEU D 449 5.98 4.20 -18.23
C LEU D 449 6.37 5.54 -18.83
N HIS D 450 5.53 6.03 -19.73
CA HIS D 450 5.75 7.33 -20.34
C HIS D 450 5.49 8.44 -19.31
N PRO D 451 6.26 9.53 -19.34
CA PRO D 451 6.06 10.61 -18.35
C PRO D 451 4.77 11.41 -18.54
N LEU D 452 4.12 11.31 -19.69
CA LEU D 452 2.84 11.98 -19.90
C LEU D 452 1.66 11.15 -19.47
N VAL D 453 1.89 9.98 -18.88
CA VAL D 453 0.83 9.08 -18.44
C VAL D 453 0.58 9.21 -16.94
N CYS D 454 1.65 9.37 -16.15
CA CYS D 454 1.55 9.41 -14.69
C CYS D 454 0.86 10.67 -14.16
N THR D 455 0.65 11.68 -15.00
CA THR D 455 -0.14 12.84 -14.58
C THR D 455 -1.61 12.47 -14.43
N ALA D 456 -2.16 11.75 -15.41
CA ALA D 456 -3.54 11.29 -15.31
C ALA D 456 -3.70 10.16 -14.30
N PHE D 457 -2.66 9.35 -14.11
CA PHE D 457 -2.69 8.30 -13.12
C PHE D 457 -2.50 8.81 -11.70
N ASN D 458 -1.98 10.05 -11.56
CA ASN D 458 -1.58 10.65 -10.29
C ASN D 458 -0.60 9.75 -9.54
N ALA D 459 0.37 9.21 -10.27
CA ALA D 459 1.32 8.23 -9.75
C ALA D 459 2.72 8.82 -9.70
N ASP D 460 3.41 8.60 -8.58
CA ASP D 460 4.79 9.00 -8.40
C ASP D 460 5.70 7.86 -8.84
N PHE D 461 6.99 7.96 -8.53
CA PHE D 461 7.96 6.92 -8.85
C PHE D 461 8.83 6.59 -7.64
N ASP D 462 8.20 6.39 -6.48
CA ASP D 462 8.91 5.94 -5.28
C ASP D 462 8.05 4.88 -4.59
N GLY D 463 8.28 3.62 -4.95
CA GLY D 463 7.53 2.53 -4.36
C GLY D 463 6.13 2.36 -4.88
N ASP D 464 5.84 2.87 -6.08
CA ASP D 464 4.53 2.75 -6.68
C ASP D 464 4.44 1.46 -7.48
N GLN D 465 3.36 0.71 -7.28
CA GLN D 465 3.11 -0.53 -8.00
C GLN D 465 1.84 -0.40 -8.82
N MET D 466 1.84 -1.00 -10.01
CA MET D 466 0.69 -0.96 -10.91
C MET D 466 0.38 -2.36 -11.39
N ALA D 467 -0.87 -2.79 -11.20
CA ALA D 467 -1.31 -4.10 -11.62
C ALA D 467 -1.69 -4.07 -13.10
N VAL D 468 -1.22 -5.05 -13.85
CA VAL D 468 -1.49 -5.13 -15.28
C VAL D 468 -2.47 -6.26 -15.54
N HIS D 469 -3.21 -6.13 -16.64
CA HIS D 469 -4.17 -7.13 -17.09
C HIS D 469 -4.09 -7.23 -18.61
N VAL D 470 -4.26 -8.43 -19.14
CA VAL D 470 -4.18 -8.65 -20.57
C VAL D 470 -5.56 -9.09 -21.08
N PRO D 471 -6.15 -8.39 -22.04
CA PRO D 471 -7.36 -8.90 -22.69
C PRO D 471 -7.00 -9.94 -23.74
N LEU D 472 -7.76 -11.03 -23.75
CA LEU D 472 -7.46 -12.17 -24.63
C LEU D 472 -8.51 -12.45 -25.68
N SER D 473 -9.73 -11.95 -25.52
CA SER D 473 -10.74 -12.09 -26.56
C SER D 473 -10.56 -11.02 -27.63
N LEU D 474 -11.15 -11.26 -28.80
CA LEU D 474 -11.03 -10.31 -29.91
C LEU D 474 -11.86 -9.05 -29.63
N GLU D 475 -13.04 -9.21 -29.04
CA GLU D 475 -13.87 -8.06 -28.69
C GLU D 475 -13.22 -7.23 -27.60
N ALA D 476 -12.58 -7.88 -26.63
CA ALA D 476 -11.89 -7.16 -25.56
C ALA D 476 -10.66 -6.43 -26.09
N GLN D 477 -9.94 -7.06 -27.02
CA GLN D 477 -8.77 -6.40 -27.63
C GLN D 477 -9.19 -5.20 -28.46
N LEU D 478 -10.29 -5.32 -29.22
CA LEU D 478 -10.74 -4.19 -30.03
C LEU D 478 -11.34 -3.09 -29.16
N GLU D 479 -11.98 -3.43 -28.05
CA GLU D 479 -12.47 -2.41 -27.12
C GLU D 479 -11.31 -1.69 -26.44
N ALA D 480 -10.24 -2.42 -26.09
CA ALA D 480 -9.06 -1.79 -25.50
C ALA D 480 -8.32 -0.94 -26.51
N ARG D 481 -8.36 -1.31 -27.79
CA ARG D 481 -7.72 -0.49 -28.82
C ARG D 481 -8.53 0.76 -29.11
N ALA D 482 -9.87 0.65 -29.11
CA ALA D 482 -10.71 1.77 -29.50
C ALA D 482 -10.92 2.75 -28.36
N LEU D 483 -11.48 2.28 -27.24
CA LEU D 483 -11.97 3.18 -26.20
C LEU D 483 -11.18 3.10 -24.90
N MET D 484 -9.98 2.51 -24.93
CA MET D 484 -9.11 2.49 -23.75
C MET D 484 -7.68 2.92 -24.04
N MET D 485 -7.37 3.32 -25.27
CA MET D 485 -6.00 3.69 -25.61
C MET D 485 -5.63 5.04 -24.99
N SER D 486 -4.35 5.19 -24.68
CA SER D 486 -3.87 6.43 -24.07
C SER D 486 -3.84 7.58 -25.06
N THR D 487 -3.72 7.30 -26.35
CA THR D 487 -3.76 8.35 -27.36
C THR D 487 -5.18 8.84 -27.63
N ASN D 488 -6.19 8.04 -27.30
CA ASN D 488 -7.58 8.47 -27.47
C ASN D 488 -8.11 9.23 -26.26
N ASN D 489 -7.55 8.98 -25.07
CA ASN D 489 -7.98 9.63 -23.84
C ASN D 489 -7.04 10.80 -23.55
N ILE D 490 -7.30 11.92 -24.21
CA ILE D 490 -6.53 13.15 -24.02
C ILE D 490 -7.23 14.09 -23.05
N LEU D 491 -8.53 14.35 -23.28
CA LEU D 491 -9.27 15.29 -22.46
C LEU D 491 -9.69 14.63 -21.14
N SER D 492 -9.91 15.48 -20.14
CA SER D 492 -10.33 15.05 -18.81
C SER D 492 -11.85 14.84 -18.77
N PRO D 493 -12.33 13.89 -17.97
CA PRO D 493 -13.78 13.72 -17.82
C PRO D 493 -14.45 14.80 -16.99
N ALA D 494 -13.70 15.62 -16.26
CA ALA D 494 -14.29 16.63 -15.41
C ALA D 494 -14.53 17.94 -16.16
N ASN D 495 -13.50 18.45 -16.84
CA ASN D 495 -13.57 19.70 -17.57
C ASN D 495 -13.04 19.50 -19.00
N GLY D 496 -13.09 20.57 -19.79
CA GLY D 496 -12.65 20.51 -21.17
C GLY D 496 -11.14 20.57 -21.36
N GLU D 497 -10.38 20.76 -20.30
CA GLU D 497 -8.93 20.84 -20.41
C GLU D 497 -8.36 19.43 -20.62
N PRO D 498 -7.28 19.31 -21.40
CA PRO D 498 -6.68 17.98 -21.60
C PRO D 498 -5.95 17.50 -20.35
N ILE D 499 -6.07 16.20 -20.08
CA ILE D 499 -5.45 15.64 -18.89
C ILE D 499 -3.94 15.44 -19.10
N ILE D 500 -3.46 15.47 -20.34
CA ILE D 500 -2.03 15.38 -20.62
C ILE D 500 -1.44 16.79 -20.60
N VAL D 501 -0.69 17.09 -19.54
CA VAL D 501 0.02 18.36 -19.41
C VAL D 501 1.50 18.03 -19.28
N PRO D 502 2.39 18.81 -19.91
CA PRO D 502 3.83 18.62 -19.66
C PRO D 502 4.19 18.99 -18.23
N SER D 503 4.96 18.12 -17.59
CA SER D 503 5.27 18.21 -16.16
C SER D 503 6.46 19.15 -15.95
N GLN D 504 7.07 19.09 -14.76
CA GLN D 504 7.96 20.16 -14.32
C GLN D 504 9.30 20.17 -15.07
N ASP D 505 9.82 18.99 -15.44
CA ASP D 505 11.14 18.95 -16.05
C ASP D 505 11.12 19.42 -17.50
N VAL D 506 9.99 19.29 -18.18
CA VAL D 506 9.91 19.77 -19.56
C VAL D 506 9.45 21.22 -19.63
N VAL D 507 8.58 21.67 -18.72
CA VAL D 507 8.24 23.09 -18.71
C VAL D 507 9.39 23.93 -18.15
N LEU D 508 10.29 23.31 -17.37
CA LEU D 508 11.50 24.02 -16.95
C LEU D 508 12.41 24.28 -18.15
N GLY D 509 12.57 23.28 -19.01
CA GLY D 509 13.36 23.48 -20.22
C GLY D 509 12.71 24.43 -21.20
N LEU D 510 11.37 24.38 -21.28
CA LEU D 510 10.66 25.31 -22.15
C LEU D 510 10.74 26.75 -21.64
N TYR D 511 10.70 26.93 -20.32
CA TYR D 511 10.84 28.27 -19.76
C TYR D 511 12.27 28.78 -19.85
N TYR D 512 13.25 27.88 -19.78
CA TYR D 512 14.64 28.30 -19.98
C TYR D 512 14.91 28.63 -21.45
N MET D 513 14.23 27.94 -22.37
CA MET D 513 14.45 28.17 -23.80
C MET D 513 13.69 29.39 -24.30
N SER D 514 12.52 29.68 -23.73
CA SER D 514 11.66 30.74 -24.25
C SER D 514 12.02 32.12 -23.72
N ARG D 515 12.85 32.22 -22.69
CA ARG D 515 13.18 33.52 -22.12
C ARG D 515 14.17 34.26 -23.02
N ALA D 516 14.18 35.59 -22.88
CA ALA D 516 15.04 36.46 -23.66
C ALA D 516 15.84 37.36 -22.72
N LEU D 517 17.04 37.72 -23.16
CA LEU D 517 17.93 38.56 -22.38
C LEU D 517 18.23 39.85 -23.13
N GLU D 518 18.87 40.79 -22.44
CA GLU D 518 19.15 42.10 -23.03
C GLU D 518 20.41 42.06 -23.87
N ASN D 519 21.54 41.75 -23.27
CA ASN D 519 22.85 41.77 -23.94
C ASN D 519 23.40 40.35 -24.01
N LYS D 520 23.38 39.77 -25.20
CA LYS D 520 23.93 38.44 -25.43
C LYS D 520 24.62 38.42 -26.80
N LYS D 521 25.40 37.37 -27.02
CA LYS D 521 26.18 37.26 -28.26
C LYS D 521 25.30 36.74 -29.39
N GLY D 522 25.41 37.38 -30.55
CA GLY D 522 24.70 36.94 -31.73
C GLY D 522 23.31 37.53 -31.91
N GLU D 523 23.05 38.71 -31.37
CA GLU D 523 21.76 39.35 -31.49
C GLU D 523 21.80 40.46 -32.53
N GLY D 524 20.61 40.83 -33.01
CA GLY D 524 20.48 41.90 -33.98
C GLY D 524 20.65 41.49 -35.43
N MET D 525 20.62 40.20 -35.72
CA MET D 525 20.79 39.69 -37.08
C MET D 525 19.47 39.15 -37.61
N VAL D 526 19.43 38.94 -38.92
CA VAL D 526 18.24 38.44 -39.60
C VAL D 526 18.56 37.06 -40.18
N PHE D 527 17.68 36.10 -39.93
CA PHE D 527 17.84 34.75 -40.42
C PHE D 527 16.76 34.43 -41.46
N ALA D 528 17.08 33.46 -42.32
CA ALA D 528 16.18 33.13 -43.43
C ALA D 528 14.99 32.31 -42.95
N ASN D 529 15.25 31.16 -42.34
CA ASN D 529 14.19 30.26 -41.89
C ASN D 529 14.64 29.59 -40.59
N THR D 530 13.89 28.55 -40.19
CA THR D 530 14.17 27.87 -38.93
C THR D 530 15.45 27.02 -39.02
N SER D 531 15.74 26.50 -40.21
CA SER D 531 16.93 25.67 -40.41
C SER D 531 18.21 26.50 -40.26
N GLU D 532 18.19 27.77 -40.67
CA GLU D 532 19.36 28.62 -40.46
C GLU D 532 19.54 28.96 -38.99
N VAL D 533 18.45 29.09 -38.23
CA VAL D 533 18.55 29.30 -36.78
C VAL D 533 19.13 28.06 -36.12
N LYS D 534 18.71 26.88 -36.56
CA LYS D 534 19.25 25.63 -36.01
C LYS D 534 20.73 25.46 -36.35
N ARG D 535 21.12 25.80 -37.58
CA ARG D 535 22.52 25.69 -37.98
C ARG D 535 23.39 26.73 -37.28
N ALA D 536 22.83 27.90 -36.95
CA ALA D 536 23.59 28.90 -36.22
C ALA D 536 23.72 28.54 -34.75
N TYR D 537 22.67 27.93 -34.16
CA TYR D 537 22.74 27.56 -32.76
C TYR D 537 23.63 26.33 -32.55
N ASP D 538 23.62 25.39 -33.50
CA ASP D 538 24.40 24.18 -33.36
C ASP D 538 25.89 24.39 -33.59
N ASN D 539 26.29 25.53 -34.17
CA ASN D 539 27.70 25.86 -34.34
C ASN D 539 28.24 26.74 -33.23
N ARG D 540 27.41 27.02 -32.20
CA ARG D 540 27.78 27.78 -31.01
C ARG D 540 28.27 29.20 -31.34
N VAL D 541 27.58 29.84 -32.29
CA VAL D 541 27.87 31.23 -32.63
C VAL D 541 26.79 32.19 -32.17
N VAL D 542 25.68 31.68 -31.63
CA VAL D 542 24.59 32.52 -31.13
C VAL D 542 24.05 31.89 -29.85
N GLU D 543 23.75 32.72 -28.86
CA GLU D 543 23.24 32.24 -27.59
C GLU D 543 21.76 31.84 -27.74
N LEU D 544 21.27 31.11 -26.74
CA LEU D 544 19.89 30.66 -26.75
C LEU D 544 18.91 31.79 -26.44
N HIS D 545 19.31 32.75 -25.63
CA HIS D 545 18.47 33.90 -25.26
C HIS D 545 19.03 35.13 -25.95
N ALA D 546 18.56 35.38 -27.18
CA ALA D 546 19.01 36.54 -27.94
C ALA D 546 17.86 37.03 -28.80
N LYS D 547 17.61 38.34 -28.75
CA LYS D 547 16.53 38.94 -29.55
C LYS D 547 16.93 39.00 -31.02
N VAL D 548 16.54 37.99 -31.79
CA VAL D 548 16.93 37.86 -33.19
C VAL D 548 15.66 37.84 -34.03
N LYS D 549 15.55 38.81 -34.94
CA LYS D 549 14.40 38.88 -35.83
C LYS D 549 14.55 37.84 -36.94
N VAL D 550 13.68 36.83 -36.93
CA VAL D 550 13.74 35.75 -37.90
C VAL D 550 12.54 35.85 -38.83
N ARG D 551 12.53 34.99 -39.85
CA ARG D 551 11.46 34.94 -40.83
C ARG D 551 10.94 33.51 -40.89
N ILE D 552 9.62 33.35 -40.70
CA ILE D 552 9.00 32.04 -40.67
C ILE D 552 7.79 32.04 -41.59
N THR D 553 7.50 30.87 -42.17
CA THR D 553 6.37 30.69 -43.07
C THR D 553 5.36 29.78 -42.39
N GLN D 554 4.12 30.25 -42.27
CA GLN D 554 3.04 29.48 -41.68
C GLN D 554 1.78 29.64 -42.51
N VAL D 555 0.99 28.58 -42.60
CA VAL D 555 -0.28 28.63 -43.30
C VAL D 555 -1.38 29.00 -42.31
N ASP D 556 -2.52 29.44 -42.85
CA ASP D 556 -3.66 29.86 -42.04
C ASP D 556 -4.87 29.04 -42.43
N VAL D 557 -5.55 28.49 -41.43
CA VAL D 557 -6.74 27.68 -41.65
C VAL D 557 -7.95 28.60 -41.72
N ASP D 558 -9.04 28.08 -42.28
CA ASP D 558 -10.28 28.85 -42.41
C ASP D 558 -11.35 28.32 -41.46
N ARG D 564 -6.80 26.84 -46.63
CA ARG D 564 -5.39 26.77 -46.25
C ARG D 564 -4.52 27.59 -47.19
N THR D 565 -4.19 28.81 -46.78
CA THR D 565 -3.37 29.73 -47.57
C THR D 565 -2.04 29.95 -46.85
N SER D 566 -0.94 29.79 -47.59
CA SER D 566 0.39 29.96 -47.03
C SER D 566 0.81 31.42 -47.08
N GLY D 567 1.62 31.82 -46.09
CA GLY D 567 2.11 33.18 -46.01
C GLY D 567 3.44 33.24 -45.29
N THR D 568 4.17 34.32 -45.54
CA THR D 568 5.47 34.55 -44.91
C THR D 568 5.49 35.93 -44.27
N SER D 569 6.20 36.03 -43.15
CA SER D 569 6.30 37.29 -42.41
C SER D 569 7.61 37.31 -41.65
N ILE D 570 7.92 38.48 -41.09
CA ILE D 570 9.13 38.68 -40.29
C ILE D 570 8.71 39.06 -38.88
N VAL D 571 9.14 38.26 -37.91
CA VAL D 571 8.82 38.50 -36.51
C VAL D 571 10.12 38.66 -35.72
N ASP D 572 10.05 39.49 -34.68
CA ASP D 572 11.18 39.74 -33.80
C ASP D 572 11.01 38.87 -32.57
N THR D 573 11.70 37.73 -32.55
CA THR D 573 11.55 36.73 -31.50
C THR D 573 12.91 36.42 -30.88
N THR D 574 12.94 35.37 -30.07
CA THR D 574 14.15 34.85 -29.46
C THR D 574 14.64 33.67 -30.28
N VAL D 575 15.93 33.33 -30.11
CA VAL D 575 16.50 32.16 -30.77
C VAL D 575 15.83 30.88 -30.28
N GLY D 576 15.52 30.82 -28.99
CA GLY D 576 14.86 29.64 -28.45
C GLY D 576 13.41 29.53 -28.91
N ARG D 577 12.73 30.67 -29.07
CA ARG D 577 11.38 30.66 -29.60
C ARG D 577 11.37 30.30 -31.09
N ALA D 578 12.44 30.63 -31.81
CA ALA D 578 12.56 30.21 -33.21
C ALA D 578 12.87 28.73 -33.30
N LEU D 579 13.64 28.20 -32.36
CA LEU D 579 13.91 26.76 -32.32
C LEU D 579 12.69 25.97 -31.86
N LEU D 580 11.79 26.60 -31.10
CA LEU D 580 10.55 25.96 -30.71
C LEU D 580 9.58 25.84 -31.87
N SER D 581 9.70 26.71 -32.89
CA SER D 581 8.80 26.70 -34.03
C SER D 581 9.01 25.52 -34.97
N GLU D 582 10.10 24.76 -34.80
CA GLU D 582 10.35 23.61 -35.66
C GLU D 582 9.46 22.42 -35.34
N ILE D 583 8.84 22.40 -34.15
CA ILE D 583 7.98 21.27 -33.76
C ILE D 583 6.50 21.62 -33.83
N LEU D 584 6.14 22.90 -33.96
CA LEU D 584 4.74 23.24 -34.13
C LEU D 584 4.26 22.90 -35.53
N PRO D 585 3.05 22.36 -35.68
CA PRO D 585 2.53 22.03 -37.01
C PRO D 585 2.09 23.28 -37.76
N GLU D 586 1.63 23.06 -38.99
CA GLU D 586 1.25 24.17 -39.85
C GLU D 586 -0.07 24.81 -39.42
N GLY D 587 -0.91 24.10 -38.67
CA GLY D 587 -2.21 24.63 -38.32
C GLY D 587 -2.16 25.66 -37.20
N LEU D 588 -1.23 25.51 -36.27
CA LEU D 588 -1.17 26.41 -35.11
C LEU D 588 -0.53 27.73 -35.51
N PRO D 589 -1.15 28.86 -35.18
CA PRO D 589 -0.51 30.16 -35.44
C PRO D 589 0.63 30.43 -34.47
N PHE D 590 1.43 31.42 -34.82
CA PHE D 590 2.59 31.79 -34.02
C PHE D 590 2.25 32.75 -32.88
N GLN D 591 0.99 33.17 -32.76
CA GLN D 591 0.60 34.07 -31.68
C GLN D 591 0.54 33.36 -30.33
N LEU D 592 0.46 32.02 -30.33
CA LEU D 592 0.41 31.26 -29.08
C LEU D 592 1.80 30.96 -28.53
N ALA D 593 2.77 30.71 -29.40
CA ALA D 593 4.12 30.35 -28.99
C ALA D 593 5.09 31.53 -29.02
N ASN D 594 4.57 32.76 -29.14
CA ASN D 594 5.44 33.93 -29.17
C ASN D 594 5.82 34.40 -27.77
N THR D 595 4.96 34.16 -26.78
CA THR D 595 5.23 34.57 -25.42
C THR D 595 6.07 33.52 -24.70
N GLU D 596 6.35 33.78 -23.42
CA GLU D 596 7.13 32.84 -22.61
C GLU D 596 6.27 31.64 -22.23
N MET D 597 6.87 30.46 -22.28
CA MET D 597 6.14 29.23 -21.98
C MET D 597 5.99 29.06 -20.46
N THR D 598 4.76 29.01 -20.00
CA THR D 598 4.40 28.79 -18.61
C THR D 598 3.52 27.54 -18.58
N LYS D 599 2.99 27.17 -17.41
CA LYS D 599 2.13 25.99 -17.31
C LYS D 599 0.78 26.25 -17.99
N LYS D 600 0.15 27.37 -17.69
CA LYS D 600 -1.15 27.68 -18.28
C LYS D 600 -1.02 28.02 -19.76
N ASN D 601 0.12 28.58 -20.18
CA ASN D 601 0.33 28.92 -21.58
C ASN D 601 0.45 27.65 -22.43
N ILE D 602 1.25 26.68 -21.96
CA ILE D 602 1.35 25.43 -22.70
C ILE D 602 0.08 24.59 -22.55
N SER D 603 -0.70 24.79 -21.48
CA SER D 603 -1.97 24.09 -21.34
C SER D 603 -2.99 24.59 -22.36
N ARG D 604 -3.13 25.91 -22.48
CA ARG D 604 -4.03 26.46 -23.49
C ARG D 604 -3.50 26.26 -24.91
N LEU D 605 -2.17 26.13 -25.07
CA LEU D 605 -1.63 25.81 -26.40
C LEU D 605 -1.96 24.38 -26.81
N ILE D 606 -1.86 23.43 -25.87
CA ILE D 606 -2.27 22.06 -26.13
C ILE D 606 -3.77 21.97 -26.39
N ASN D 607 -4.56 22.77 -25.65
CA ASN D 607 -6.00 22.81 -25.86
C ASN D 607 -6.36 23.36 -27.23
N SER D 608 -5.68 24.42 -27.68
CA SER D 608 -5.93 24.98 -29.00
C SER D 608 -5.48 24.03 -30.11
N SER D 609 -4.36 23.33 -29.89
CA SER D 609 -3.88 22.35 -30.86
C SER D 609 -4.83 21.15 -30.97
N TYR D 610 -5.49 20.79 -29.86
CA TYR D 610 -6.51 19.75 -29.95
C TYR D 610 -7.80 20.28 -30.56
N ARG D 611 -8.09 21.57 -30.39
CA ARG D 611 -9.35 22.11 -30.88
C ARG D 611 -9.34 22.31 -32.39
N LEU D 612 -8.33 23.00 -32.92
CA LEU D 612 -8.36 23.40 -34.32
C LEU D 612 -7.53 22.53 -35.25
N LEU D 613 -6.93 21.45 -34.75
CA LEU D 613 -6.12 20.64 -35.67
C LEU D 613 -6.51 19.17 -35.70
N GLY D 614 -6.83 18.56 -34.57
CA GLY D 614 -7.20 17.16 -34.57
C GLY D 614 -6.71 16.36 -33.38
N LEU D 615 -6.53 15.05 -33.57
CA LEU D 615 -6.20 14.13 -32.48
C LEU D 615 -4.75 13.65 -32.54
N LYS D 616 -4.33 13.07 -33.68
CA LYS D 616 -3.00 12.46 -33.75
C LYS D 616 -1.89 13.50 -33.85
N ASP D 617 -2.18 14.64 -34.48
CA ASP D 617 -1.20 15.72 -34.57
C ASP D 617 -0.88 16.29 -33.20
N THR D 618 -1.90 16.37 -32.32
CA THR D 618 -1.65 16.78 -30.93
C THR D 618 -0.81 15.75 -30.19
N VAL D 619 -0.98 14.46 -30.49
CA VAL D 619 -0.20 13.42 -29.84
C VAL D 619 1.27 13.50 -30.24
N VAL D 620 1.54 13.62 -31.55
CA VAL D 620 2.92 13.69 -32.00
C VAL D 620 3.55 15.04 -31.63
N PHE D 621 2.74 16.09 -31.49
CA PHE D 621 3.26 17.38 -31.05
C PHE D 621 3.62 17.35 -29.58
N ALA D 622 2.82 16.67 -28.75
CA ALA D 622 3.15 16.51 -27.33
C ALA D 622 4.38 15.62 -27.15
N ASP D 623 4.54 14.62 -28.01
CA ASP D 623 5.74 13.77 -27.94
C ASP D 623 6.99 14.56 -28.29
N LYS D 624 6.94 15.33 -29.38
CA LYS D 624 8.08 16.17 -29.76
C LYS D 624 8.32 17.28 -28.74
N LEU D 625 7.27 17.78 -28.09
CA LEU D 625 7.42 18.80 -27.06
C LEU D 625 8.10 18.25 -25.82
N MET D 626 7.74 17.03 -25.40
CA MET D 626 8.43 16.40 -24.28
C MET D 626 9.88 16.08 -24.63
N TYR D 627 10.13 15.69 -25.87
CA TYR D 627 11.51 15.41 -26.31
C TYR D 627 12.38 16.66 -26.28
N THR D 628 11.88 17.77 -26.83
CA THR D 628 12.68 19.00 -26.83
C THR D 628 12.76 19.62 -25.44
N GLY D 629 11.76 19.36 -24.59
CA GLY D 629 11.84 19.84 -23.22
C GLY D 629 12.91 19.13 -22.41
N TYR D 630 13.00 17.80 -22.58
CA TYR D 630 14.09 17.05 -21.94
C TYR D 630 15.44 17.44 -22.52
N ALA D 631 15.51 17.64 -23.85
CA ALA D 631 16.77 17.96 -24.49
C ALA D 631 17.28 19.35 -24.13
N TYR D 632 16.38 20.30 -23.85
CA TYR D 632 16.82 21.63 -23.45
C TYR D 632 16.79 21.85 -21.94
N ALA D 633 16.29 20.89 -21.17
CA ALA D 633 16.49 20.92 -19.72
C ALA D 633 17.76 20.20 -19.30
N THR D 634 18.22 19.24 -20.12
CA THR D 634 19.51 18.61 -19.83
C THR D 634 20.66 19.57 -20.09
N ARG D 635 20.60 20.31 -21.20
CA ARG D 635 21.66 21.25 -21.56
C ARG D 635 21.66 22.49 -20.67
N ALA D 636 20.56 22.77 -19.98
CA ALA D 636 20.50 23.95 -19.12
C ALA D 636 21.36 23.79 -17.88
N GLY D 637 21.21 22.66 -17.18
CA GLY D 637 21.95 22.42 -15.97
C GLY D 637 21.43 23.24 -14.81
N VAL D 638 20.12 23.25 -14.63
CA VAL D 638 19.51 24.04 -13.55
C VAL D 638 19.75 23.33 -12.22
N SER D 639 20.32 24.06 -11.27
CA SER D 639 20.66 23.51 -9.96
C SER D 639 20.38 24.53 -8.88
N ILE D 640 19.91 24.05 -7.74
CA ILE D 640 19.64 24.88 -6.58
C ILE D 640 20.79 24.72 -5.59
N GLY D 641 21.16 25.83 -4.94
CA GLY D 641 22.22 25.81 -3.95
C GLY D 641 21.92 26.69 -2.77
N ILE D 642 22.92 26.92 -1.91
CA ILE D 642 22.74 27.79 -0.75
C ILE D 642 22.97 29.25 -1.10
N ASP D 643 23.58 29.54 -2.25
CA ASP D 643 23.83 30.91 -2.68
C ASP D 643 22.70 31.50 -3.49
N ASP D 644 21.75 30.67 -3.95
CA ASP D 644 20.64 31.16 -4.76
C ASP D 644 19.59 31.89 -3.93
N MET D 645 19.49 31.60 -2.64
CA MET D 645 18.50 32.22 -1.77
C MET D 645 19.14 33.41 -1.06
N LEU D 646 18.64 34.61 -1.35
CA LEU D 646 19.17 35.85 -0.81
C LEU D 646 18.37 36.27 0.42
N ILE D 647 19.07 36.83 1.40
CA ILE D 647 18.47 37.29 2.66
C ILE D 647 18.61 38.81 2.70
N PRO D 648 17.52 39.56 2.77
CA PRO D 648 17.61 41.03 2.77
C PRO D 648 17.96 41.60 4.13
N ASP D 649 18.50 42.82 4.10
CA ASP D 649 18.61 43.63 5.30
C ASP D 649 17.27 44.25 5.69
N GLU D 650 16.35 44.38 4.72
CA GLU D 650 15.01 44.88 4.99
C GLU D 650 14.23 43.94 5.89
N LYS D 651 14.52 42.63 5.82
CA LYS D 651 13.88 41.67 6.73
C LYS D 651 14.24 41.97 8.18
N LYS D 652 15.53 42.22 8.45
CA LYS D 652 15.96 42.60 9.78
C LYS D 652 15.43 43.98 10.17
N GLY D 653 15.27 44.88 9.21
CA GLY D 653 14.71 46.19 9.51
C GLY D 653 13.26 46.15 9.95
N ILE D 654 12.42 45.40 9.20
CA ILE D 654 11.03 45.23 9.60
C ILE D 654 10.93 44.35 10.86
N LEU D 655 11.92 43.48 11.11
CA LEU D 655 11.91 42.71 12.35
C LEU D 655 12.18 43.59 13.57
N THR D 656 13.14 44.52 13.47
CA THR D 656 13.35 45.46 14.56
C THR D 656 12.19 46.44 14.72
N GLU D 657 11.56 46.83 13.60
CA GLU D 657 10.38 47.70 13.69
C GLU D 657 9.21 46.97 14.37
N ALA D 658 9.01 45.70 14.05
CA ALA D 658 7.97 44.92 14.69
C ALA D 658 8.28 44.65 16.16
N GLU D 659 9.56 44.49 16.51
CA GLU D 659 9.95 44.32 17.90
C GLU D 659 9.68 45.60 18.70
N ALA D 660 10.00 46.76 18.12
CA ALA D 660 9.71 48.02 18.79
C ALA D 660 8.21 48.26 18.93
N GLU D 661 7.44 47.90 17.91
CA GLU D 661 5.99 48.09 17.97
C GLU D 661 5.33 47.12 18.94
N VAL D 662 5.83 45.88 19.04
CA VAL D 662 5.23 44.95 20.00
C VAL D 662 5.67 45.30 21.42
N LEU D 663 6.84 45.92 21.60
CA LEU D 663 7.21 46.42 22.93
C LEU D 663 6.35 47.61 23.32
N GLU D 664 6.03 48.48 22.34
CA GLU D 664 5.13 49.60 22.60
C GLU D 664 3.72 49.13 22.95
N ILE D 665 3.21 48.13 22.22
CA ILE D 665 1.87 47.64 22.54
C ILE D 665 1.87 46.79 23.82
N GLN D 666 3.01 46.22 24.21
CA GLN D 666 3.08 45.52 25.49
C GLN D 666 3.07 46.51 26.65
N GLU D 667 3.78 47.63 26.50
CA GLU D 667 3.73 48.69 27.50
C GLU D 667 2.34 49.32 27.57
N GLN D 668 1.67 49.46 26.41
CA GLN D 668 0.31 50.00 26.40
C GLN D 668 -0.69 49.04 27.02
N TYR D 669 -0.48 47.73 26.87
CA TYR D 669 -1.37 46.76 27.50
C TYR D 669 -1.12 46.66 29.00
N GLN D 670 0.15 46.75 29.42
CA GLN D 670 0.47 46.68 30.85
C GLN D 670 0.21 47.99 31.58
N SER D 671 0.03 49.10 30.86
CA SER D 671 -0.30 50.35 31.54
C SER D 671 -1.73 50.36 32.03
N GLY D 672 -2.61 49.62 31.39
CA GLY D 672 -4.00 49.52 31.80
C GLY D 672 -5.01 50.23 30.91
N LEU D 673 -4.66 50.52 29.66
CA LEU D 673 -5.58 51.22 28.77
C LEU D 673 -6.37 50.27 27.87
N VAL D 674 -5.74 49.18 27.42
CA VAL D 674 -6.39 48.22 26.54
C VAL D 674 -6.42 46.88 27.25
N THR D 675 -7.34 46.02 26.83
CA THR D 675 -7.50 44.69 27.40
C THR D 675 -6.47 43.73 26.82
N ALA D 676 -6.59 42.45 27.19
CA ALA D 676 -5.62 41.45 26.74
C ALA D 676 -5.98 40.92 25.35
N GLY D 677 -7.27 40.74 25.08
CA GLY D 677 -7.68 40.15 23.81
C GLY D 677 -7.49 41.10 22.64
N GLU D 678 -7.80 42.39 22.84
CA GLU D 678 -7.60 43.38 21.77
C GLU D 678 -6.11 43.60 21.52
N ARG D 679 -5.29 43.55 22.58
CA ARG D 679 -3.84 43.65 22.41
C ARG D 679 -3.29 42.44 21.69
N TYR D 680 -3.83 41.25 21.97
CA TYR D 680 -3.40 40.03 21.27
C TYR D 680 -3.80 40.06 19.80
N ASN D 681 -4.99 40.60 19.51
CA ASN D 681 -5.42 40.76 18.12
C ASN D 681 -4.55 41.79 17.39
N LYS D 682 -4.17 42.88 18.07
CA LYS D 682 -3.26 43.85 17.48
C LYS D 682 -1.88 43.25 17.23
N VAL D 683 -1.43 42.38 18.13
CA VAL D 683 -0.14 41.71 17.97
C VAL D 683 -0.15 40.79 16.75
N VAL D 684 -1.22 39.99 16.60
CA VAL D 684 -1.25 39.08 15.45
C VAL D 684 -1.49 39.83 14.14
N ASP D 685 -2.17 40.99 14.18
CA ASP D 685 -2.32 41.79 12.95
C ASP D 685 -1.01 42.45 12.54
N ILE D 686 -0.25 43.00 13.50
CA ILE D 686 1.01 43.62 13.11
C ILE D 686 2.05 42.58 12.73
N TRP D 687 1.95 41.36 13.29
CA TRP D 687 2.87 40.31 12.84
C TRP D 687 2.48 39.76 11.47
N SER D 688 1.19 39.73 11.13
CA SER D 688 0.78 39.38 9.78
C SER D 688 1.24 40.44 8.78
N ARG D 689 1.15 41.72 9.15
CA ARG D 689 1.64 42.78 8.27
C ARG D 689 3.17 42.73 8.11
N THR D 690 3.87 42.40 9.20
CA THR D 690 5.33 42.24 9.14
C THR D 690 5.73 41.08 8.23
N SER D 691 5.02 39.95 8.35
CA SER D 691 5.32 38.79 7.50
C SER D 691 5.00 39.08 6.04
N GLU D 692 3.92 39.84 5.78
CA GLU D 692 3.59 40.20 4.41
C GLU D 692 4.62 41.14 3.81
N ARG D 693 5.11 42.12 4.59
CA ARG D 693 6.13 43.03 4.10
C ARG D 693 7.46 42.33 3.87
N ILE D 694 7.80 41.37 4.74
CA ILE D 694 9.04 40.62 4.58
C ILE D 694 8.97 39.70 3.36
N ALA D 695 7.80 39.08 3.13
CA ALA D 695 7.62 38.25 1.94
C ALA D 695 7.65 39.09 0.67
N LYS D 696 7.09 40.31 0.72
CA LYS D 696 7.14 41.20 -0.45
C LYS D 696 8.57 41.64 -0.74
N ALA D 697 9.35 41.93 0.30
CA ALA D 697 10.75 42.31 0.11
C ALA D 697 11.57 41.14 -0.42
N MET D 698 11.26 39.92 0.03
CA MET D 698 11.98 38.75 -0.45
C MET D 698 11.65 38.45 -1.91
N MET D 699 10.38 38.59 -2.30
CA MET D 699 10.01 38.42 -3.70
C MET D 699 10.59 39.51 -4.58
N ASP D 700 10.72 40.74 -4.05
CA ASP D 700 11.32 41.82 -4.82
C ASP D 700 12.82 41.62 -4.99
N THR D 701 13.50 41.10 -3.98
CA THR D 701 14.94 40.90 -4.12
C THR D 701 15.30 39.58 -4.79
N ILE D 702 14.35 38.67 -4.95
CA ILE D 702 14.61 37.45 -5.72
C ILE D 702 14.24 37.64 -7.19
N GLY D 703 13.03 38.14 -7.47
CA GLY D 703 12.58 38.26 -8.84
C GLY D 703 13.16 39.42 -9.63
N THR D 704 13.78 40.39 -8.96
CA THR D 704 14.31 41.59 -9.61
C THR D 704 15.75 41.81 -9.14
N GLU D 705 16.54 40.74 -9.20
CA GLU D 705 17.90 40.77 -8.67
C GLU D 705 18.93 41.11 -9.74
N LYS D 706 18.91 40.40 -10.86
CA LYS D 706 19.93 40.58 -11.90
C LYS D 706 19.64 41.85 -12.71
N VAL D 707 20.64 42.71 -12.81
CA VAL D 707 20.58 43.93 -13.62
C VAL D 707 21.65 43.83 -14.69
N GLU D 708 21.24 43.84 -15.95
CA GLU D 708 22.15 43.70 -17.07
C GLU D 708 22.53 45.06 -17.64
N ASN D 709 23.68 45.11 -18.28
CA ASN D 709 24.20 46.33 -18.89
C ASN D 709 24.13 46.18 -20.40
N ALA D 710 23.33 47.04 -21.04
CA ALA D 710 23.15 47.02 -22.49
C ALA D 710 23.56 48.37 -23.05
N LYS D 711 24.56 48.36 -23.94
CA LYS D 711 25.10 49.55 -24.62
C LYS D 711 25.60 50.60 -23.62
N GLY D 712 26.24 50.13 -22.55
CA GLY D 712 26.78 51.02 -21.54
C GLY D 712 25.80 51.51 -20.51
N GLU D 713 24.52 51.17 -20.63
CA GLU D 713 23.49 51.60 -19.68
C GLU D 713 22.90 50.39 -19.00
N THR D 714 22.78 50.45 -17.67
CA THR D 714 22.22 49.35 -16.90
C THR D 714 20.70 49.38 -17.00
N ILE D 715 20.14 48.43 -17.74
CA ILE D 715 18.69 48.28 -17.89
C ILE D 715 18.25 47.10 -17.04
N ASP D 716 17.22 47.31 -16.22
CA ASP D 716 16.75 46.27 -15.32
C ASP D 716 15.91 45.25 -16.07
N GLN D 717 16.12 43.97 -15.77
CA GLN D 717 15.37 42.88 -16.37
C GLN D 717 15.06 41.86 -15.29
N LYS D 718 14.37 40.78 -15.69
CA LYS D 718 14.04 39.71 -14.76
C LYS D 718 15.28 38.87 -14.46
N SER D 719 15.41 38.46 -13.20
CA SER D 719 16.57 37.72 -12.76
C SER D 719 16.48 36.25 -13.21
N MET D 720 17.65 35.62 -13.33
CA MET D 720 17.75 34.21 -13.67
C MET D 720 18.30 33.47 -12.44
N ASN D 721 17.41 33.12 -11.54
CA ASN D 721 17.73 32.31 -10.37
C ASN D 721 16.99 30.99 -10.49
N SER D 722 17.51 29.96 -9.83
CA SER D 722 16.91 28.63 -9.91
C SER D 722 15.57 28.59 -9.17
N LEU D 723 15.51 29.21 -7.99
CA LEU D 723 14.27 29.23 -7.21
C LEU D 723 13.20 30.08 -7.89
N TYR D 724 13.58 31.21 -8.47
CA TYR D 724 12.61 32.08 -9.14
C TYR D 724 12.08 31.43 -10.42
N ILE D 725 12.95 30.73 -11.16
CA ILE D 725 12.51 30.07 -12.38
C ILE D 725 11.62 28.86 -12.05
N MET D 726 11.99 28.10 -11.01
CA MET D 726 11.15 26.98 -10.59
C MET D 726 9.83 27.43 -9.96
N ALA D 727 9.77 28.66 -9.45
CA ALA D 727 8.50 29.17 -8.95
C ALA D 727 7.65 29.79 -10.05
N ASP D 728 8.27 30.41 -11.06
CA ASP D 728 7.53 31.11 -12.11
C ASP D 728 7.13 30.21 -13.26
N SER D 729 7.83 29.10 -13.48
CA SER D 729 7.51 28.22 -14.61
C SER D 729 6.23 27.42 -14.35
N GLY D 730 6.11 26.85 -13.15
CA GLY D 730 4.96 26.06 -12.78
C GLY D 730 5.33 24.63 -12.44
N ALA D 731 4.30 23.87 -12.05
CA ALA D 731 4.40 22.46 -11.61
C ALA D 731 5.40 22.30 -10.45
N ARG D 732 5.37 23.25 -9.52
CA ARG D 732 6.25 23.26 -8.37
C ARG D 732 5.56 24.09 -7.28
N GLY D 733 6.33 24.48 -6.26
CA GLY D 733 5.78 25.25 -5.17
C GLY D 733 5.46 26.68 -5.59
N SER D 734 4.42 27.24 -4.97
CA SER D 734 4.00 28.60 -5.25
C SER D 734 4.82 29.58 -4.42
N GLN D 735 4.39 30.84 -4.38
CA GLN D 735 5.12 31.87 -3.64
C GLN D 735 5.07 31.68 -2.13
N ALA D 736 4.06 30.95 -1.63
CA ALA D 736 4.03 30.61 -0.21
C ALA D 736 5.13 29.63 0.16
N GLN D 737 5.57 28.80 -0.79
CA GLN D 737 6.71 27.92 -0.55
C GLN D 737 8.03 28.67 -0.67
N ILE D 738 8.08 29.75 -1.45
CA ILE D 738 9.30 30.52 -1.61
C ILE D 738 9.51 31.45 -0.42
N ARG D 739 8.42 32.02 0.12
CA ARG D 739 8.54 32.94 1.24
C ARG D 739 8.88 32.24 2.55
N GLN D 740 8.76 30.92 2.63
CA GLN D 740 9.19 30.18 3.80
C GLN D 740 10.68 29.85 3.80
N LEU D 741 11.36 30.06 2.67
CA LEU D 741 12.80 29.82 2.56
C LEU D 741 13.63 31.09 2.60
N ALA D 742 13.10 32.19 2.08
CA ALA D 742 13.81 33.47 2.09
C ALA D 742 13.45 34.32 3.31
N GLY D 743 12.17 34.65 3.46
CA GLY D 743 11.69 35.41 4.59
C GLY D 743 11.12 34.54 5.68
N MET D 744 10.49 35.21 6.65
CA MET D 744 9.88 34.48 7.76
C MET D 744 8.59 33.82 7.31
N ARG D 745 8.28 32.67 7.92
CA ARG D 745 7.09 31.91 7.56
C ARG D 745 5.82 32.44 8.21
N GLY D 746 5.93 33.38 9.13
CA GLY D 746 4.75 33.99 9.72
C GLY D 746 4.25 33.28 10.95
N LEU D 747 2.97 33.50 11.23
CA LEU D 747 2.33 32.91 12.41
C LEU D 747 1.96 31.45 12.14
N MET D 748 1.90 30.69 13.22
CA MET D 748 1.48 29.30 13.18
C MET D 748 0.13 29.13 13.86
N ALA D 749 -0.64 28.16 13.39
CA ALA D 749 -1.99 27.92 13.89
C ALA D 749 -2.02 26.65 14.73
N ARG D 750 -2.78 26.69 15.82
CA ARG D 750 -3.09 25.62 16.74
C ARG D 750 -4.41 24.97 16.37
N PRO D 751 -4.63 23.69 16.68
CA PRO D 751 -5.88 23.03 16.26
C PRO D 751 -7.12 23.47 17.02
N ASP D 752 -6.98 24.14 18.17
CA ASP D 752 -8.15 24.59 18.89
C ASP D 752 -8.77 25.85 18.29
N GLY D 753 -8.01 26.56 17.44
CA GLY D 753 -8.50 27.75 16.76
C GLY D 753 -7.72 29.02 17.09
N SER D 754 -6.90 29.01 18.13
CA SER D 754 -6.16 30.19 18.54
C SER D 754 -4.82 30.26 17.82
N ILE D 755 -4.42 31.48 17.46
CA ILE D 755 -3.13 31.72 16.83
C ILE D 755 -2.12 32.01 17.93
N ILE D 756 -0.89 31.54 17.74
CA ILE D 756 0.16 31.76 18.72
C ILE D 756 0.58 33.23 18.71
N GLU D 757 0.90 33.76 19.88
CA GLU D 757 1.23 35.18 20.01
C GLU D 757 2.58 35.50 19.38
N THR D 758 3.51 34.54 19.38
CA THR D 758 4.79 34.82 18.75
C THR D 758 4.95 34.01 17.47
N PRO D 759 5.47 34.62 16.40
CA PRO D 759 5.67 33.89 15.15
C PRO D 759 7.03 33.22 15.08
N ILE D 760 7.31 32.57 13.95
CA ILE D 760 8.62 31.98 13.68
C ILE D 760 9.36 32.97 12.80
N LYS D 761 10.27 33.74 13.39
CA LYS D 761 11.04 34.75 12.66
C LYS D 761 12.36 34.17 12.14
N ALA D 762 12.27 33.03 11.48
CA ALA D 762 13.44 32.36 10.91
C ALA D 762 12.96 31.40 9.83
N ASN D 763 13.66 31.41 8.70
CA ASN D 763 13.33 30.52 7.59
C ASN D 763 14.08 29.20 7.76
N PHE D 764 14.02 28.35 6.72
CA PHE D 764 14.78 27.11 6.74
C PHE D 764 16.24 27.30 6.36
N ARG D 765 16.60 28.47 5.79
CA ARG D 765 18.00 28.74 5.47
C ARG D 765 18.81 29.00 6.73
N GLU D 766 18.22 29.69 7.71
CA GLU D 766 18.82 29.87 9.01
C GLU D 766 18.30 28.79 9.97
N GLY D 767 18.80 28.83 11.20
CA GLY D 767 18.42 27.83 12.17
C GLY D 767 17.04 28.06 12.75
N LEU D 768 16.42 26.98 13.21
CA LEU D 768 15.14 27.02 13.88
C LEU D 768 15.28 26.55 15.31
N ASN D 769 14.58 27.22 16.22
CA ASN D 769 14.60 26.84 17.62
C ASN D 769 13.68 25.64 17.86
N VAL D 770 13.72 25.11 19.08
CA VAL D 770 12.89 23.96 19.41
C VAL D 770 11.43 24.35 19.61
N GLN D 771 11.17 25.56 20.10
CA GLN D 771 9.79 26.00 20.29
C GLN D 771 9.10 26.28 18.97
N GLU D 772 9.86 26.64 17.94
CA GLU D 772 9.31 26.81 16.61
C GLU D 772 9.10 25.48 15.92
N TYR D 773 10.03 24.54 16.13
CA TYR D 773 9.92 23.21 15.55
C TYR D 773 8.77 22.43 16.17
N PHE D 774 8.44 22.71 17.43
CA PHE D 774 7.27 22.09 18.07
C PHE D 774 5.98 22.50 17.39
N ASN D 775 5.82 23.79 17.09
CA ASN D 775 4.65 24.26 16.37
C ASN D 775 4.65 23.77 14.92
N SER D 776 5.84 23.62 14.33
CA SER D 776 5.94 23.09 12.96
C SER D 776 5.46 21.64 12.89
N THR D 777 5.92 20.79 13.81
CA THR D 777 5.45 19.41 13.78
C THR D 777 4.01 19.27 14.27
N HIS D 778 3.52 20.23 15.07
CA HIS D 778 2.10 20.27 15.41
C HIS D 778 1.25 20.51 14.17
N GLY D 779 1.62 21.52 13.36
CA GLY D 779 0.92 21.76 12.11
C GLY D 779 1.06 20.63 11.11
N ALA D 780 2.21 19.96 11.09
CA ALA D 780 2.41 18.83 10.20
C ALA D 780 1.53 17.64 10.58
N ARG D 781 1.43 17.34 11.87
CA ARG D 781 0.56 16.26 12.34
C ARG D 781 -0.91 16.58 12.08
N LYS D 782 -1.29 17.85 12.27
CA LYS D 782 -2.66 18.27 11.97
C LYS D 782 -2.98 18.13 10.48
N GLY D 783 -2.04 18.49 9.61
CA GLY D 783 -2.26 18.34 8.18
C GLY D 783 -2.32 16.89 7.74
N LEU D 784 -1.50 16.03 8.36
CA LEU D 784 -1.53 14.60 8.02
C LEU D 784 -2.84 13.94 8.45
N ALA D 785 -3.33 14.26 9.65
CA ALA D 785 -4.62 13.74 10.08
C ALA D 785 -5.75 14.30 9.22
N ASP D 786 -5.64 15.56 8.80
CA ASP D 786 -6.65 16.19 7.95
C ASP D 786 -6.74 15.51 6.59
N THR D 787 -5.59 15.24 5.95
CA THR D 787 -5.65 14.58 4.65
C THR D 787 -6.03 13.11 4.76
N ALA D 788 -5.75 12.46 5.90
CA ALA D 788 -6.23 11.08 6.09
C ALA D 788 -7.74 11.01 6.17
N LEU D 789 -8.36 11.87 7.01
CA LEU D 789 -9.82 11.88 7.08
C LEU D 789 -10.45 12.42 5.79
N LYS D 790 -9.76 13.30 5.08
CA LYS D 790 -10.26 13.78 3.79
C LYS D 790 -10.27 12.67 2.74
N THR D 791 -9.22 11.83 2.73
CA THR D 791 -9.18 10.70 1.80
C THR D 791 -10.28 9.68 2.12
N ALA D 792 -10.49 9.40 3.41
CA ALA D 792 -11.53 8.43 3.80
C ALA D 792 -12.93 8.94 3.45
N ASN D 793 -13.22 10.21 3.77
CA ASN D 793 -14.54 10.77 3.46
C ASN D 793 -14.75 10.93 1.96
N SER D 794 -13.67 11.21 1.19
CA SER D 794 -13.79 11.30 -0.26
C SER D 794 -14.08 9.94 -0.87
N GLY D 795 -13.45 8.87 -0.35
CA GLY D 795 -13.76 7.53 -0.84
C GLY D 795 -15.19 7.11 -0.53
N TYR D 796 -15.67 7.43 0.67
CA TYR D 796 -17.05 7.09 1.03
C TYR D 796 -18.06 7.88 0.19
N LEU D 797 -17.80 9.17 -0.04
CA LEU D 797 -18.71 9.97 -0.85
C LEU D 797 -18.68 9.54 -2.31
N THR D 798 -17.51 9.12 -2.81
CA THR D 798 -17.40 8.61 -4.17
C THR D 798 -18.19 7.32 -4.34
N ARG D 799 -18.11 6.42 -3.35
CA ARG D 799 -18.87 5.16 -3.42
C ARG D 799 -20.38 5.43 -3.36
N ARG D 800 -20.81 6.34 -2.49
CA ARG D 800 -22.25 6.66 -2.39
C ARG D 800 -22.76 7.33 -3.65
N LEU D 801 -21.99 8.26 -4.24
CA LEU D 801 -22.45 8.94 -5.45
C LEU D 801 -22.41 8.01 -6.66
N VAL D 802 -21.51 7.03 -6.68
CA VAL D 802 -21.53 6.04 -7.75
C VAL D 802 -22.75 5.15 -7.64
N ASP D 803 -23.08 4.72 -6.41
CA ASP D 803 -24.22 3.82 -6.27
C ASP D 803 -25.56 4.55 -6.40
N VAL D 804 -25.58 5.88 -6.25
CA VAL D 804 -26.83 6.60 -6.48
C VAL D 804 -27.11 6.74 -7.97
N ALA D 805 -26.16 7.29 -8.73
CA ALA D 805 -26.35 7.59 -10.14
C ALA D 805 -25.65 6.53 -10.98
N GLN D 806 -26.35 5.43 -11.24
CA GLN D 806 -25.82 4.37 -12.08
C GLN D 806 -26.83 3.85 -13.10
N ASP D 807 -28.08 4.30 -13.07
CA ASP D 807 -29.09 3.82 -14.00
C ASP D 807 -29.28 4.75 -15.20
N VAL D 808 -28.71 5.95 -15.17
CA VAL D 808 -28.86 6.90 -16.27
C VAL D 808 -27.95 6.48 -17.43
N VAL D 809 -28.56 6.04 -18.52
CA VAL D 809 -27.86 5.63 -19.73
C VAL D 809 -28.46 6.41 -20.89
N ILE D 810 -27.61 6.96 -21.76
CA ILE D 810 -28.07 7.66 -22.94
C ILE D 810 -28.71 6.65 -23.89
N THR D 811 -30.03 6.68 -24.00
CA THR D 811 -30.78 5.69 -24.78
C THR D 811 -31.24 6.23 -26.13
N GLU D 812 -31.90 7.37 -26.16
CA GLU D 812 -32.45 7.94 -27.38
C GLU D 812 -31.66 9.17 -27.79
N ILE D 813 -31.80 9.53 -29.07
CA ILE D 813 -31.07 10.68 -29.62
C ILE D 813 -31.85 11.97 -29.42
N ASP D 814 -33.19 11.92 -29.45
CA ASP D 814 -34.01 13.11 -29.27
C ASP D 814 -35.25 12.74 -28.48
N CYS D 815 -35.67 13.64 -27.59
CA CYS D 815 -36.84 13.44 -26.76
C CYS D 815 -38.01 14.33 -27.14
N GLY D 816 -37.77 15.64 -27.27
CA GLY D 816 -38.83 16.57 -27.62
C GLY D 816 -39.30 17.39 -26.43
N THR D 817 -38.37 17.76 -25.56
CA THR D 817 -38.68 18.53 -24.36
C THR D 817 -38.36 20.00 -24.60
N THR D 818 -39.33 20.87 -24.35
CA THR D 818 -39.18 22.31 -24.53
C THR D 818 -39.39 23.03 -23.21
N GLU D 819 -38.79 22.51 -22.14
CA GLU D 819 -38.89 23.12 -20.82
C GLU D 819 -37.78 24.14 -20.61
N GLY D 820 -36.53 23.71 -20.72
CA GLY D 820 -35.40 24.62 -20.68
C GLY D 820 -34.91 24.92 -19.28
N LEU D 821 -33.78 25.65 -19.24
CA LEU D 821 -33.19 26.09 -17.99
C LEU D 821 -32.45 27.41 -18.26
N ILE D 822 -32.64 28.36 -17.36
CA ILE D 822 -32.04 29.69 -17.49
C ILE D 822 -30.65 29.67 -16.85
N MET D 823 -29.63 30.02 -17.62
CA MET D 823 -28.26 30.07 -17.13
C MET D 823 -27.85 31.50 -16.84
N THR D 824 -27.36 31.73 -15.63
CA THR D 824 -26.86 33.03 -15.18
C THR D 824 -25.45 32.88 -14.63
N PRO D 825 -24.60 33.88 -14.80
CA PRO D 825 -23.27 33.83 -14.19
C PRO D 825 -23.34 33.93 -12.68
N ILE D 826 -22.53 33.12 -12.00
CA ILE D 826 -22.59 32.99 -10.55
C ILE D 826 -21.63 33.99 -9.93
N VAL D 827 -22.17 35.00 -9.25
CA VAL D 827 -21.40 35.96 -8.47
C VAL D 827 -21.85 35.86 -7.02
N GLU D 828 -20.89 35.67 -6.12
CA GLU D 828 -21.18 35.49 -4.70
C GLU D 828 -20.74 36.67 -3.85
N GLY D 829 -20.74 37.88 -4.41
CA GLY D 829 -20.35 39.07 -3.69
C GLY D 829 -18.89 39.45 -3.82
N GLY D 830 -18.11 38.68 -4.58
CA GLY D 830 -16.70 38.97 -4.78
C GLY D 830 -16.27 38.66 -6.19
N ASP D 831 -15.20 37.89 -6.33
CA ASP D 831 -14.78 37.40 -7.64
C ASP D 831 -15.80 36.41 -8.20
N VAL D 832 -15.78 36.25 -9.52
CA VAL D 832 -16.75 35.39 -10.18
C VAL D 832 -16.43 33.93 -9.90
N VAL D 833 -17.48 33.14 -9.68
CA VAL D 833 -17.30 31.71 -9.43
C VAL D 833 -17.19 30.95 -10.75
N GLU D 834 -18.22 31.03 -11.58
CA GLU D 834 -18.22 30.43 -12.91
C GLU D 834 -18.75 31.47 -13.89
N PRO D 835 -17.99 31.85 -14.91
CA PRO D 835 -18.46 32.85 -15.87
C PRO D 835 -19.44 32.24 -16.87
N LEU D 836 -19.87 33.07 -17.82
CA LEU D 836 -20.83 32.62 -18.82
C LEU D 836 -20.18 31.71 -19.87
N LYS D 837 -18.92 31.98 -20.23
CA LYS D 837 -18.25 31.23 -21.28
C LYS D 837 -17.92 29.80 -20.87
N GLU D 838 -17.85 29.53 -19.57
CA GLU D 838 -17.63 28.17 -19.09
C GLU D 838 -18.94 27.43 -18.84
N ARG D 839 -19.96 28.13 -18.35
CA ARG D 839 -21.23 27.49 -18.02
C ARG D 839 -22.10 27.24 -19.25
N VAL D 840 -21.95 28.07 -20.30
CA VAL D 840 -22.80 27.92 -21.47
C VAL D 840 -22.21 26.90 -22.44
N LEU D 841 -20.88 26.86 -22.57
CA LEU D 841 -20.21 26.04 -23.56
C LEU D 841 -20.35 24.55 -23.23
N GLY D 842 -20.83 23.78 -24.20
CA GLY D 842 -20.96 22.34 -24.07
C GLY D 842 -22.36 21.79 -24.20
N ARG D 843 -23.40 22.63 -24.24
CA ARG D 843 -24.77 22.16 -24.31
C ARG D 843 -25.51 22.88 -25.43
N VAL D 844 -26.67 22.32 -25.80
CA VAL D 844 -27.52 22.91 -26.82
C VAL D 844 -28.45 23.92 -26.16
N VAL D 845 -29.07 24.77 -26.98
CA VAL D 845 -29.97 25.80 -26.47
C VAL D 845 -31.41 25.34 -26.66
N ALA D 846 -32.31 25.95 -25.89
CA ALA D 846 -33.73 25.62 -25.94
C ALA D 846 -34.52 26.63 -26.76
N GLU D 847 -34.43 27.91 -26.41
CA GLU D 847 -35.12 28.99 -27.10
C GLU D 847 -34.13 29.79 -27.92
N ASP D 848 -34.67 30.52 -28.91
CA ASP D 848 -33.85 31.33 -29.80
C ASP D 848 -33.38 32.58 -29.07
N VAL D 849 -32.07 32.75 -28.97
CA VAL D 849 -31.49 33.90 -28.30
C VAL D 849 -31.24 35.03 -29.30
N VAL D 860 -30.04 32.56 -31.87
CA VAL D 860 -29.44 31.29 -32.26
C VAL D 860 -30.52 30.27 -32.60
N THR D 861 -30.13 29.18 -33.24
CA THR D 861 -31.04 28.12 -33.63
C THR D 861 -31.10 27.07 -32.53
N ARG D 862 -32.32 26.64 -32.20
CA ARG D 862 -32.52 25.63 -31.17
C ARG D 862 -32.02 24.27 -31.62
N ASN D 863 -31.71 23.42 -30.64
CA ASN D 863 -31.18 22.07 -30.82
C ASN D 863 -29.88 22.06 -31.63
N THR D 864 -29.02 23.03 -31.34
CA THR D 864 -27.72 23.15 -31.99
C THR D 864 -26.62 23.12 -30.94
N LEU D 865 -25.62 22.27 -31.14
CA LEU D 865 -24.52 22.16 -30.20
C LEU D 865 -23.62 23.38 -30.32
N LEU D 866 -23.27 23.96 -29.17
CA LEU D 866 -22.45 25.17 -29.14
C LEU D 866 -20.96 24.82 -29.10
N ASP D 867 -20.19 25.57 -29.87
CA ASP D 867 -18.74 25.40 -29.94
C ASP D 867 -18.08 26.69 -29.43
N GLU D 868 -16.75 26.76 -29.57
CA GLU D 868 -16.02 27.94 -29.13
C GLU D 868 -16.32 29.16 -29.98
N ALA D 869 -16.61 28.95 -31.28
CA ALA D 869 -16.97 30.06 -32.15
C ALA D 869 -18.32 30.65 -31.77
N TRP D 870 -19.27 29.80 -31.36
CA TRP D 870 -20.56 30.31 -30.91
C TRP D 870 -20.45 31.04 -29.58
N VAL D 871 -19.56 30.58 -28.70
CA VAL D 871 -19.31 31.29 -27.44
C VAL D 871 -18.66 32.65 -27.70
N ALA D 872 -17.73 32.70 -28.67
CA ALA D 872 -17.12 33.97 -29.04
C ALA D 872 -18.13 34.92 -29.70
N LYS D 873 -19.06 34.37 -30.48
CA LYS D 873 -20.10 35.20 -31.09
C LYS D 873 -21.08 35.73 -30.05
N LEU D 874 -21.41 34.91 -29.05
CA LEU D 874 -22.29 35.36 -27.98
C LEU D 874 -21.59 36.37 -27.06
N GLU D 875 -20.27 36.25 -26.92
CA GLU D 875 -19.52 37.24 -26.15
C GLU D 875 -19.40 38.55 -26.91
N ASP D 876 -19.28 38.49 -28.24
CA ASP D 876 -19.27 39.71 -29.04
C ASP D 876 -20.64 40.36 -29.08
N ALA D 877 -21.72 39.56 -29.03
CA ALA D 877 -23.07 40.09 -29.00
C ALA D 877 -23.49 40.58 -27.63
N SER D 878 -22.72 40.27 -26.58
CA SER D 878 -22.94 40.68 -25.19
C SER D 878 -24.31 40.21 -24.68
N VAL D 879 -24.48 38.89 -24.68
CA VAL D 879 -25.70 38.27 -24.18
C VAL D 879 -25.53 38.00 -22.69
N GLN D 880 -26.63 38.11 -21.94
CA GLN D 880 -26.59 37.96 -20.49
C GLN D 880 -27.18 36.64 -20.01
N SER D 881 -28.28 36.19 -20.60
CA SER D 881 -28.93 34.96 -20.19
C SER D 881 -29.48 34.23 -21.42
N VAL D 882 -29.17 32.94 -21.52
CA VAL D 882 -29.62 32.10 -22.62
C VAL D 882 -30.26 30.85 -22.05
N LYS D 883 -31.40 30.45 -22.62
CA LYS D 883 -32.06 29.22 -22.20
C LYS D 883 -31.27 28.01 -22.68
N VAL D 884 -31.05 27.05 -21.78
CA VAL D 884 -30.26 25.88 -22.08
C VAL D 884 -31.13 24.65 -21.85
N ARG D 885 -30.75 23.54 -22.50
CA ARG D 885 -31.42 22.26 -22.32
C ARG D 885 -30.59 21.42 -21.35
N SER D 886 -31.14 21.16 -20.17
CA SER D 886 -30.45 20.40 -19.13
C SER D 886 -31.14 19.05 -18.95
N THR D 887 -30.51 18.22 -18.12
CA THR D 887 -31.03 16.88 -17.85
C THR D 887 -32.02 16.83 -16.70
N ILE D 888 -32.17 17.93 -15.94
CA ILE D 888 -33.16 17.94 -14.86
C ILE D 888 -34.57 18.04 -15.42
N SER D 889 -34.74 18.56 -16.63
CA SER D 889 -36.03 18.66 -17.30
C SER D 889 -35.97 17.78 -18.55
N CYS D 890 -36.28 16.51 -18.37
CA CYS D 890 -36.26 15.55 -19.47
C CYS D 890 -37.52 14.70 -19.41
N GLU D 891 -37.94 14.19 -20.56
CA GLU D 891 -39.16 13.42 -20.71
C GLU D 891 -38.85 12.07 -21.37
N SER D 892 -37.80 11.41 -20.91
CA SER D 892 -37.42 10.11 -21.42
C SER D 892 -37.79 9.02 -20.41
N SER D 893 -37.87 7.79 -20.90
CA SER D 893 -38.25 6.64 -20.10
C SER D 893 -37.00 5.89 -19.67
N PHE D 894 -36.62 6.06 -18.40
CA PHE D 894 -35.48 5.37 -17.76
C PHE D 894 -34.17 5.65 -18.48
N GLY D 895 -33.90 6.93 -18.72
CA GLY D 895 -32.67 7.32 -19.38
C GLY D 895 -32.64 8.81 -19.62
N VAL D 896 -31.50 9.28 -20.12
CA VAL D 896 -31.28 10.68 -20.46
C VAL D 896 -31.17 10.79 -21.97
N CYS D 897 -31.79 11.83 -22.53
CA CYS D 897 -31.68 12.10 -23.96
C CYS D 897 -30.25 12.51 -24.32
N ALA D 898 -29.89 12.26 -25.58
CA ALA D 898 -28.56 12.63 -26.05
C ALA D 898 -28.43 14.14 -26.30
N ARG D 899 -29.54 14.83 -26.55
CA ARG D 899 -29.50 16.26 -26.77
C ARG D 899 -29.54 17.06 -25.47
N CYS D 900 -30.19 16.52 -24.44
CA CYS D 900 -30.29 17.25 -23.18
C CYS D 900 -28.97 17.22 -22.41
N TYR D 901 -28.14 16.21 -22.64
CA TYR D 901 -26.86 16.13 -21.95
C TYR D 901 -25.83 17.06 -22.57
N GLY D 902 -25.92 17.32 -23.86
CA GLY D 902 -24.97 18.19 -24.53
C GLY D 902 -23.87 17.42 -25.21
N ARG D 903 -22.63 17.89 -25.06
CA ARG D 903 -21.48 17.23 -25.65
C ARG D 903 -20.77 16.37 -24.61
N ASP D 904 -19.91 15.48 -25.09
CA ASP D 904 -19.11 14.65 -24.21
C ASP D 904 -17.95 15.47 -23.63
N LEU D 905 -17.37 14.94 -22.55
CA LEU D 905 -16.23 15.59 -21.92
C LEU D 905 -14.89 15.04 -22.38
N ALA D 906 -14.84 13.76 -22.77
CA ALA D 906 -13.60 13.19 -23.29
C ALA D 906 -13.41 13.54 -24.76
N ARG D 907 -14.49 13.58 -25.53
CA ARG D 907 -14.44 13.96 -26.94
C ARG D 907 -15.29 15.21 -27.14
N GLY D 908 -14.84 16.07 -28.07
CA GLY D 908 -15.50 17.33 -28.33
C GLY D 908 -16.76 17.25 -29.15
N HIS D 909 -17.13 16.07 -29.64
CA HIS D 909 -18.32 15.91 -30.46
C HIS D 909 -19.54 15.63 -29.58
N GLN D 910 -20.64 15.22 -30.19
CA GLN D 910 -21.84 14.86 -29.46
C GLN D 910 -21.63 13.57 -28.69
N VAL D 911 -22.38 13.41 -27.60
CA VAL D 911 -22.30 12.19 -26.80
C VAL D 911 -22.95 11.04 -27.57
N ASN D 912 -22.29 9.89 -27.55
CA ASN D 912 -22.75 8.73 -28.29
C ASN D 912 -23.93 8.07 -27.58
N ILE D 913 -24.67 7.27 -28.35
CA ILE D 913 -25.82 6.54 -27.81
C ILE D 913 -25.32 5.30 -27.09
N GLY D 914 -25.62 5.21 -25.79
CA GLY D 914 -25.19 4.09 -24.98
C GLY D 914 -24.13 4.42 -23.95
N GLU D 915 -23.71 5.68 -23.84
CA GLU D 915 -22.69 6.06 -22.87
C GLU D 915 -23.31 6.23 -21.49
N ALA D 916 -22.72 5.57 -20.50
CA ALA D 916 -23.16 5.68 -19.11
C ALA D 916 -22.63 6.99 -18.55
N VAL D 917 -23.50 7.99 -18.45
CA VAL D 917 -23.09 9.32 -18.02
C VAL D 917 -23.32 9.52 -16.53
N GLY D 918 -23.57 8.43 -15.82
CA GLY D 918 -23.75 8.50 -14.38
C GLY D 918 -22.50 8.20 -13.60
N VAL D 919 -21.81 7.12 -14.00
CA VAL D 919 -20.57 6.72 -13.32
C VAL D 919 -19.46 7.73 -13.58
N ILE D 920 -19.41 8.28 -14.80
CA ILE D 920 -18.42 9.31 -15.13
C ILE D 920 -18.68 10.57 -14.32
N ALA D 921 -19.96 10.94 -14.16
CA ALA D 921 -20.32 12.13 -13.40
C ALA D 921 -20.00 11.96 -11.92
N ALA D 922 -20.29 10.78 -11.36
CA ALA D 922 -20.01 10.54 -9.96
C ALA D 922 -18.52 10.45 -9.68
N GLN D 923 -17.75 9.87 -10.61
CA GLN D 923 -16.30 9.83 -10.46
C GLN D 923 -15.68 11.21 -10.61
N SER D 924 -16.24 12.07 -11.48
CA SER D 924 -15.72 13.41 -11.64
C SER D 924 -16.07 14.31 -10.45
N ILE D 925 -17.23 14.08 -9.82
CA ILE D 925 -17.55 14.80 -8.59
C ILE D 925 -16.65 14.30 -7.45
N GLY D 926 -16.39 13.00 -7.40
CA GLY D 926 -15.50 12.43 -6.41
C GLY D 926 -14.01 12.61 -6.65
N GLU D 927 -13.62 13.44 -7.63
CA GLU D 927 -12.19 13.68 -7.86
C GLU D 927 -11.52 14.49 -6.75
N PRO D 928 -11.90 15.78 -6.48
CA PRO D 928 -11.02 16.61 -5.66
C PRO D 928 -11.28 16.50 -4.17
N GLY D 929 -11.98 15.45 -3.74
CA GLY D 929 -12.35 15.32 -2.34
C GLY D 929 -11.16 15.09 -1.41
N THR D 930 -10.07 14.56 -1.95
CA THR D 930 -8.83 14.47 -1.19
C THR D 930 -8.06 15.78 -1.14
N GLN D 931 -8.50 16.80 -1.88
CA GLN D 931 -7.84 18.09 -1.92
C GLN D 931 -8.69 19.21 -1.33
N LEU D 932 -9.88 18.92 -0.82
CA LEU D 932 -10.74 19.93 -0.22
C LEU D 932 -10.21 20.29 1.17
N THR D 933 -9.92 21.58 1.36
CA THR D 933 -9.38 22.16 2.60
C THR D 933 -8.12 21.46 3.10
N ASP D 950 -24.46 45.85 4.96
CA ASP D 950 -23.45 46.57 5.73
C ASP D 950 -22.85 47.69 4.90
N ASN D 951 -21.87 47.35 4.06
CA ASN D 951 -21.22 48.32 3.19
C ASN D 951 -21.06 47.72 1.81
N ILE D 952 -21.44 48.47 0.79
CA ILE D 952 -21.33 48.02 -0.60
C ILE D 952 -20.29 48.87 -1.32
N THR D 953 -19.05 48.40 -1.34
CA THR D 953 -17.95 49.08 -2.02
C THR D 953 -17.47 48.22 -3.17
N VAL D 954 -17.54 48.77 -4.38
CA VAL D 954 -17.15 48.01 -5.57
C VAL D 954 -15.63 47.96 -5.69
N LYS D 955 -15.15 46.94 -6.40
CA LYS D 955 -13.72 46.77 -6.66
C LYS D 955 -13.34 47.09 -8.09
N THR D 956 -14.01 46.48 -9.07
CA THR D 956 -13.74 46.74 -10.47
C THR D 956 -14.63 47.86 -11.00
N THR D 957 -14.19 48.46 -12.09
CA THR D 957 -14.95 49.53 -12.73
C THR D 957 -16.02 48.95 -13.63
N GLY D 958 -16.95 49.80 -14.03
CA GLY D 958 -18.03 49.41 -14.92
C GLY D 958 -19.35 50.06 -14.51
N SER D 959 -20.29 50.04 -15.45
CA SER D 959 -21.60 50.64 -15.20
C SER D 959 -22.43 49.77 -14.28
N VAL D 960 -23.14 50.42 -13.35
CA VAL D 960 -23.96 49.73 -12.36
C VAL D 960 -25.40 49.69 -12.88
N LYS D 961 -25.97 48.49 -12.92
CA LYS D 961 -27.35 48.28 -13.36
C LYS D 961 -28.10 47.55 -12.25
N PHE D 962 -29.16 48.18 -11.74
CA PHE D 962 -29.94 47.59 -10.67
C PHE D 962 -30.82 46.46 -11.19
N ASN D 963 -31.00 45.44 -10.36
CA ASN D 963 -31.83 44.29 -10.70
C ASN D 963 -32.81 44.06 -9.57
N ASN D 964 -34.11 44.03 -9.91
CA ASN D 964 -35.23 43.85 -8.98
C ASN D 964 -35.22 44.90 -7.87
N LEU D 965 -35.37 46.16 -8.29
CA LEU D 965 -35.38 47.29 -7.38
C LEU D 965 -36.65 48.09 -7.55
N LYS D 966 -37.05 48.78 -6.49
CA LYS D 966 -38.26 49.61 -6.51
C LYS D 966 -38.07 50.88 -5.70
N ALA D 977 -34.65 52.86 -0.16
CA ALA D 977 -35.22 52.01 -1.20
C ALA D 977 -36.11 50.93 -0.58
N VAL D 978 -37.28 50.74 -1.18
CA VAL D 978 -38.23 49.73 -0.72
C VAL D 978 -38.07 48.52 -1.63
N SER D 979 -37.23 47.58 -1.21
CA SER D 979 -36.96 46.38 -1.98
C SER D 979 -36.68 45.22 -1.04
N ARG D 980 -37.30 44.08 -1.30
CA ARG D 980 -37.08 42.90 -0.48
C ARG D 980 -35.76 42.23 -0.82
N SER D 981 -35.56 41.89 -2.09
CA SER D 981 -34.32 41.28 -2.56
C SER D 981 -33.62 42.26 -3.49
N GLY D 982 -32.49 42.80 -3.05
CA GLY D 982 -31.73 43.77 -3.81
C GLY D 982 -30.42 43.18 -4.28
N GLU D 983 -30.07 43.46 -5.54
CA GLU D 983 -28.83 42.97 -6.13
C GLU D 983 -28.09 44.15 -6.75
N LEU D 984 -26.89 44.42 -6.25
CA LEU D 984 -26.07 45.51 -6.76
C LEU D 984 -25.07 45.00 -7.80
N SER D 985 -25.63 44.52 -8.91
CA SER D 985 -24.81 43.98 -9.99
C SER D 985 -24.26 45.09 -10.85
N VAL D 986 -23.05 44.89 -11.36
CA VAL D 986 -22.38 45.85 -12.23
C VAL D 986 -22.17 45.21 -13.59
N LEU D 987 -22.01 46.06 -14.61
CA LEU D 987 -21.77 45.63 -15.98
C LEU D 987 -20.47 46.27 -16.46
N ASP D 988 -19.54 45.44 -16.92
CA ASP D 988 -18.23 45.91 -17.36
C ASP D 988 -18.32 46.40 -18.80
N GLY D 989 -17.17 46.67 -19.41
CA GLY D 989 -17.16 47.15 -20.78
C GLY D 989 -17.49 46.08 -21.81
N HIS D 990 -17.06 44.84 -21.54
CA HIS D 990 -17.36 43.73 -22.44
C HIS D 990 -18.80 43.25 -22.32
N GLY D 991 -19.45 43.49 -21.19
CA GLY D 991 -20.81 43.05 -20.97
C GLY D 991 -20.99 41.98 -19.92
N ARG D 992 -19.94 41.62 -19.19
CA ARG D 992 -20.01 40.60 -18.16
C ARG D 992 -20.22 41.23 -16.80
N GLU D 993 -20.76 40.43 -15.87
CA GLU D 993 -21.03 40.87 -14.51
C GLU D 993 -19.90 40.38 -13.61
N ARG D 994 -19.15 41.32 -13.04
CA ARG D 994 -18.03 40.99 -12.17
C ARG D 994 -18.43 41.01 -10.69
N GLU D 995 -19.06 42.10 -10.25
CA GLU D 995 -19.46 42.27 -8.86
C GLU D 995 -20.98 42.26 -8.76
N ARG D 996 -21.48 41.70 -7.66
CA ARG D 996 -22.91 41.68 -7.39
C ARG D 996 -23.09 41.60 -5.87
N TYR D 997 -23.51 42.71 -5.26
CA TYR D 997 -23.65 42.82 -3.83
C TYR D 997 -25.13 42.81 -3.43
N LYS D 998 -25.38 42.43 -2.18
CA LYS D 998 -26.73 42.39 -1.63
C LYS D 998 -27.07 43.74 -1.01
N LEU D 999 -28.35 44.11 -1.12
CA LEU D 999 -28.83 45.38 -0.58
C LEU D 999 -29.96 45.11 0.40
N PRO D 1000 -29.85 45.55 1.66
CA PRO D 1000 -30.93 45.32 2.63
C PRO D 1000 -32.09 46.28 2.46
N TYR D 1001 -33.06 46.21 3.36
CA TYR D 1001 -34.22 47.09 3.29
C TYR D 1001 -33.84 48.49 3.76
N GLY D 1002 -34.15 49.49 2.93
CA GLY D 1002 -33.83 50.86 3.27
C GLY D 1002 -32.40 51.26 3.01
N ALA D 1003 -31.75 50.63 2.04
CA ALA D 1003 -30.36 50.94 1.72
C ALA D 1003 -30.30 52.23 0.92
N THR D 1004 -29.55 53.21 1.41
CA THR D 1004 -29.40 54.49 0.73
C THR D 1004 -28.33 54.37 -0.35
N ILE D 1005 -28.72 54.59 -1.60
CA ILE D 1005 -27.81 54.51 -2.74
C ILE D 1005 -27.42 55.93 -3.17
N THR D 1006 -26.13 56.15 -3.38
CA THR D 1006 -25.66 57.47 -3.79
C THR D 1006 -25.97 57.74 -5.26
N ALA D 1007 -25.79 56.75 -6.12
CA ALA D 1007 -26.06 56.91 -7.54
C ALA D 1007 -27.51 56.58 -7.86
N ALA D 1012 -22.16 54.21 -15.58
CA ALA D 1012 -21.10 55.21 -15.71
C ALA D 1012 -20.52 55.55 -14.34
N VAL D 1013 -20.24 54.53 -13.55
CA VAL D 1013 -19.68 54.69 -12.20
C VAL D 1013 -18.27 54.12 -12.21
N LYS D 1014 -17.30 54.96 -11.83
CA LYS D 1014 -15.92 54.53 -11.80
C LYS D 1014 -15.65 53.70 -10.53
N ALA D 1015 -14.49 53.04 -10.52
CA ALA D 1015 -14.10 52.22 -9.39
C ALA D 1015 -13.56 53.08 -8.25
N GLY D 1016 -13.40 52.46 -7.09
CA GLY D 1016 -12.90 53.17 -5.92
C GLY D 1016 -13.93 53.95 -5.15
N GLN D 1017 -15.21 53.81 -5.50
CA GLN D 1017 -16.29 54.53 -4.83
C GLN D 1017 -17.30 53.53 -4.26
N SER D 1018 -18.28 54.06 -3.55
CA SER D 1018 -19.34 53.26 -2.93
C SER D 1018 -20.68 53.76 -3.42
N VAL D 1019 -21.43 52.89 -4.09
CA VAL D 1019 -22.77 53.25 -4.53
C VAL D 1019 -23.74 53.28 -3.34
N ALA D 1020 -23.76 52.21 -2.56
CA ALA D 1020 -24.51 52.13 -1.32
C ALA D 1020 -23.53 52.24 -0.16
N ASN D 1021 -23.64 53.33 0.61
CA ASN D 1021 -22.66 53.60 1.66
C ASN D 1021 -22.87 52.70 2.86
N TRP D 1022 -24.02 52.82 3.53
CA TRP D 1022 -24.29 52.05 4.73
C TRP D 1022 -25.79 51.94 4.93
N ASP D 1023 -26.19 50.92 5.69
CA ASP D 1023 -27.59 50.69 6.04
C ASP D 1023 -27.67 49.87 7.32
N PRO D 1024 -27.53 50.50 8.49
CA PRO D 1024 -27.58 49.75 9.76
C PRO D 1024 -29.00 49.37 10.16
N GLY D 1139 -16.11 22.43 3.82
CA GLY D 1139 -15.40 21.69 2.80
C GLY D 1139 -16.15 20.47 2.32
N LEU D 1140 -15.55 19.30 2.52
CA LEU D 1140 -16.15 18.02 2.13
C LEU D 1140 -17.37 17.60 2.97
N PRO D 1141 -17.43 17.85 4.31
CA PRO D 1141 -18.73 17.66 4.98
C PRO D 1141 -19.84 18.60 4.50
N ARG D 1142 -19.49 19.77 3.96
CA ARG D 1142 -20.50 20.64 3.37
C ARG D 1142 -21.08 20.01 2.11
N VAL D 1143 -20.24 19.41 1.27
CA VAL D 1143 -20.71 18.73 0.07
C VAL D 1143 -21.51 17.48 0.45
N ALA D 1144 -21.11 16.80 1.53
CA ALA D 1144 -21.85 15.64 2.00
C ALA D 1144 -23.23 16.02 2.52
N ASP D 1145 -23.32 17.13 3.26
CA ASP D 1145 -24.62 17.61 3.74
C ASP D 1145 -25.47 18.17 2.61
N LEU D 1146 -24.84 18.67 1.55
CA LEU D 1146 -25.60 19.13 0.39
C LEU D 1146 -26.18 17.94 -0.38
N PHE D 1147 -25.40 16.88 -0.53
CA PHE D 1147 -25.87 15.73 -1.30
C PHE D 1147 -26.86 14.88 -0.52
N GLU D 1148 -26.68 14.76 0.79
CA GLU D 1148 -27.63 14.00 1.60
C GLU D 1148 -28.86 14.82 1.97
N ALA D 1149 -28.78 16.15 1.83
CA ALA D 1149 -29.84 17.12 2.14
C ALA D 1149 -30.32 16.99 3.58
N ARG D 1150 -29.38 17.16 4.50
CA ARG D 1150 -29.69 17.11 5.92
C ARG D 1150 -30.30 18.42 6.38
N LYS D 1151 -31.14 18.33 7.41
CA LYS D 1151 -31.77 19.52 7.96
C LYS D 1151 -30.76 20.28 8.81
N PRO D 1152 -30.64 21.60 8.64
CA PRO D 1152 -29.67 22.37 9.41
C PRO D 1152 -30.12 22.57 10.86
N LYS D 1153 -29.23 23.16 11.66
CA LYS D 1153 -29.55 23.43 13.05
C LYS D 1153 -30.53 24.59 13.20
N ASP D 1154 -30.50 25.55 12.27
CA ASP D 1154 -31.42 26.68 12.27
C ASP D 1154 -32.03 26.78 10.88
N PRO D 1155 -33.19 26.16 10.66
CA PRO D 1155 -33.80 26.17 9.32
C PRO D 1155 -34.59 27.46 9.10
N ALA D 1156 -34.38 28.07 7.93
CA ALA D 1156 -35.09 29.29 7.58
C ALA D 1156 -36.52 28.95 7.16
N ILE D 1157 -37.49 29.48 7.90
CA ILE D 1157 -38.90 29.24 7.60
C ILE D 1157 -39.33 30.19 6.50
N LEU D 1158 -39.80 29.64 5.39
CA LEU D 1158 -40.22 30.44 4.25
C LEU D 1158 -41.73 30.71 4.31
N ALA D 1159 -42.19 31.57 3.42
CA ALA D 1159 -43.61 31.90 3.34
C ALA D 1159 -44.37 30.77 2.67
N GLU D 1160 -45.47 30.34 3.30
CA GLU D 1160 -46.24 29.22 2.78
C GLU D 1160 -47.11 29.64 1.60
N ARG D 1161 -47.69 30.84 1.66
CA ARG D 1161 -48.58 31.33 0.61
C ARG D 1161 -48.25 32.78 0.30
N SER D 1162 -48.58 33.19 -0.91
CA SER D 1162 -48.35 34.56 -1.38
C SER D 1162 -49.56 35.41 -1.00
N GLY D 1163 -49.40 36.22 0.04
CA GLY D 1163 -50.48 37.08 0.49
C GLY D 1163 -49.93 38.23 1.32
N ILE D 1164 -50.85 39.08 1.76
CA ILE D 1164 -50.48 40.22 2.60
C ILE D 1164 -50.17 39.74 4.00
N ILE D 1165 -49.12 40.29 4.59
CA ILE D 1165 -48.71 39.91 5.94
C ILE D 1165 -49.65 40.54 6.95
N SER D 1166 -50.07 39.77 7.95
CA SER D 1166 -50.97 40.22 8.99
C SER D 1166 -50.27 40.12 10.34
N PHE D 1167 -50.95 40.63 11.37
CA PHE D 1167 -50.41 40.61 12.72
C PHE D 1167 -50.48 39.20 13.30
N GLY D 1168 -49.72 38.99 14.38
CA GLY D 1168 -49.70 37.70 15.03
C GLY D 1168 -50.92 37.47 15.90
N LYS D 1169 -51.18 36.19 16.16
CA LYS D 1169 -52.28 35.77 17.00
C LYS D 1169 -51.85 35.75 18.47
N ASP D 1170 -52.65 35.15 19.33
CA ASP D 1170 -52.32 35.06 20.75
C ASP D 1170 -51.18 34.06 20.94
N THR D 1171 -50.21 34.44 21.76
CA THR D 1171 -49.03 33.60 21.99
C THR D 1171 -49.36 32.51 23.00
N LYS D 1172 -49.22 31.25 22.58
CA LYS D 1172 -49.44 30.09 23.44
C LYS D 1172 -48.17 29.24 23.51
N GLY D 1173 -47.02 29.89 23.65
CA GLY D 1173 -45.74 29.22 23.67
C GLY D 1173 -45.00 29.26 22.35
N LYS D 1174 -45.65 29.64 21.26
CA LYS D 1174 -45.01 29.72 19.95
C LYS D 1174 -45.61 30.88 19.18
N GLN D 1175 -44.79 31.50 18.33
CA GLN D 1175 -45.23 32.62 17.52
C GLN D 1175 -46.11 32.14 16.37
N ARG D 1176 -47.12 32.94 16.03
CA ARG D 1176 -48.04 32.62 14.95
C ARG D 1176 -48.01 33.73 13.90
N LEU D 1177 -48.01 33.32 12.63
CA LEU D 1177 -47.99 34.25 11.50
C LEU D 1177 -49.07 33.85 10.51
N ILE D 1178 -50.02 34.74 10.28
CA ILE D 1178 -51.13 34.51 9.36
C ILE D 1178 -50.95 35.40 8.14
N ILE D 1179 -51.20 34.85 6.96
CA ILE D 1179 -51.08 35.56 5.70
C ILE D 1179 -52.48 35.66 5.10
N LYS D 1180 -53.01 36.87 5.03
CA LYS D 1180 -54.36 37.08 4.49
C LYS D 1180 -54.35 37.04 2.97
N ASP D 1181 -55.47 36.60 2.41
CA ASP D 1181 -55.65 36.48 0.96
C ASP D 1181 -56.94 37.19 0.57
N THR D 1182 -57.22 37.18 -0.74
CA THR D 1182 -58.43 37.83 -1.23
C THR D 1182 -59.67 36.99 -0.96
N ASP D 1183 -59.59 35.68 -1.19
CA ASP D 1183 -60.72 34.78 -0.96
C ASP D 1183 -60.33 33.64 -0.05
N GLY D 1184 -59.06 33.23 -0.10
CA GLY D 1184 -58.60 32.12 0.72
C GLY D 1184 -58.39 32.52 2.16
N SER D 1185 -58.55 31.55 3.05
CA SER D 1185 -58.37 31.79 4.48
C SER D 1185 -56.89 31.88 4.83
N GLU D 1186 -56.63 32.50 5.97
CA GLU D 1186 -55.26 32.68 6.44
C GLU D 1186 -54.68 31.38 6.97
N HIS D 1187 -53.39 31.18 6.73
CA HIS D 1187 -52.67 29.99 7.19
C HIS D 1187 -51.70 30.39 8.31
N GLU D 1188 -51.75 29.65 9.41
CA GLU D 1188 -50.91 29.92 10.56
C GLU D 1188 -49.74 28.95 10.60
N GLU D 1189 -48.54 29.48 10.81
CA GLU D 1189 -47.32 28.68 10.89
C GLU D 1189 -46.68 28.90 12.25
N LEU D 1190 -46.48 27.83 13.00
CA LEU D 1190 -45.89 27.92 14.32
C LEU D 1190 -44.37 28.11 14.22
N ILE D 1191 -43.84 28.96 15.08
CA ILE D 1191 -42.40 29.23 15.11
C ILE D 1191 -41.95 29.28 16.57
N PRO D 1192 -40.77 28.74 16.90
CA PRO D 1192 -40.29 28.81 18.28
C PRO D 1192 -39.86 30.22 18.65
N LYS D 1193 -40.05 30.56 19.93
CA LYS D 1193 -39.75 31.89 20.43
C LYS D 1193 -38.26 32.11 20.70
N TYR D 1194 -37.44 31.06 20.63
CA TYR D 1194 -36.01 31.21 20.88
C TYR D 1194 -35.29 31.88 19.71
N ARG D 1195 -35.79 31.71 18.50
CA ARG D 1195 -35.17 32.31 17.32
C ARG D 1195 -35.80 33.65 17.00
N GLN D 1196 -35.06 34.45 16.22
CA GLN D 1196 -35.52 35.78 15.83
C GLN D 1196 -36.52 35.67 14.68
N ILE D 1197 -37.23 36.77 14.44
CA ILE D 1197 -38.27 36.82 13.41
C ILE D 1197 -38.37 38.26 12.90
N ILE D 1198 -38.48 38.41 11.58
CA ILE D 1198 -38.57 39.73 10.95
C ILE D 1198 -39.79 39.73 10.03
N VAL D 1199 -40.94 40.12 10.57
CA VAL D 1199 -42.17 40.33 9.81
C VAL D 1199 -42.70 41.72 10.16
N PHE D 1200 -42.88 42.57 9.15
CA PHE D 1200 -43.51 43.86 9.39
C PHE D 1200 -45.03 43.70 9.42
N GLU D 1201 -45.68 44.66 10.07
CA GLU D 1201 -47.14 44.62 10.19
C GLU D 1201 -47.82 45.00 8.87
N GLY D 1202 -47.57 46.23 8.40
CA GLY D 1202 -48.14 46.68 7.15
C GLY D 1202 -47.22 46.44 5.96
N GLU D 1203 -47.03 45.18 5.59
CA GLU D 1203 -46.15 44.83 4.48
C GLU D 1203 -46.78 43.71 3.67
N HIS D 1204 -46.29 43.56 2.44
CA HIS D 1204 -46.74 42.52 1.53
C HIS D 1204 -45.62 41.50 1.34
N VAL D 1205 -45.96 40.22 1.40
CA VAL D 1205 -45.00 39.13 1.30
C VAL D 1205 -45.28 38.38 -0.01
N THR D 1206 -44.26 38.29 -0.86
CA THR D 1206 -44.39 37.58 -2.13
C THR D 1206 -44.23 36.09 -1.92
N LYS D 1207 -44.35 35.34 -3.02
CA LYS D 1207 -44.26 33.88 -2.96
C LYS D 1207 -42.80 33.45 -2.82
N GLY D 1208 -42.52 32.66 -1.80
CA GLY D 1208 -41.17 32.16 -1.57
C GLY D 1208 -40.25 33.07 -0.80
N GLU D 1209 -40.79 34.07 -0.11
CA GLU D 1209 -39.96 34.96 0.69
C GLU D 1209 -39.57 34.28 2.00
N THR D 1210 -38.45 34.73 2.55
CA THR D 1210 -37.89 34.18 3.79
C THR D 1210 -38.17 35.14 4.93
N VAL D 1211 -38.98 34.71 5.89
CA VAL D 1211 -39.29 35.55 7.06
C VAL D 1211 -38.37 35.27 8.24
N VAL D 1212 -37.61 34.18 8.20
CA VAL D 1212 -36.67 33.84 9.26
C VAL D 1212 -35.27 33.78 8.65
N ASP D 1213 -34.33 34.53 9.23
CA ASP D 1213 -32.97 34.55 8.75
C ASP D 1213 -32.26 33.25 9.15
N GLY D 1214 -31.79 32.49 8.18
CA GLY D 1214 -31.11 31.25 8.46
C GLY D 1214 -30.80 30.51 7.17
N GLU D 1215 -30.19 29.34 7.35
CA GLU D 1215 -29.84 28.50 6.21
C GLU D 1215 -31.05 27.69 5.78
N PRO D 1216 -31.48 27.79 4.53
CA PRO D 1216 -32.69 27.08 4.10
C PRO D 1216 -32.42 25.62 3.75
N SER D 1217 -33.45 24.80 3.93
CA SER D 1217 -33.43 23.39 3.59
C SER D 1217 -33.83 23.20 2.13
N PRO D 1218 -33.45 22.08 1.51
CA PRO D 1218 -33.91 21.82 0.13
C PRO D 1218 -35.40 21.48 0.03
N GLN D 1219 -36.01 21.02 1.13
CA GLN D 1219 -37.39 20.53 1.06
C GLN D 1219 -38.40 21.66 0.85
N ASP D 1220 -38.31 22.71 1.67
CA ASP D 1220 -39.22 23.84 1.52
C ASP D 1220 -38.85 24.74 0.34
N ILE D 1221 -37.64 24.62 -0.20
CA ILE D 1221 -37.33 25.29 -1.46
C ILE D 1221 -37.97 24.53 -2.62
N LEU D 1222 -37.95 23.20 -2.56
CA LEU D 1222 -38.54 22.40 -3.64
C LEU D 1222 -40.07 22.48 -3.63
N ARG D 1223 -40.68 22.39 -2.46
CA ARG D 1223 -42.13 22.22 -2.41
C ARG D 1223 -42.92 23.52 -2.58
N LEU D 1224 -42.29 24.68 -2.39
CA LEU D 1224 -43.01 25.95 -2.37
C LEU D 1224 -43.00 26.67 -3.72
N LEU D 1225 -41.83 27.04 -4.23
CA LEU D 1225 -41.77 27.90 -5.39
C LEU D 1225 -41.41 27.19 -6.69
N GLY D 1226 -40.67 26.09 -6.64
CA GLY D 1226 -40.37 25.37 -7.86
C GLY D 1226 -39.20 24.41 -7.68
N VAL D 1227 -38.74 23.89 -8.82
CA VAL D 1227 -37.68 22.90 -8.86
C VAL D 1227 -36.37 23.49 -9.37
N GLU D 1228 -36.45 24.35 -10.39
CA GLU D 1228 -35.27 24.97 -11.01
C GLU D 1228 -34.50 25.94 -10.10
N PRO D 1229 -35.13 26.77 -9.24
CA PRO D 1229 -34.31 27.51 -8.26
C PRO D 1229 -33.61 26.61 -7.25
N LEU D 1230 -34.18 25.45 -6.93
CA LEU D 1230 -33.51 24.51 -6.03
C LEU D 1230 -32.24 23.95 -6.65
N ALA D 1231 -32.33 23.52 -7.92
CA ALA D 1231 -31.16 23.03 -8.62
C ALA D 1231 -30.14 24.13 -8.86
N ALA D 1232 -30.61 25.37 -9.11
CA ALA D 1232 -29.71 26.50 -9.26
C ALA D 1232 -28.96 26.81 -7.97
N TYR D 1233 -29.66 26.73 -6.82
CA TYR D 1233 -29.02 26.96 -5.53
C TYR D 1233 -28.03 25.86 -5.19
N LEU D 1234 -28.36 24.60 -5.53
CA LEU D 1234 -27.45 23.49 -5.27
C LEU D 1234 -26.20 23.59 -6.12
N VAL D 1235 -26.35 23.90 -7.42
CA VAL D 1235 -25.21 24.08 -8.32
C VAL D 1235 -24.37 25.27 -7.87
N LYS D 1236 -25.02 26.35 -7.42
CA LYS D 1236 -24.31 27.53 -6.96
C LYS D 1236 -23.48 27.25 -5.70
N GLU D 1237 -24.05 26.52 -4.74
CA GLU D 1237 -23.32 26.25 -3.51
C GLU D 1237 -22.19 25.24 -3.72
N ILE D 1238 -22.42 24.22 -4.56
CA ILE D 1238 -21.38 23.23 -4.81
C ILE D 1238 -20.25 23.84 -5.64
N GLN D 1239 -20.56 24.71 -6.60
CA GLN D 1239 -19.53 25.41 -7.34
C GLN D 1239 -18.81 26.45 -6.47
N ASP D 1240 -19.51 27.03 -5.49
CA ASP D 1240 -18.88 27.93 -4.54
C ASP D 1240 -17.84 27.19 -3.70
N VAL D 1241 -18.17 25.99 -3.24
CA VAL D 1241 -17.23 25.17 -2.48
C VAL D 1241 -16.04 24.75 -3.35
N TYR D 1242 -16.33 24.27 -4.56
CA TYR D 1242 -15.27 23.76 -5.43
C TYR D 1242 -14.40 24.87 -6.03
N ARG D 1243 -14.88 26.11 -6.05
CA ARG D 1243 -14.04 27.23 -6.48
C ARG D 1243 -13.36 27.92 -5.30
N LEU D 1244 -13.88 27.76 -4.08
CA LEU D 1244 -13.10 28.12 -2.90
C LEU D 1244 -11.94 27.17 -2.73
N GLN D 1245 -12.10 25.91 -3.12
CA GLN D 1245 -10.98 24.98 -3.14
C GLN D 1245 -10.00 25.34 -4.26
N GLY D 1246 -10.50 25.47 -5.49
CA GLY D 1246 -9.65 25.86 -6.60
C GLY D 1246 -9.81 25.01 -7.85
N VAL D 1247 -10.55 23.91 -7.74
CA VAL D 1247 -10.72 22.98 -8.85
C VAL D 1247 -11.88 23.42 -9.73
N LYS D 1248 -11.97 22.85 -10.93
CA LYS D 1248 -13.01 23.18 -11.90
C LYS D 1248 -13.75 21.91 -12.30
N ILE D 1249 -15.04 21.84 -11.96
CA ILE D 1249 -15.89 20.70 -12.27
C ILE D 1249 -17.11 21.24 -13.02
N ASN D 1250 -17.45 20.59 -14.13
CA ASN D 1250 -18.59 21.00 -14.94
C ASN D 1250 -19.91 20.72 -14.21
N ASP D 1251 -20.96 21.39 -14.66
CA ASP D 1251 -22.25 21.39 -13.96
C ASP D 1251 -23.20 20.30 -14.44
N LYS D 1252 -22.85 19.58 -15.52
CA LYS D 1252 -23.70 18.48 -15.97
C LYS D 1252 -23.73 17.33 -14.98
N HIS D 1253 -22.62 17.14 -14.24
CA HIS D 1253 -22.57 16.10 -13.22
C HIS D 1253 -23.50 16.43 -12.05
N ILE D 1254 -23.49 17.68 -11.60
CA ILE D 1254 -24.38 18.12 -10.54
C ILE D 1254 -25.83 18.11 -11.02
N GLU D 1255 -26.05 18.39 -12.31
CA GLU D 1255 -27.41 18.36 -12.85
C GLU D 1255 -27.96 16.93 -12.92
N VAL D 1256 -27.13 15.96 -13.32
CA VAL D 1256 -27.64 14.59 -13.38
C VAL D 1256 -27.74 13.98 -11.97
N ILE D 1257 -26.94 14.47 -11.01
CA ILE D 1257 -27.11 14.05 -9.62
C ILE D 1257 -28.43 14.60 -9.05
N THR D 1258 -28.75 15.86 -9.38
CA THR D 1258 -30.02 16.45 -8.96
C THR D 1258 -31.20 15.75 -9.64
N ARG D 1259 -31.03 15.33 -10.89
CA ARG D 1259 -32.06 14.55 -11.57
C ARG D 1259 -32.26 13.19 -10.92
N GLN D 1260 -31.18 12.55 -10.48
CA GLN D 1260 -31.30 11.26 -9.81
C GLN D 1260 -31.89 11.40 -8.41
N MET D 1261 -31.70 12.55 -7.76
CA MET D 1261 -32.28 12.76 -6.43
C MET D 1261 -33.78 13.02 -6.48
N LEU D 1262 -34.31 13.48 -7.60
CA LEU D 1262 -35.72 13.81 -7.76
C LEU D 1262 -36.49 12.71 -8.47
N ARG D 1263 -36.13 11.45 -8.23
CA ARG D 1263 -36.74 10.35 -8.95
C ARG D 1263 -38.13 9.99 -8.41
N LYS D 1264 -38.34 10.11 -7.11
CA LYS D 1264 -39.61 9.74 -6.51
C LYS D 1264 -40.58 10.91 -6.53
N VAL D 1265 -41.88 10.58 -6.55
CA VAL D 1265 -42.94 11.57 -6.55
C VAL D 1265 -43.99 11.12 -5.53
N GLU D 1266 -44.77 12.07 -5.04
CA GLU D 1266 -45.78 11.81 -4.02
C GLU D 1266 -47.14 12.29 -4.51
N ILE D 1267 -48.13 11.39 -4.47
CA ILE D 1267 -49.49 11.73 -4.83
C ILE D 1267 -50.30 11.92 -3.56
N VAL D 1268 -51.37 12.70 -3.66
CA VAL D 1268 -52.18 13.04 -2.50
C VAL D 1268 -53.60 12.47 -2.57
N ASP D 1269 -54.16 12.28 -3.77
CA ASP D 1269 -55.50 11.73 -3.92
C ASP D 1269 -55.59 11.07 -5.29
N GLN D 1270 -55.46 9.74 -5.32
CA GLN D 1270 -55.51 8.99 -6.56
C GLN D 1270 -56.55 7.89 -6.45
N GLY D 1271 -56.98 7.40 -7.61
CA GLY D 1271 -58.00 6.36 -7.67
C GLY D 1271 -57.43 4.97 -7.83
N ASN D 1272 -56.30 4.86 -8.53
CA ASN D 1272 -55.67 3.56 -8.76
C ASN D 1272 -54.69 3.19 -7.65
N SER D 1273 -53.86 4.14 -7.24
CA SER D 1273 -52.88 3.92 -6.18
C SER D 1273 -53.44 4.46 -4.86
N LYS D 1274 -52.61 4.44 -3.81
CA LYS D 1274 -53.02 4.94 -2.51
C LYS D 1274 -52.87 6.46 -2.48
N PHE D 1275 -53.17 7.05 -1.33
CA PHE D 1275 -53.12 8.51 -1.17
C PHE D 1275 -51.91 8.97 -0.37
N LEU D 1276 -51.19 8.07 0.29
CA LEU D 1276 -50.03 8.42 1.11
C LEU D 1276 -48.85 7.51 0.79
N ASN D 1277 -48.62 7.25 -0.50
CA ASN D 1277 -47.52 6.40 -0.94
C ASN D 1277 -46.71 7.11 -2.01
N GLY D 1278 -45.42 6.81 -2.05
CA GLY D 1278 -44.51 7.38 -3.03
C GLY D 1278 -44.26 6.43 -4.18
N GLU D 1279 -44.10 7.00 -5.38
CA GLU D 1279 -43.83 6.24 -6.58
C GLU D 1279 -42.88 7.03 -7.47
N GLN D 1280 -42.47 6.42 -8.58
CA GLN D 1280 -41.60 7.09 -9.52
C GLN D 1280 -42.39 8.11 -10.35
N VAL D 1281 -41.65 9.00 -11.02
CA VAL D 1281 -42.30 10.01 -11.85
C VAL D 1281 -42.77 9.41 -13.16
N GLU D 1282 -41.90 8.64 -13.84
CA GLU D 1282 -42.23 8.10 -15.15
C GLU D 1282 -43.27 6.98 -15.06
N ARG D 1283 -43.21 6.19 -13.97
CA ARG D 1283 -44.20 5.14 -13.78
C ARG D 1283 -45.58 5.72 -13.49
N GLN D 1284 -45.64 6.76 -12.66
CA GLN D 1284 -46.91 7.45 -12.41
C GLN D 1284 -47.42 8.12 -13.68
N ARG D 1285 -46.50 8.64 -14.51
CA ARG D 1285 -46.91 9.27 -15.77
C ARG D 1285 -47.48 8.26 -16.76
N VAL D 1286 -46.87 7.08 -16.87
CA VAL D 1286 -47.38 6.11 -17.84
C VAL D 1286 -48.67 5.47 -17.33
N ILE D 1287 -48.81 5.31 -16.01
CA ILE D 1287 -50.09 4.81 -15.46
C ILE D 1287 -51.18 5.86 -15.62
N GLU D 1288 -50.84 7.14 -15.47
CA GLU D 1288 -51.83 8.21 -15.63
C GLU D 1288 -52.27 8.34 -17.08
N GLU D 1289 -51.35 8.22 -18.04
CA GLU D 1289 -51.76 8.33 -19.44
C GLU D 1289 -52.50 7.09 -19.90
N ASN D 1290 -52.15 5.91 -19.38
CA ASN D 1290 -52.90 4.70 -19.69
C ASN D 1290 -54.28 4.72 -19.05
N ALA D 1291 -54.43 5.43 -17.93
CA ALA D 1291 -55.75 5.56 -17.31
C ALA D 1291 -56.61 6.59 -18.03
N ARG D 1292 -56.03 7.74 -18.39
CA ARG D 1292 -56.77 8.82 -19.02
C ARG D 1292 -56.85 8.70 -20.54
N LEU D 1293 -56.26 7.65 -21.12
CA LEU D 1293 -56.30 7.49 -22.58
C LEU D 1293 -57.67 7.00 -23.05
N VAL D 1294 -58.24 6.00 -22.38
CA VAL D 1294 -59.46 5.35 -22.82
C VAL D 1294 -60.45 5.30 -21.66
N LYS D 1295 -61.70 5.69 -21.95
CA LYS D 1295 -62.88 5.52 -21.08
C LYS D 1295 -62.74 6.28 -19.75
N ARG D 1296 -62.06 7.41 -19.77
CA ARG D 1296 -61.90 8.21 -18.56
C ARG D 1296 -61.63 9.66 -18.95
N ASN D 1297 -62.09 10.57 -18.11
CA ASN D 1297 -61.86 12.00 -18.26
C ASN D 1297 -61.21 12.64 -17.05
N GLU D 1298 -61.57 12.21 -15.85
CA GLU D 1298 -60.98 12.70 -14.60
C GLU D 1298 -60.03 11.67 -14.00
N LEU D 1299 -59.28 10.96 -14.84
CA LEU D 1299 -58.40 9.91 -14.33
C LEU D 1299 -57.15 10.44 -13.60
N PRO D 1300 -56.25 11.23 -14.22
CA PRO D 1300 -54.96 11.45 -13.56
C PRO D 1300 -55.04 12.46 -12.42
N ALA D 1301 -54.10 12.32 -11.48
CA ALA D 1301 -54.08 13.10 -10.26
C ALA D 1301 -52.91 14.09 -10.29
N LYS D 1302 -53.01 15.09 -9.41
CA LYS D 1302 -51.96 16.09 -9.25
C LYS D 1302 -50.98 15.61 -8.19
N TYR D 1303 -49.69 15.73 -8.50
CA TYR D 1303 -48.63 15.29 -7.61
C TYR D 1303 -47.64 16.42 -7.39
N ASP D 1304 -46.85 16.28 -6.32
CA ASP D 1304 -45.78 17.22 -6.03
C ASP D 1304 -44.43 16.51 -6.03
N PRO D 1305 -43.36 17.17 -6.49
CA PRO D 1305 -42.05 16.53 -6.47
C PRO D 1305 -41.49 16.48 -5.05
N VAL D 1306 -40.96 15.32 -4.69
CA VAL D 1306 -40.36 15.10 -3.37
C VAL D 1306 -38.88 14.88 -3.56
N LEU D 1307 -38.10 15.17 -2.52
CA LEU D 1307 -36.66 15.04 -2.56
C LEU D 1307 -36.21 13.96 -1.57
N LEU D 1308 -35.21 13.19 -1.96
CA LEU D 1308 -34.61 12.18 -1.11
C LEU D 1308 -33.09 12.36 -1.13
N GLY D 1309 -32.44 12.00 -0.03
CA GLY D 1309 -31.01 12.07 0.07
C GLY D 1309 -30.33 10.95 -0.70
N ILE D 1310 -28.99 10.97 -0.66
CA ILE D 1310 -28.22 9.94 -1.34
C ILE D 1310 -28.30 8.62 -0.60
N THR D 1311 -28.59 8.66 0.71
CA THR D 1311 -28.74 7.43 1.48
C THR D 1311 -30.11 6.80 1.30
N LYS D 1312 -31.12 7.57 0.88
CA LYS D 1312 -32.47 7.07 0.75
C LYS D 1312 -32.94 6.87 -0.68
N ALA D 1313 -32.25 7.45 -1.66
CA ALA D 1313 -32.66 7.30 -3.06
C ALA D 1313 -32.29 5.92 -3.60
N SER D 1314 -31.10 5.43 -3.27
CA SER D 1314 -30.68 4.12 -3.74
C SER D 1314 -31.38 3.00 -2.99
N LEU D 1315 -31.87 3.24 -1.77
CA LEU D 1315 -32.59 2.22 -1.04
C LEU D 1315 -34.02 2.07 -1.54
N ALA D 1316 -34.65 3.17 -1.96
CA ALA D 1316 -36.00 3.15 -2.48
C ALA D 1316 -35.95 2.83 -3.98
N THR D 1317 -35.72 1.55 -4.27
CA THR D 1317 -35.62 1.07 -5.64
C THR D 1317 -36.34 -0.27 -5.72
N GLU D 1318 -37.05 -0.49 -6.83
CA GLU D 1318 -37.78 -1.74 -7.02
C GLU D 1318 -36.84 -2.92 -7.21
N SER D 1319 -35.64 -2.69 -7.72
CA SER D 1319 -34.64 -3.74 -7.87
C SER D 1319 -34.05 -4.05 -6.50
N PHE D 1320 -34.36 -5.24 -5.97
CA PHE D 1320 -33.92 -5.61 -4.63
C PHE D 1320 -32.46 -6.00 -4.56
N ILE D 1321 -31.79 -6.22 -5.70
CA ILE D 1321 -30.38 -6.56 -5.68
C ILE D 1321 -29.54 -5.29 -5.53
N SER D 1322 -29.82 -4.26 -6.34
CA SER D 1322 -29.06 -3.02 -6.27
C SER D 1322 -29.41 -2.20 -5.02
N ALA D 1323 -30.60 -2.40 -4.44
CA ALA D 1323 -30.97 -1.68 -3.23
C ALA D 1323 -30.33 -2.30 -2.00
N ALA D 1324 -30.12 -3.63 -2.00
CA ALA D 1324 -29.45 -4.32 -0.91
C ALA D 1324 -27.96 -4.51 -1.18
N SER D 1325 -27.36 -3.57 -1.90
CA SER D 1325 -25.99 -3.70 -2.36
C SER D 1325 -24.97 -3.00 -1.46
N PHE D 1326 -25.34 -1.90 -0.83
CA PHE D 1326 -24.36 -1.09 -0.10
C PHE D 1326 -24.71 -0.82 1.35
N GLN D 1327 -26.00 -0.78 1.71
CA GLN D 1327 -26.39 -0.41 3.06
C GLN D 1327 -27.70 -1.10 3.43
N GLU D 1328 -27.74 -1.64 4.64
CA GLU D 1328 -28.93 -2.24 5.27
C GLU D 1328 -29.48 -3.39 4.42
N THR D 1329 -28.66 -4.43 4.32
CA THR D 1329 -29.03 -5.60 3.51
C THR D 1329 -30.21 -6.35 4.11
N THR D 1330 -30.29 -6.40 5.45
CA THR D 1330 -31.35 -7.16 6.11
C THR D 1330 -32.72 -6.53 5.89
N ARG D 1331 -32.79 -5.19 5.89
CA ARG D 1331 -34.08 -4.51 5.73
C ARG D 1331 -34.62 -4.68 4.32
N VAL D 1332 -33.77 -4.50 3.31
CA VAL D 1332 -34.20 -4.68 1.92
C VAL D 1332 -34.50 -6.14 1.64
N LEU D 1333 -33.76 -7.07 2.27
CA LEU D 1333 -34.02 -8.49 2.07
C LEU D 1333 -35.36 -8.91 2.69
N THR D 1334 -35.67 -8.43 3.91
CA THR D 1334 -36.95 -8.78 4.49
C THR D 1334 -38.11 -8.04 3.82
N GLU D 1335 -37.85 -6.87 3.23
CA GLU D 1335 -38.89 -6.18 2.48
C GLU D 1335 -39.21 -6.91 1.18
N ALA D 1336 -38.17 -7.39 0.48
CA ALA D 1336 -38.38 -8.18 -0.73
C ALA D 1336 -38.96 -9.55 -0.41
N ALA D 1337 -38.69 -10.09 0.78
CA ALA D 1337 -39.27 -11.37 1.17
C ALA D 1337 -40.75 -11.23 1.54
N VAL D 1338 -41.13 -10.12 2.19
CA VAL D 1338 -42.53 -9.92 2.56
C VAL D 1338 -43.35 -9.53 1.33
N ARG D 1339 -42.88 -8.55 0.56
CA ARG D 1339 -43.65 -8.06 -0.57
C ARG D 1339 -43.62 -9.02 -1.75
N GLY D 1340 -42.55 -9.80 -1.90
CA GLY D 1340 -42.44 -10.72 -3.01
C GLY D 1340 -42.16 -10.02 -4.33
N THR D 1341 -41.12 -9.18 -4.35
CA THR D 1341 -40.82 -8.37 -5.52
C THR D 1341 -40.20 -9.22 -6.62
N ARG D 1342 -40.15 -8.66 -7.82
CA ARG D 1342 -39.61 -9.31 -9.00
C ARG D 1342 -38.60 -8.38 -9.66
N ASP D 1343 -37.34 -8.78 -9.67
CA ASP D 1343 -36.28 -7.96 -10.23
C ASP D 1343 -36.21 -8.16 -11.74
N ASN D 1344 -36.47 -7.10 -12.49
CA ASN D 1344 -36.50 -7.17 -13.95
C ASN D 1344 -35.12 -7.01 -14.60
N LEU D 1345 -34.07 -6.88 -13.79
CA LEU D 1345 -32.66 -6.80 -14.22
C LEU D 1345 -32.40 -5.64 -15.18
N ARG D 1346 -33.10 -4.52 -14.99
CA ARG D 1346 -32.93 -3.35 -15.84
C ARG D 1346 -31.98 -2.36 -15.15
N GLY D 1347 -30.73 -2.78 -15.01
CA GLY D 1347 -29.73 -1.96 -14.37
C GLY D 1347 -28.34 -2.36 -14.80
N LEU D 1348 -27.35 -1.76 -14.15
CA LEU D 1348 -25.95 -2.01 -14.45
C LEU D 1348 -25.27 -2.92 -13.43
N LYS D 1349 -25.57 -2.75 -12.14
CA LYS D 1349 -24.91 -3.57 -11.12
C LYS D 1349 -25.50 -4.96 -11.05
N GLU D 1350 -26.81 -5.08 -11.28
CA GLU D 1350 -27.45 -6.40 -11.26
C GLU D 1350 -27.04 -7.26 -12.46
N ASN D 1351 -26.63 -6.64 -13.57
CA ASN D 1351 -26.07 -7.42 -14.67
C ASN D 1351 -24.66 -7.90 -14.35
N VAL D 1352 -23.95 -7.20 -13.46
CA VAL D 1352 -22.66 -7.68 -12.98
C VAL D 1352 -22.87 -8.83 -12.00
N ILE D 1353 -23.91 -8.73 -11.16
CA ILE D 1353 -24.20 -9.78 -10.18
C ILE D 1353 -24.68 -11.05 -10.87
N VAL D 1354 -25.60 -10.90 -11.84
CA VAL D 1354 -26.12 -12.06 -12.56
C VAL D 1354 -25.07 -12.61 -13.52
N GLY D 1355 -24.43 -11.74 -14.28
CA GLY D 1355 -23.34 -12.17 -15.14
C GLY D 1355 -23.58 -11.92 -16.62
N ARG D 1356 -24.59 -11.13 -16.94
CA ARG D 1356 -24.93 -10.82 -18.32
C ARG D 1356 -24.10 -9.62 -18.79
N LEU D 1357 -24.38 -9.13 -19.99
CA LEU D 1357 -23.68 -7.98 -20.53
C LEU D 1357 -24.17 -6.69 -19.90
N ILE D 1358 -23.31 -5.69 -19.90
CA ILE D 1358 -23.68 -4.35 -19.41
C ILE D 1358 -24.55 -3.68 -20.46
N PRO D 1359 -25.73 -3.15 -20.10
CA PRO D 1359 -26.60 -2.44 -21.05
C PRO D 1359 -26.18 -0.99 -21.29
N ALA D 1360 -24.91 -0.78 -21.62
CA ALA D 1360 -24.36 0.55 -21.86
C ALA D 1360 -23.12 0.40 -22.72
N GLY D 1361 -23.13 1.02 -23.88
CA GLY D 1361 -21.99 0.96 -24.79
C GLY D 1361 -22.15 -0.13 -25.84
N THR D 1362 -21.24 -1.10 -25.83
CA THR D 1362 -21.28 -2.17 -26.82
C THR D 1362 -22.32 -3.24 -26.50
N GLY D 1363 -22.89 -3.24 -25.30
CA GLY D 1363 -23.89 -4.21 -24.91
C GLY D 1363 -25.32 -3.77 -25.11
N LEU D 1364 -25.55 -2.61 -25.72
CA LEU D 1364 -26.91 -2.15 -25.96
C LEU D 1364 -27.58 -2.91 -27.09
N ALA D 1365 -26.81 -3.37 -28.07
CA ALA D 1365 -27.37 -4.15 -29.17
C ALA D 1365 -27.81 -5.53 -28.73
N TYR D 1366 -27.11 -6.12 -27.74
CA TYR D 1366 -27.53 -7.41 -27.20
C TYR D 1366 -28.84 -7.28 -26.42
N HIS D 1367 -29.00 -6.19 -25.67
CA HIS D 1367 -30.25 -5.97 -24.95
C HIS D 1367 -31.38 -5.58 -25.90
N ALA D 1368 -31.04 -4.97 -27.05
CA ALA D 1368 -32.06 -4.67 -28.04
C ALA D 1368 -32.52 -5.93 -28.76
N GLY D 1369 -31.58 -6.83 -29.08
CA GLY D 1369 -31.93 -8.08 -29.72
C GLY D 1369 -32.52 -9.12 -28.80
N ARG D 1370 -32.32 -8.98 -27.49
CA ARG D 1370 -32.90 -9.93 -26.54
C ARG D 1370 -34.41 -9.71 -26.40
N ARG D 1371 -34.82 -8.48 -26.12
CA ARG D 1371 -36.23 -8.17 -25.96
C ARG D 1371 -36.92 -8.08 -27.31
N VAL E 6 -7.34 6.28 -35.85
CA VAL E 6 -8.63 5.94 -35.26
C VAL E 6 -9.59 7.10 -35.53
N GLU E 7 -9.04 8.22 -36.01
CA GLU E 7 -9.87 9.36 -36.35
C GLU E 7 -10.68 9.11 -37.62
N ASP E 8 -10.09 8.40 -38.59
CA ASP E 8 -10.83 8.06 -39.80
C ASP E 8 -11.90 7.02 -39.53
N CYS E 9 -11.64 6.10 -38.59
CA CYS E 9 -12.66 5.14 -38.18
C CYS E 9 -13.81 5.81 -37.45
N LEU E 10 -13.54 6.88 -36.71
CA LEU E 10 -14.58 7.70 -36.13
C LEU E 10 -15.16 8.70 -37.12
N GLU E 11 -14.58 8.81 -38.32
CA GLU E 11 -15.11 9.67 -39.36
C GLU E 11 -16.09 8.94 -40.27
N VAL E 12 -15.81 7.67 -40.61
CA VAL E 12 -16.68 6.94 -41.54
C VAL E 12 -17.97 6.52 -40.86
N VAL E 13 -17.98 6.36 -39.54
CA VAL E 13 -19.20 6.08 -38.78
C VAL E 13 -19.24 7.01 -37.58
N ASN E 14 -20.45 7.40 -37.17
CA ASN E 14 -20.59 8.36 -36.08
C ASN E 14 -20.45 7.68 -34.72
N ASN E 15 -21.16 6.57 -34.51
CA ASN E 15 -21.13 5.89 -33.23
C ASN E 15 -19.84 5.08 -33.09
N ARG E 16 -19.34 5.01 -31.86
CA ARG E 16 -18.10 4.30 -31.56
C ARG E 16 -18.33 2.82 -31.27
N PHE E 17 -19.40 2.50 -30.54
CA PHE E 17 -19.67 1.11 -30.19
C PHE E 17 -20.12 0.29 -31.40
N GLU E 18 -20.80 0.94 -32.36
CA GLU E 18 -21.13 0.27 -33.61
C GLU E 18 -19.87 -0.02 -34.42
N LEU E 19 -18.89 0.90 -34.36
CA LEU E 19 -17.59 0.65 -34.99
C LEU E 19 -16.86 -0.50 -34.32
N VAL E 20 -16.95 -0.59 -32.99
CA VAL E 20 -16.33 -1.68 -32.25
C VAL E 20 -16.96 -3.02 -32.62
N MET E 21 -18.29 -3.06 -32.73
CA MET E 21 -18.98 -4.30 -33.09
C MET E 21 -18.70 -4.70 -34.54
N MET E 22 -18.61 -3.72 -35.45
CA MET E 22 -18.32 -4.02 -36.85
C MET E 22 -16.89 -4.51 -37.01
N ALA E 23 -15.94 -3.89 -36.30
CA ALA E 23 -14.55 -4.36 -36.34
C ALA E 23 -14.41 -5.72 -35.67
N SER E 24 -15.24 -6.02 -34.66
CA SER E 24 -15.21 -7.34 -34.04
C SER E 24 -15.73 -8.41 -34.98
N LYS E 25 -16.79 -8.11 -35.73
CA LYS E 25 -17.31 -9.05 -36.72
C LYS E 25 -16.31 -9.26 -37.86
N ARG E 26 -15.64 -8.18 -38.30
CA ARG E 26 -14.66 -8.31 -39.36
C ARG E 26 -13.42 -9.06 -38.89
N ALA E 27 -13.02 -8.88 -37.62
CA ALA E 27 -11.89 -9.62 -37.09
C ALA E 27 -12.22 -11.08 -36.87
N ARG E 28 -13.48 -11.38 -36.50
CA ARG E 28 -13.91 -12.77 -36.40
C ARG E 28 -13.98 -13.44 -37.77
N GLN E 29 -14.33 -12.69 -38.81
CA GLN E 29 -14.30 -13.24 -40.16
C GLN E 29 -12.87 -13.41 -40.68
N LEU E 30 -11.96 -12.51 -40.30
CA LEU E 30 -10.59 -12.59 -40.77
C LEU E 30 -9.75 -13.60 -40.00
N ALA E 31 -10.13 -13.91 -38.76
CA ALA E 31 -9.32 -14.81 -37.94
C ALA E 31 -9.48 -16.26 -38.37
N ASN E 32 -10.63 -16.62 -38.94
CA ASN E 32 -10.84 -17.98 -39.43
C ASN E 32 -10.11 -18.24 -40.74
N GLY E 33 -9.69 -17.21 -41.45
CA GLY E 33 -8.95 -17.36 -42.68
C GLY E 33 -9.72 -16.94 -43.91
N VAL E 34 -9.47 -15.72 -44.38
CA VAL E 34 -10.13 -15.19 -45.57
C VAL E 34 -9.23 -14.08 -46.10
N GLN E 35 -9.37 -13.77 -47.39
CA GLN E 35 -8.57 -12.72 -48.01
C GLN E 35 -9.09 -11.35 -47.57
N PRO E 36 -8.22 -10.45 -47.12
CA PRO E 36 -8.67 -9.11 -46.74
C PRO E 36 -8.93 -8.24 -47.96
N LEU E 37 -9.52 -7.07 -47.69
CA LEU E 37 -9.86 -6.14 -48.77
C LEU E 37 -8.62 -5.43 -49.31
N ILE E 38 -7.66 -5.13 -48.43
CA ILE E 38 -6.43 -4.45 -48.86
C ILE E 38 -5.24 -5.39 -48.70
N ASP E 45 -0.62 -6.48 -39.72
CA ASP E 45 -0.51 -7.93 -39.84
C ASP E 45 -1.51 -8.62 -38.92
N LYS E 46 -1.93 -7.92 -37.88
CA LYS E 46 -2.94 -8.45 -36.97
C LYS E 46 -4.31 -8.42 -37.64
N PRO E 47 -5.22 -9.32 -37.25
CA PRO E 47 -6.57 -9.28 -37.82
C PRO E 47 -7.38 -8.05 -37.42
N THR E 48 -7.23 -7.59 -36.17
CA THR E 48 -7.99 -6.43 -35.73
C THR E 48 -7.47 -5.15 -36.37
N VAL E 49 -6.15 -5.02 -36.53
CA VAL E 49 -5.56 -3.85 -37.17
C VAL E 49 -5.91 -3.82 -38.65
N MET E 50 -5.91 -4.99 -39.30
CA MET E 50 -6.32 -5.07 -40.70
C MET E 50 -7.81 -4.78 -40.86
N ALA E 51 -8.62 -5.18 -39.89
CA ALA E 51 -10.06 -4.87 -39.93
C ALA E 51 -10.29 -3.36 -39.77
N LEU E 52 -9.54 -2.72 -38.87
CA LEU E 52 -9.67 -1.26 -38.71
C LEU E 52 -9.14 -0.52 -39.93
N ARG E 53 -8.09 -1.04 -40.58
CA ARG E 53 -7.59 -0.42 -41.81
C ARG E 53 -8.57 -0.60 -42.96
N GLU E 54 -9.26 -1.73 -43.03
CA GLU E 54 -10.27 -1.92 -44.06
C GLU E 54 -11.52 -1.09 -43.79
N ILE E 55 -11.81 -0.82 -42.50
CA ILE E 55 -12.94 0.05 -42.17
C ILE E 55 -12.61 1.50 -42.53
N ALA E 56 -11.40 1.96 -42.18
CA ALA E 56 -11.02 3.35 -42.41
C ALA E 56 -10.79 3.67 -43.88
N ALA E 57 -10.58 2.66 -44.73
CA ALA E 57 -10.38 2.88 -46.16
C ALA E 57 -11.68 2.87 -46.95
N ARG E 58 -12.84 2.75 -46.27
CA ARG E 58 -14.17 2.72 -46.87
C ARG E 58 -14.30 1.59 -47.90
N ARG E 59 -13.74 0.43 -47.59
CA ARG E 59 -13.78 -0.73 -48.48
C ARG E 59 -14.82 -1.75 -48.07
N ILE E 60 -14.97 -2.01 -46.77
CA ILE E 60 -15.87 -3.03 -46.26
C ILE E 60 -17.05 -2.34 -45.56
N ASP E 61 -18.25 -2.88 -45.79
CA ASP E 61 -19.47 -2.36 -45.18
C ASP E 61 -20.10 -3.43 -44.31
N ASN E 62 -21.11 -3.02 -43.53
CA ASN E 62 -21.81 -3.97 -42.67
C ASN E 62 -22.67 -4.94 -43.48
N ALA E 63 -23.21 -4.48 -44.62
CA ALA E 63 -23.98 -5.37 -45.48
C ALA E 63 -23.08 -6.42 -46.14
N LEU E 64 -21.87 -6.03 -46.53
CA LEU E 64 -20.92 -6.99 -47.08
C LEU E 64 -20.43 -7.96 -46.01
N ILE E 65 -20.32 -7.49 -44.76
CA ILE E 65 -19.95 -8.36 -43.65
C ILE E 65 -21.05 -9.39 -43.39
N ASP E 66 -22.31 -8.95 -43.44
CA ASP E 66 -23.44 -9.87 -43.28
C ASP E 66 -23.55 -10.84 -44.45
N GLU E 67 -23.21 -10.40 -45.66
CA GLU E 67 -23.22 -11.31 -46.81
C GLU E 67 -22.11 -12.36 -46.71
N VAL E 68 -20.92 -11.96 -46.26
CA VAL E 68 -19.83 -12.90 -46.06
C VAL E 68 -20.16 -13.88 -44.93
N GLU E 69 -20.81 -13.40 -43.86
CA GLU E 69 -21.20 -14.28 -42.76
C GLU E 69 -22.29 -15.25 -43.19
N LYS E 70 -23.23 -14.81 -44.03
CA LYS E 70 -24.25 -15.71 -44.57
C LYS E 70 -23.65 -16.74 -45.52
N ALA E 71 -22.64 -16.34 -46.30
CA ALA E 71 -21.97 -17.29 -47.18
C ALA E 71 -21.17 -18.32 -46.39
N GLU E 72 -20.55 -17.91 -45.29
CA GLU E 72 -19.83 -18.85 -44.44
C GLU E 72 -20.79 -19.76 -43.67
N ARG E 73 -21.98 -19.25 -43.33
CA ARG E 73 -22.97 -20.10 -42.67
C ARG E 73 -23.60 -21.08 -43.65
N GLU E 74 -23.76 -20.70 -44.91
CA GLU E 74 -24.28 -21.61 -45.92
C GLU E 74 -23.24 -22.64 -46.34
N ARG E 75 -21.96 -22.26 -46.35
CA ARG E 75 -20.90 -23.21 -46.71
C ARG E 75 -20.59 -24.19 -45.59
N ALA E 76 -20.97 -23.88 -44.35
CA ALA E 76 -20.73 -24.77 -43.22
C ALA E 76 -21.78 -25.87 -43.17
N ASN I 6 -11.78 -50.10 -15.81
CA ASN I 6 -10.74 -50.24 -16.82
C ASN I 6 -11.32 -50.12 -18.22
N GLU I 7 -12.65 -50.04 -18.31
CA GLU I 7 -13.32 -49.92 -19.59
C GLU I 7 -13.16 -48.50 -20.13
N PHE I 8 -12.83 -48.40 -21.42
CA PHE I 8 -12.66 -47.10 -22.07
C PHE I 8 -14.02 -46.44 -22.25
N THR I 9 -14.22 -45.32 -21.57
CA THR I 9 -15.47 -44.57 -21.63
C THR I 9 -15.28 -43.33 -22.49
N GLN I 10 -16.26 -43.08 -23.36
CA GLN I 10 -16.22 -41.90 -24.22
C GLN I 10 -16.43 -40.63 -23.40
N ILE I 11 -15.64 -39.60 -23.70
CA ILE I 11 -15.67 -38.36 -22.93
C ILE I 11 -16.83 -37.44 -23.28
N SER I 12 -17.65 -37.82 -24.27
CA SER I 12 -18.85 -37.10 -24.71
C SER I 12 -18.54 -35.67 -25.18
N GLY I 13 -17.34 -35.47 -25.72
CA GLY I 13 -16.97 -34.19 -26.29
C GLY I 13 -16.54 -34.34 -27.73
N TYR I 14 -16.10 -35.54 -28.09
CA TYR I 14 -15.67 -35.87 -29.44
C TYR I 14 -16.37 -37.13 -29.90
N VAL I 15 -16.58 -37.23 -31.21
CA VAL I 15 -17.23 -38.41 -31.77
C VAL I 15 -16.27 -39.61 -31.79
N ASN I 16 -14.96 -39.36 -31.86
CA ASN I 16 -13.95 -40.40 -31.95
C ASN I 16 -12.93 -40.24 -30.83
N ALA I 17 -13.30 -40.65 -29.62
CA ALA I 17 -12.43 -40.49 -28.47
C ALA I 17 -12.83 -41.50 -27.40
N PHE I 18 -11.83 -41.98 -26.65
CA PHE I 18 -12.05 -42.91 -25.56
C PHE I 18 -11.05 -42.60 -24.46
N GLY I 19 -11.50 -42.70 -23.22
CA GLY I 19 -10.64 -42.38 -22.09
C GLY I 19 -10.72 -43.40 -20.98
N SER I 20 -9.59 -43.61 -20.29
CA SER I 20 -9.51 -44.55 -19.19
C SER I 20 -8.60 -43.97 -18.11
N GLN I 21 -9.12 -43.84 -16.90
CA GLN I 21 -8.38 -43.27 -15.78
C GLN I 21 -8.12 -44.35 -14.75
N ARG I 22 -6.86 -44.49 -14.35
CA ARG I 22 -6.46 -45.50 -13.37
C ARG I 22 -5.29 -44.94 -12.57
N GLY I 23 -5.58 -44.39 -11.39
CA GLY I 23 -4.54 -43.84 -10.54
C GLY I 23 -3.98 -42.53 -11.04
N SER I 24 -4.89 -41.59 -11.35
CA SER I 24 -4.57 -40.22 -11.81
C SER I 24 -3.75 -40.21 -13.10
N VAL I 25 -3.90 -41.24 -13.92
CA VAL I 25 -3.25 -41.33 -15.23
C VAL I 25 -4.34 -41.61 -16.25
N LEU I 26 -4.53 -40.68 -17.19
CA LEU I 26 -5.58 -40.81 -18.19
C LEU I 26 -5.00 -41.44 -19.45
N THR I 27 -5.62 -42.54 -19.90
CA THR I 27 -5.23 -43.21 -21.12
C THR I 27 -6.22 -42.84 -22.22
N VAL I 28 -5.76 -42.06 -23.19
CA VAL I 28 -6.60 -41.58 -24.29
C VAL I 28 -6.15 -42.27 -25.56
N LYS I 29 -7.10 -42.89 -26.27
CA LYS I 29 -6.83 -43.55 -27.53
C LYS I 29 -7.75 -43.00 -28.61
N VAL I 30 -7.31 -43.11 -29.86
CA VAL I 30 -8.06 -42.64 -31.02
C VAL I 30 -8.31 -43.86 -31.91
N GLU I 31 -9.58 -44.21 -32.08
CA GLU I 31 -9.95 -45.39 -32.84
C GLU I 31 -10.32 -45.02 -34.28
N ASN I 32 -10.01 -45.93 -35.19
CA ASN I 32 -10.41 -45.79 -36.58
C ASN I 32 -11.87 -46.24 -36.72
N ASP I 33 -12.51 -45.84 -37.83
CA ASP I 33 -13.90 -46.23 -38.10
C ASP I 33 -14.08 -47.73 -38.28
N GLU I 34 -13.01 -48.45 -38.66
CA GLU I 34 -13.05 -49.90 -38.70
C GLU I 34 -12.90 -50.54 -37.33
N GLY I 35 -12.50 -49.77 -36.31
CA GLY I 35 -12.39 -50.26 -34.95
C GLY I 35 -10.99 -50.34 -34.41
N TRP I 36 -9.97 -50.27 -35.26
CA TRP I 36 -8.59 -50.36 -34.81
C TRP I 36 -8.15 -49.05 -34.15
N THR I 37 -7.35 -49.17 -33.10
CA THR I 37 -6.82 -48.00 -32.40
C THR I 37 -5.62 -47.45 -33.17
N LEU I 38 -5.69 -46.17 -33.53
CA LEU I 38 -4.60 -45.54 -34.27
C LEU I 38 -3.44 -45.18 -33.35
N VAL I 39 -3.68 -44.31 -32.38
CA VAL I 39 -2.66 -43.87 -31.43
C VAL I 39 -3.19 -44.06 -30.02
N GLU I 40 -2.26 -44.09 -29.07
CA GLU I 40 -2.60 -44.23 -27.66
C GLU I 40 -1.48 -43.64 -26.82
N GLU I 41 -1.83 -42.74 -25.90
CA GLU I 41 -0.86 -42.09 -25.04
C GLU I 41 -1.41 -41.97 -23.63
N ASP I 42 -0.52 -41.78 -22.67
CA ASP I 42 -0.86 -41.61 -21.28
C ASP I 42 -0.53 -40.20 -20.83
N PHE I 43 -1.45 -39.57 -20.10
CA PHE I 43 -1.29 -38.22 -19.61
C PHE I 43 -1.43 -38.22 -18.10
N ASP I 44 -0.41 -37.71 -17.41
CA ASP I 44 -0.44 -37.61 -15.97
C ASP I 44 -1.09 -36.30 -15.54
N ARG I 45 -1.25 -36.12 -14.23
CA ARG I 45 -1.86 -34.92 -13.67
C ARG I 45 -0.89 -34.06 -12.87
N ALA I 46 0.04 -34.68 -12.15
CA ALA I 46 0.98 -33.91 -11.32
C ALA I 46 2.05 -33.20 -12.13
N ASP I 47 2.30 -33.64 -13.37
CA ASP I 47 3.33 -33.00 -14.19
C ASP I 47 2.88 -31.66 -14.73
N TYR I 48 1.57 -31.45 -14.89
CA TYR I 48 1.04 -30.20 -15.40
C TYR I 48 0.72 -29.22 -14.27
N GLY I 49 0.12 -29.72 -13.18
CA GLY I 49 -0.17 -28.88 -12.04
C GLY I 49 -1.31 -27.91 -12.22
N SER I 50 -2.09 -28.04 -13.28
CA SER I 50 -3.20 -27.13 -13.55
C SER I 50 -4.24 -27.84 -14.41
N ASP I 51 -5.48 -27.40 -14.29
CA ASP I 51 -6.60 -28.03 -14.97
C ASP I 51 -6.72 -27.66 -16.46
N PRO I 52 -6.79 -26.37 -16.88
CA PRO I 52 -7.01 -26.11 -18.32
C PRO I 52 -5.79 -26.40 -19.17
N GLU I 53 -4.60 -26.49 -18.60
CA GLU I 53 -3.45 -26.98 -19.37
C GLU I 53 -3.60 -28.45 -19.71
N PHE I 54 -4.14 -29.24 -18.78
CA PHE I 54 -4.42 -30.65 -19.05
C PHE I 54 -5.55 -30.77 -20.08
N VAL I 55 -6.56 -29.91 -19.99
CA VAL I 55 -7.63 -29.88 -20.99
C VAL I 55 -7.08 -29.52 -22.36
N ALA I 56 -6.18 -28.53 -22.41
CA ALA I 56 -5.56 -28.11 -23.68
C ALA I 56 -4.68 -29.21 -24.26
N GLU I 57 -4.00 -29.96 -23.40
CA GLU I 57 -3.16 -31.07 -23.85
C GLU I 57 -4.00 -32.19 -24.45
N VAL I 58 -5.08 -32.58 -23.77
CA VAL I 58 -5.95 -33.63 -24.29
C VAL I 58 -6.65 -33.18 -25.56
N SER I 59 -7.06 -31.91 -25.62
CA SER I 59 -7.74 -31.39 -26.81
C SER I 59 -6.78 -31.29 -28.01
N SER I 60 -5.53 -30.91 -27.77
CA SER I 60 -4.56 -30.84 -28.86
C SER I 60 -4.15 -32.22 -29.34
N TYR I 61 -4.06 -33.19 -28.41
CA TYR I 61 -3.75 -34.57 -28.80
C TYR I 61 -4.91 -35.20 -29.57
N LEU I 62 -6.15 -34.82 -29.25
CA LEU I 62 -7.28 -35.34 -30.00
C LEU I 62 -7.50 -34.62 -31.32
N LYS I 63 -7.09 -33.35 -31.42
CA LYS I 63 -7.26 -32.61 -32.66
C LYS I 63 -6.17 -32.93 -33.67
N ARG I 64 -4.93 -33.06 -33.22
CA ARG I 64 -3.84 -33.32 -34.15
C ARG I 64 -3.85 -34.77 -34.64
N ASN I 65 -4.20 -35.71 -33.76
CA ASN I 65 -4.21 -37.13 -34.10
C ASN I 65 -5.62 -37.60 -34.45
N GLY I 66 -6.17 -37.03 -35.52
CA GLY I 66 -7.40 -37.53 -36.11
C GLY I 66 -8.69 -37.18 -35.39
N GLY I 67 -9.01 -35.90 -35.31
CA GLY I 67 -10.31 -35.47 -34.84
C GLY I 67 -11.21 -35.05 -35.98
N ILE I 68 -12.15 -35.90 -36.37
CA ILE I 68 -12.95 -35.61 -37.57
C ILE I 68 -14.09 -34.65 -37.26
N LYS I 69 -14.73 -34.81 -36.10
CA LYS I 69 -15.89 -33.99 -35.77
C LYS I 69 -16.04 -33.89 -34.26
N ASP I 70 -16.92 -33.00 -33.83
CA ASP I 70 -17.27 -32.80 -32.43
C ASP I 70 -18.76 -33.07 -32.29
N LEU I 71 -19.10 -34.32 -31.94
CA LEU I 71 -20.49 -34.70 -31.78
C LEU I 71 -20.76 -35.18 -30.35
N MET J 5 15.27 -65.80 -2.28
CA MET J 5 13.97 -65.58 -2.92
C MET J 5 13.91 -66.29 -4.27
N SER J 6 13.67 -67.60 -4.24
CA SER J 6 13.60 -68.42 -5.44
C SER J 6 12.20 -68.93 -5.73
N LYS J 7 11.45 -69.33 -4.70
CA LYS J 7 10.10 -69.83 -4.89
C LYS J 7 9.05 -68.73 -4.86
N GLU J 8 9.40 -67.55 -4.32
CA GLU J 8 8.45 -66.44 -4.29
C GLU J 8 8.16 -65.91 -5.68
N LEU J 9 9.13 -65.96 -6.59
CA LEU J 9 8.84 -65.66 -7.99
C LEU J 9 8.23 -66.85 -8.70
N LEU J 10 8.50 -68.07 -8.23
CA LEU J 10 7.91 -69.27 -8.83
C LEU J 10 6.41 -69.32 -8.60
N LEU J 11 5.93 -68.76 -7.49
CA LEU J 11 4.49 -68.63 -7.27
C LEU J 11 3.86 -67.49 -8.06
N VAL J 12 4.65 -66.70 -8.77
CA VAL J 12 4.15 -65.58 -9.57
C VAL J 12 4.15 -65.91 -11.06
N VAL J 13 5.25 -66.49 -11.57
CA VAL J 13 5.33 -66.85 -12.97
C VAL J 13 4.39 -68.02 -13.32
N ASP J 14 4.04 -68.85 -12.34
CA ASP J 14 3.18 -70.02 -12.57
C ASP J 14 1.71 -69.67 -12.77
N ALA J 15 1.34 -68.39 -12.89
CA ALA J 15 -0.03 -68.03 -13.19
C ALA J 15 -0.36 -68.39 -14.64
N VAL J 16 -1.64 -68.70 -14.87
CA VAL J 16 -2.11 -69.17 -16.17
C VAL J 16 -2.69 -68.03 -17.00
N ALA J 17 -2.40 -66.78 -16.64
CA ALA J 17 -2.93 -65.65 -17.40
C ALA J 17 -2.19 -65.48 -18.72
N ASN J 18 -0.86 -65.59 -18.70
CA ASN J 18 -0.06 -65.45 -19.91
C ASN J 18 0.72 -66.71 -20.26
N GLU J 19 0.60 -67.77 -19.47
CA GLU J 19 1.32 -69.02 -19.71
C GLU J 19 0.43 -70.12 -20.26
N LYS J 20 -0.73 -69.78 -20.80
CA LYS J 20 -1.64 -70.79 -21.33
C LYS J 20 -1.39 -71.11 -22.80
N GLY J 21 -1.05 -70.12 -23.62
CA GLY J 21 -0.77 -70.35 -25.01
C GLY J 21 0.70 -70.65 -25.26
N VAL J 22 1.57 -69.81 -24.73
CA VAL J 22 3.01 -69.99 -24.80
C VAL J 22 3.52 -70.17 -23.36
N PRO J 23 4.35 -71.19 -23.08
CA PRO J 23 4.80 -71.41 -21.70
C PRO J 23 5.76 -70.36 -21.17
N ARG J 24 6.30 -70.60 -19.96
CA ARG J 24 7.04 -69.60 -19.19
C ARG J 24 8.48 -69.39 -19.67
N GLU J 25 8.84 -69.82 -20.87
CA GLU J 25 10.19 -69.56 -21.37
C GLU J 25 10.36 -68.10 -21.75
N VAL J 26 9.39 -67.54 -22.50
CA VAL J 26 9.51 -66.15 -22.96
C VAL J 26 9.32 -65.18 -21.81
N ILE J 27 8.57 -65.57 -20.78
CA ILE J 27 8.45 -64.74 -19.58
C ILE J 27 9.79 -64.71 -18.83
N PHE J 28 10.49 -65.84 -18.82
CA PHE J 28 11.83 -65.89 -18.23
C PHE J 28 12.82 -65.05 -19.03
N ASP J 29 12.70 -65.07 -20.36
CA ASP J 29 13.54 -64.19 -21.19
C ASP J 29 13.21 -62.72 -20.97
N ALA J 30 11.94 -62.39 -20.73
CA ALA J 30 11.55 -61.02 -20.42
C ALA J 30 12.11 -60.56 -19.08
N ILE J 31 12.09 -61.45 -18.08
CA ILE J 31 12.66 -61.14 -16.78
C ILE J 31 14.17 -60.97 -16.88
N GLU J 32 14.83 -61.82 -17.66
CA GLU J 32 16.28 -61.71 -17.85
C GLU J 32 16.64 -60.43 -18.60
N ALA J 33 15.82 -60.04 -19.59
CA ALA J 33 16.07 -58.81 -20.33
C ALA J 33 15.83 -57.58 -19.45
N ALA J 34 14.82 -57.63 -18.58
CA ALA J 34 14.56 -56.51 -17.68
C ALA J 34 15.67 -56.35 -16.64
N LEU J 35 16.17 -57.47 -16.10
CA LEU J 35 17.27 -57.39 -15.14
C LEU J 35 18.58 -57.01 -15.83
N ALA J 36 18.76 -57.38 -17.10
CA ALA J 36 19.93 -56.94 -17.85
C ALA J 36 19.86 -55.45 -18.15
N SER J 37 18.65 -54.93 -18.42
CA SER J 37 18.50 -53.49 -18.61
C SER J 37 18.71 -52.73 -17.31
N ALA J 38 18.30 -53.32 -16.18
CA ALA J 38 18.54 -52.70 -14.88
C ALA J 38 20.03 -52.68 -14.54
N ALA J 39 20.75 -53.77 -14.84
CA ALA J 39 22.18 -53.80 -14.61
C ALA J 39 22.94 -52.89 -15.57
N LYS J 40 22.42 -52.69 -16.78
CA LYS J 40 23.05 -51.75 -17.70
C LYS J 40 22.77 -50.31 -17.32
N LYS J 41 21.61 -50.04 -16.70
CA LYS J 41 21.32 -48.70 -16.21
C LYS J 41 22.08 -48.40 -14.91
N ARG J 42 22.39 -49.44 -14.12
CA ARG J 42 23.18 -49.22 -12.91
C ARG J 42 24.64 -48.95 -13.25
N TYR J 43 25.19 -49.67 -14.22
CA TYR J 43 26.56 -49.48 -14.64
C TYR J 43 26.68 -48.24 -15.52
N PRO J 44 27.76 -47.46 -15.39
CA PRO J 44 27.90 -46.27 -16.25
C PRO J 44 28.25 -46.60 -17.69
N ASP J 45 28.88 -47.74 -17.95
CA ASP J 45 29.27 -48.16 -19.30
C ASP J 45 28.31 -49.26 -19.75
N GLN J 46 27.32 -48.88 -20.54
CA GLN J 46 26.31 -49.81 -21.04
C GLN J 46 26.49 -49.95 -22.55
N ASP J 47 27.31 -50.93 -22.95
CA ASP J 47 27.56 -51.20 -24.37
C ASP J 47 27.48 -52.67 -24.73
N VAL J 48 27.49 -53.58 -23.76
CA VAL J 48 27.39 -55.02 -24.02
C VAL J 48 26.12 -55.55 -23.39
N LEU J 49 25.75 -56.75 -23.80
CA LEU J 49 24.55 -57.42 -23.29
C LEU J 49 24.89 -58.25 -22.06
N ALA J 50 23.98 -58.26 -21.10
CA ALA J 50 24.13 -59.02 -19.87
C ALA J 50 23.20 -60.23 -19.90
N ARG J 51 23.67 -61.34 -19.35
CA ARG J 51 22.93 -62.59 -19.34
C ARG J 51 22.50 -62.91 -17.91
N VAL J 52 21.19 -62.92 -17.66
CA VAL J 52 20.63 -63.30 -16.38
C VAL J 52 20.14 -64.73 -16.53
N THR J 53 20.96 -65.69 -16.13
CA THR J 53 20.66 -67.10 -16.32
C THR J 53 19.80 -67.61 -15.17
N ILE J 54 18.56 -67.99 -15.48
CA ILE J 54 17.63 -68.58 -14.52
C ILE J 54 17.22 -69.95 -15.05
N ASP J 55 17.31 -70.96 -14.18
CA ASP J 55 17.02 -72.32 -14.61
C ASP J 55 15.52 -72.57 -14.65
N HIS J 56 15.16 -73.75 -15.16
CA HIS J 56 13.76 -74.11 -15.34
C HIS J 56 13.16 -74.58 -14.01
N LYS J 57 12.13 -73.86 -13.56
CA LYS J 57 11.30 -74.22 -12.40
C LYS J 57 12.09 -74.28 -11.09
N ASP J 58 13.17 -73.53 -10.99
CA ASP J 58 13.89 -73.44 -9.73
C ASP J 58 14.12 -72.00 -9.29
N GLY J 59 14.40 -71.09 -10.23
CA GLY J 59 14.47 -69.68 -9.91
C GLY J 59 15.75 -69.21 -9.24
N THR J 60 16.91 -69.71 -9.67
CA THR J 60 18.17 -69.22 -9.14
C THR J 60 18.51 -67.90 -9.80
N TYR J 61 18.47 -66.82 -9.03
CA TYR J 61 18.70 -65.47 -9.55
C TYR J 61 20.20 -65.17 -9.49
N GLU J 62 20.84 -65.17 -10.66
CA GLU J 62 22.25 -64.81 -10.78
C GLU J 62 22.44 -63.96 -12.03
N THR J 63 23.24 -62.90 -11.90
CA THR J 63 23.49 -61.96 -12.98
C THR J 63 24.92 -62.11 -13.47
N TYR J 64 25.07 -62.21 -14.80
CA TYR J 64 26.38 -62.27 -15.45
C TYR J 64 26.53 -61.09 -16.39
N ARG J 65 27.71 -60.98 -17.00
CA ARG J 65 28.00 -59.89 -17.94
C ARG J 65 29.05 -60.39 -18.93
N ARG J 66 28.67 -60.49 -20.19
CA ARG J 66 29.55 -60.95 -21.25
C ARG J 66 29.89 -59.79 -22.18
N TRP J 67 31.17 -59.59 -22.43
CA TRP J 67 31.63 -58.51 -23.30
C TRP J 67 32.43 -59.05 -24.48
N ILE J 101 34.06 -65.09 -23.58
CA ILE J 101 33.58 -63.78 -24.01
C ILE J 101 33.16 -62.97 -22.80
N GLU J 102 33.08 -63.62 -21.64
CA GLU J 102 32.72 -62.94 -20.42
C GLU J 102 33.87 -62.10 -19.90
N GLU J 103 33.54 -60.97 -19.29
CA GLU J 103 34.52 -60.01 -18.78
C GLU J 103 34.55 -59.92 -17.27
N GLN J 104 33.40 -59.65 -16.64
CA GLN J 104 33.34 -59.48 -15.20
C GLN J 104 31.94 -59.87 -14.72
N ILE J 105 31.73 -59.71 -13.42
CA ILE J 105 30.46 -60.05 -12.79
C ILE J 105 29.69 -58.75 -12.55
N GLU J 106 28.37 -58.86 -12.43
CA GLU J 106 27.50 -57.72 -12.17
C GLU J 106 26.89 -57.85 -10.77
N ASN J 107 26.35 -56.73 -10.29
CA ASN J 107 25.73 -56.68 -8.97
C ASN J 107 24.45 -55.85 -9.04
N PRO J 108 23.37 -56.32 -8.43
CA PRO J 108 22.12 -55.57 -8.44
C PRO J 108 22.07 -54.52 -7.32
N ASP J 109 21.00 -53.73 -7.35
CA ASP J 109 20.78 -52.68 -6.36
C ASP J 109 19.27 -52.50 -6.19
N PHE J 110 18.88 -51.38 -5.57
CA PHE J 110 17.46 -51.09 -5.42
C PHE J 110 16.86 -50.62 -6.74
N GLY J 111 17.31 -49.47 -7.24
CA GLY J 111 16.99 -49.02 -8.58
C GLY J 111 15.53 -48.71 -8.85
N ARG J 112 15.00 -47.62 -8.28
CA ARG J 112 13.62 -47.24 -8.54
C ARG J 112 13.42 -46.80 -10.00
N ILE J 113 14.37 -46.04 -10.54
CA ILE J 113 14.37 -45.75 -11.96
C ILE J 113 14.64 -47.02 -12.77
N ALA J 114 15.47 -47.91 -12.23
CA ALA J 114 15.66 -49.23 -12.85
C ALA J 114 14.40 -50.08 -12.72
N ALA J 115 13.62 -49.89 -11.65
CA ALA J 115 12.35 -50.60 -11.54
C ALA J 115 11.34 -50.10 -12.56
N GLN J 116 11.31 -48.80 -12.82
CA GLN J 116 10.42 -48.26 -13.84
C GLN J 116 10.84 -48.71 -15.24
N ALA J 117 12.15 -48.72 -15.50
CA ALA J 117 12.66 -49.19 -16.79
C ALA J 117 12.39 -50.68 -16.99
N ALA J 118 12.57 -51.48 -15.93
CA ALA J 118 12.25 -52.90 -15.99
C ALA J 118 10.76 -53.13 -16.18
N LYS J 119 9.92 -52.26 -15.60
CA LYS J 119 8.48 -52.37 -15.78
C LYS J 119 8.08 -52.11 -17.23
N GLN J 120 8.65 -51.08 -17.86
CA GLN J 120 8.24 -50.82 -19.24
C GLN J 120 8.83 -51.84 -20.22
N VAL J 121 10.04 -52.35 -19.97
CA VAL J 121 10.56 -53.43 -20.80
C VAL J 121 9.75 -54.71 -20.58
N ILE J 122 9.27 -54.96 -19.36
CA ILE J 122 8.46 -56.14 -19.07
C ILE J 122 7.12 -56.07 -19.78
N VAL J 123 6.45 -54.91 -19.76
CA VAL J 123 5.15 -54.84 -20.42
C VAL J 123 5.31 -54.82 -21.94
N GLN J 124 6.42 -54.28 -22.46
CA GLN J 124 6.67 -54.33 -23.89
C GLN J 124 6.95 -55.77 -24.35
N ARG J 125 7.72 -56.53 -23.57
CA ARG J 125 7.99 -57.91 -23.93
C ARG J 125 6.77 -58.79 -23.74
N VAL J 126 5.89 -58.46 -22.78
CA VAL J 126 4.64 -59.18 -22.63
C VAL J 126 3.72 -58.92 -23.81
N ARG J 127 3.67 -57.67 -24.30
CA ARG J 127 2.92 -57.35 -25.50
C ARG J 127 3.48 -58.07 -26.73
N GLU J 128 4.81 -58.14 -26.83
CA GLU J 128 5.45 -58.85 -27.94
C GLU J 128 5.16 -60.36 -27.87
N ALA J 129 5.18 -60.94 -26.67
CA ALA J 129 4.90 -62.36 -26.51
C ALA J 129 3.43 -62.67 -26.78
N GLU J 130 2.51 -61.77 -26.43
CA GLU J 130 1.11 -62.00 -26.72
C GLU J 130 0.82 -61.85 -28.21
N ARG J 131 1.52 -60.92 -28.88
CA ARG J 131 1.42 -60.83 -30.34
C ARG J 131 1.96 -62.09 -31.01
N GLN J 132 3.06 -62.64 -30.48
CA GLN J 132 3.60 -63.89 -30.99
C GLN J 132 2.65 -65.06 -30.74
N GLN J 133 1.97 -65.05 -29.58
CA GLN J 133 1.00 -66.11 -29.27
C GLN J 133 -0.20 -66.07 -30.20
N VAL J 134 -0.73 -64.87 -30.47
CA VAL J 134 -1.89 -64.82 -31.36
C VAL J 134 -1.47 -65.10 -32.81
N VAL J 135 -0.24 -64.74 -33.22
CA VAL J 135 0.10 -65.01 -34.61
C VAL J 135 0.48 -66.49 -34.81
N ASP J 136 1.07 -67.15 -33.81
CA ASP J 136 1.36 -68.57 -34.03
C ASP J 136 0.13 -69.45 -33.81
N ALA J 137 -0.81 -69.03 -32.95
CA ALA J 137 -2.09 -69.72 -32.86
C ALA J 137 -2.93 -69.49 -34.12
N TRP J 138 -2.70 -68.39 -34.84
CA TRP J 138 -3.40 -68.17 -36.10
C TRP J 138 -2.73 -68.90 -37.25
N LYS J 139 -1.41 -69.04 -37.24
CA LYS J 139 -0.66 -69.50 -38.40
C LYS J 139 -0.16 -70.94 -38.30
N ASP J 140 -0.29 -71.59 -37.15
CA ASP J 140 0.19 -72.97 -37.03
C ASP J 140 -0.89 -73.99 -36.69
N ARG J 141 -2.01 -73.56 -36.09
CA ARG J 141 -3.10 -74.49 -35.81
C ARG J 141 -3.71 -75.04 -37.09
N VAL J 142 -4.41 -74.19 -37.84
CA VAL J 142 -5.02 -74.53 -39.13
C VAL J 142 -5.39 -73.23 -39.84
N GLY J 143 -5.17 -73.18 -41.16
CA GLY J 143 -5.74 -72.10 -41.95
C GLY J 143 -7.01 -72.55 -42.66
N GLU J 144 -8.16 -72.26 -42.08
CA GLU J 144 -9.43 -72.80 -42.54
C GLU J 144 -10.54 -71.93 -41.93
N LEU J 145 -11.79 -72.38 -42.03
CA LEU J 145 -12.93 -71.71 -41.44
C LEU J 145 -12.81 -71.66 -39.92
N ILE J 146 -13.17 -70.52 -39.34
CA ILE J 146 -13.09 -70.30 -37.90
C ILE J 146 -14.48 -70.06 -37.36
N THR J 147 -14.70 -70.47 -36.11
CA THR J 147 -15.98 -70.35 -35.44
C THR J 147 -15.81 -69.53 -34.16
N GLY J 148 -16.61 -68.48 -34.03
CA GLY J 148 -16.53 -67.62 -32.85
C GLY J 148 -17.81 -66.83 -32.69
N VAL J 149 -17.87 -66.09 -31.59
CA VAL J 149 -19.02 -65.26 -31.27
C VAL J 149 -18.63 -63.79 -31.48
N VAL J 150 -19.63 -62.96 -31.70
CA VAL J 150 -19.40 -61.53 -31.90
C VAL J 150 -19.29 -60.82 -30.56
N LYS J 151 -18.41 -59.83 -30.50
CA LYS J 151 -18.20 -59.03 -29.29
C LYS J 151 -18.60 -57.58 -29.49
N ARG J 152 -18.11 -56.93 -30.53
CA ARG J 152 -18.42 -55.54 -30.82
C ARG J 152 -18.92 -55.42 -32.25
N ALA J 153 -19.57 -54.29 -32.52
CA ALA J 153 -20.11 -54.02 -33.85
C ALA J 153 -20.09 -52.52 -34.09
N GLU J 154 -19.17 -52.07 -34.95
CA GLU J 154 -19.05 -50.66 -35.27
C GLU J 154 -19.92 -50.33 -36.48
N ARG J 155 -19.76 -49.14 -37.04
CA ARG J 155 -20.52 -48.71 -38.21
C ARG J 155 -19.92 -49.37 -39.44
N GLY J 156 -20.60 -50.39 -39.96
CA GLY J 156 -20.11 -51.11 -41.12
C GLY J 156 -19.08 -52.17 -40.83
N ASN J 157 -18.83 -52.49 -39.57
CA ASN J 157 -17.84 -53.48 -39.20
C ASN J 157 -18.26 -54.14 -37.89
N ILE J 158 -17.59 -55.24 -37.56
CA ILE J 158 -17.87 -56.00 -36.35
C ILE J 158 -16.60 -56.72 -35.91
N PHE J 159 -16.59 -57.15 -34.64
CA PHE J 159 -15.48 -57.89 -34.08
C PHE J 159 -15.96 -59.27 -33.66
N VAL J 160 -15.25 -60.30 -34.09
CA VAL J 160 -15.58 -61.69 -33.77
C VAL J 160 -14.50 -62.23 -32.83
N ASP J 161 -14.92 -62.66 -31.65
CA ASP J 161 -14.00 -63.22 -30.66
C ASP J 161 -13.88 -64.72 -30.88
N LEU J 162 -12.65 -65.19 -31.10
CA LEU J 162 -12.40 -66.61 -31.32
C LEU J 162 -11.46 -67.18 -30.26
N ASN J 165 -7.92 -66.02 -26.75
CA ASN J 165 -8.15 -64.63 -26.40
C ASN J 165 -7.76 -63.71 -27.56
N ALA J 166 -8.05 -64.15 -28.77
CA ALA J 166 -7.74 -63.40 -29.98
C ALA J 166 -8.99 -62.74 -30.54
N GLU J 167 -8.80 -61.57 -31.13
CA GLU J 167 -9.87 -60.80 -31.75
C GLU J 167 -9.71 -60.84 -33.26
N ALA J 168 -10.85 -60.90 -33.97
CA ALA J 168 -10.84 -60.98 -35.42
C ALA J 168 -11.76 -59.91 -36.00
N PHE J 169 -11.46 -59.49 -37.22
CA PHE J 169 -12.25 -58.49 -37.92
C PHE J 169 -13.29 -59.18 -38.80
N ILE J 170 -14.45 -58.53 -38.93
CA ILE J 170 -15.54 -59.05 -39.75
C ILE J 170 -15.60 -58.26 -41.05
N PRO J 171 -15.03 -58.76 -42.14
CA PRO J 171 -15.09 -58.01 -43.41
C PRO J 171 -16.29 -58.42 -44.26
N LYS J 172 -16.86 -57.42 -44.94
CA LYS J 172 -18.02 -57.63 -45.79
C LYS J 172 -17.72 -57.30 -47.26
N ASP J 173 -16.45 -57.26 -47.63
CA ASP J 173 -16.07 -56.94 -49.00
C ASP J 173 -15.13 -58.01 -49.57
N ARG J 186 -22.81 -64.39 -33.64
CA ARG J 186 -21.82 -65.39 -34.01
C ARG J 186 -21.82 -65.61 -35.52
N VAL J 187 -20.66 -66.02 -36.05
CA VAL J 187 -20.51 -66.27 -37.48
C VAL J 187 -19.43 -67.33 -37.68
N ARG J 188 -19.53 -68.05 -38.80
CA ARG J 188 -18.59 -69.11 -39.15
C ARG J 188 -18.16 -68.97 -40.60
N GLY J 189 -17.75 -67.76 -40.97
CA GLY J 189 -17.26 -67.54 -42.32
C GLY J 189 -15.86 -68.11 -42.53
N TYR J 190 -15.56 -68.43 -43.78
CA TYR J 190 -14.28 -69.04 -44.16
C TYR J 190 -13.45 -68.00 -44.89
N LEU J 191 -12.49 -67.41 -44.17
CA LEU J 191 -11.58 -66.43 -44.75
C LEU J 191 -10.29 -66.43 -43.93
N ALA J 192 -9.15 -66.39 -44.60
CA ALA J 192 -7.85 -66.44 -43.95
C ALA J 192 -6.91 -65.47 -44.65
N GLU J 193 -6.36 -64.53 -43.90
CA GLU J 193 -5.39 -63.57 -44.41
C GLU J 193 -4.54 -63.07 -43.26
N VAL J 194 -3.33 -62.62 -43.60
CA VAL J 194 -2.38 -62.11 -42.61
C VAL J 194 -2.00 -60.69 -42.99
N ARG J 195 -2.19 -59.77 -42.06
CA ARG J 195 -1.87 -58.35 -42.23
C ARG J 195 -1.75 -57.72 -40.86
N SER J 196 -1.60 -56.39 -40.83
CA SER J 196 -1.53 -55.56 -39.62
C SER J 196 -0.39 -56.00 -38.69
N GLU J 197 0.83 -55.89 -39.21
CA GLU J 197 2.03 -56.26 -38.47
C GLU J 197 2.34 -55.34 -37.27
N PRO J 198 2.13 -54.02 -37.30
CA PRO J 198 2.15 -53.28 -36.04
C PRO J 198 0.94 -53.60 -35.18
N ARG J 199 1.12 -53.37 -33.87
CA ARG J 199 0.11 -53.58 -32.82
C ARG J 199 -0.40 -55.03 -32.78
N GLY J 200 0.46 -55.98 -33.13
CA GLY J 200 0.11 -57.37 -33.10
C GLY J 200 -0.63 -57.82 -34.35
N PRO J 201 -0.18 -58.92 -34.96
CA PRO J 201 -0.90 -59.46 -36.12
C PRO J 201 -2.17 -60.18 -35.67
N GLN J 202 -3.26 -59.90 -36.38
CA GLN J 202 -4.56 -60.49 -36.06
C GLN J 202 -5.13 -61.15 -37.31
N LEU J 203 -5.85 -62.24 -37.10
CA LEU J 203 -6.47 -62.97 -38.20
C LEU J 203 -7.70 -62.21 -38.71
N PHE J 204 -7.99 -62.39 -40.00
CA PHE J 204 -9.08 -61.71 -40.67
C PHE J 204 -10.04 -62.74 -41.24
N ILE J 205 -11.30 -62.69 -40.79
CA ILE J 205 -12.35 -63.55 -41.33
C ILE J 205 -13.38 -62.67 -42.01
N SER J 206 -14.40 -63.29 -42.59
CA SER J 206 -15.45 -62.56 -43.30
C SER J 206 -16.81 -63.12 -42.90
N ARG J 207 -17.83 -62.28 -43.06
CA ARG J 207 -19.21 -62.70 -42.80
C ARG J 207 -19.84 -63.39 -43.99
N ALA J 208 -19.40 -63.07 -45.21
CA ALA J 208 -19.91 -63.69 -46.42
C ALA J 208 -18.73 -63.92 -47.35
N ALA J 209 -18.48 -65.17 -47.71
CA ALA J 209 -17.35 -65.54 -48.54
C ALA J 209 -17.74 -66.72 -49.42
N PRO J 210 -17.22 -66.80 -50.65
CA PRO J 210 -17.50 -67.99 -51.48
C PRO J 210 -16.85 -69.26 -50.98
N GLU J 211 -15.78 -69.16 -50.19
CA GLU J 211 -15.16 -70.36 -49.61
C GLU J 211 -16.05 -70.98 -48.55
N PHE J 212 -16.84 -70.17 -47.84
CA PHE J 212 -17.79 -70.71 -46.88
C PHE J 212 -18.93 -71.45 -47.57
N MET J 213 -19.34 -71.00 -48.76
CA MET J 213 -20.34 -71.71 -49.52
C MET J 213 -19.76 -72.94 -50.22
N ILE J 214 -18.48 -72.91 -50.57
CA ILE J 214 -17.85 -74.08 -51.18
C ILE J 214 -17.57 -75.16 -50.15
N GLU J 215 -17.26 -74.78 -48.90
CA GLU J 215 -17.01 -75.77 -47.86
C GLU J 215 -18.30 -76.38 -47.33
N LEU J 216 -19.40 -75.63 -47.36
CA LEU J 216 -20.67 -76.14 -46.88
C LEU J 216 -21.40 -76.91 -47.97
#